data_5H8L
#
_entry.id   5H8L
#
_cell.length_a   152.210
_cell.length_b   211.082
_cell.length_c   208.613
_cell.angle_alpha   90.00
_cell.angle_beta   90.00
_cell.angle_gamma   90.00
#
_symmetry.space_group_name_H-M   'P 21 21 2'
#
loop_
_entity.id
_entity.type
_entity.pdbx_description
1 polymer 'N-carbamoylputrescine amidohydrolase'
2 non-polymer GLYCEROL
3 non-polymer 1,2-ETHANEDIOL
4 non-polymer 1,4-DIAMINOBUTANE
5 non-polymer DI(HYDROXYETHYL)ETHER
6 water water
#
_entity_poly.entity_id   1
_entity_poly.type   'polypeptide(L)'
_entity_poly.pdbx_seq_one_letter_code
;SNAMAEDKGRKVVVSALQFACTDDVSTNVTTAERLVRAAHKQGANIVLIQELFEGYYFCQAQREDFIQRAKPYKDHPTIM
RLQKLAKELGVVIPVSFFEEANNAHYNSIAIIDADGTDLGIYRKSHIPDGPGYEEKFYFNPGDTGFKVFQTKYAKIGVAI
SWDQWFPEAARAMALQGAEILFYPTAIGSEPHDQSIDSRDHWKRVMQGHAGANLVPLVASNRIGNEIIETEHGKSEIKFY
GNSFIAGPTGEIVSIADDKEEAVLIAEFNLDKIKSMRHCWGVFRDRRPDLYKVLLTLDGKNPVL
;
_entity_poly.pdbx_strand_id   A,B,C,D,E,F,G,H,I,J,K,L,M,N,O,P
#
loop_
_chem_comp.id
_chem_comp.type
_chem_comp.name
_chem_comp.formula
EDO non-polymer 1,2-ETHANEDIOL 'C2 H6 O2'
GOL non-polymer GLYCEROL 'C3 H8 O3'
PEG non-polymer DI(HYDROXYETHYL)ETHER 'C4 H10 O3'
PUT non-polymer 1,4-DIAMINOBUTANE 'C4 H12 N2'
#
# COMPACT_ATOMS: atom_id res chain seq x y z
N LYS A 8 23.33 75.37 -31.95
CA LYS A 8 24.38 74.82 -32.90
C LYS A 8 24.41 73.27 -32.82
N GLY A 9 23.68 72.60 -33.72
CA GLY A 9 23.52 71.12 -33.71
C GLY A 9 22.11 70.58 -33.71
N ARG A 10 21.95 69.28 -33.94
CA ARG A 10 20.63 68.63 -33.96
C ARG A 10 19.91 68.78 -32.64
N LYS A 11 18.75 69.40 -32.66
CA LYS A 11 17.97 69.53 -31.44
C LYS A 11 16.73 68.65 -31.49
N VAL A 12 16.38 68.06 -30.38
CA VAL A 12 15.17 67.23 -30.31
C VAL A 12 14.38 67.61 -29.06
N VAL A 13 13.06 67.68 -29.20
CA VAL A 13 12.17 68.00 -28.09
C VAL A 13 11.44 66.74 -27.67
N VAL A 14 11.64 66.32 -26.43
CA VAL A 14 10.97 65.11 -25.96
C VAL A 14 9.91 65.43 -24.92
N SER A 15 8.93 64.54 -24.77
CA SER A 15 7.82 64.77 -23.84
C SER A 15 7.48 63.50 -23.11
N ALA A 16 7.17 63.62 -21.82
CA ALA A 16 6.60 62.53 -20.99
C ALA A 16 5.16 62.90 -20.70
N LEU A 17 4.25 61.99 -20.91
CA LEU A 17 2.86 62.28 -20.63
C LEU A 17 2.47 61.48 -19.39
N GLN A 18 1.49 61.97 -18.64
CA GLN A 18 1.07 61.32 -17.42
C GLN A 18 -0.41 61.46 -17.25
N PHE A 19 -1.13 60.36 -17.17
CA PHE A 19 -2.58 60.45 -16.86
C PHE A 19 -3.07 59.26 -16.09
N ALA A 20 -4.28 59.37 -15.58
CA ALA A 20 -4.99 58.25 -14.94
C ALA A 20 -5.75 57.47 -16.01
N CYS A 21 -5.85 56.15 -15.80
CA CYS A 21 -6.52 55.28 -16.74
C CYS A 21 -7.89 54.91 -16.24
N THR A 22 -8.82 54.80 -17.17
CA THR A 22 -10.10 54.18 -16.85
C THR A 22 -9.94 52.75 -17.26
N ASP A 23 -10.94 51.93 -16.98
CA ASP A 23 -10.95 50.56 -17.51
C ASP A 23 -11.90 50.44 -18.70
N ASP A 24 -11.67 51.29 -19.70
CA ASP A 24 -12.45 51.36 -20.92
C ASP A 24 -11.46 51.80 -21.99
N VAL A 25 -11.27 50.95 -22.99
CA VAL A 25 -10.21 51.21 -23.98
C VAL A 25 -10.35 52.52 -24.80
N SER A 26 -11.51 52.76 -25.40
CA SER A 26 -11.65 53.99 -26.21
C SER A 26 -11.45 55.23 -25.36
N THR A 27 -12.00 55.26 -24.15
CA THR A 27 -11.71 56.38 -23.30
C THR A 27 -10.18 56.63 -23.19
N ASN A 28 -9.40 55.62 -22.85
CA ASN A 28 -7.99 55.85 -22.62
C ASN A 28 -7.27 56.23 -23.88
N VAL A 29 -7.68 55.67 -24.99
CA VAL A 29 -6.94 55.97 -26.20
C VAL A 29 -7.25 57.42 -26.65
N THR A 30 -8.48 57.86 -26.40
CA THR A 30 -8.87 59.24 -26.65
C THR A 30 -8.10 60.17 -25.75
N THR A 31 -7.86 59.74 -24.50
CA THR A 31 -7.04 60.51 -23.57
C THR A 31 -5.60 60.65 -24.08
N ALA A 32 -5.02 59.54 -24.57
CA ALA A 32 -3.65 59.52 -25.08
C ALA A 32 -3.53 60.46 -26.29
N GLU A 33 -4.56 60.47 -27.15
CA GLU A 33 -4.50 61.32 -28.30
C GLU A 33 -4.50 62.78 -27.88
N ARG A 34 -5.36 63.11 -26.91
CA ARG A 34 -5.51 64.47 -26.46
C ARG A 34 -4.16 65.00 -25.99
N LEU A 35 -3.45 64.18 -25.20
CA LEU A 35 -2.19 64.60 -24.64
C LEU A 35 -1.03 64.50 -25.64
N VAL A 36 -1.08 63.60 -26.60
CA VAL A 36 -0.07 63.62 -27.63
C VAL A 36 -0.20 64.90 -28.46
N ARG A 37 -1.41 65.31 -28.81
CA ARG A 37 -1.59 66.54 -29.55
C ARG A 37 -1.06 67.72 -28.75
N ALA A 38 -1.27 67.68 -27.43
CA ALA A 38 -0.94 68.81 -26.57
C ALA A 38 0.56 68.92 -26.48
N ALA A 39 1.22 67.79 -26.57
CA ALA A 39 2.66 67.74 -26.54
C ALA A 39 3.22 68.37 -27.81
N HIS A 40 2.65 67.95 -28.94
CA HIS A 40 2.98 68.47 -30.28
C HIS A 40 2.82 69.98 -30.34
N LYS A 41 1.75 70.48 -29.75
CA LYS A 41 1.52 71.90 -29.72
C LYS A 41 2.57 72.64 -28.94
N GLN A 42 3.19 72.00 -27.95
CA GLN A 42 4.26 72.62 -27.22
C GLN A 42 5.62 72.27 -27.87
N GLY A 43 5.57 71.68 -29.07
CA GLY A 43 6.78 71.45 -29.87
C GLY A 43 7.46 70.10 -29.79
N ALA A 44 6.81 69.13 -29.16
CA ALA A 44 7.43 67.81 -29.02
C ALA A 44 7.65 67.10 -30.36
N ASN A 45 8.80 66.51 -30.48
CA ASN A 45 9.11 65.63 -31.60
C ASN A 45 8.94 64.16 -31.22
N ILE A 46 9.12 63.83 -29.95
CA ILE A 46 9.02 62.44 -29.50
C ILE A 46 8.24 62.41 -28.17
N VAL A 47 7.15 61.65 -28.13
CA VAL A 47 6.23 61.73 -27.03
C VAL A 47 6.06 60.37 -26.47
N LEU A 48 6.17 60.26 -25.15
CA LEU A 48 6.08 58.98 -24.48
C LEU A 48 4.82 58.77 -23.58
N ILE A 49 3.98 57.79 -23.97
CA ILE A 49 2.83 57.36 -23.22
C ILE A 49 3.19 56.23 -22.23
N GLN A 50 2.64 56.31 -21.03
CA GLN A 50 2.82 55.34 -19.97
C GLN A 50 2.48 53.90 -20.37
N GLU A 51 3.06 52.94 -19.64
CA GLU A 51 2.89 51.49 -19.87
C GLU A 51 1.46 51.06 -19.77
N LEU A 52 1.02 50.21 -20.68
CA LEU A 52 -0.31 49.53 -20.66
C LEU A 52 -1.54 50.48 -20.46
N PHE A 53 -1.51 51.58 -21.20
CA PHE A 53 -2.40 52.74 -20.98
C PHE A 53 -3.82 52.48 -21.39
N GLU A 54 -4.03 51.43 -22.19
CA GLU A 54 -5.37 51.03 -22.63
C GLU A 54 -6.28 50.60 -21.50
N GLY A 55 -5.76 50.42 -20.27
CA GLY A 55 -6.61 50.00 -19.16
C GLY A 55 -5.99 50.06 -17.78
N TYR A 56 -6.74 49.56 -16.82
CA TYR A 56 -6.21 49.35 -15.48
C TYR A 56 -5.00 48.41 -15.61
N TYR A 57 -4.02 48.63 -14.72
CA TYR A 57 -2.89 47.77 -14.52
C TYR A 57 -3.36 46.46 -13.82
N PHE A 58 -3.62 45.46 -14.65
CA PHE A 58 -4.22 44.18 -14.26
C PHE A 58 -3.13 43.14 -13.84
N CYS A 59 -1.86 43.42 -14.14
CA CYS A 59 -0.81 42.36 -14.12
C CYS A 59 -0.61 41.55 -12.85
N GLN A 60 -1.10 42.03 -11.70
CA GLN A 60 -0.93 41.27 -10.45
C GLN A 60 -2.20 40.50 -9.96
N ALA A 61 -3.39 40.91 -10.40
CA ALA A 61 -4.56 40.04 -10.29
C ALA A 61 -4.21 38.82 -11.09
N GLN A 62 -4.56 37.64 -10.65
CA GLN A 62 -4.23 36.51 -11.48
C GLN A 62 -5.49 36.03 -12.16
N ARG A 63 -5.97 36.78 -13.15
CA ARG A 63 -7.25 36.43 -13.83
C ARG A 63 -7.11 35.95 -15.26
N GLU A 64 -7.59 34.73 -15.50
CA GLU A 64 -7.59 34.09 -16.80
C GLU A 64 -8.36 35.00 -17.81
N ASP A 65 -9.46 35.59 -17.39
CA ASP A 65 -10.23 36.43 -18.33
C ASP A 65 -9.54 37.72 -18.79
N PHE A 66 -8.49 38.18 -18.08
CA PHE A 66 -7.75 39.34 -18.55
C PHE A 66 -6.75 38.91 -19.61
N ILE A 67 -6.53 37.60 -19.76
CA ILE A 67 -5.56 37.14 -20.75
C ILE A 67 -5.99 37.47 -22.17
N GLN A 68 -7.28 37.40 -22.45
CA GLN A 68 -7.73 37.68 -23.79
C GLN A 68 -7.69 39.20 -24.12
N ARG A 69 -7.20 40.03 -23.20
CA ARG A 69 -6.95 41.43 -23.53
C ARG A 69 -5.75 41.57 -24.44
N ALA A 70 -4.97 40.51 -24.54
CA ALA A 70 -3.81 40.53 -25.42
C ALA A 70 -4.28 40.47 -26.86
N LYS A 71 -3.51 41.09 -27.73
CA LYS A 71 -3.81 41.15 -29.16
C LYS A 71 -2.55 41.02 -29.97
N PRO A 72 -2.67 40.47 -31.17
CA PRO A 72 -1.42 40.37 -31.91
C PRO A 72 -0.77 41.73 -32.26
N TYR A 73 0.55 41.70 -32.39
CA TYR A 73 1.34 42.80 -32.90
C TYR A 73 0.81 43.25 -34.29
N LYS A 74 0.55 42.27 -35.14
CA LYS A 74 0.01 42.51 -36.46
C LYS A 74 -1.42 43.05 -36.50
N ASP A 75 -1.56 44.13 -37.26
CA ASP A 75 -2.84 44.88 -37.42
C ASP A 75 -3.49 45.23 -36.06
N HIS A 76 -2.71 45.74 -35.12
CA HIS A 76 -3.25 46.07 -33.80
C HIS A 76 -4.07 47.35 -33.89
N PRO A 77 -5.34 47.33 -33.53
CA PRO A 77 -6.08 48.57 -33.77
C PRO A 77 -5.55 49.80 -33.06
N THR A 78 -5.00 49.64 -31.86
CA THR A 78 -4.46 50.79 -31.17
C THR A 78 -3.13 51.30 -31.78
N ILE A 79 -2.28 50.37 -32.21
CA ILE A 79 -1.05 50.77 -32.86
C ILE A 79 -1.39 51.48 -34.20
N MET A 80 -2.32 50.92 -34.98
CA MET A 80 -2.70 51.49 -36.28
C MET A 80 -3.27 52.90 -36.17
N ARG A 81 -4.08 53.12 -35.13
CA ARG A 81 -4.63 54.43 -34.90
C ARG A 81 -3.51 55.38 -34.51
N LEU A 82 -2.57 54.92 -33.72
CA LEU A 82 -1.51 55.83 -33.31
C LEU A 82 -0.50 56.10 -34.43
N GLN A 83 -0.47 55.23 -35.45
CA GLN A 83 0.37 55.45 -36.62
C GLN A 83 -0.22 56.65 -37.38
N LYS A 84 -1.56 56.67 -37.54
CA LYS A 84 -2.23 57.78 -38.21
C LYS A 84 -1.84 59.09 -37.54
N LEU A 85 -1.78 59.09 -36.23
CA LEU A 85 -1.55 60.30 -35.48
C LEU A 85 -0.11 60.72 -35.58
N ALA A 86 0.76 59.74 -35.51
CA ALA A 86 2.20 59.99 -35.64
C ALA A 86 2.52 60.70 -36.96
N LYS A 87 1.87 60.24 -38.02
CA LYS A 87 2.13 60.72 -39.33
C LYS A 87 1.47 62.06 -39.53
N GLU A 88 0.30 62.26 -38.96
CA GLU A 88 -0.39 63.52 -39.07
C GLU A 88 0.42 64.66 -38.45
N LEU A 89 1.01 64.41 -37.30
CA LEU A 89 1.68 65.44 -36.56
C LEU A 89 3.18 65.44 -36.75
N GLY A 90 3.73 64.34 -37.22
CA GLY A 90 5.16 64.23 -37.40
C GLY A 90 5.83 63.98 -36.09
N VAL A 91 5.24 63.15 -35.25
CA VAL A 91 5.90 62.82 -34.01
C VAL A 91 6.16 61.31 -33.86
N VAL A 92 7.20 60.97 -33.12
CA VAL A 92 7.56 59.62 -32.87
C VAL A 92 6.75 59.17 -31.65
N ILE A 93 6.17 58.00 -31.72
CA ILE A 93 5.33 57.53 -30.63
C ILE A 93 5.61 56.05 -30.32
N PRO A 94 6.28 55.76 -29.21
CA PRO A 94 6.37 54.37 -28.81
C PRO A 94 5.04 53.92 -28.19
N VAL A 95 4.49 52.81 -28.68
CA VAL A 95 3.21 52.34 -28.23
C VAL A 95 3.24 51.06 -27.41
N SER A 96 3.05 51.20 -26.10
CA SER A 96 2.92 50.08 -25.17
C SER A 96 1.62 49.26 -25.42
N PHE A 97 1.73 47.92 -25.42
CA PHE A 97 0.58 47.03 -25.60
C PHE A 97 0.80 45.57 -25.10
N PHE A 98 -0.31 44.84 -24.95
CA PHE A 98 -0.28 43.50 -24.46
C PHE A 98 -0.38 42.54 -25.64
N GLU A 99 0.73 41.92 -25.97
CA GLU A 99 0.89 41.16 -27.19
C GLU A 99 0.57 39.69 -27.04
N GLU A 100 -0.32 39.22 -27.91
CA GLU A 100 -0.53 37.81 -28.12
C GLU A 100 0.38 37.40 -29.27
N ALA A 101 1.20 36.37 -29.06
CA ALA A 101 2.03 35.84 -30.12
C ALA A 101 1.89 34.37 -29.78
N ASN A 102 0.93 33.71 -30.36
CA ASN A 102 0.85 32.24 -30.41
C ASN A 102 0.67 31.61 -29.01
N ASN A 103 1.55 30.71 -28.60
CA ASN A 103 1.58 30.25 -27.21
C ASN A 103 2.00 31.38 -26.26
N ALA A 104 2.94 32.20 -26.68
CA ALA A 104 3.50 33.19 -25.82
C ALA A 104 2.69 34.49 -25.73
N HIS A 105 2.94 35.28 -24.69
CA HIS A 105 2.35 36.58 -24.54
C HIS A 105 3.46 37.44 -23.97
N TYR A 106 3.48 38.69 -24.36
CA TYR A 106 4.53 39.57 -23.94
C TYR A 106 3.97 40.94 -23.57
N ASN A 107 4.69 41.66 -22.74
CA ASN A 107 4.45 43.06 -22.50
C ASN A 107 5.39 43.78 -23.46
N SER A 108 4.80 44.46 -24.44
CA SER A 108 5.58 44.98 -25.59
C SER A 108 5.40 46.47 -25.90
N ILE A 109 6.19 46.90 -26.85
CA ILE A 109 6.10 48.27 -27.32
C ILE A 109 6.60 48.39 -28.74
N ALA A 110 5.80 49.02 -29.58
CA ALA A 110 6.10 49.23 -30.98
C ALA A 110 6.54 50.69 -31.18
N ILE A 111 7.60 50.89 -31.93
CA ILE A 111 8.13 52.24 -32.16
C ILE A 111 7.63 52.81 -33.47
N ILE A 112 6.74 53.79 -33.35
CA ILE A 112 6.23 54.51 -34.55
C ILE A 112 7.06 55.77 -34.83
N ASP A 113 7.56 55.85 -36.04
CA ASP A 113 8.37 56.98 -36.47
C ASP A 113 7.47 58.15 -36.88
N ALA A 114 8.10 59.28 -37.08
CA ALA A 114 7.42 60.48 -37.42
C ALA A 114 6.71 60.45 -38.74
N ASP A 115 6.96 59.46 -39.59
CA ASP A 115 6.21 59.30 -40.86
C ASP A 115 5.14 58.22 -40.80
N GLY A 116 4.89 57.70 -39.60
CA GLY A 116 3.86 56.67 -39.37
C GLY A 116 4.39 55.23 -39.52
N THR A 117 5.66 55.09 -39.89
CA THR A 117 6.25 53.78 -40.10
C THR A 117 6.44 53.02 -38.76
N ASP A 118 5.94 51.78 -38.73
CA ASP A 118 6.17 50.86 -37.62
C ASP A 118 7.59 50.34 -37.72
N LEU A 119 8.44 50.79 -36.82
CA LEU A 119 9.81 50.50 -36.88
C LEU A 119 10.19 49.16 -36.23
N GLY A 120 9.31 48.63 -35.38
CA GLY A 120 9.54 47.37 -34.79
C GLY A 120 9.18 47.33 -33.35
N ILE A 121 9.62 46.28 -32.67
CA ILE A 121 9.08 45.93 -31.38
C ILE A 121 10.17 45.59 -30.36
N TYR A 122 9.90 45.94 -29.12
CA TYR A 122 10.72 45.50 -28.01
C TYR A 122 9.82 44.74 -27.03
N ARG A 123 10.35 43.68 -26.46
CA ARG A 123 9.61 42.89 -25.50
C ARG A 123 10.22 42.94 -24.11
N LYS A 124 9.40 43.36 -23.11
CA LYS A 124 9.85 43.50 -21.73
C LYS A 124 10.64 42.29 -21.33
N SER A 125 11.88 42.51 -20.87
CA SER A 125 12.85 41.43 -20.56
C SER A 125 12.86 40.94 -19.15
N HIS A 126 12.79 41.86 -18.22
CA HIS A 126 12.86 41.52 -16.81
C HIS A 126 11.44 41.35 -16.25
N ILE A 127 11.13 40.13 -15.79
CA ILE A 127 9.78 39.80 -15.31
C ILE A 127 9.88 39.30 -13.88
N PRO A 128 9.44 40.16 -12.97
CA PRO A 128 9.39 39.83 -11.53
C PRO A 128 8.63 38.52 -11.20
N ASP A 129 9.35 37.49 -10.73
CA ASP A 129 8.68 36.27 -10.14
C ASP A 129 8.83 36.17 -8.61
N GLY A 130 7.78 35.72 -7.93
CA GLY A 130 7.83 35.50 -6.49
C GLY A 130 6.69 36.14 -5.70
N PRO A 131 6.97 36.52 -4.43
CA PRO A 131 5.92 37.07 -3.56
C PRO A 131 5.65 38.54 -3.90
N GLY A 132 4.36 38.88 -4.10
CA GLY A 132 3.90 40.24 -4.44
C GLY A 132 3.73 40.37 -5.94
N TYR A 133 4.65 39.69 -6.68
CA TYR A 133 4.71 39.68 -8.19
C TYR A 133 4.36 38.32 -8.91
N GLU A 134 3.11 38.27 -9.35
CA GLU A 134 2.57 37.18 -10.17
C GLU A 134 2.31 37.58 -11.67
N GLU A 135 3.24 38.33 -12.28
CA GLU A 135 3.21 38.69 -13.74
C GLU A 135 3.41 37.56 -14.74
N LYS A 136 4.28 36.58 -14.40
CA LYS A 136 4.58 35.47 -15.31
C LYS A 136 3.27 34.79 -15.76
N PHE A 137 2.23 35.05 -14.99
CA PHE A 137 0.93 34.61 -15.29
C PHE A 137 0.51 35.21 -16.61
N TYR A 138 1.03 36.38 -16.94
CA TYR A 138 0.59 37.06 -18.15
C TYR A 138 1.72 37.17 -19.12
N PHE A 139 2.93 37.42 -18.66
CA PHE A 139 4.02 37.66 -19.62
C PHE A 139 5.14 36.62 -19.65
N ASN A 140 5.52 36.20 -20.85
CA ASN A 140 6.72 35.42 -21.01
C ASN A 140 7.86 36.40 -20.96
N PRO A 141 9.03 35.95 -20.48
CA PRO A 141 10.15 36.85 -20.54
C PRO A 141 10.47 37.25 -21.99
N GLY A 142 10.84 38.49 -22.21
CA GLY A 142 11.12 38.95 -23.56
C GLY A 142 12.28 38.28 -24.25
N ASP A 143 12.12 38.05 -25.55
CA ASP A 143 13.17 37.51 -26.36
C ASP A 143 13.70 38.44 -27.47
N THR A 144 13.38 39.71 -27.47
CA THR A 144 13.90 40.59 -28.50
C THR A 144 15.30 41.02 -28.12
N GLY A 145 15.59 41.07 -26.83
CA GLY A 145 16.80 41.65 -26.37
C GLY A 145 16.60 43.18 -26.42
N PHE A 146 17.62 43.90 -25.95
CA PHE A 146 17.60 45.31 -25.90
C PHE A 146 17.91 45.91 -27.25
N LYS A 147 17.06 46.83 -27.66
CA LYS A 147 17.11 47.33 -28.99
C LYS A 147 17.24 48.83 -29.05
N VAL A 148 17.69 49.34 -30.19
CA VAL A 148 17.67 50.77 -30.49
C VAL A 148 17.03 50.98 -31.83
N PHE A 149 16.26 52.04 -31.94
CA PHE A 149 15.58 52.32 -33.19
C PHE A 149 16.04 53.69 -33.72
N GLN A 150 16.36 53.73 -35.00
CA GLN A 150 16.71 54.97 -35.65
C GLN A 150 15.42 55.62 -36.09
N THR A 151 15.03 56.72 -35.43
CA THR A 151 13.82 57.50 -35.81
C THR A 151 14.22 58.68 -36.67
N LYS A 152 13.26 59.45 -37.18
CA LYS A 152 13.66 60.64 -37.93
C LYS A 152 14.40 61.64 -37.08
N TYR A 153 14.32 61.57 -35.75
CA TYR A 153 14.94 62.60 -34.93
C TYR A 153 16.15 62.18 -34.15
N ALA A 154 16.34 60.87 -34.01
CA ALA A 154 17.31 60.36 -33.07
C ALA A 154 17.32 58.85 -33.06
N LYS A 155 18.42 58.31 -32.56
CA LYS A 155 18.50 56.91 -32.34
C LYS A 155 17.96 56.78 -30.93
N ILE A 156 16.91 55.98 -30.72
CA ILE A 156 16.44 55.88 -29.36
C ILE A 156 16.42 54.48 -28.82
N GLY A 157 16.45 54.43 -27.52
CA GLY A 157 16.30 53.19 -26.80
C GLY A 157 15.07 53.27 -25.91
N VAL A 158 14.33 52.17 -25.85
CA VAL A 158 13.10 52.07 -25.09
C VAL A 158 13.08 50.75 -24.32
N ALA A 159 12.70 50.78 -23.05
CA ALA A 159 12.47 49.55 -22.28
C ALA A 159 11.25 49.79 -21.40
N ILE A 160 10.85 48.78 -20.63
CA ILE A 160 9.54 48.82 -20.04
C ILE A 160 9.51 48.46 -18.58
N SER A 161 8.70 49.21 -17.84
CA SER A 161 8.48 49.07 -16.40
C SER A 161 9.67 48.46 -15.64
N TRP A 162 9.56 47.20 -15.22
CA TRP A 162 10.53 46.62 -14.35
C TRP A 162 11.96 46.64 -14.93
N ASP A 163 12.13 46.84 -16.26
CA ASP A 163 13.46 46.91 -16.92
C ASP A 163 14.22 48.06 -16.30
N GLN A 164 13.42 48.95 -15.75
CA GLN A 164 13.85 50.23 -15.18
C GLN A 164 14.96 50.10 -14.14
N TRP A 165 14.93 49.00 -13.39
CA TRP A 165 15.82 48.82 -12.28
C TRP A 165 17.23 48.33 -12.70
N PHE A 166 17.37 47.98 -13.96
CA PHE A 166 18.53 47.20 -14.38
C PHE A 166 19.54 48.02 -15.18
N PRO A 167 20.63 48.43 -14.57
CA PRO A 167 21.64 49.26 -15.30
C PRO A 167 22.12 48.60 -16.55
N GLU A 168 22.08 47.27 -16.57
CA GLU A 168 22.52 46.55 -17.75
C GLU A 168 21.70 46.89 -18.97
N ALA A 169 20.40 47.09 -18.82
CA ALA A 169 19.53 47.42 -19.98
C ALA A 169 19.89 48.80 -20.55
N ALA A 170 20.13 49.77 -19.67
CA ALA A 170 20.47 51.13 -20.10
C ALA A 170 21.84 51.15 -20.83
N ARG A 171 22.79 50.38 -20.30
CA ARG A 171 24.13 50.34 -20.86
C ARG A 171 24.05 49.66 -22.17
N ALA A 172 23.27 48.58 -22.25
CA ALA A 172 23.12 47.90 -23.51
C ALA A 172 22.58 48.80 -24.62
N MET A 173 21.65 49.67 -24.28
CA MET A 173 21.10 50.56 -25.29
C MET A 173 22.11 51.65 -25.68
N ALA A 174 22.78 52.23 -24.72
CA ALA A 174 23.77 53.22 -25.01
C ALA A 174 24.95 52.69 -25.83
N LEU A 175 25.41 51.48 -25.52
CA LEU A 175 26.52 50.91 -26.29
C LEU A 175 26.15 50.77 -27.74
N GLN A 176 24.86 50.66 -28.02
CA GLN A 176 24.45 50.48 -29.44
C GLN A 176 24.01 51.81 -30.12
N GLY A 177 24.31 52.95 -29.49
CA GLY A 177 24.10 54.25 -30.08
C GLY A 177 22.84 54.97 -29.60
N ALA A 178 22.13 54.44 -28.61
CA ALA A 178 20.91 55.20 -28.19
C ALA A 178 21.32 56.55 -27.69
N GLU A 179 20.61 57.58 -28.10
CA GLU A 179 20.96 58.94 -27.73
C GLU A 179 19.98 59.46 -26.67
N ILE A 180 18.81 58.81 -26.59
CA ILE A 180 17.80 59.13 -25.60
C ILE A 180 17.16 57.82 -25.16
N LEU A 181 16.97 57.64 -23.85
CA LEU A 181 16.34 56.44 -23.30
C LEU A 181 14.92 56.73 -22.86
N PHE A 182 13.99 55.83 -23.18
CA PHE A 182 12.60 56.01 -22.78
C PHE A 182 12.14 54.84 -21.94
N TYR A 183 11.49 55.13 -20.82
CA TYR A 183 10.94 54.05 -19.94
C TYR A 183 9.45 54.31 -19.50
N PRO A 184 8.51 53.88 -20.32
CA PRO A 184 7.10 53.83 -19.89
C PRO A 184 6.96 52.84 -18.76
N THR A 185 6.31 53.27 -17.67
CA THR A 185 6.14 52.40 -16.50
C THR A 185 4.81 52.53 -15.80
N ALA A 186 4.60 51.71 -14.77
CA ALA A 186 3.42 51.82 -13.95
C ALA A 186 3.84 51.43 -12.57
N ILE A 187 3.88 52.36 -11.64
CA ILE A 187 4.28 51.99 -10.32
C ILE A 187 3.59 52.76 -9.23
N GLY A 188 3.24 52.07 -8.15
CA GLY A 188 2.42 52.66 -7.09
C GLY A 188 2.58 51.85 -5.83
N SER A 189 1.53 51.72 -5.05
CA SER A 189 1.58 50.95 -3.83
C SER A 189 0.18 50.91 -3.21
N GLU A 190 0.06 50.11 -2.14
CA GLU A 190 -1.18 49.94 -1.35
C GLU A 190 -1.49 51.14 -0.40
N PRO A 191 -2.76 51.62 -0.40
CA PRO A 191 -3.22 52.52 0.69
C PRO A 191 -3.95 51.77 1.83
N GLN A 194 -0.32 50.51 3.68
CA GLN A 194 1.11 50.27 3.46
C GLN A 194 1.94 51.48 3.88
N SER A 195 3.27 51.31 3.85
CA SER A 195 4.23 52.37 4.21
C SER A 195 5.30 52.56 3.12
N ILE A 196 5.69 51.48 2.43
CA ILE A 196 6.69 51.59 1.34
C ILE A 196 6.21 52.58 0.26
N ASP A 197 7.06 53.56 0.00
CA ASP A 197 6.87 54.46 -1.11
C ASP A 197 8.20 54.45 -1.89
N SER A 198 8.20 53.86 -3.07
CA SER A 198 9.43 53.65 -3.83
C SER A 198 9.80 54.77 -4.81
N ARG A 199 9.00 55.83 -4.83
CA ARG A 199 9.19 56.92 -5.78
C ARG A 199 10.62 57.53 -5.77
N ASP A 200 11.21 57.77 -4.61
CA ASP A 200 12.59 58.28 -4.59
C ASP A 200 13.64 57.24 -5.02
N HIS A 201 13.48 56.01 -4.57
CA HIS A 201 14.35 54.91 -5.00
C HIS A 201 14.34 54.77 -6.52
N TRP A 202 13.13 54.69 -7.06
CA TRP A 202 12.95 54.63 -8.50
C TRP A 202 13.62 55.84 -9.26
N LYS A 203 13.35 57.08 -8.84
CA LYS A 203 14.01 58.26 -9.49
C LYS A 203 15.56 58.15 -9.41
N ARG A 204 16.10 57.81 -8.25
CA ARG A 204 17.51 57.75 -8.13
C ARG A 204 18.11 56.67 -9.02
N VAL A 205 17.46 55.55 -9.21
CA VAL A 205 18.07 54.53 -10.05
C VAL A 205 18.09 55.01 -11.47
N MET A 206 17.02 55.65 -11.89
CA MET A 206 16.91 56.12 -13.25
CA MET A 206 16.92 56.10 -13.26
C MET A 206 17.88 57.29 -13.52
N GLN A 207 18.01 58.22 -12.56
CA GLN A 207 18.94 59.32 -12.76
C GLN A 207 20.34 58.74 -12.94
N GLY A 208 20.58 57.62 -12.25
CA GLY A 208 21.83 56.87 -12.32
C GLY A 208 22.13 56.39 -13.71
N HIS A 209 21.13 55.81 -14.39
CA HIS A 209 21.35 55.37 -15.73
C HIS A 209 21.68 56.54 -16.62
N ALA A 210 20.97 57.65 -16.45
CA ALA A 210 21.21 58.81 -17.34
C ALA A 210 22.64 59.37 -17.18
N GLY A 211 23.06 59.52 -15.93
CA GLY A 211 24.34 60.03 -15.59
C GLY A 211 25.48 59.10 -15.95
N ALA A 212 25.27 57.80 -15.90
CA ALA A 212 26.36 56.84 -16.18
C ALA A 212 26.62 56.64 -17.66
N ASN A 213 25.56 56.81 -18.44
CA ASN A 213 25.62 56.68 -19.90
C ASN A 213 25.65 58.05 -20.63
N LEU A 214 25.49 59.12 -19.88
CA LEU A 214 25.42 60.48 -20.46
C LEU A 214 24.45 60.59 -21.61
N VAL A 215 23.23 60.14 -21.33
CA VAL A 215 22.09 60.30 -22.25
C VAL A 215 20.89 60.81 -21.44
N PRO A 216 20.13 61.76 -22.00
CA PRO A 216 18.82 62.08 -21.41
C PRO A 216 17.92 60.86 -21.30
N LEU A 217 16.98 60.91 -20.39
CA LEU A 217 16.12 59.79 -20.09
C LEU A 217 14.70 60.30 -19.77
N VAL A 218 13.70 59.70 -20.39
CA VAL A 218 12.30 60.10 -20.22
C VAL A 218 11.54 58.95 -19.58
N ALA A 219 10.82 59.24 -18.49
CA ALA A 219 9.93 58.26 -17.82
C ALA A 219 8.51 58.73 -17.62
N SER A 220 7.55 57.94 -18.11
CA SER A 220 6.13 58.19 -17.96
C SER A 220 5.46 57.18 -17.04
N ASN A 221 4.87 57.65 -15.97
CA ASN A 221 4.25 56.76 -15.04
C ASN A 221 2.80 57.22 -14.87
N ARG A 222 1.86 56.29 -14.72
CA ARG A 222 0.48 56.68 -14.48
C ARG A 222 0.24 57.29 -13.11
N ILE A 223 -0.96 57.85 -12.98
CA ILE A 223 -1.52 58.29 -11.70
C ILE A 223 -2.89 57.65 -11.44
N GLY A 224 -3.41 57.88 -10.25
CA GLY A 224 -4.78 57.51 -9.88
C GLY A 224 -4.83 56.26 -9.05
N ASN A 225 -6.00 56.02 -8.49
CA ASN A 225 -6.31 54.78 -7.80
C ASN A 225 -7.01 53.82 -8.72
N GLU A 226 -6.66 52.55 -8.61
CA GLU A 226 -7.36 51.50 -9.31
C GLU A 226 -7.69 50.33 -8.38
N ILE A 227 -8.91 49.84 -8.54
CA ILE A 227 -9.37 48.72 -7.79
C ILE A 227 -9.75 47.60 -8.73
N ILE A 228 -9.13 46.43 -8.55
CA ILE A 228 -9.41 45.22 -9.31
C ILE A 228 -9.94 44.17 -8.39
N GLU A 229 -11.04 43.51 -8.75
CA GLU A 229 -11.53 42.36 -7.94
C GLU A 229 -10.66 41.13 -8.32
N THR A 230 -10.14 40.40 -7.33
CA THR A 230 -9.24 39.24 -7.62
C THR A 230 -9.69 37.94 -6.96
N GLU A 231 -8.83 36.93 -7.09
CA GLU A 231 -9.07 35.61 -6.52
C GLU A 231 -9.08 35.62 -4.99
N HIS A 232 -8.13 36.35 -4.39
CA HIS A 232 -8.11 36.54 -2.93
C HIS A 232 -9.23 37.51 -2.57
N GLY A 233 -9.47 38.50 -3.43
CA GLY A 233 -10.61 39.38 -3.27
C GLY A 233 -10.62 40.86 -3.59
N LYS A 234 -9.58 41.62 -3.25
CA LYS A 234 -9.60 43.03 -3.59
C LYS A 234 -8.21 43.63 -3.69
N SER A 235 -7.98 44.39 -4.75
CA SER A 235 -6.68 45.03 -4.94
C SER A 235 -6.85 46.50 -5.24
N GLU A 236 -6.07 47.31 -4.56
CA GLU A 236 -6.14 48.71 -4.71
C GLU A 236 -4.73 49.21 -4.82
N ILE A 237 -4.50 50.04 -5.80
CA ILE A 237 -3.24 50.65 -5.92
C ILE A 237 -3.34 52.13 -6.21
N LYS A 238 -2.52 52.92 -5.54
CA LYS A 238 -2.44 54.32 -5.83
C LYS A 238 -1.16 54.56 -6.56
N PHE A 239 -1.29 54.79 -7.85
CA PHE A 239 -0.14 55.07 -8.66
C PHE A 239 0.36 56.45 -8.38
N TYR A 240 1.67 56.60 -8.38
CA TYR A 240 2.20 57.81 -7.80
C TYR A 240 2.78 58.90 -8.75
N GLY A 241 2.55 58.75 -10.06
CA GLY A 241 3.02 59.72 -11.06
C GLY A 241 4.52 59.97 -11.02
N ASN A 242 4.90 61.21 -10.74
CA ASN A 242 6.28 61.57 -10.80
C ASN A 242 7.02 61.19 -12.09
N SER A 243 6.31 61.28 -13.22
CA SER A 243 6.96 61.16 -14.51
C SER A 243 7.96 62.31 -14.58
N PHE A 244 9.02 62.10 -15.32
CA PHE A 244 10.07 63.07 -15.35
C PHE A 244 10.90 62.94 -16.58
N ILE A 245 11.73 63.96 -16.77
CA ILE A 245 12.71 63.94 -17.83
C ILE A 245 14.05 64.32 -17.18
N ALA A 246 15.08 63.51 -17.41
CA ALA A 246 16.40 63.79 -16.85
C ALA A 246 17.37 64.06 -17.96
N GLY A 247 18.33 64.89 -17.66
CA GLY A 247 19.44 65.17 -18.56
C GLY A 247 20.59 64.17 -18.49
N PRO A 248 21.55 64.34 -19.38
CA PRO A 248 22.66 63.43 -19.46
C PRO A 248 23.61 63.45 -18.24
N THR A 249 23.41 64.30 -17.26
CA THR A 249 24.14 64.12 -15.99
C THR A 249 23.22 63.63 -14.86
N GLY A 250 22.04 63.15 -15.24
CA GLY A 250 21.03 62.72 -14.27
C GLY A 250 20.15 63.80 -13.64
N GLU A 251 20.44 65.06 -13.94
CA GLU A 251 19.69 66.17 -13.42
C GLU A 251 18.23 66.09 -13.93
N ILE A 252 17.25 66.27 -13.02
CA ILE A 252 15.86 66.28 -13.39
C ILE A 252 15.57 67.68 -13.94
N VAL A 253 15.12 67.75 -15.19
CA VAL A 253 14.80 69.00 -15.84
C VAL A 253 13.32 69.23 -15.91
N SER A 254 12.51 68.18 -15.94
CA SER A 254 11.06 68.35 -15.73
C SER A 254 10.53 67.19 -14.94
N ILE A 255 9.53 67.47 -14.11
CA ILE A 255 8.96 66.43 -13.30
C ILE A 255 7.52 66.76 -13.00
N ALA A 256 6.69 65.72 -12.98
CA ALA A 256 5.29 65.86 -12.64
C ALA A 256 5.04 65.50 -11.18
N ASP A 257 3.86 65.87 -10.66
CA ASP A 257 3.46 65.47 -9.29
C ASP A 257 2.79 64.06 -9.28
N ASP A 258 2.15 63.72 -8.16
CA ASP A 258 1.58 62.38 -7.96
C ASP A 258 0.08 62.30 -8.11
N LYS A 259 -0.49 63.32 -8.72
CA LYS A 259 -1.91 63.38 -8.83
C LYS A 259 -2.51 64.08 -10.04
N GLU A 260 -1.78 64.91 -10.77
CA GLU A 260 -2.40 65.58 -11.92
C GLU A 260 -1.87 65.09 -13.27
N GLU A 261 -2.70 65.22 -14.33
CA GLU A 261 -2.25 64.96 -15.71
C GLU A 261 -1.10 65.85 -16.03
N ALA A 262 -0.14 65.37 -16.78
CA ALA A 262 0.99 66.19 -17.13
C ALA A 262 1.43 66.02 -18.55
N VAL A 263 1.95 67.12 -19.10
CA VAL A 263 2.67 67.11 -20.38
C VAL A 263 4.00 67.76 -20.15
N LEU A 264 5.03 66.98 -19.91
CA LEU A 264 6.38 67.51 -19.74
C LEU A 264 7.13 67.59 -21.06
N ILE A 265 7.99 68.60 -21.15
CA ILE A 265 8.67 69.00 -22.38
C ILE A 265 10.13 69.37 -22.01
N ALA A 266 11.06 68.93 -22.83
CA ALA A 266 12.43 69.32 -22.68
C ALA A 266 13.10 69.22 -24.04
N GLU A 267 13.90 70.21 -24.35
CA GLU A 267 14.67 70.21 -25.58
C GLU A 267 16.08 69.79 -25.24
N PHE A 268 16.64 68.90 -26.07
CA PHE A 268 18.07 68.48 -25.94
C PHE A 268 18.87 68.68 -27.22
N ASN A 269 20.10 69.15 -27.09
CA ASN A 269 20.96 69.25 -28.23
C ASN A 269 21.81 67.96 -28.32
N LEU A 270 21.47 67.10 -29.25
CA LEU A 270 22.08 65.81 -29.35
C LEU A 270 23.53 65.84 -29.83
N ASP A 271 23.92 66.89 -30.56
CA ASP A 271 25.34 66.99 -30.92
C ASP A 271 26.26 67.41 -29.75
N LYS A 272 25.79 68.35 -28.94
CA LYS A 272 26.56 68.76 -27.77
C LYS A 272 26.58 67.61 -26.75
N ILE A 273 25.47 66.90 -26.64
CA ILE A 273 25.44 65.81 -25.69
C ILE A 273 26.42 64.67 -26.10
N LYS A 274 26.38 64.28 -27.37
CA LYS A 274 27.32 63.32 -27.89
C LYS A 274 28.75 63.77 -27.56
N SER A 275 29.08 65.02 -27.89
CA SER A 275 30.45 65.49 -27.68
C SER A 275 30.85 65.37 -26.17
N MET A 276 29.91 65.62 -25.30
CA MET A 276 30.11 65.70 -23.87
C MET A 276 30.27 64.29 -23.35
N ARG A 277 29.41 63.42 -23.85
CA ARG A 277 29.47 62.00 -23.54
C ARG A 277 30.85 61.45 -23.85
N HIS A 278 31.40 61.80 -25.01
CA HIS A 278 32.64 61.24 -25.41
C HIS A 278 33.82 61.85 -24.68
N CYS A 279 33.78 63.17 -24.35
CA CYS A 279 34.87 63.81 -23.62
CA CYS A 279 34.93 63.69 -23.65
C CYS A 279 34.96 63.32 -22.16
N TRP A 280 33.81 62.96 -21.57
CA TRP A 280 33.76 62.49 -20.16
C TRP A 280 34.52 61.20 -20.06
N GLY A 281 34.39 60.38 -21.08
CA GLY A 281 35.33 59.29 -21.30
C GLY A 281 34.97 57.89 -20.77
N VAL A 282 33.78 57.72 -20.21
CA VAL A 282 33.46 56.43 -19.65
C VAL A 282 33.49 55.33 -20.69
N PHE A 283 33.01 55.58 -21.91
CA PHE A 283 32.99 54.59 -22.95
C PHE A 283 34.35 54.27 -23.54
N ARG A 284 35.27 55.24 -23.42
CA ARG A 284 36.64 55.02 -23.80
C ARG A 284 37.30 54.10 -22.74
N ASP A 285 36.80 54.16 -21.53
CA ASP A 285 37.48 53.56 -20.40
C ASP A 285 36.89 52.20 -19.91
N ARG A 286 35.77 51.79 -20.49
CA ARG A 286 35.16 50.54 -20.08
C ARG A 286 36.09 49.35 -20.20
N ARG A 287 35.81 48.35 -19.35
CA ARG A 287 36.61 47.17 -19.28
C ARG A 287 35.82 45.86 -19.48
N PRO A 288 35.33 45.63 -20.68
CA PRO A 288 34.62 44.40 -20.94
C PRO A 288 35.39 43.17 -20.68
N ASP A 289 36.73 43.23 -20.70
CA ASP A 289 37.49 42.05 -20.37
C ASP A 289 37.27 41.63 -18.86
N LEU A 290 36.76 42.53 -18.03
CA LEU A 290 36.59 42.27 -16.62
C LEU A 290 35.09 42.12 -16.27
N TYR A 291 34.21 42.16 -17.25
CA TYR A 291 32.79 42.12 -16.97
C TYR A 291 32.08 40.73 -17.16
N LYS A 292 32.82 39.68 -17.36
CA LYS A 292 32.19 38.39 -17.56
C LYS A 292 31.22 37.91 -16.49
N VAL A 293 31.48 38.27 -15.25
CA VAL A 293 30.65 37.92 -14.14
C VAL A 293 29.21 38.44 -14.31
N LEU A 294 29.04 39.43 -15.13
CA LEU A 294 27.72 39.95 -15.36
C LEU A 294 26.87 38.98 -16.19
N LEU A 295 27.47 37.98 -16.77
CA LEU A 295 26.73 37.02 -17.57
C LEU A 295 26.41 35.81 -16.67
N THR A 296 26.62 35.94 -15.36
CA THR A 296 26.18 34.90 -14.41
C THR A 296 24.97 35.49 -13.62
N LEU A 297 24.23 34.58 -12.96
CA LEU A 297 23.20 34.98 -11.96
C LEU A 297 23.79 34.88 -10.59
N ASP A 298 24.60 33.86 -10.34
CA ASP A 298 25.05 33.59 -9.01
C ASP A 298 26.43 34.15 -8.71
N GLY A 299 26.90 35.01 -9.60
CA GLY A 299 28.25 35.62 -9.51
C GLY A 299 29.44 34.68 -9.72
N LYS A 300 29.22 33.52 -10.33
CA LYS A 300 30.23 32.49 -10.42
C LYS A 300 30.12 31.67 -11.74
N ASN A 301 28.99 30.96 -11.94
CA ASN A 301 28.68 30.20 -13.18
C ASN A 301 27.93 30.92 -14.27
N PRO A 302 28.53 30.96 -15.48
CA PRO A 302 27.93 31.61 -16.66
C PRO A 302 26.63 30.94 -17.00
N VAL A 303 25.71 31.68 -17.61
CA VAL A 303 24.49 31.05 -18.13
C VAL A 303 24.66 30.80 -19.65
N LEU A 304 23.74 29.99 -20.21
CA LEU A 304 23.62 29.78 -21.68
C LEU A 304 22.89 30.97 -22.48
N ASP B 7 14.82 45.79 15.19
CA ASP B 7 15.03 44.40 15.70
C ASP B 7 16.46 43.86 15.44
N LYS B 8 16.63 42.55 15.60
CA LYS B 8 17.96 41.87 15.61
C LYS B 8 18.73 41.81 14.28
N GLY B 9 20.00 41.40 14.39
CA GLY B 9 20.86 41.16 13.22
C GLY B 9 22.18 41.90 13.23
N ARG B 10 23.08 41.46 12.36
CA ARG B 10 24.40 42.03 12.23
C ARG B 10 24.34 43.53 11.88
N LYS B 11 24.68 44.39 12.84
CA LYS B 11 24.74 45.81 12.60
C LYS B 11 26.22 46.16 12.28
N VAL B 12 26.46 47.08 11.35
CA VAL B 12 27.81 47.51 11.05
C VAL B 12 27.90 49.02 10.85
N VAL B 13 28.87 49.64 11.53
CA VAL B 13 29.06 51.05 11.45
C VAL B 13 30.22 51.36 10.51
N VAL B 14 29.94 52.15 9.46
CA VAL B 14 30.94 52.52 8.48
C VAL B 14 31.24 54.03 8.54
N SER B 15 32.36 54.42 7.97
CA SER B 15 32.79 55.81 8.03
C SER B 15 33.51 56.28 6.80
N ALA B 16 33.16 57.46 6.36
CA ALA B 16 33.91 58.10 5.28
C ALA B 16 34.69 59.19 5.95
N LEU B 17 35.95 59.32 5.57
CA LEU B 17 36.87 60.32 6.11
C LEU B 17 37.17 61.29 5.00
N GLN B 18 37.39 62.54 5.37
CA GLN B 18 37.74 63.52 4.37
C GLN B 18 38.72 64.51 4.93
N PHE B 19 39.82 64.70 4.21
CA PHE B 19 40.85 65.68 4.63
C PHE B 19 41.67 66.21 3.45
N ALA B 20 42.52 67.19 3.74
CA ALA B 20 43.41 67.80 2.77
C ALA B 20 44.79 67.18 2.92
N CYS B 21 45.53 67.05 1.83
CA CYS B 21 46.82 66.41 1.83
C CYS B 21 47.95 67.43 1.77
N THR B 22 49.06 67.10 2.44
CA THR B 22 50.29 67.86 2.29
C THR B 22 51.19 67.05 1.38
N ASP B 23 52.40 67.53 1.14
CA ASP B 23 53.36 66.87 0.22
C ASP B 23 54.33 65.93 1.02
N ASP B 24 54.04 65.74 2.31
CA ASP B 24 54.82 64.84 3.18
C ASP B 24 54.05 63.55 3.54
N VAL B 25 54.63 62.42 3.18
CA VAL B 25 53.95 61.15 3.33
C VAL B 25 53.53 60.85 4.76
N SER B 26 54.47 60.93 5.69
CA SER B 26 54.22 60.63 7.10
C SER B 26 53.20 61.55 7.68
N THR B 27 53.27 62.84 7.31
CA THR B 27 52.23 63.79 7.80
C THR B 27 50.82 63.30 7.41
N ASN B 28 50.69 62.87 6.18
CA ASN B 28 49.44 62.46 5.67
C ASN B 28 49.00 61.17 6.28
N VAL B 29 49.95 60.28 6.61
CA VAL B 29 49.53 59.03 7.19
C VAL B 29 49.10 59.34 8.62
N THR B 30 49.69 60.34 9.24
CA THR B 30 49.32 60.68 10.59
C THR B 30 47.93 61.32 10.59
N THR B 31 47.65 62.12 9.57
CA THR B 31 46.32 62.68 9.39
C THR B 31 45.25 61.55 9.30
N ALA B 32 45.51 60.55 8.47
CA ALA B 32 44.66 59.33 8.37
C ALA B 32 44.51 58.64 9.72
N GLU B 33 45.63 58.42 10.38
CA GLU B 33 45.61 57.76 11.66
C GLU B 33 44.73 58.52 12.65
N ARG B 34 44.83 59.85 12.65
CA ARG B 34 44.07 60.69 13.56
C ARG B 34 42.55 60.59 13.25
N LEU B 35 42.17 60.51 11.99
CA LEU B 35 40.74 60.50 11.65
C LEU B 35 40.11 59.08 11.86
N VAL B 36 40.89 58.06 11.55
CA VAL B 36 40.50 56.70 11.87
C VAL B 36 40.23 56.54 13.37
N ARG B 37 41.08 57.07 14.25
CA ARG B 37 40.82 56.97 15.65
C ARG B 37 39.57 57.72 16.03
N ALA B 38 39.28 58.83 15.34
CA ALA B 38 38.11 59.62 15.68
C ALA B 38 36.84 58.87 15.20
N ALA B 39 36.93 58.13 14.11
CA ALA B 39 35.82 57.32 13.63
C ALA B 39 35.58 56.16 14.61
N HIS B 40 36.67 55.47 14.94
CA HIS B 40 36.65 54.39 15.92
C HIS B 40 35.94 54.81 17.19
N LYS B 41 36.27 56.00 17.68
CA LYS B 41 35.66 56.52 18.88
C LYS B 41 34.16 56.75 18.76
N GLN B 42 33.70 57.05 17.55
CA GLN B 42 32.27 57.23 17.30
C GLN B 42 31.60 55.91 16.94
N GLY B 43 32.36 54.81 16.97
CA GLY B 43 31.81 53.48 16.88
C GLY B 43 32.07 52.75 15.60
N ALA B 44 32.85 53.35 14.70
CA ALA B 44 33.09 52.78 13.38
C ALA B 44 33.83 51.42 13.41
N ASN B 45 33.42 50.54 12.51
CA ASN B 45 34.00 49.20 12.35
C ASN B 45 34.81 49.14 11.06
N ILE B 46 34.32 49.86 10.04
CA ILE B 46 35.01 49.98 8.77
C ILE B 46 35.13 51.48 8.43
N VAL B 47 36.38 51.87 8.19
CA VAL B 47 36.72 53.28 7.96
C VAL B 47 37.42 53.48 6.59
N LEU B 48 36.90 54.39 5.77
CA LEU B 48 37.44 54.62 4.45
C LEU B 48 38.25 55.91 4.28
N ILE B 49 39.52 55.74 3.89
CA ILE B 49 40.45 56.85 3.60
C ILE B 49 40.50 57.14 2.07
N GLN B 50 40.54 58.43 1.71
CA GLN B 50 40.50 58.88 0.30
C GLN B 50 41.69 58.40 -0.56
N GLU B 51 41.49 58.38 -1.87
CA GLU B 51 42.50 57.90 -2.79
C GLU B 51 43.88 58.60 -2.76
N LEU B 52 44.92 57.80 -2.84
CA LEU B 52 46.27 58.37 -2.99
C LEU B 52 46.61 59.39 -1.92
N PHE B 53 46.02 59.16 -0.77
CA PHE B 53 46.10 60.07 0.38
C PHE B 53 47.55 60.37 0.87
N GLU B 54 48.52 59.50 0.52
CA GLU B 54 49.96 59.73 0.91
C GLU B 54 50.54 61.04 0.39
N GLY B 55 49.91 61.68 -0.59
CA GLY B 55 50.43 62.95 -1.05
C GLY B 55 49.49 63.69 -1.94
N TYR B 56 49.97 64.84 -2.42
CA TYR B 56 49.24 65.57 -3.47
C TYR B 56 48.81 64.64 -4.60
N TYR B 57 47.70 64.96 -5.22
CA TYR B 57 47.24 64.27 -6.40
C TYR B 57 48.15 64.69 -7.58
N PHE B 58 49.19 63.89 -7.76
CA PHE B 58 50.33 64.22 -8.63
C PHE B 58 49.99 64.08 -10.16
N CYS B 59 48.88 63.40 -10.44
CA CYS B 59 48.43 63.15 -11.81
C CYS B 59 48.01 64.35 -12.64
N GLN B 60 47.99 65.55 -12.12
CA GLN B 60 47.90 66.69 -13.00
C GLN B 60 49.14 66.76 -13.96
N ALA B 61 50.26 66.22 -13.50
CA ALA B 61 51.45 66.21 -14.30
C ALA B 61 51.68 64.87 -14.98
N GLN B 62 52.39 64.88 -16.11
CA GLN B 62 52.88 63.65 -16.73
C GLN B 62 54.39 63.72 -16.66
N ARG B 63 54.93 63.26 -15.54
CA ARG B 63 56.37 63.37 -15.27
C ARG B 63 57.04 62.01 -14.98
N GLU B 64 58.20 61.83 -15.57
CA GLU B 64 59.12 60.67 -15.33
C GLU B 64 59.38 60.42 -13.83
N ASP B 65 59.85 61.45 -13.12
CA ASP B 65 60.15 61.31 -11.71
C ASP B 65 58.93 60.96 -10.85
N PHE B 66 57.74 61.40 -11.26
CA PHE B 66 56.56 61.12 -10.46
C PHE B 66 56.20 59.61 -10.50
N ILE B 67 56.57 58.94 -11.57
CA ILE B 67 56.28 57.56 -11.68
C ILE B 67 57.05 56.83 -10.58
N GLN B 68 58.28 57.27 -10.31
CA GLN B 68 59.14 56.57 -9.34
C GLN B 68 58.64 56.80 -7.91
N ARG B 69 57.51 57.45 -7.74
CA ARG B 69 56.90 57.50 -6.43
C ARG B 69 56.29 56.16 -6.01
N ALA B 70 56.08 55.29 -6.97
CA ALA B 70 55.41 54.05 -6.72
C ALA B 70 56.30 53.18 -5.82
N LYS B 71 55.67 52.32 -5.05
CA LYS B 71 56.35 51.37 -4.17
C LYS B 71 55.76 49.97 -4.27
N PRO B 72 56.54 48.94 -3.98
CA PRO B 72 55.96 47.64 -4.08
C PRO B 72 54.86 47.42 -3.02
N TYR B 73 53.89 46.56 -3.32
CA TYR B 73 52.93 46.08 -2.31
C TYR B 73 53.66 45.40 -1.13
N LYS B 74 54.70 44.66 -1.40
CA LYS B 74 55.39 43.94 -0.33
C LYS B 74 56.15 44.89 0.55
N ASP B 75 55.99 44.70 1.85
CA ASP B 75 56.63 45.55 2.87
C ASP B 75 56.40 47.04 2.70
N HIS B 76 55.22 47.41 2.23
CA HIS B 76 54.91 48.80 2.04
C HIS B 76 54.84 49.47 3.39
N PRO B 77 55.65 50.49 3.61
CA PRO B 77 55.64 51.19 4.89
C PRO B 77 54.26 51.81 5.32
N THR B 78 53.48 52.31 4.38
CA THR B 78 52.15 52.79 4.77
C THR B 78 51.12 51.68 5.14
N ILE B 79 51.11 50.59 4.38
CA ILE B 79 50.27 49.47 4.72
C ILE B 79 50.68 48.89 6.06
N MET B 80 51.98 48.65 6.25
CA MET B 80 52.47 48.15 7.53
C MET B 80 52.05 49.05 8.69
N ARG B 81 52.27 50.33 8.56
CA ARG B 81 51.90 51.23 9.65
C ARG B 81 50.37 51.16 9.96
N LEU B 82 49.58 51.12 8.92
CA LEU B 82 48.14 51.02 9.11
C LEU B 82 47.64 49.66 9.59
N GLN B 83 48.40 48.58 9.38
CA GLN B 83 47.98 47.30 9.87
C GLN B 83 48.05 47.35 11.35
N LYS B 84 48.98 48.11 11.90
CA LYS B 84 49.10 48.13 13.36
C LYS B 84 47.88 48.85 13.94
N LEU B 85 47.42 49.89 13.24
CA LEU B 85 46.27 50.67 13.70
C LEU B 85 44.97 49.79 13.69
N ALA B 86 44.71 49.12 12.56
CA ALA B 86 43.60 48.20 12.40
C ALA B 86 43.55 47.18 13.51
N LYS B 87 44.70 46.66 13.88
CA LYS B 87 44.76 45.66 14.91
C LYS B 87 44.48 46.20 16.27
N GLU B 88 45.07 47.36 16.56
CA GLU B 88 44.90 48.08 17.80
C GLU B 88 43.47 48.44 18.10
N LEU B 89 42.79 48.90 17.09
CA LEU B 89 41.42 49.37 17.19
C LEU B 89 40.32 48.36 16.78
N GLY B 90 40.71 47.25 16.13
CA GLY B 90 39.74 46.32 15.57
C GLY B 90 38.87 46.95 14.50
N VAL B 91 39.46 47.64 13.56
CA VAL B 91 38.70 48.23 12.48
C VAL B 91 39.29 47.81 11.19
N VAL B 92 38.46 47.63 10.20
CA VAL B 92 38.87 47.37 8.87
C VAL B 92 39.26 48.68 8.17
N ILE B 93 40.39 48.65 7.45
CA ILE B 93 40.94 49.82 6.80
C ILE B 93 41.50 49.47 5.44
N PRO B 94 40.83 49.90 4.39
CA PRO B 94 41.38 49.81 3.06
C PRO B 94 42.41 50.93 2.84
N VAL B 95 43.54 50.57 2.28
CA VAL B 95 44.66 51.46 2.16
C VAL B 95 45.07 51.67 0.71
N SER B 96 44.68 52.84 0.15
CA SER B 96 45.04 53.25 -1.18
C SER B 96 46.54 53.55 -1.28
N PHE B 97 47.16 53.04 -2.34
CA PHE B 97 48.58 53.32 -2.62
C PHE B 97 48.98 53.17 -4.11
N PHE B 98 50.14 53.69 -4.46
CA PHE B 98 50.66 53.62 -5.83
C PHE B 98 51.64 52.49 -5.88
N GLU B 99 51.25 51.45 -6.60
CA GLU B 99 52.01 50.20 -6.61
C GLU B 99 52.97 50.02 -7.77
N GLU B 100 54.22 49.66 -7.46
CA GLU B 100 55.19 49.22 -8.44
C GLU B 100 55.21 47.67 -8.40
N ALA B 101 55.10 47.04 -9.57
CA ALA B 101 55.10 45.59 -9.64
C ALA B 101 55.96 45.19 -10.83
N ASN B 102 57.24 44.97 -10.56
CA ASN B 102 58.30 44.92 -11.57
C ASN B 102 58.17 46.12 -12.53
N ASN B 103 57.80 45.97 -13.80
CA ASN B 103 57.73 47.13 -14.67
C ASN B 103 56.27 47.59 -14.83
N ALA B 104 55.35 46.91 -14.16
CA ALA B 104 53.98 47.38 -14.21
C ALA B 104 53.74 48.34 -13.06
N HIS B 105 52.75 49.21 -13.17
CA HIS B 105 52.45 50.13 -12.07
C HIS B 105 50.90 50.22 -11.99
N TYR B 106 50.34 50.30 -10.80
CA TYR B 106 48.88 50.35 -10.68
C TYR B 106 48.49 51.29 -9.58
N ASN B 107 47.22 51.70 -9.61
CA ASN B 107 46.62 52.48 -8.55
C ASN B 107 45.87 51.40 -7.75
N SER B 108 46.29 51.13 -6.53
CA SER B 108 45.85 49.90 -5.86
C SER B 108 45.30 50.15 -4.46
N ILE B 109 44.74 49.11 -3.85
CA ILE B 109 44.24 49.26 -2.52
C ILE B 109 44.32 47.94 -1.80
N ALA B 110 44.92 47.97 -0.60
CA ALA B 110 45.06 46.78 0.22
C ALA B 110 43.99 46.81 1.30
N ILE B 111 43.29 45.70 1.47
CA ILE B 111 42.22 45.66 2.46
C ILE B 111 42.77 45.08 3.76
N ILE B 112 42.84 45.88 4.84
CA ILE B 112 43.31 45.35 6.13
C ILE B 112 42.12 44.96 7.02
N ASP B 113 42.13 43.74 7.54
CA ASP B 113 41.05 43.24 8.37
C ASP B 113 41.22 43.80 9.76
N ALA B 114 40.13 43.68 10.55
CA ALA B 114 40.11 44.21 11.91
C ALA B 114 41.14 43.59 12.86
N ASP B 115 41.78 42.52 12.45
CA ASP B 115 42.89 41.94 13.24
C ASP B 115 44.25 42.24 12.63
N GLY B 116 44.27 43.15 11.67
CA GLY B 116 45.51 43.55 11.07
C GLY B 116 45.95 42.70 9.91
N THR B 117 45.21 41.62 9.60
CA THR B 117 45.53 40.80 8.46
C THR B 117 45.33 41.55 7.14
N ASP B 118 46.34 41.43 6.30
CA ASP B 118 46.30 42.01 4.95
C ASP B 118 45.56 41.06 4.07
N LEU B 119 44.34 41.34 3.71
CA LEU B 119 43.60 40.36 2.98
C LEU B 119 43.87 40.29 1.48
N GLY B 120 44.68 41.20 0.93
CA GLY B 120 44.86 41.23 -0.52
C GLY B 120 44.58 42.61 -1.09
N ILE B 121 44.72 42.71 -2.40
CA ILE B 121 44.59 43.95 -3.10
C ILE B 121 43.67 43.93 -4.28
N TYR B 122 43.18 45.10 -4.63
CA TYR B 122 42.40 45.28 -5.81
C TYR B 122 43.17 46.35 -6.52
N ARG B 123 43.27 46.20 -7.83
CA ARG B 123 43.92 47.19 -8.71
C ARG B 123 42.88 47.91 -9.62
N LYS B 124 42.97 49.23 -9.61
CA LYS B 124 42.02 50.12 -10.26
C LYS B 124 41.85 49.67 -11.65
N SER B 125 40.58 49.44 -12.04
CA SER B 125 40.28 48.89 -13.37
C SER B 125 40.13 49.94 -14.47
N HIS B 126 39.36 51.00 -14.16
CA HIS B 126 39.08 52.01 -15.11
C HIS B 126 39.98 53.18 -14.81
N ILE B 127 40.75 53.62 -15.80
CA ILE B 127 41.73 54.70 -15.56
C ILE B 127 41.36 55.97 -16.33
N PRO B 128 41.17 57.06 -15.62
CA PRO B 128 40.73 58.27 -16.26
C PRO B 128 41.84 59.01 -16.95
N ASP B 129 41.46 60.00 -17.75
CA ASP B 129 42.43 60.79 -18.49
C ASP B 129 41.90 62.21 -18.81
N GLY B 130 42.82 63.05 -19.21
CA GLY B 130 42.57 64.46 -19.48
C GLY B 130 43.26 65.45 -18.56
N PRO B 131 43.16 66.73 -18.87
CA PRO B 131 43.77 67.73 -18.04
C PRO B 131 43.42 67.62 -16.56
N GLY B 132 44.47 67.64 -15.75
CA GLY B 132 44.36 67.52 -14.33
C GLY B 132 44.33 66.09 -13.83
N TYR B 133 43.93 65.15 -14.68
CA TYR B 133 43.68 63.76 -14.25
C TYR B 133 44.35 62.75 -15.20
N GLU B 134 45.65 62.95 -15.44
CA GLU B 134 46.36 62.18 -16.44
C GLU B 134 46.75 60.81 -15.91
N GLU B 135 45.79 60.10 -15.34
CA GLU B 135 46.10 58.82 -14.73
C GLU B 135 46.58 57.77 -15.70
N LYS B 136 46.12 57.82 -16.96
CA LYS B 136 46.51 56.80 -17.94
C LYS B 136 48.01 56.81 -18.21
N PHE B 137 48.68 57.89 -17.85
CA PHE B 137 50.11 57.99 -18.03
C PHE B 137 50.88 57.16 -17.00
N TYR B 138 50.27 56.91 -15.87
CA TYR B 138 50.95 56.34 -14.73
C TYR B 138 50.54 54.91 -14.46
N PHE B 139 49.27 54.58 -14.67
CA PHE B 139 48.76 53.26 -14.29
C PHE B 139 48.41 52.26 -15.39
N ASN B 140 49.01 51.07 -15.36
CA ASN B 140 48.42 49.99 -16.14
C ASN B 140 46.94 49.82 -15.72
N PRO B 141 46.08 49.54 -16.68
CA PRO B 141 44.71 49.21 -16.26
C PRO B 141 44.78 47.96 -15.41
N GLY B 142 44.00 47.94 -14.33
CA GLY B 142 44.03 46.89 -13.39
C GLY B 142 43.72 45.51 -13.92
N ASP B 143 44.40 44.51 -13.37
CA ASP B 143 44.26 43.15 -13.81
C ASP B 143 43.84 42.20 -12.71
N THR B 144 43.35 42.72 -11.59
CA THR B 144 42.75 41.84 -10.57
C THR B 144 41.31 41.49 -10.87
N GLY B 145 40.64 42.33 -11.63
CA GLY B 145 39.21 42.14 -11.76
C GLY B 145 38.58 42.68 -10.45
N PHE B 146 37.28 42.79 -10.47
CA PHE B 146 36.56 43.27 -9.29
C PHE B 146 36.53 42.21 -8.22
N LYS B 147 36.65 42.65 -6.98
CA LYS B 147 36.80 41.72 -5.91
C LYS B 147 35.95 42.06 -4.73
N VAL B 148 35.66 41.04 -3.94
CA VAL B 148 34.98 41.17 -2.69
C VAL B 148 35.82 40.55 -1.61
N PHE B 149 35.91 41.18 -0.45
CA PHE B 149 36.67 40.69 0.66
C PHE B 149 35.83 40.35 1.84
N GLN B 150 36.11 39.21 2.43
CA GLN B 150 35.45 38.81 3.65
C GLN B 150 36.18 39.42 4.87
N THR B 151 35.57 40.37 5.56
CA THR B 151 36.19 40.92 6.76
C THR B 151 35.52 40.38 8.00
N LYS B 152 36.07 40.66 9.17
CA LYS B 152 35.37 40.27 10.38
C LYS B 152 33.92 40.78 10.43
N TYR B 153 33.59 41.92 9.81
CA TYR B 153 32.22 42.52 9.94
C TYR B 153 31.26 42.31 8.77
N ALA B 154 31.81 42.07 7.57
CA ALA B 154 31.00 42.08 6.36
C ALA B 154 31.86 41.69 5.19
N LYS B 155 31.21 41.20 4.14
CA LYS B 155 31.84 41.05 2.87
C LYS B 155 31.64 42.42 2.22
N ILE B 156 32.72 43.01 1.77
CA ILE B 156 32.68 44.35 1.26
C ILE B 156 33.28 44.36 -0.11
N GLY B 157 32.87 45.32 -0.92
CA GLY B 157 33.42 45.47 -2.27
C GLY B 157 34.10 46.82 -2.28
N VAL B 158 35.38 46.85 -2.63
CA VAL B 158 36.11 48.09 -2.71
C VAL B 158 36.64 48.28 -4.15
N ALA B 159 36.31 49.41 -4.72
CA ALA B 159 36.92 49.81 -5.97
C ALA B 159 37.47 51.22 -5.77
N ILE B 160 37.97 51.84 -6.83
CA ILE B 160 38.69 53.07 -6.64
C ILE B 160 38.33 54.13 -7.62
N SER B 161 38.04 55.29 -7.04
CA SER B 161 37.74 56.57 -7.70
C SER B 161 36.90 56.41 -8.96
N TRP B 162 37.54 56.58 -10.12
CA TRP B 162 36.89 56.53 -11.44
C TRP B 162 36.06 55.28 -11.63
N ASP B 163 36.43 54.20 -10.93
CA ASP B 163 35.66 52.93 -10.97
C ASP B 163 34.21 53.26 -10.65
N GLN B 164 34.00 54.30 -9.86
CA GLN B 164 32.69 54.59 -9.36
C GLN B 164 31.71 55.13 -10.40
N TRP B 165 32.17 55.44 -11.61
CA TRP B 165 31.24 55.89 -12.66
C TRP B 165 30.63 54.73 -13.51
N PHE B 166 31.06 53.50 -13.19
CA PHE B 166 30.74 52.32 -13.96
C PHE B 166 29.78 51.39 -13.18
N PRO B 167 28.53 51.34 -13.62
CA PRO B 167 27.57 50.45 -13.06
C PRO B 167 28.03 49.02 -13.13
N GLU B 168 28.86 48.68 -14.09
CA GLU B 168 29.36 47.31 -14.19
C GLU B 168 30.19 46.90 -12.96
N ALA B 169 30.95 47.82 -12.38
CA ALA B 169 31.78 47.45 -11.28
C ALA B 169 30.97 47.19 -10.00
N ALA B 170 30.00 48.06 -9.78
CA ALA B 170 29.19 47.94 -8.64
C ALA B 170 28.37 46.63 -8.71
N ARG B 171 27.94 46.27 -9.89
CA ARG B 171 27.13 45.08 -10.07
C ARG B 171 27.99 43.82 -9.90
N ALA B 172 29.20 43.85 -10.41
CA ALA B 172 30.11 42.75 -10.33
C ALA B 172 30.36 42.44 -8.88
N MET B 173 30.56 43.49 -8.07
CA MET B 173 30.81 43.28 -6.67
C MET B 173 29.60 42.71 -5.91
N ALA B 174 28.43 43.22 -6.21
CA ALA B 174 27.24 42.78 -5.51
C ALA B 174 26.92 41.38 -5.94
N LEU B 175 27.27 41.02 -7.16
CA LEU B 175 27.01 39.66 -7.61
C LEU B 175 27.88 38.63 -6.87
N GLN B 176 29.07 39.04 -6.43
CA GLN B 176 29.99 38.16 -5.74
C GLN B 176 29.82 38.28 -4.21
N GLY B 177 28.73 38.91 -3.77
CA GLY B 177 28.39 38.99 -2.36
C GLY B 177 28.72 40.27 -1.58
N ALA B 178 29.20 41.33 -2.21
CA ALA B 178 29.40 42.56 -1.47
C ALA B 178 28.14 43.01 -0.69
N GLU B 179 28.30 43.31 0.61
CA GLU B 179 27.21 43.87 1.44
C GLU B 179 27.27 45.39 1.55
N ILE B 180 28.45 45.94 1.28
CA ILE B 180 28.69 47.39 1.27
C ILE B 180 29.69 47.68 0.17
N LEU B 181 29.50 48.77 -0.58
CA LEU B 181 30.48 49.23 -1.52
C LEU B 181 31.26 50.44 -0.94
N PHE B 182 32.55 50.48 -1.26
CA PHE B 182 33.46 51.51 -0.84
C PHE B 182 34.23 52.09 -2.03
N TYR B 183 34.28 53.40 -2.11
CA TYR B 183 34.99 54.05 -3.20
C TYR B 183 35.83 55.26 -2.71
N PRO B 184 37.08 55.01 -2.39
CA PRO B 184 37.96 56.13 -2.11
C PRO B 184 38.20 56.96 -3.40
N THR B 185 38.27 58.29 -3.29
CA THR B 185 38.10 59.15 -4.48
C THR B 185 39.02 60.36 -4.47
N ALA B 186 39.40 60.88 -5.64
CA ALA B 186 40.09 62.18 -5.72
C ALA B 186 39.47 62.92 -6.86
N ILE B 187 38.55 63.82 -6.57
CA ILE B 187 37.92 64.50 -7.68
C ILE B 187 37.60 65.91 -7.30
N GLY B 188 37.86 66.81 -8.22
CA GLY B 188 37.59 68.22 -8.00
C GLY B 188 37.30 68.95 -9.30
N SER B 189 37.71 70.22 -9.36
CA SER B 189 37.62 71.02 -10.58
C SER B 189 38.63 70.52 -11.64
N GLU B 190 38.53 71.11 -12.83
CA GLU B 190 39.38 70.75 -13.93
C GLU B 190 40.07 71.99 -14.42
N PRO B 191 41.40 71.90 -14.59
CA PRO B 191 42.24 73.05 -14.82
C PRO B 191 42.10 73.77 -16.16
N HIS B 192 41.58 73.09 -17.17
CA HIS B 192 41.42 73.68 -18.52
C HIS B 192 40.03 74.29 -18.80
N ASP B 193 39.11 74.15 -17.84
CA ASP B 193 37.73 74.62 -18.00
C ASP B 193 37.08 74.77 -16.67
N GLN B 194 37.12 75.97 -16.14
CA GLN B 194 36.57 76.27 -14.86
C GLN B 194 35.04 76.17 -14.82
N SER B 195 34.35 75.91 -15.93
CA SER B 195 32.88 75.83 -15.89
C SER B 195 32.41 74.40 -15.55
N ILE B 196 33.35 73.48 -15.42
CA ILE B 196 33.05 72.08 -15.11
C ILE B 196 32.94 71.90 -13.60
N ASP B 197 31.75 71.50 -13.15
CA ASP B 197 31.46 71.20 -11.74
C ASP B 197 30.70 69.87 -11.71
N SER B 198 31.43 68.81 -11.53
CA SER B 198 30.88 67.50 -11.65
C SER B 198 30.31 66.95 -10.35
N ARG B 199 30.33 67.70 -9.26
CA ARG B 199 29.90 67.14 -7.99
C ARG B 199 28.45 66.53 -7.95
N ASP B 200 27.46 67.16 -8.59
CA ASP B 200 26.12 66.59 -8.54
C ASP B 200 25.99 65.33 -9.40
N HIS B 201 26.56 65.39 -10.58
CA HIS B 201 26.60 64.26 -11.47
C HIS B 201 27.27 63.01 -10.78
N TRP B 202 28.41 63.24 -10.14
CA TRP B 202 29.20 62.20 -9.46
C TRP B 202 28.36 61.49 -8.37
N LYS B 203 27.70 62.25 -7.52
CA LYS B 203 26.80 61.69 -6.52
C LYS B 203 25.65 60.91 -7.10
N ARG B 204 25.03 61.46 -8.14
CA ARG B 204 23.89 60.78 -8.76
C ARG B 204 24.20 59.41 -9.30
N VAL B 205 25.34 59.28 -9.97
CA VAL B 205 25.73 58.05 -10.54
C VAL B 205 25.93 56.95 -9.45
N MET B 206 26.60 57.30 -8.35
CA MET B 206 26.83 56.38 -7.22
C MET B 206 25.53 56.04 -6.46
N GLN B 207 24.66 57.03 -6.26
CA GLN B 207 23.42 56.78 -5.61
C GLN B 207 22.65 55.76 -6.46
N GLY B 208 22.89 55.82 -7.76
CA GLY B 208 22.24 54.89 -8.65
C GLY B 208 22.71 53.44 -8.44
N HIS B 209 24.00 53.27 -8.19
CA HIS B 209 24.55 51.95 -7.92
C HIS B 209 24.00 51.38 -6.64
N ALA B 210 24.01 52.17 -5.60
CA ALA B 210 23.40 51.75 -4.36
C ALA B 210 21.97 51.24 -4.56
N GLY B 211 21.18 51.99 -5.30
CA GLY B 211 19.77 51.67 -5.41
C GLY B 211 19.50 50.51 -6.34
N ALA B 212 20.35 50.35 -7.33
CA ALA B 212 20.16 49.27 -8.26
C ALA B 212 20.49 47.93 -7.65
N ASN B 213 21.46 47.94 -6.75
CA ASN B 213 21.96 46.74 -6.14
C ASN B 213 21.45 46.50 -4.72
N LEU B 214 20.73 47.49 -4.20
CA LEU B 214 20.18 47.43 -2.86
C LEU B 214 21.28 47.14 -1.83
N VAL B 215 22.33 47.93 -1.92
CA VAL B 215 23.47 47.87 -1.02
C VAL B 215 23.95 49.27 -0.63
N PRO B 216 24.33 49.45 0.62
CA PRO B 216 24.85 50.76 0.96
C PRO B 216 26.21 51.02 0.35
N LEU B 217 26.59 52.29 0.37
CA LEU B 217 27.74 52.74 -0.36
C LEU B 217 28.42 53.88 0.36
N VAL B 218 29.74 53.82 0.40
CA VAL B 218 30.56 54.80 1.08
C VAL B 218 31.58 55.43 0.11
N ALA B 219 31.63 56.76 0.11
CA ALA B 219 32.60 57.44 -0.71
C ALA B 219 33.35 58.53 0.02
N SER B 220 34.66 58.49 -0.11
CA SER B 220 35.53 59.39 0.58
C SER B 220 36.36 60.18 -0.40
N ASN B 221 36.20 61.51 -0.34
CA ASN B 221 36.88 62.41 -1.26
C ASN B 221 37.68 63.47 -0.54
N ARG B 222 38.74 63.83 -1.22
CA ARG B 222 39.70 64.85 -0.82
C ARG B 222 39.08 66.28 -0.85
N ILE B 223 39.63 67.17 -0.05
CA ILE B 223 39.36 68.55 -0.13
C ILE B 223 40.69 69.31 -0.30
N GLY B 224 40.59 70.62 -0.64
CA GLY B 224 41.76 71.52 -0.66
C GLY B 224 42.22 71.91 -2.04
N ASN B 225 42.92 73.05 -2.16
CA ASN B 225 43.61 73.43 -3.43
C ASN B 225 44.98 72.81 -3.55
N GLU B 226 45.26 72.17 -4.67
CA GLU B 226 46.57 71.62 -4.93
C GLU B 226 47.10 72.20 -6.22
N ILE B 227 48.36 72.62 -6.12
CA ILE B 227 49.09 73.14 -7.24
C ILE B 227 50.26 72.20 -7.54
N ILE B 228 50.33 71.74 -8.77
CA ILE B 228 51.36 70.80 -9.19
C ILE B 228 52.19 71.45 -10.29
N GLU B 229 53.51 71.32 -10.16
CA GLU B 229 54.39 71.78 -11.21
C GLU B 229 54.39 70.78 -12.36
N THR B 230 53.70 71.10 -13.43
CA THR B 230 53.63 70.16 -14.54
C THR B 230 54.73 70.49 -15.50
N GLU B 231 54.92 69.57 -16.41
CA GLU B 231 55.82 69.70 -17.55
C GLU B 231 55.55 70.95 -18.34
N HIS B 232 54.43 71.64 -18.08
CA HIS B 232 54.07 72.89 -18.86
C HIS B 232 53.60 74.04 -17.97
N GLY B 233 54.02 74.04 -16.71
CA GLY B 233 53.74 75.13 -15.80
C GLY B 233 52.78 74.62 -14.75
N LYS B 234 52.36 75.54 -13.91
CA LYS B 234 51.46 75.23 -12.79
C LYS B 234 50.06 74.84 -13.28
N SER B 235 49.50 73.84 -12.64
CA SER B 235 48.14 73.41 -12.84
C SER B 235 47.52 73.33 -11.45
N GLU B 236 46.32 73.86 -11.30
CA GLU B 236 45.66 73.85 -10.00
C GLU B 236 44.29 73.08 -10.03
N ILE B 237 44.08 72.18 -9.08
CA ILE B 237 42.76 71.59 -8.86
C ILE B 237 42.20 71.98 -7.49
N LYS B 238 40.92 72.32 -7.42
CA LYS B 238 40.28 72.53 -6.13
C LYS B 238 39.43 71.31 -5.85
N PHE B 239 39.85 70.47 -4.94
CA PHE B 239 39.07 69.29 -4.61
C PHE B 239 37.77 69.67 -3.84
N TYR B 240 36.66 69.00 -4.17
CA TYR B 240 35.40 69.48 -3.69
C TYR B 240 34.73 68.66 -2.59
N GLY B 241 35.46 67.77 -1.95
CA GLY B 241 34.88 67.10 -0.80
C GLY B 241 33.58 66.39 -1.13
N ASN B 242 32.53 66.69 -0.38
CA ASN B 242 31.25 66.00 -0.56
C ASN B 242 31.34 64.48 -0.38
N SER B 243 32.23 64.04 0.54
CA SER B 243 32.28 62.65 0.90
C SER B 243 30.90 62.33 1.45
N PHE B 244 30.40 61.12 1.18
CA PHE B 244 29.05 60.78 1.66
C PHE B 244 28.89 59.29 1.90
N ILE B 245 27.80 58.97 2.59
CA ILE B 245 27.38 57.58 2.78
C ILE B 245 25.94 57.44 2.33
N ALA B 246 25.67 56.51 1.43
CA ALA B 246 24.35 56.27 0.95
C ALA B 246 23.78 54.97 1.44
N GLY B 247 22.47 54.97 1.64
CA GLY B 247 21.73 53.80 2.08
C GLY B 247 21.39 52.93 0.89
N PRO B 248 20.83 51.74 1.16
CA PRO B 248 20.54 50.77 0.12
C PRO B 248 19.49 51.19 -0.94
N THR B 249 18.70 52.24 -0.70
CA THR B 249 17.86 52.77 -1.82
C THR B 249 18.51 53.98 -2.51
N GLY B 250 19.73 54.31 -2.16
CA GLY B 250 20.41 55.46 -2.75
C GLY B 250 20.25 56.74 -1.95
N GLU B 251 19.43 56.75 -0.92
CA GLU B 251 19.30 57.90 -0.07
C GLU B 251 20.63 58.25 0.55
N ILE B 252 20.91 59.54 0.62
CA ILE B 252 22.12 59.97 1.27
C ILE B 252 21.88 60.17 2.74
N VAL B 253 22.60 59.40 3.55
CA VAL B 253 22.37 59.44 4.98
C VAL B 253 23.35 60.29 5.78
N SER B 254 24.50 60.57 5.18
CA SER B 254 25.52 61.39 5.77
C SER B 254 26.38 61.98 4.62
N ILE B 255 26.68 63.26 4.71
CA ILE B 255 27.41 63.97 3.69
C ILE B 255 28.24 65.12 4.30
N ALA B 256 29.49 65.26 3.82
CA ALA B 256 30.41 66.33 4.26
C ALA B 256 30.31 67.50 3.32
N ASP B 257 30.82 68.67 3.70
CA ASP B 257 30.81 69.82 2.77
C ASP B 257 32.04 69.78 1.87
N ASP B 258 32.29 70.91 1.19
CA ASP B 258 33.39 70.96 0.26
C ASP B 258 34.71 71.53 0.73
N LYS B 259 34.87 71.81 2.01
CA LYS B 259 36.10 72.44 2.48
C LYS B 259 36.65 72.02 3.85
N GLU B 260 35.88 71.28 4.64
CA GLU B 260 36.28 70.93 6.00
C GLU B 260 36.68 69.47 6.14
N GLU B 261 37.47 69.19 7.16
CA GLU B 261 37.78 67.80 7.50
C GLU B 261 36.50 67.16 7.96
N ALA B 262 36.27 65.90 7.62
CA ALA B 262 35.07 65.22 8.11
C ALA B 262 35.29 63.77 8.46
N VAL B 263 34.54 63.37 9.49
CA VAL B 263 34.37 61.97 9.89
C VAL B 263 32.88 61.73 9.79
N LEU B 264 32.46 60.89 8.87
CA LEU B 264 31.04 60.59 8.72
C LEU B 264 30.79 59.18 9.22
N ILE B 265 29.63 58.97 9.82
CA ILE B 265 29.30 57.72 10.48
C ILE B 265 27.87 57.25 10.14
N ALA B 266 27.70 55.98 9.80
CA ALA B 266 26.34 55.43 9.59
C ALA B 266 26.33 53.99 10.00
N GLU B 267 25.24 53.58 10.60
CA GLU B 267 25.02 52.19 10.92
C GLU B 267 24.03 51.55 9.91
N PHE B 268 24.37 50.34 9.47
CA PHE B 268 23.49 49.51 8.65
C PHE B 268 23.18 48.13 9.27
N ASN B 269 21.94 47.72 9.23
CA ASN B 269 21.62 46.36 9.67
C ASN B 269 21.74 45.40 8.48
N LEU B 270 22.91 44.80 8.29
CA LEU B 270 23.15 44.02 7.11
C LEU B 270 22.25 42.81 6.88
N ASP B 271 21.72 42.20 7.95
CA ASP B 271 20.86 41.05 7.79
C ASP B 271 19.50 41.49 7.27
N LYS B 272 19.02 42.65 7.74
CA LYS B 272 17.72 43.22 7.29
C LYS B 272 17.82 43.70 5.84
N ILE B 273 18.95 44.20 5.46
CA ILE B 273 19.12 44.68 4.14
C ILE B 273 19.28 43.48 3.22
N LYS B 274 20.03 42.48 3.66
CA LYS B 274 20.14 41.28 2.82
C LYS B 274 18.76 40.78 2.53
N SER B 275 17.99 40.62 3.58
CA SER B 275 16.65 40.11 3.47
C SER B 275 15.74 41.02 2.57
N MET B 276 15.91 42.33 2.66
CA MET B 276 15.18 43.26 1.82
C MET B 276 15.57 43.00 0.34
N ARG B 277 16.87 42.80 0.07
CA ARG B 277 17.39 42.53 -1.27
C ARG B 277 16.84 41.25 -1.88
N HIS B 278 16.75 40.14 -1.11
CA HIS B 278 16.27 38.91 -1.70
CA HIS B 278 16.20 38.85 -1.55
C HIS B 278 14.76 39.04 -1.99
N CYS B 279 14.02 39.74 -1.13
CA CYS B 279 12.60 40.01 -1.33
C CYS B 279 12.28 40.88 -2.56
N TRP B 280 13.10 41.87 -2.80
CA TRP B 280 12.94 42.72 -3.97
C TRP B 280 13.18 41.88 -5.26
N GLY B 281 14.11 40.95 -5.16
CA GLY B 281 14.34 39.96 -6.22
C GLY B 281 15.04 40.39 -7.50
N VAL B 282 15.44 41.65 -7.63
CA VAL B 282 16.11 42.03 -8.87
C VAL B 282 17.21 41.02 -9.27
N PHE B 283 18.04 40.58 -8.34
CA PHE B 283 19.07 39.64 -8.69
C PHE B 283 18.58 38.31 -9.30
N ARG B 284 17.44 37.81 -8.87
CA ARG B 284 16.93 36.56 -9.43
C ARG B 284 16.28 36.85 -10.80
N ASP B 285 15.78 38.08 -10.97
CA ASP B 285 15.15 38.53 -12.24
C ASP B 285 16.09 39.07 -13.37
N ARG B 286 17.41 39.01 -13.16
CA ARG B 286 18.35 39.50 -14.15
C ARG B 286 18.30 38.57 -15.32
N ARG B 287 18.68 39.11 -16.48
CA ARG B 287 18.72 38.38 -17.74
C ARG B 287 20.16 38.33 -18.34
N PRO B 288 21.09 37.62 -17.71
CA PRO B 288 22.45 37.54 -18.31
C PRO B 288 22.46 36.91 -19.72
N ASP B 289 21.40 36.19 -20.07
CA ASP B 289 21.34 35.70 -21.42
C ASP B 289 21.22 36.85 -22.45
N LEU B 290 20.84 38.04 -21.99
CA LEU B 290 20.61 39.18 -22.88
C LEU B 290 21.70 40.26 -22.70
N TYR B 291 22.68 40.02 -21.84
CA TYR B 291 23.67 41.02 -21.57
C TYR B 291 24.96 40.85 -22.35
N LYS B 292 25.00 40.04 -23.39
CA LYS B 292 26.31 39.88 -24.06
C LYS B 292 26.93 41.20 -24.62
N VAL B 293 26.10 42.13 -25.05
CA VAL B 293 26.59 43.35 -25.60
C VAL B 293 27.46 44.12 -24.61
N LEU B 294 27.31 43.83 -23.33
CA LEU B 294 28.17 44.46 -22.36
C LEU B 294 29.61 44.01 -22.48
N LEU B 295 29.91 42.94 -23.19
CA LEU B 295 31.31 42.58 -23.35
C LEU B 295 31.90 43.20 -24.63
N THR B 296 31.17 44.14 -25.27
CA THR B 296 31.71 44.94 -26.39
C THR B 296 32.03 46.29 -25.85
N LEU B 297 32.84 47.01 -26.61
CA LEU B 297 33.11 48.41 -26.36
C LEU B 297 32.23 49.21 -27.29
N ASP B 298 32.04 48.65 -28.49
CA ASP B 298 31.41 49.34 -29.62
C ASP B 298 29.95 48.97 -29.96
N GLY B 299 29.34 48.18 -29.10
CA GLY B 299 27.96 47.69 -29.29
C GLY B 299 27.79 46.54 -30.29
N LYS B 300 28.86 46.06 -30.91
CA LYS B 300 28.78 45.04 -31.93
C LYS B 300 29.83 43.93 -31.71
N ASN B 301 31.10 44.28 -31.46
CA ASN B 301 32.17 43.29 -31.42
C ASN B 301 32.63 42.89 -30.03
N PRO B 302 32.46 41.60 -29.69
CA PRO B 302 32.95 41.22 -28.37
C PRO B 302 34.46 41.35 -28.33
N VAL B 303 34.94 41.77 -27.17
CA VAL B 303 36.40 41.91 -27.00
C VAL B 303 36.99 40.54 -26.83
N LEU B 304 38.27 40.43 -27.18
CA LEU B 304 38.96 39.17 -27.02
C LEU B 304 39.20 38.82 -25.52
N MET C 4 69.53 31.71 -70.06
CA MET C 4 69.53 31.78 -68.56
C MET C 4 68.19 32.32 -68.02
N ALA C 5 67.66 31.71 -66.99
CA ALA C 5 66.33 32.05 -66.52
C ALA C 5 66.33 32.86 -65.22
N GLU C 6 65.31 33.73 -65.09
CA GLU C 6 64.96 34.44 -63.85
C GLU C 6 65.04 33.51 -62.62
N ASP C 7 65.41 34.04 -61.45
CA ASP C 7 65.32 33.23 -60.22
C ASP C 7 63.87 33.12 -59.73
N LYS C 8 63.44 31.87 -59.55
CA LYS C 8 62.05 31.45 -59.32
C LYS C 8 61.43 32.05 -58.06
N GLY C 9 60.08 32.20 -58.04
CA GLY C 9 59.32 32.61 -56.82
C GLY C 9 58.42 33.86 -56.98
N ARG C 10 57.49 34.06 -56.07
CA ARG C 10 56.68 35.23 -56.11
C ARG C 10 57.46 36.45 -55.69
N LYS C 11 57.53 37.43 -56.56
CA LYS C 11 58.14 38.71 -56.24
C LYS C 11 57.07 39.76 -55.89
N VAL C 12 57.30 40.53 -54.86
CA VAL C 12 56.42 41.62 -54.54
C VAL C 12 57.22 42.87 -54.35
N VAL C 13 56.75 43.96 -54.93
CA VAL C 13 57.37 45.24 -54.75
C VAL C 13 56.57 46.08 -53.73
N VAL C 14 57.23 46.50 -52.64
CA VAL C 14 56.64 47.29 -51.59
C VAL C 14 57.23 48.70 -51.55
N SER C 15 56.46 49.63 -50.99
CA SER C 15 56.82 51.04 -50.97
C SER C 15 56.45 51.69 -49.69
N ALA C 16 57.38 52.48 -49.17
CA ALA C 16 57.10 53.36 -48.09
C ALA C 16 57.07 54.81 -48.62
N LEU C 17 56.04 55.55 -48.23
CA LEU C 17 55.89 56.96 -48.59
C LEU C 17 56.13 57.81 -47.36
N GLN C 18 56.65 58.99 -47.58
CA GLN C 18 56.98 59.90 -46.51
C GLN C 18 56.60 61.30 -46.96
N PHE C 19 55.71 61.96 -46.20
CA PHE C 19 55.34 63.35 -46.63
C PHE C 19 54.80 64.21 -45.52
N ALA C 20 54.65 65.48 -45.81
CA ALA C 20 54.19 66.47 -44.88
C ALA C 20 52.67 66.74 -45.04
N CYS C 21 51.98 66.91 -43.91
CA CYS C 21 50.56 67.13 -43.91
C CYS C 21 50.21 68.55 -43.44
N THR C 22 49.16 69.11 -44.02
CA THR C 22 48.49 70.29 -43.48
C THR C 22 47.30 69.76 -42.67
N ASP C 23 46.47 70.67 -42.16
CA ASP C 23 45.30 70.22 -41.40
C ASP C 23 44.03 70.19 -42.25
N ASP C 24 44.21 70.22 -43.56
CA ASP C 24 43.12 70.02 -44.49
C ASP C 24 43.13 68.66 -45.20
N VAL C 25 42.03 67.91 -45.02
CA VAL C 25 41.89 66.53 -45.56
C VAL C 25 41.98 66.44 -47.10
N SER C 26 41.40 67.41 -47.80
CA SER C 26 41.39 67.28 -49.22
C SER C 26 42.83 67.45 -49.74
N THR C 27 43.57 68.44 -49.22
CA THR C 27 44.98 68.59 -49.56
C THR C 27 45.80 67.28 -49.26
N ASN C 28 45.56 66.65 -48.12
CA ASN C 28 46.41 65.47 -47.78
C ASN C 28 46.11 64.21 -48.60
N VAL C 29 44.85 64.00 -48.93
CA VAL C 29 44.47 62.87 -49.72
C VAL C 29 45.03 63.12 -51.10
N THR C 30 44.99 64.36 -51.57
CA THR C 30 45.66 64.68 -52.85
C THR C 30 47.18 64.35 -52.86
N THR C 31 47.87 64.71 -51.78
CA THR C 31 49.30 64.43 -51.64
C THR C 31 49.53 62.88 -51.67
N ALA C 32 48.66 62.15 -50.97
CA ALA C 32 48.72 60.71 -50.94
C ALA C 32 48.48 60.09 -52.32
N GLU C 33 47.44 60.49 -53.04
CA GLU C 33 47.24 60.01 -54.43
C GLU C 33 48.49 60.30 -55.27
N ARG C 34 49.09 61.46 -55.12
CA ARG C 34 50.20 61.77 -55.99
C ARG C 34 51.37 60.81 -55.74
N LEU C 35 51.61 60.48 -54.49
CA LEU C 35 52.73 59.62 -54.17
C LEU C 35 52.41 58.11 -54.37
N VAL C 36 51.17 57.70 -54.12
CA VAL C 36 50.79 56.37 -54.47
C VAL C 36 51.05 56.13 -55.96
N ARG C 37 50.67 57.08 -56.78
CA ARG C 37 50.83 56.93 -58.23
C ARG C 37 52.30 56.89 -58.65
N ALA C 38 53.11 57.66 -57.94
CA ALA C 38 54.54 57.73 -58.23
C ALA C 38 55.17 56.40 -57.77
N ALA C 39 54.68 55.84 -56.68
CA ALA C 39 55.09 54.51 -56.26
C ALA C 39 54.70 53.44 -57.29
N HIS C 40 53.46 53.50 -57.79
CA HIS C 40 53.00 52.54 -58.84
C HIS C 40 53.84 52.68 -60.10
N LYS C 41 54.15 53.91 -60.47
CA LYS C 41 54.99 54.15 -61.64
C LYS C 41 56.37 53.45 -61.55
N GLN C 42 56.97 53.42 -60.37
CA GLN C 42 58.21 52.73 -60.10
C GLN C 42 58.03 51.24 -59.77
N GLY C 43 56.85 50.67 -60.04
CA GLY C 43 56.62 49.23 -59.94
C GLY C 43 55.99 48.69 -58.68
N ALA C 44 55.63 49.58 -57.76
CA ALA C 44 55.11 49.14 -56.48
C ALA C 44 53.78 48.34 -56.58
N ASN C 45 53.67 47.32 -55.72
CA ASN C 45 52.50 46.47 -55.62
C ASN C 45 51.73 46.81 -54.35
N ILE C 46 52.44 47.13 -53.31
CA ILE C 46 51.81 47.46 -52.03
C ILE C 46 52.38 48.81 -51.56
N VAL C 47 51.52 49.77 -51.24
CA VAL C 47 51.98 51.12 -50.88
C VAL C 47 51.46 51.58 -49.51
N LEU C 48 52.37 52.03 -48.66
CA LEU C 48 52.06 52.37 -47.30
C LEU C 48 52.11 53.87 -47.03
N ILE C 49 50.97 54.39 -46.63
CA ILE C 49 50.78 55.79 -46.29
C ILE C 49 50.88 55.87 -44.77
N GLN C 50 51.55 56.90 -44.30
CA GLN C 50 51.78 57.08 -42.87
C GLN C 50 50.48 57.26 -42.04
N GLU C 51 50.64 57.18 -40.72
CA GLU C 51 49.53 57.26 -39.77
C GLU C 51 48.79 58.59 -39.70
N LEU C 52 47.46 58.48 -39.69
CA LEU C 52 46.59 59.62 -39.52
C LEU C 52 46.87 60.74 -40.53
N PHE C 53 47.16 60.34 -41.75
CA PHE C 53 47.60 61.28 -42.84
C PHE C 53 46.54 62.30 -43.26
N GLU C 54 45.31 62.12 -42.80
CA GLU C 54 44.26 63.01 -43.28
C GLU C 54 44.40 64.40 -42.66
N GLY C 55 45.23 64.53 -41.63
CA GLY C 55 45.37 65.81 -40.97
C GLY C 55 46.62 65.87 -40.16
N TYR C 56 46.77 66.95 -39.41
CA TYR C 56 47.80 67.04 -38.42
C TYR C 56 47.62 65.93 -37.41
N TYR C 57 48.73 65.64 -36.74
CA TYR C 57 48.77 64.71 -35.66
C TYR C 57 48.23 65.49 -34.49
N PHE C 58 46.92 65.39 -34.32
CA PHE C 58 46.20 66.27 -33.40
C PHE C 58 46.36 65.85 -31.93
N CYS C 59 46.94 64.67 -31.72
CA CYS C 59 47.16 64.15 -30.40
C CYS C 59 48.13 64.94 -29.49
N GLN C 60 48.64 66.06 -29.93
CA GLN C 60 49.42 66.88 -29.02
C GLN C 60 48.50 67.50 -27.96
N ALA C 61 47.24 67.79 -28.32
CA ALA C 61 46.23 68.36 -27.41
C ALA C 61 45.32 67.26 -26.92
N GLN C 62 44.74 67.43 -25.74
CA GLN C 62 43.63 66.62 -25.26
C GLN C 62 42.35 67.46 -25.38
N ARG C 63 41.72 67.48 -26.55
CA ARG C 63 40.49 68.33 -26.74
C ARG C 63 39.20 67.59 -27.07
N GLU C 64 38.10 68.05 -26.48
CA GLU C 64 36.74 67.54 -26.76
C GLU C 64 36.42 67.60 -28.25
N ASP C 65 36.65 68.74 -28.89
CA ASP C 65 36.31 68.87 -30.29
C ASP C 65 37.15 68.01 -31.23
N PHE C 66 38.38 67.70 -30.87
CA PHE C 66 39.17 66.82 -31.72
C PHE C 66 38.62 65.37 -31.71
N ILE C 67 37.99 64.92 -30.64
CA ILE C 67 37.44 63.55 -30.64
C ILE C 67 36.38 63.46 -31.76
N GLN C 68 35.63 64.53 -31.98
CA GLN C 68 34.67 64.55 -33.07
C GLN C 68 35.26 64.58 -34.52
N ARG C 69 36.57 64.56 -34.66
CA ARG C 69 37.09 64.32 -35.99
C ARG C 69 36.94 62.84 -36.39
N ALA C 70 36.67 61.95 -35.46
CA ALA C 70 36.48 60.52 -35.84
C ALA C 70 35.31 60.32 -36.80
N LYS C 71 35.38 59.26 -37.61
CA LYS C 71 34.26 58.88 -38.53
C LYS C 71 34.06 57.39 -38.58
N PRO C 72 32.82 56.96 -38.84
CA PRO C 72 32.52 55.54 -38.92
C PRO C 72 33.32 54.91 -39.98
N TYR C 73 33.55 53.60 -39.85
CA TYR C 73 34.29 52.83 -40.85
C TYR C 73 33.44 52.66 -42.11
N LYS C 74 32.14 52.53 -41.90
CA LYS C 74 31.19 52.39 -43.00
C LYS C 74 31.04 53.69 -43.81
N ASP C 75 31.18 53.56 -45.13
CA ASP C 75 31.06 54.68 -46.05
C ASP C 75 32.02 55.86 -45.73
N HIS C 76 33.26 55.57 -45.36
CA HIS C 76 34.25 56.61 -45.07
C HIS C 76 34.73 57.25 -46.38
N PRO C 77 34.66 58.61 -46.49
CA PRO C 77 34.98 59.19 -47.81
C PRO C 77 36.42 58.98 -48.19
N THR C 78 37.33 58.98 -47.24
CA THR C 78 38.70 58.77 -47.60
C THR C 78 38.94 57.33 -48.06
N ILE C 79 38.35 56.36 -47.39
CA ILE C 79 38.58 54.96 -47.73
C ILE C 79 38.01 54.72 -49.11
N MET C 80 36.84 55.28 -49.35
CA MET C 80 36.17 55.04 -50.59
C MET C 80 36.93 55.62 -51.74
N ARG C 81 37.54 56.76 -51.53
CA ARG C 81 38.26 57.36 -52.61
C ARG C 81 39.52 56.54 -52.94
N LEU C 82 40.25 56.13 -51.90
CA LEU C 82 41.47 55.32 -52.08
C LEU C 82 41.17 53.92 -52.63
N GLN C 83 39.96 53.40 -52.38
CA GLN C 83 39.52 52.14 -52.98
C GLN C 83 39.49 52.29 -54.47
N LYS C 84 39.01 53.44 -54.95
CA LYS C 84 39.01 53.72 -56.39
C LYS C 84 40.40 53.68 -56.98
N LEU C 85 41.36 54.23 -56.27
CA LEU C 85 42.73 54.34 -56.73
C LEU C 85 43.39 52.96 -56.76
N ALA C 86 43.15 52.18 -55.71
CA ALA C 86 43.64 50.81 -55.61
C ALA C 86 43.20 49.97 -56.75
N LYS C 87 41.93 50.09 -57.11
CA LYS C 87 41.43 49.31 -58.20
C LYS C 87 41.99 49.83 -59.52
N GLU C 88 42.11 51.15 -59.67
CA GLU C 88 42.63 51.69 -60.93
C GLU C 88 44.06 51.17 -61.28
N LEU C 89 44.95 51.18 -60.30
CA LEU C 89 46.35 50.87 -60.48
C LEU C 89 46.67 49.45 -60.13
N GLY C 90 45.80 48.78 -59.42
CA GLY C 90 46.10 47.40 -59.03
C GLY C 90 47.16 47.36 -57.95
N VAL C 91 46.99 48.20 -56.92
CA VAL C 91 47.91 48.18 -55.77
C VAL C 91 47.12 48.04 -54.47
N VAL C 92 47.79 47.51 -53.47
CA VAL C 92 47.21 47.34 -52.17
C VAL C 92 47.49 48.59 -51.36
N ILE C 93 46.49 49.10 -50.68
CA ILE C 93 46.64 50.37 -49.96
C ILE C 93 45.98 50.29 -48.59
N PRO C 94 46.76 50.14 -47.53
CA PRO C 94 46.22 50.23 -46.21
C PRO C 94 45.91 51.66 -45.83
N VAL C 95 44.70 51.92 -45.33
CA VAL C 95 44.27 53.28 -45.11
C VAL C 95 44.01 53.58 -43.65
N SER C 96 44.87 54.41 -43.06
CA SER C 96 44.80 54.79 -41.65
C SER C 96 43.75 55.88 -41.42
N PHE C 97 42.91 55.69 -40.42
CA PHE C 97 41.83 56.68 -40.13
C PHE C 97 41.41 56.62 -38.67
N PHE C 98 40.83 57.71 -38.18
CA PHE C 98 40.31 57.81 -36.79
C PHE C 98 38.85 57.33 -36.82
N GLU C 99 38.59 56.15 -36.24
CA GLU C 99 37.27 55.52 -36.28
C GLU C 99 36.33 55.90 -35.13
N GLU C 100 35.11 56.20 -35.50
CA GLU C 100 33.99 56.24 -34.54
C GLU C 100 33.17 54.96 -34.69
N ALA C 101 32.90 54.33 -33.56
CA ALA C 101 32.09 53.12 -33.51
C ALA C 101 31.15 53.17 -32.30
N ASN C 102 29.98 53.73 -32.58
CA ASN C 102 29.05 54.16 -31.59
C ASN C 102 29.79 55.08 -30.62
N ASN C 103 29.93 54.67 -29.36
CA ASN C 103 30.60 55.48 -28.40
C ASN C 103 32.08 55.12 -28.19
N ALA C 104 32.57 54.14 -28.94
CA ALA C 104 33.95 53.79 -28.91
C ALA C 104 34.65 54.56 -29.98
N HIS C 105 35.98 54.71 -29.84
CA HIS C 105 36.81 55.37 -30.87
C HIS C 105 38.13 54.63 -30.99
N TYR C 106 38.67 54.56 -32.18
CA TYR C 106 39.87 53.77 -32.35
C TYR C 106 40.74 54.41 -33.41
N ASN C 107 42.01 54.11 -33.32
CA ASN C 107 42.96 54.51 -34.36
C ASN C 107 42.97 53.26 -35.21
N SER C 108 42.48 53.34 -36.44
CA SER C 108 42.23 52.14 -37.23
C SER C 108 42.90 52.16 -38.59
N ILE C 109 42.83 51.01 -39.24
CA ILE C 109 43.39 50.90 -40.55
C ILE C 109 42.64 49.89 -41.38
N ALA C 110 42.15 50.34 -42.53
CA ALA C 110 41.42 49.48 -43.44
C ALA C 110 42.36 49.03 -44.56
N ILE C 111 42.46 47.72 -44.77
CA ILE C 111 43.28 47.13 -45.82
C ILE C 111 42.54 46.97 -47.14
N ILE C 112 42.91 47.77 -48.14
CA ILE C 112 42.26 47.73 -49.46
C ILE C 112 43.12 46.90 -50.39
N ASP C 113 42.50 45.92 -51.03
CA ASP C 113 43.20 44.98 -51.86
C ASP C 113 43.33 45.60 -53.28
N ALA C 114 44.07 44.91 -54.13
CA ALA C 114 44.39 45.45 -55.44
C ALA C 114 43.26 45.42 -56.40
N ASP C 115 42.16 44.78 -56.05
CA ASP C 115 40.92 44.89 -56.90
C ASP C 115 39.99 45.94 -56.31
N GLY C 116 40.43 46.64 -55.27
CA GLY C 116 39.59 47.60 -54.60
C GLY C 116 38.73 47.11 -53.43
N THR C 117 38.78 45.82 -53.15
CA THR C 117 38.00 45.21 -52.09
C THR C 117 38.56 45.59 -50.75
N ASP C 118 37.66 46.06 -49.90
CA ASP C 118 37.99 46.38 -48.53
C ASP C 118 38.03 45.07 -47.74
N LEU C 119 39.23 44.67 -47.35
CA LEU C 119 39.48 43.36 -46.75
C LEU C 119 39.18 43.33 -45.27
N GLY C 120 39.03 44.50 -44.66
CA GLY C 120 38.75 44.53 -43.24
C GLY C 120 39.58 45.55 -42.53
N ILE C 121 39.46 45.60 -41.20
CA ILE C 121 40.26 46.53 -40.40
C ILE C 121 41.03 45.92 -39.27
N TYR C 122 42.06 46.67 -38.89
CA TYR C 122 42.81 46.38 -37.68
C TYR C 122 42.65 47.65 -36.82
N ARG C 123 42.47 47.43 -35.50
CA ARG C 123 42.36 48.51 -34.55
C ARG C 123 43.61 48.56 -33.67
N LYS C 124 44.28 49.73 -33.66
CA LYS C 124 45.58 49.91 -32.92
C LYS C 124 45.47 49.37 -31.50
N SER C 125 46.34 48.40 -31.16
CA SER C 125 46.28 47.75 -29.89
C SER C 125 47.00 48.47 -28.73
N HIS C 126 48.20 48.94 -28.99
CA HIS C 126 49.02 49.63 -27.97
C HIS C 126 48.93 51.16 -28.19
N ILE C 127 48.47 51.89 -27.19
CA ILE C 127 48.23 53.32 -27.31
C ILE C 127 49.18 54.12 -26.49
N PRO C 128 49.97 54.96 -27.11
CA PRO C 128 50.94 55.77 -26.42
C PRO C 128 50.34 56.88 -25.63
N ASP C 129 51.16 57.49 -24.77
CA ASP C 129 50.78 58.59 -23.89
C ASP C 129 51.98 59.46 -23.54
N GLY C 130 51.72 60.70 -23.15
CA GLY C 130 52.72 61.64 -22.69
C GLY C 130 52.70 62.93 -23.52
N PRO C 131 53.50 63.93 -23.11
CA PRO C 131 53.45 65.21 -23.80
C PRO C 131 53.69 65.04 -25.27
N GLY C 132 52.82 65.65 -26.10
CA GLY C 132 52.95 65.58 -27.55
C GLY C 132 52.22 64.39 -28.17
N TYR C 133 51.88 63.34 -27.39
CA TYR C 133 51.37 62.10 -27.98
C TYR C 133 50.30 61.54 -27.08
N GLU C 134 49.31 62.36 -26.79
CA GLU C 134 48.28 62.00 -25.83
C GLU C 134 47.18 61.13 -26.46
N GLU C 135 47.55 59.98 -26.99
CA GLU C 135 46.58 59.16 -27.72
C GLU C 135 45.60 58.43 -26.81
N LYS C 136 46.02 58.17 -25.60
CA LYS C 136 45.18 57.42 -24.71
C LYS C 136 43.90 58.23 -24.44
N PHE C 137 43.94 59.53 -24.68
CA PHE C 137 42.78 60.36 -24.41
C PHE C 137 41.74 60.12 -25.53
N TYR C 138 42.19 59.69 -26.69
CA TYR C 138 41.34 59.57 -27.86
C TYR C 138 40.89 58.19 -28.18
N PHE C 139 41.77 57.20 -28.03
CA PHE C 139 41.45 55.87 -28.53
C PHE C 139 41.25 54.79 -27.46
N ASN C 140 40.14 54.06 -27.62
CA ASN C 140 40.01 52.82 -26.89
C ASN C 140 41.14 51.96 -27.35
N PRO C 141 41.78 51.24 -26.43
CA PRO C 141 42.70 50.19 -26.95
C PRO C 141 41.95 49.25 -27.85
N GLY C 142 42.59 48.89 -28.94
CA GLY C 142 42.01 48.14 -30.01
C GLY C 142 41.61 46.77 -29.54
N ASP C 143 40.53 46.29 -30.18
CA ASP C 143 39.94 45.07 -29.84
C ASP C 143 39.85 44.04 -30.97
N THR C 144 40.52 44.26 -32.07
CA THR C 144 40.52 43.28 -33.13
C THR C 144 41.55 42.23 -32.85
N GLY C 145 42.56 42.56 -32.05
CA GLY C 145 43.73 41.72 -31.97
C GLY C 145 44.54 41.87 -33.27
N PHE C 146 45.74 41.25 -33.28
CA PHE C 146 46.66 41.26 -34.41
C PHE C 146 46.14 40.40 -35.52
N LYS C 147 46.22 40.93 -36.73
CA LYS C 147 45.62 40.29 -37.89
C LYS C 147 46.56 40.19 -39.05
N VAL C 148 46.27 39.28 -39.95
CA VAL C 148 46.93 39.22 -41.21
C VAL C 148 45.87 39.25 -42.28
N PHE C 149 46.23 39.69 -43.47
CA PHE C 149 45.26 39.89 -44.56
C PHE C 149 45.80 39.23 -45.79
N GLN C 150 44.95 38.44 -46.46
CA GLN C 150 45.31 37.83 -47.71
C GLN C 150 45.03 38.79 -48.86
N THR C 151 46.09 39.40 -49.42
CA THR C 151 45.97 40.32 -50.56
C THR C 151 46.32 39.56 -51.82
N LYS C 152 46.10 40.17 -52.97
CA LYS C 152 46.43 39.55 -54.24
C LYS C 152 47.87 39.17 -54.40
N TYR C 153 48.75 39.80 -53.64
CA TYR C 153 50.19 39.55 -53.81
C TYR C 153 50.82 38.86 -52.64
N ALA C 154 50.19 38.88 -51.47
CA ALA C 154 50.87 38.40 -50.26
C ALA C 154 49.94 38.39 -49.08
N LYS C 155 50.26 37.58 -48.05
CA LYS C 155 49.63 37.74 -46.78
C LYS C 155 50.47 38.75 -46.07
N ILE C 156 49.86 39.82 -45.58
CA ILE C 156 50.59 40.90 -44.94
C ILE C 156 50.08 41.15 -43.55
N GLY C 157 50.96 41.60 -42.66
CA GLY C 157 50.59 41.98 -41.30
C GLY C 157 50.70 43.49 -41.20
N VAL C 158 49.66 44.14 -40.77
CA VAL C 158 49.64 45.59 -40.65
C VAL C 158 49.28 45.94 -39.25
N ALA C 159 50.13 46.71 -38.62
CA ALA C 159 49.80 47.25 -37.30
C ALA C 159 50.11 48.73 -37.41
N ILE C 160 50.00 49.45 -36.31
CA ILE C 160 50.01 50.89 -36.36
C ILE C 160 50.93 51.51 -35.36
N SER C 161 51.85 52.32 -35.90
CA SER C 161 52.72 53.22 -35.14
C SER C 161 53.31 52.60 -33.88
N TRP C 162 52.80 53.02 -32.72
CA TRP C 162 53.35 52.62 -31.45
C TRP C 162 53.37 51.08 -31.30
N ASP C 163 52.51 50.37 -32.04
CA ASP C 163 52.49 48.90 -32.02
C ASP C 163 53.91 48.40 -32.41
N GLN C 164 54.61 49.21 -33.18
CA GLN C 164 55.91 48.77 -33.72
C GLN C 164 56.96 48.59 -32.62
N TRP C 165 56.71 49.08 -31.40
CA TRP C 165 57.71 48.94 -30.37
C TRP C 165 57.62 47.58 -29.61
N PHE C 166 56.58 46.82 -29.97
CA PHE C 166 56.16 45.60 -29.23
C PHE C 166 56.49 44.33 -30.02
N PRO C 167 57.49 43.62 -29.58
CA PRO C 167 57.83 42.38 -30.32
C PRO C 167 56.68 41.43 -30.42
N GLU C 168 55.79 41.44 -29.42
CA GLU C 168 54.58 40.56 -29.38
C GLU C 168 53.72 40.72 -30.63
N ALA C 169 53.68 41.95 -31.15
CA ALA C 169 52.79 42.19 -32.30
C ALA C 169 53.37 41.61 -33.56
N ALA C 170 54.64 41.86 -33.77
CA ALA C 170 55.28 41.33 -34.95
C ALA C 170 55.22 39.79 -34.92
N ARG C 171 55.47 39.20 -33.76
CA ARG C 171 55.44 37.76 -33.66
C ARG C 171 54.03 37.23 -33.89
N ALA C 172 53.06 37.87 -33.28
CA ALA C 172 51.68 37.45 -33.51
C ALA C 172 51.29 37.41 -34.99
N MET C 173 51.67 38.44 -35.77
CA MET C 173 51.37 38.46 -37.17
C MET C 173 52.19 37.38 -37.88
N ALA C 174 53.47 37.30 -37.58
CA ALA C 174 54.32 36.30 -38.21
C ALA C 174 53.84 34.88 -37.97
N LEU C 175 53.32 34.59 -36.77
CA LEU C 175 52.84 33.24 -36.49
C LEU C 175 51.60 32.95 -37.25
N GLN C 176 50.85 33.97 -37.63
CA GLN C 176 49.64 33.73 -38.44
C GLN C 176 49.91 33.77 -39.95
N GLY C 177 51.18 33.73 -40.33
CA GLY C 177 51.55 33.65 -41.74
C GLY C 177 51.83 34.98 -42.46
N ALA C 178 51.95 36.09 -41.74
CA ALA C 178 52.36 37.34 -42.37
C ALA C 178 53.72 37.19 -43.11
N GLU C 179 53.74 37.62 -44.35
CA GLU C 179 54.96 37.51 -45.13
C GLU C 179 55.75 38.85 -45.17
N ILE C 180 55.09 39.97 -44.86
CA ILE C 180 55.71 41.30 -44.82
C ILE C 180 54.98 42.09 -43.75
N LEU C 181 55.70 42.86 -42.95
CA LEU C 181 55.04 43.66 -41.93
C LEU C 181 55.04 45.13 -42.39
N PHE C 182 53.98 45.85 -42.01
CA PHE C 182 53.80 47.27 -42.34
C PHE C 182 53.45 48.04 -41.09
N TYR C 183 54.14 49.16 -40.91
CA TYR C 183 53.85 50.05 -39.81
C TYR C 183 53.75 51.52 -40.21
N PRO C 184 52.53 52.01 -40.50
CA PRO C 184 52.42 53.46 -40.73
C PRO C 184 52.61 54.11 -39.36
N THR C 185 53.36 55.21 -39.36
CA THR C 185 53.85 55.80 -38.14
C THR C 185 53.69 57.36 -38.08
N ALA C 186 53.59 57.92 -36.87
CA ALA C 186 53.82 59.34 -36.65
C ALA C 186 54.74 59.52 -35.45
N ILE C 187 56.02 59.73 -35.68
CA ILE C 187 56.88 59.96 -34.56
C ILE C 187 57.90 61.08 -34.78
N GLY C 188 58.19 61.88 -33.75
CA GLY C 188 59.25 62.91 -33.88
C GLY C 188 59.79 63.34 -32.54
N SER C 189 60.15 64.60 -32.48
CA SER C 189 60.53 65.26 -31.24
C SER C 189 59.37 65.31 -30.26
N GLU C 190 59.73 65.64 -29.03
CA GLU C 190 58.86 65.68 -27.88
C GLU C 190 58.89 67.09 -27.27
N PRO C 191 57.72 67.70 -27.20
CA PRO C 191 57.61 69.10 -26.89
C PRO C 191 58.06 69.46 -25.51
N HIS C 192 58.13 68.52 -24.60
CA HIS C 192 58.48 68.86 -23.24
C HIS C 192 59.96 68.78 -22.97
N ASP C 193 60.72 68.10 -23.82
CA ASP C 193 62.18 67.84 -23.60
C ASP C 193 62.84 67.67 -24.98
N GLN C 194 63.47 68.73 -25.40
CA GLN C 194 64.12 68.76 -26.69
C GLN C 194 65.39 67.87 -26.75
N SER C 195 65.84 67.30 -25.64
CA SER C 195 66.98 66.36 -25.68
C SER C 195 66.50 64.94 -26.07
N ILE C 196 65.21 64.71 -26.22
CA ILE C 196 64.80 63.38 -26.62
C ILE C 196 64.90 63.22 -28.13
N ASP C 197 65.71 62.29 -28.58
CA ASP C 197 65.79 62.01 -29.99
C ASP C 197 65.69 60.52 -30.13
N SER C 198 64.51 60.02 -30.52
CA SER C 198 64.28 58.59 -30.46
C SER C 198 64.56 57.79 -31.77
N ARG C 199 64.94 58.48 -32.86
CA ARG C 199 64.97 57.89 -34.21
C ARG C 199 65.84 56.62 -34.37
N ASP C 200 67.02 56.54 -33.69
CA ASP C 200 67.85 55.38 -33.76
C ASP C 200 67.30 54.25 -32.95
N HIS C 201 66.74 54.59 -31.78
CA HIS C 201 66.10 53.62 -30.91
C HIS C 201 64.95 52.97 -31.65
N TRP C 202 64.15 53.81 -32.30
CA TRP C 202 62.98 53.36 -33.09
C TRP C 202 63.37 52.38 -34.21
N LYS C 203 64.40 52.71 -34.99
CA LYS C 203 64.84 51.80 -36.05
C LYS C 203 65.35 50.43 -35.56
N ARG C 204 66.18 50.46 -34.53
CA ARG C 204 66.74 49.27 -33.95
C ARG C 204 65.69 48.29 -33.44
N VAL C 205 64.65 48.79 -32.81
CA VAL C 205 63.63 47.91 -32.31
C VAL C 205 62.92 47.20 -33.45
N MET C 206 62.60 47.96 -34.49
CA MET C 206 61.93 47.40 -35.66
C MET C 206 62.85 46.53 -36.51
N GLN C 207 64.12 46.95 -36.63
CA GLN C 207 65.04 46.04 -37.28
C GLN C 207 65.05 44.69 -36.53
N GLY C 208 64.81 44.71 -35.22
CA GLY C 208 64.88 43.52 -34.41
C GLY C 208 63.72 42.61 -34.77
N HIS C 209 62.57 43.18 -35.07
CA HIS C 209 61.38 42.36 -35.41
C HIS C 209 61.57 41.65 -36.73
N ALA C 210 62.15 42.39 -37.68
CA ALA C 210 62.39 41.85 -39.00
C ALA C 210 63.32 40.66 -38.88
N GLY C 211 64.39 40.82 -38.09
CA GLY C 211 65.43 39.78 -38.01
C GLY C 211 65.00 38.57 -37.23
N ALA C 212 64.13 38.78 -36.24
CA ALA C 212 63.71 37.69 -35.31
C ALA C 212 62.61 36.83 -35.90
N ASN C 213 61.83 37.44 -36.79
CA ASN C 213 60.77 36.76 -37.52
C ASN C 213 61.13 36.39 -38.96
N LEU C 214 62.30 36.83 -39.43
CA LEU C 214 62.75 36.61 -40.81
C LEU C 214 61.65 36.98 -41.81
N VAL C 215 61.12 38.19 -41.64
CA VAL C 215 60.22 38.80 -42.62
C VAL C 215 60.65 40.28 -42.83
N PRO C 216 60.49 40.77 -44.08
CA PRO C 216 60.64 42.16 -44.44
C PRO C 216 59.65 43.05 -43.71
N LEU C 217 59.99 44.34 -43.60
CA LEU C 217 59.25 45.25 -42.78
C LEU C 217 59.32 46.63 -43.43
N VAL C 218 58.17 47.34 -43.46
CA VAL C 218 58.08 48.66 -44.09
C VAL C 218 57.58 49.64 -43.03
N ALA C 219 58.24 50.79 -42.91
CA ALA C 219 57.79 51.78 -41.94
C ALA C 219 57.69 53.13 -42.63
N SER C 220 56.55 53.77 -42.55
CA SER C 220 56.29 55.05 -43.20
C SER C 220 56.02 56.08 -42.11
N ASN C 221 56.84 57.11 -42.07
CA ASN C 221 56.70 58.14 -41.04
C ASN C 221 56.64 59.50 -41.69
N ARG C 222 55.96 60.38 -40.99
CA ARG C 222 55.72 61.76 -41.31
C ARG C 222 56.97 62.62 -41.28
N ILE C 223 56.94 63.69 -42.05
CA ILE C 223 57.93 64.73 -41.95
C ILE C 223 57.24 66.06 -41.63
N GLY C 224 58.05 67.07 -41.32
CA GLY C 224 57.56 68.43 -41.16
C GLY C 224 57.29 68.84 -39.73
N ASN C 225 57.25 70.13 -39.50
CA ASN C 225 56.86 70.67 -38.24
C ASN C 225 55.37 70.91 -38.17
N GLU C 226 54.78 70.61 -37.03
CA GLU C 226 53.39 70.86 -36.84
C GLU C 226 53.15 71.44 -35.47
N ILE C 227 52.39 72.53 -35.45
CA ILE C 227 52.02 73.25 -34.24
C ILE C 227 50.52 73.06 -33.97
N ILE C 228 50.16 72.54 -32.80
CA ILE C 228 48.77 72.36 -32.39
C ILE C 228 48.43 73.30 -31.26
N GLU C 229 47.24 73.90 -31.32
CA GLU C 229 46.69 74.72 -30.22
C GLU C 229 46.23 73.77 -29.13
N THR C 230 46.88 73.79 -27.94
CA THR C 230 46.43 72.93 -26.84
C THR C 230 45.79 73.77 -25.80
N GLU C 231 45.21 73.04 -24.86
CA GLU C 231 44.57 73.59 -23.69
C GLU C 231 45.52 74.46 -22.88
N HIS C 232 46.83 74.35 -23.11
CA HIS C 232 47.82 75.09 -22.32
C HIS C 232 48.81 75.89 -23.19
N GLY C 233 48.42 76.08 -24.46
CA GLY C 233 49.22 76.87 -25.40
C GLY C 233 49.64 76.00 -26.57
N LYS C 234 50.28 76.63 -27.55
CA LYS C 234 50.73 75.93 -28.70
C LYS C 234 51.89 74.99 -28.37
N SER C 235 51.89 73.84 -29.05
CA SER C 235 52.85 72.82 -28.84
C SER C 235 53.31 72.39 -30.21
N GLU C 236 54.61 72.17 -30.36
CA GLU C 236 55.20 71.83 -31.66
C GLU C 236 55.91 70.49 -31.64
N ILE C 237 55.68 69.67 -32.65
CA ILE C 237 56.52 68.54 -32.95
C ILE C 237 57.22 68.65 -34.32
N LYS C 238 58.49 68.30 -34.37
CA LYS C 238 59.24 68.15 -35.64
C LYS C 238 59.24 66.66 -35.95
N PHE C 239 58.48 66.26 -36.95
CA PHE C 239 58.45 64.85 -37.32
C PHE C 239 59.73 64.48 -38.04
N TYR C 240 60.25 63.31 -37.76
CA TYR C 240 61.63 63.01 -38.23
C TYR C 240 61.83 62.07 -39.38
N GLY C 241 60.79 61.76 -40.16
CA GLY C 241 60.91 60.92 -41.32
C GLY C 241 61.65 59.65 -41.04
N ASN C 242 62.75 59.41 -41.75
CA ASN C 242 63.50 58.17 -41.59
C ASN C 242 62.62 56.94 -41.90
N SER C 243 61.66 57.11 -42.80
CA SER C 243 60.93 55.97 -43.30
C SER C 243 61.96 54.98 -43.89
N PHE C 244 61.64 53.70 -43.77
CA PHE C 244 62.58 52.75 -44.28
C PHE C 244 61.94 51.40 -44.57
N ILE C 245 62.71 50.59 -45.28
CA ILE C 245 62.32 49.24 -45.58
C ILE C 245 63.50 48.39 -45.20
N ALA C 246 63.22 47.35 -44.41
CA ALA C 246 64.23 46.43 -43.89
C ALA C 246 63.95 45.03 -44.45
N GLY C 247 65.02 44.23 -44.70
CA GLY C 247 64.94 42.86 -45.14
C GLY C 247 64.82 41.87 -43.98
N PRO C 248 64.66 40.60 -44.27
CA PRO C 248 64.42 39.56 -43.26
C PRO C 248 65.58 39.20 -42.32
N THR C 249 66.73 39.88 -42.42
CA THR C 249 67.75 39.77 -41.37
C THR C 249 67.81 41.09 -40.63
N GLY C 250 66.86 41.97 -40.95
CA GLY C 250 66.81 43.27 -40.35
C GLY C 250 67.68 44.31 -41.07
N GLU C 251 68.26 43.96 -42.20
CA GLU C 251 69.12 44.89 -42.90
C GLU C 251 68.20 46.00 -43.51
N ILE C 252 68.63 47.26 -43.44
CA ILE C 252 67.91 48.37 -44.07
C ILE C 252 68.22 48.35 -45.57
N VAL C 253 67.21 48.23 -46.44
CA VAL C 253 67.50 48.14 -47.88
C VAL C 253 67.19 49.48 -48.52
N SER C 254 66.34 50.26 -47.86
CA SER C 254 66.04 51.54 -48.38
C SER C 254 65.69 52.43 -47.19
N ILE C 255 66.20 53.65 -47.19
CA ILE C 255 65.85 54.59 -46.15
C ILE C 255 65.76 56.04 -46.57
N ALA C 256 64.82 56.78 -45.99
CA ALA C 256 64.69 58.24 -46.29
C ALA C 256 65.39 59.09 -45.16
N ASP C 257 65.69 60.36 -45.43
CA ASP C 257 66.22 61.17 -44.35
C ASP C 257 65.11 61.85 -43.53
N ASP C 258 65.48 62.88 -42.77
CA ASP C 258 64.55 63.43 -41.80
C ASP C 258 63.74 64.60 -42.27
N LYS C 259 63.80 64.94 -43.56
CA LYS C 259 63.10 66.09 -44.05
C LYS C 259 62.61 66.06 -45.47
N GLU C 260 63.07 65.12 -46.27
CA GLU C 260 62.64 65.04 -47.67
C GLU C 260 61.33 64.30 -47.78
N GLU C 261 60.54 64.62 -48.79
CA GLU C 261 59.41 63.81 -49.24
C GLU C 261 60.00 62.58 -49.95
N ALA C 262 59.45 61.39 -49.77
CA ALA C 262 60.11 60.29 -50.36
C ALA C 262 59.20 59.17 -50.78
N VAL C 263 59.64 58.48 -51.82
CA VAL C 263 59.03 57.26 -52.26
C VAL C 263 60.11 56.20 -52.23
N LEU C 264 59.98 55.28 -51.32
CA LEU C 264 60.93 54.19 -51.19
C LEU C 264 60.39 52.92 -51.84
N ILE C 265 61.27 52.20 -52.52
CA ILE C 265 60.90 51.04 -53.31
C ILE C 265 61.80 49.85 -53.01
N ALA C 266 61.24 48.67 -52.75
CA ALA C 266 62.08 47.47 -52.66
C ALA C 266 61.33 46.22 -53.13
N GLU C 267 62.05 45.33 -53.79
CA GLU C 267 61.50 44.08 -54.24
C GLU C 267 61.97 42.90 -53.40
N PHE C 268 61.01 42.06 -53.01
CA PHE C 268 61.27 40.85 -52.25
C PHE C 268 60.74 39.58 -52.89
N ASN C 269 61.55 38.51 -52.86
CA ASN C 269 61.15 37.20 -53.35
C ASN C 269 60.60 36.46 -52.15
N LEU C 270 59.27 36.44 -52.02
CA LEU C 270 58.62 35.85 -50.84
C LEU C 270 58.83 34.35 -50.68
N ASP C 271 59.06 33.65 -51.78
CA ASP C 271 59.37 32.23 -51.77
C ASP C 271 60.79 31.93 -51.26
N LYS C 272 61.79 32.67 -51.70
CA LYS C 272 63.11 32.49 -51.09
C LYS C 272 63.10 32.91 -49.65
N ILE C 273 62.39 33.97 -49.30
CA ILE C 273 62.42 34.37 -47.94
C ILE C 273 61.75 33.32 -47.05
N LYS C 274 60.68 32.73 -47.55
CA LYS C 274 59.96 31.70 -46.77
C LYS C 274 60.92 30.57 -46.48
N SER C 275 61.68 30.20 -47.47
CA SER C 275 62.57 29.08 -47.35
C SER C 275 63.69 29.35 -46.31
N MET C 276 64.14 30.59 -46.30
CA MET C 276 65.15 31.06 -45.38
C MET C 276 64.60 31.10 -44.00
N ARG C 277 63.40 31.66 -43.84
CA ARG C 277 62.81 31.81 -42.56
C ARG C 277 62.65 30.41 -41.91
N HIS C 278 62.24 29.43 -42.71
CA HIS C 278 62.07 28.10 -42.19
C HIS C 278 63.41 27.40 -41.88
N CYS C 279 64.42 27.52 -42.72
CA CYS C 279 65.70 26.91 -42.44
CA CYS C 279 65.62 26.83 -42.35
C CYS C 279 66.40 27.47 -41.18
N TRP C 280 66.19 28.76 -40.89
CA TRP C 280 66.84 29.35 -39.75
C TRP C 280 66.37 28.73 -38.47
N GLY C 281 65.09 28.35 -38.46
CA GLY C 281 64.58 27.39 -37.47
C GLY C 281 63.93 27.93 -36.25
N VAL C 282 63.84 29.24 -36.13
CA VAL C 282 63.34 29.80 -34.89
C VAL C 282 61.90 29.37 -34.62
N PHE C 283 61.08 29.26 -35.67
CA PHE C 283 59.67 28.94 -35.45
C PHE C 283 59.52 27.44 -35.07
N ARG C 284 60.51 26.65 -35.42
CA ARG C 284 60.50 25.23 -35.14
C ARG C 284 60.92 25.06 -33.68
N ASP C 285 61.66 26.02 -33.17
CA ASP C 285 62.30 25.94 -31.87
C ASP C 285 61.57 26.72 -30.76
N ARG C 286 60.53 27.46 -31.07
CA ARG C 286 59.85 28.29 -30.07
C ARG C 286 59.30 27.39 -28.99
N ARG C 287 59.13 27.98 -27.82
CA ARG C 287 58.68 27.26 -26.60
C ARG C 287 57.43 27.91 -25.95
N PRO C 288 56.28 27.75 -26.58
CA PRO C 288 55.07 28.44 -26.00
C PRO C 288 54.63 27.88 -24.64
N ASP C 289 54.93 26.64 -24.36
CA ASP C 289 54.81 26.11 -23.03
C ASP C 289 55.56 26.95 -21.98
N LEU C 290 56.57 27.71 -22.37
CA LEU C 290 57.31 28.48 -21.42
C LEU C 290 56.93 29.94 -21.48
N TYR C 291 55.97 30.30 -22.33
CA TYR C 291 55.72 31.72 -22.54
C TYR C 291 54.52 32.32 -21.79
N LYS C 292 53.97 31.60 -20.85
CA LYS C 292 52.84 32.11 -20.11
C LYS C 292 53.00 33.48 -19.42
N VAL C 293 54.19 33.76 -18.93
CA VAL C 293 54.46 34.95 -18.25
C VAL C 293 54.23 36.13 -19.20
N LEU C 294 54.32 35.90 -20.50
CA LEU C 294 54.01 36.97 -21.39
C LEU C 294 52.54 37.46 -21.26
N LEU C 295 51.67 36.66 -20.67
CA LEU C 295 50.27 37.08 -20.45
C LEU C 295 50.05 37.75 -19.11
N THR C 296 51.14 38.19 -18.52
CA THR C 296 51.06 38.99 -17.34
C THR C 296 51.56 40.34 -17.78
N LEU C 297 51.30 41.31 -16.91
CA LEU C 297 51.89 42.64 -17.00
C LEU C 297 53.03 42.76 -16.00
N ASP C 298 52.89 42.11 -14.87
CA ASP C 298 53.78 42.32 -13.75
C ASP C 298 54.77 41.14 -13.50
N GLY C 299 54.82 40.17 -14.44
CA GLY C 299 55.68 39.01 -14.38
C GLY C 299 55.23 37.91 -13.42
N LYS C 300 54.03 38.04 -12.81
CA LYS C 300 53.53 37.03 -11.90
C LYS C 300 52.04 36.71 -12.12
N ASN C 301 51.21 37.73 -12.30
CA ASN C 301 49.79 37.48 -12.36
C ASN C 301 49.21 37.50 -13.77
N PRO C 302 48.68 36.33 -14.25
CA PRO C 302 48.06 36.31 -15.60
C PRO C 302 46.87 37.25 -15.61
N VAL C 303 46.70 38.02 -16.67
CA VAL C 303 45.53 38.91 -16.72
C VAL C 303 44.25 38.12 -16.97
N LEU C 304 43.13 38.69 -16.60
CA LEU C 304 41.86 37.92 -16.84
C LEU C 304 41.49 37.81 -18.35
N ASP D 7 75.76 62.72 -10.38
CA ASP D 7 75.28 61.65 -11.32
C ASP D 7 74.76 60.40 -10.50
N LYS D 8 73.61 60.55 -9.85
CA LYS D 8 73.26 59.67 -8.75
C LYS D 8 72.61 58.36 -9.15
N GLY D 9 72.86 57.33 -8.34
CA GLY D 9 72.16 56.05 -8.50
C GLY D 9 73.05 54.82 -8.46
N ARG D 10 72.42 53.68 -8.32
CA ARG D 10 73.07 52.42 -8.24
C ARG D 10 73.80 52.11 -9.62
N LYS D 11 75.11 51.95 -9.54
CA LYS D 11 75.90 51.67 -10.73
C LYS D 11 76.46 50.29 -10.67
N VAL D 12 76.47 49.63 -11.84
CA VAL D 12 77.03 48.33 -11.94
C VAL D 12 77.88 48.24 -13.21
N VAL D 13 79.05 47.63 -13.09
CA VAL D 13 79.95 47.44 -14.22
C VAL D 13 79.88 45.99 -14.71
N VAL D 14 79.62 45.81 -16.00
CA VAL D 14 79.51 44.50 -16.61
C VAL D 14 80.60 44.23 -17.64
N SER D 15 80.77 42.96 -17.93
CA SER D 15 81.89 42.55 -18.72
C SER D 15 81.59 41.40 -19.57
N ALA D 16 81.99 41.54 -20.83
CA ALA D 16 81.93 40.44 -21.79
C ALA D 16 83.37 39.97 -22.05
N LEU D 17 83.58 38.67 -21.90
CA LEU D 17 84.83 38.02 -22.24
C LEU D 17 84.71 37.30 -23.57
N GLN D 18 85.85 37.08 -24.21
CA GLN D 18 85.90 36.49 -25.57
C GLN D 18 87.28 35.80 -25.70
N PHE D 19 87.27 34.49 -25.88
CA PHE D 19 88.51 33.77 -25.97
C PHE D 19 88.37 32.49 -26.78
N ALA D 20 89.51 31.93 -27.15
CA ALA D 20 89.61 30.67 -27.89
C ALA D 20 89.71 29.48 -26.91
N CYS D 21 89.03 28.39 -27.23
CA CYS D 21 89.06 27.20 -26.39
C CYS D 21 89.92 26.07 -26.98
N THR D 22 90.55 25.25 -26.11
CA THR D 22 91.09 23.97 -26.53
C THR D 22 90.06 22.92 -26.12
N ASP D 23 90.39 21.64 -26.30
CA ASP D 23 89.47 20.60 -25.83
C ASP D 23 89.93 19.96 -24.50
N ASP D 24 90.75 20.68 -23.77
CA ASP D 24 91.16 20.29 -22.45
C ASP D 24 90.49 21.22 -21.32
N VAL D 25 89.68 20.63 -20.47
CA VAL D 25 89.02 21.45 -19.45
C VAL D 25 89.97 22.31 -18.59
N SER D 26 91.01 21.73 -18.04
CA SER D 26 91.87 22.54 -17.18
C SER D 26 92.50 23.79 -17.86
N THR D 27 92.79 23.73 -19.16
CA THR D 27 93.36 24.86 -19.90
C THR D 27 92.27 25.91 -20.01
N ASN D 28 91.06 25.49 -20.30
CA ASN D 28 90.03 26.48 -20.55
C ASN D 28 89.58 27.19 -19.29
N VAL D 29 89.56 26.47 -18.19
CA VAL D 29 89.18 27.08 -16.95
C VAL D 29 90.30 28.06 -16.50
N THR D 30 91.54 27.68 -16.71
CA THR D 30 92.61 28.56 -16.43
C THR D 30 92.51 29.88 -17.31
N THR D 31 92.09 29.74 -18.58
CA THR D 31 91.92 30.87 -19.46
C THR D 31 90.77 31.81 -18.92
N ALA D 32 89.63 31.20 -18.60
CA ALA D 32 88.52 31.95 -17.98
C ALA D 32 88.94 32.69 -16.70
N GLU D 33 89.62 32.01 -15.78
CA GLU D 33 90.13 32.69 -14.56
C GLU D 33 90.96 33.89 -14.87
N ARG D 34 91.94 33.73 -15.77
CA ARG D 34 92.80 34.81 -16.18
C ARG D 34 92.01 36.02 -16.64
N LEU D 35 90.99 35.80 -17.48
CA LEU D 35 90.19 36.92 -18.02
C LEU D 35 89.19 37.44 -17.02
N VAL D 36 88.65 36.56 -16.17
CA VAL D 36 87.82 37.04 -15.09
C VAL D 36 88.61 37.99 -14.19
N ARG D 37 89.88 37.69 -13.92
CA ARG D 37 90.66 38.54 -13.11
C ARG D 37 91.03 39.84 -13.82
N ALA D 38 91.18 39.81 -15.14
CA ALA D 38 91.54 41.02 -15.89
C ALA D 38 90.31 41.94 -15.89
N ALA D 39 89.12 41.37 -16.07
CA ALA D 39 87.89 42.14 -15.99
C ALA D 39 87.74 42.84 -14.64
N HIS D 40 87.88 42.08 -13.57
CA HIS D 40 87.85 42.59 -12.22
C HIS D 40 88.84 43.75 -11.99
N LYS D 41 90.06 43.57 -12.46
CA LYS D 41 91.04 44.62 -12.44
C LYS D 41 90.52 45.92 -13.13
N GLN D 42 89.72 45.80 -14.18
CA GLN D 42 89.17 46.96 -14.86
C GLN D 42 87.87 47.44 -14.21
N GLY D 43 87.50 46.82 -13.08
CA GLY D 43 86.42 47.27 -12.23
C GLY D 43 85.10 46.54 -12.37
N ALA D 44 85.09 45.41 -13.08
CA ALA D 44 83.88 44.70 -13.27
C ALA D 44 83.24 44.05 -12.03
N ASN D 45 81.89 44.07 -12.03
CA ASN D 45 81.07 43.56 -10.94
C ASN D 45 80.44 42.23 -11.35
N ILE D 46 80.09 42.12 -12.62
CA ILE D 46 79.48 40.88 -13.15
C ILE D 46 80.25 40.50 -14.43
N VAL D 47 80.78 39.31 -14.49
CA VAL D 47 81.56 38.92 -15.66
C VAL D 47 80.99 37.71 -16.37
N LEU D 48 80.80 37.87 -17.68
CA LEU D 48 80.19 36.83 -18.51
C LEU D 48 81.22 36.00 -19.36
N ILE D 49 81.30 34.72 -19.05
CA ILE D 49 82.04 33.75 -19.84
C ILE D 49 81.15 33.04 -20.90
N GLN D 50 81.67 32.92 -22.11
CA GLN D 50 80.95 32.32 -23.28
C GLN D 50 80.44 30.85 -23.03
N GLU D 51 79.52 30.38 -23.89
CA GLU D 51 78.89 29.07 -23.72
C GLU D 51 79.84 27.85 -23.88
N LEU D 52 79.63 26.84 -23.03
CA LEU D 52 80.30 25.55 -23.12
C LEU D 52 81.83 25.70 -23.23
N PHE D 53 82.33 26.71 -22.53
CA PHE D 53 83.72 27.12 -22.61
C PHE D 53 84.70 26.08 -22.08
N GLU D 54 84.20 25.07 -21.39
CA GLU D 54 85.03 24.00 -20.85
C GLU D 54 85.71 23.16 -21.95
N GLY D 55 85.21 23.21 -23.19
CA GLY D 55 85.81 22.46 -24.25
C GLY D 55 85.52 23.04 -25.62
N TYR D 56 85.90 22.30 -26.64
CA TYR D 56 85.46 22.63 -28.00
C TYR D 56 83.93 22.61 -28.04
N TYR D 57 83.35 23.35 -28.97
CA TYR D 57 81.95 23.26 -29.24
C TYR D 57 81.68 21.89 -29.93
N PHE D 58 81.40 20.89 -29.13
CA PHE D 58 81.41 19.47 -29.56
C PHE D 58 80.17 19.07 -30.40
N CYS D 59 79.20 19.97 -30.45
CA CYS D 59 77.94 19.79 -31.15
C CYS D 59 78.00 19.78 -32.68
N GLN D 60 79.18 19.88 -33.29
CA GLN D 60 79.26 19.64 -34.71
C GLN D 60 79.01 18.16 -34.96
N ALA D 61 79.29 17.32 -33.96
CA ALA D 61 79.11 15.92 -34.14
C ALA D 61 77.86 15.42 -33.42
N GLN D 62 77.33 14.29 -33.85
CA GLN D 62 76.30 13.57 -33.05
C GLN D 62 76.93 12.23 -32.59
N ARG D 63 77.62 12.25 -31.44
CA ARG D 63 78.39 11.07 -30.96
C ARG D 63 77.94 10.63 -29.58
N GLU D 64 77.66 9.35 -29.49
CA GLU D 64 77.27 8.72 -28.25
C GLU D 64 78.23 9.15 -27.15
N ASP D 65 79.52 8.98 -27.39
CA ASP D 65 80.52 9.28 -26.39
C ASP D 65 80.52 10.76 -25.94
N PHE D 66 80.20 11.68 -26.81
CA PHE D 66 80.19 13.08 -26.41
C PHE D 66 79.03 13.42 -25.40
N ILE D 67 77.97 12.62 -25.40
CA ILE D 67 76.90 12.85 -24.47
C ILE D 67 77.40 12.66 -23.04
N GLN D 68 78.33 11.71 -22.85
CA GLN D 68 78.96 11.46 -21.55
C GLN D 68 79.98 12.51 -21.05
N ARG D 69 80.11 13.60 -21.77
CA ARG D 69 80.81 14.78 -21.26
C ARG D 69 80.01 15.52 -20.21
N ALA D 70 78.69 15.26 -20.15
CA ALA D 70 77.82 15.92 -19.26
C ALA D 70 78.18 15.57 -17.82
N LYS D 71 77.88 16.46 -16.88
CA LYS D 71 78.08 16.18 -15.48
C LYS D 71 76.98 16.74 -14.65
N PRO D 72 76.76 16.13 -13.46
CA PRO D 72 75.76 16.64 -12.57
C PRO D 72 76.01 18.11 -12.10
N TYR D 73 74.94 18.82 -11.89
CA TYR D 73 74.94 20.13 -11.28
C TYR D 73 75.56 20.01 -9.89
N LYS D 74 75.20 18.96 -9.16
CA LYS D 74 75.75 18.79 -7.83
C LYS D 74 77.26 18.52 -7.79
N ASP D 75 77.97 19.26 -6.95
CA ASP D 75 79.44 19.16 -6.80
C ASP D 75 80.18 19.22 -8.11
N HIS D 76 79.73 20.03 -9.04
CA HIS D 76 80.41 20.13 -10.31
C HIS D 76 81.78 20.78 -10.13
N PRO D 77 82.85 20.14 -10.64
CA PRO D 77 84.14 20.77 -10.31
C PRO D 77 84.38 22.16 -10.91
N THR D 78 83.83 22.48 -12.07
CA THR D 78 84.18 23.77 -12.64
C THR D 78 83.41 24.89 -11.89
N ILE D 79 82.14 24.61 -11.58
CA ILE D 79 81.33 25.51 -10.81
C ILE D 79 82.01 25.76 -9.47
N MET D 80 82.45 24.71 -8.78
CA MET D 80 83.01 24.87 -7.46
C MET D 80 84.29 25.71 -7.45
N ARG D 81 85.10 25.52 -8.47
CA ARG D 81 86.31 26.29 -8.64
C ARG D 81 86.03 27.78 -8.88
N LEU D 82 85.04 28.07 -9.70
CA LEU D 82 84.69 29.44 -9.97
C LEU D 82 83.93 30.06 -8.79
N GLN D 83 83.26 29.28 -7.96
CA GLN D 83 82.68 29.90 -6.79
C GLN D 83 83.83 30.46 -5.94
N LYS D 84 84.99 29.84 -5.99
CA LYS D 84 86.08 30.32 -5.17
C LYS D 84 86.55 31.65 -5.68
N LEU D 85 86.63 31.75 -6.98
CA LEU D 85 87.07 32.97 -7.62
C LEU D 85 86.05 34.07 -7.39
N ALA D 86 84.77 33.79 -7.60
CA ALA D 86 83.71 34.76 -7.36
C ALA D 86 83.77 35.37 -5.95
N LYS D 87 83.99 34.51 -4.96
CA LYS D 87 84.05 34.92 -3.60
C LYS D 87 85.32 35.73 -3.36
N GLU D 88 86.41 35.29 -3.95
CA GLU D 88 87.68 36.01 -3.78
C GLU D 88 87.61 37.48 -4.28
N LEU D 89 87.08 37.71 -5.48
CA LEU D 89 87.10 39.04 -6.07
C LEU D 89 85.78 39.83 -5.86
N GLY D 90 84.73 39.16 -5.35
CA GLY D 90 83.48 39.83 -5.18
C GLY D 90 82.87 40.13 -6.51
N VAL D 91 82.84 39.13 -7.41
CA VAL D 91 82.19 39.29 -8.73
C VAL D 91 81.14 38.19 -8.99
N VAL D 92 80.11 38.51 -9.74
CA VAL D 92 79.05 37.58 -10.07
C VAL D 92 79.49 36.82 -11.31
N ILE D 93 79.37 35.50 -11.34
CA ILE D 93 79.88 34.74 -12.48
C ILE D 93 78.91 33.63 -12.91
N PRO D 94 78.26 33.81 -14.04
CA PRO D 94 77.42 32.76 -14.54
C PRO D 94 78.28 31.72 -15.16
N VAL D 95 78.03 30.45 -14.88
CA VAL D 95 78.91 29.36 -15.35
C VAL D 95 78.15 28.39 -16.23
N SER D 96 78.40 28.46 -17.54
CA SER D 96 77.79 27.53 -18.48
C SER D 96 78.45 26.09 -18.37
N PHE D 97 77.58 25.07 -18.40
CA PHE D 97 77.97 23.69 -18.34
C PHE D 97 76.92 22.75 -18.90
N PHE D 98 77.39 21.53 -19.13
CA PHE D 98 76.61 20.51 -19.75
C PHE D 98 76.14 19.59 -18.63
N GLU D 99 74.86 19.70 -18.30
CA GLU D 99 74.32 19.08 -17.16
C GLU D 99 73.79 17.68 -17.44
N GLU D 100 74.13 16.75 -16.55
CA GLU D 100 73.47 15.45 -16.49
C GLU D 100 72.49 15.48 -15.29
N ALA D 101 71.25 15.10 -15.54
CA ALA D 101 70.30 15.01 -14.44
C ALA D 101 69.53 13.70 -14.61
N ASN D 102 70.06 12.62 -13.98
CA ASN D 102 69.61 11.27 -14.18
C ASN D 102 69.67 10.91 -15.65
N ASN D 103 68.56 10.68 -16.33
CA ASN D 103 68.62 10.39 -17.79
C ASN D 103 68.38 11.55 -18.72
N ALA D 104 68.12 12.73 -18.14
CA ALA D 104 67.96 13.96 -18.89
C ALA D 104 69.28 14.69 -18.97
N HIS D 105 69.42 15.50 -20.00
CA HIS D 105 70.64 16.27 -20.15
C HIS D 105 70.25 17.63 -20.60
N TYR D 106 71.03 18.62 -20.15
CA TYR D 106 70.72 19.98 -20.48
C TYR D 106 71.92 20.80 -20.67
N ASN D 107 71.73 21.82 -21.49
CA ASN D 107 72.71 22.90 -21.67
C ASN D 107 72.34 23.95 -20.61
N SER D 108 73.14 24.04 -19.56
CA SER D 108 72.80 24.80 -18.40
C SER D 108 73.81 25.90 -17.97
N ILE D 109 73.33 26.72 -17.05
CA ILE D 109 74.13 27.83 -16.54
C ILE D 109 73.77 28.04 -15.07
N ALA D 110 74.81 28.06 -14.24
CA ALA D 110 74.66 28.26 -12.82
C ALA D 110 75.15 29.67 -12.49
N ILE D 111 74.37 30.37 -11.69
CA ILE D 111 74.68 31.76 -11.41
C ILE D 111 75.36 31.92 -10.06
N ILE D 112 76.65 32.24 -10.06
CA ILE D 112 77.36 32.42 -8.80
C ILE D 112 77.32 33.90 -8.37
N ASP D 113 76.90 34.18 -7.14
CA ASP D 113 76.81 35.53 -6.63
C ASP D 113 78.19 36.02 -6.16
N ALA D 114 78.30 37.30 -5.84
CA ALA D 114 79.60 37.91 -5.49
C ALA D 114 80.16 37.44 -4.19
N ASP D 115 79.33 36.82 -3.35
CA ASP D 115 79.81 36.20 -2.11
C ASP D 115 80.16 34.70 -2.28
N GLY D 116 79.92 34.16 -3.47
CA GLY D 116 80.29 32.75 -3.77
C GLY D 116 79.10 31.81 -3.85
N THR D 117 77.94 32.30 -3.47
CA THR D 117 76.77 31.51 -3.35
C THR D 117 76.23 31.06 -4.68
N ASP D 118 75.88 29.79 -4.77
CA ASP D 118 75.29 29.28 -6.00
C ASP D 118 73.83 29.68 -5.96
N LEU D 119 73.38 30.55 -6.85
CA LEU D 119 72.00 31.05 -6.74
C LEU D 119 70.99 30.12 -7.43
N GLY D 120 71.49 29.18 -8.20
CA GLY D 120 70.63 28.23 -8.94
C GLY D 120 70.95 28.20 -10.41
N ILE D 121 70.13 27.51 -11.17
CA ILE D 121 70.36 27.34 -12.58
C ILE D 121 69.20 27.69 -13.48
N TYR D 122 69.56 27.94 -14.71
CA TYR D 122 68.66 28.13 -15.78
C TYR D 122 69.06 27.05 -16.79
N ARG D 123 68.08 26.43 -17.40
CA ARG D 123 68.36 25.41 -18.42
C ARG D 123 67.88 25.95 -19.76
N LYS D 124 68.79 25.88 -20.74
CA LYS D 124 68.54 26.42 -22.05
C LYS D 124 67.21 25.97 -22.62
N SER D 125 66.35 26.91 -23.04
CA SER D 125 64.99 26.54 -23.51
C SER D 125 64.86 26.22 -24.99
N HIS D 126 65.51 27.02 -25.82
CA HIS D 126 65.45 26.89 -27.24
C HIS D 126 66.73 26.21 -27.72
N ILE D 127 66.60 25.10 -28.42
CA ILE D 127 67.74 24.28 -28.85
C ILE D 127 67.87 24.31 -30.36
N PRO D 128 69.03 24.77 -30.84
CA PRO D 128 69.25 24.85 -32.26
C PRO D 128 69.55 23.49 -32.86
N ASP D 129 69.48 23.46 -34.19
CA ASP D 129 69.74 22.25 -34.94
C ASP D 129 70.28 22.57 -36.35
N GLY D 130 70.92 21.59 -36.99
CA GLY D 130 71.45 21.72 -38.31
C GLY D 130 72.96 21.52 -38.34
N PRO D 131 73.53 21.45 -39.53
CA PRO D 131 74.95 21.14 -39.66
C PRO D 131 75.83 22.15 -38.92
N GLY D 132 76.66 21.60 -38.03
CA GLY D 132 77.58 22.35 -37.21
C GLY D 132 77.07 22.58 -35.81
N TYR D 133 75.73 22.55 -35.66
CA TYR D 133 75.06 22.94 -34.43
C TYR D 133 73.98 21.92 -34.01
N GLU D 134 74.39 20.65 -33.93
CA GLU D 134 73.50 19.58 -33.66
C GLU D 134 73.12 19.45 -32.17
N GLU D 135 72.62 20.54 -31.60
CA GLU D 135 72.36 20.57 -30.21
C GLU D 135 71.12 19.71 -29.78
N LYS D 136 70.19 19.53 -30.70
CA LYS D 136 68.98 18.84 -30.34
C LYS D 136 69.24 17.42 -30.06
N PHE D 137 70.40 16.94 -30.47
CA PHE D 137 70.82 15.53 -30.25
C PHE D 137 71.28 15.32 -28.82
N TYR D 138 71.83 16.39 -28.22
CA TYR D 138 72.39 16.36 -26.88
C TYR D 138 71.46 16.79 -25.75
N PHE D 139 70.61 17.78 -25.98
CA PHE D 139 69.96 18.44 -24.86
C PHE D 139 68.46 18.35 -24.87
N ASN D 140 67.89 17.97 -23.73
CA ASN D 140 66.45 18.09 -23.54
C ASN D 140 66.15 19.56 -23.62
N PRO D 141 65.06 19.93 -24.26
CA PRO D 141 64.71 21.35 -24.18
C PRO D 141 64.49 21.67 -22.69
N GLY D 142 64.97 22.85 -22.30
CA GLY D 142 64.96 23.32 -20.91
C GLY D 142 63.61 23.36 -20.24
N ASP D 143 63.61 23.09 -18.93
CA ASP D 143 62.37 23.01 -18.20
C ASP D 143 62.37 23.86 -16.92
N THR D 144 63.35 24.76 -16.78
CA THR D 144 63.33 25.70 -15.70
C THR D 144 62.39 26.87 -16.03
N GLY D 145 62.22 27.15 -17.30
CA GLY D 145 61.53 28.38 -17.65
C GLY D 145 62.51 29.54 -17.54
N PHE D 146 62.09 30.71 -18.02
CA PHE D 146 62.95 31.92 -18.01
C PHE D 146 63.06 32.44 -16.63
N LYS D 147 64.31 32.67 -16.23
CA LYS D 147 64.59 33.04 -14.86
C LYS D 147 65.28 34.38 -14.69
N VAL D 148 65.07 34.91 -13.50
CA VAL D 148 65.76 36.10 -13.06
CA VAL D 148 65.67 36.13 -13.04
C VAL D 148 66.43 35.81 -11.71
N PHE D 149 67.63 36.34 -11.53
CA PHE D 149 68.38 36.10 -10.28
C PHE D 149 68.75 37.40 -9.59
N GLN D 150 68.50 37.44 -8.28
CA GLN D 150 68.86 38.55 -7.45
C GLN D 150 70.31 38.38 -6.95
N THR D 151 71.20 39.22 -7.47
CA THR D 151 72.63 39.22 -7.08
C THR D 151 72.94 40.40 -6.17
N LYS D 152 74.13 40.44 -5.65
CA LYS D 152 74.52 41.59 -4.88
C LYS D 152 74.41 42.94 -5.60
N TYR D 153 74.55 42.94 -6.92
CA TYR D 153 74.61 44.19 -7.65
C TYR D 153 73.38 44.54 -8.43
N ALA D 154 72.60 43.53 -8.82
CA ALA D 154 71.48 43.75 -9.72
C ALA D 154 70.67 42.52 -9.79
N LYS D 155 69.44 42.69 -10.18
CA LYS D 155 68.62 41.59 -10.62
C LYS D 155 68.97 41.38 -12.08
N ILE D 156 69.32 40.16 -12.45
CA ILE D 156 69.73 39.90 -13.78
C ILE D 156 68.98 38.76 -14.42
N GLY D 157 68.92 38.81 -15.72
CA GLY D 157 68.32 37.78 -16.50
C GLY D 157 69.41 37.10 -17.33
N VAL D 158 69.57 35.81 -17.15
CA VAL D 158 70.55 35.06 -17.89
C VAL D 158 69.88 33.96 -18.75
N ALA D 159 70.08 34.02 -20.06
CA ALA D 159 69.70 32.91 -20.90
C ALA D 159 70.93 32.44 -21.65
N ILE D 160 70.76 31.53 -22.60
CA ILE D 160 71.89 30.87 -23.25
C ILE D 160 71.74 30.79 -24.78
N SER D 161 72.78 31.33 -25.38
CA SER D 161 73.04 31.27 -26.78
C SER D 161 71.84 31.42 -27.68
N TRP D 162 71.40 30.32 -28.29
CA TRP D 162 70.29 30.34 -29.23
C TRP D 162 69.03 30.99 -28.60
N ASP D 163 68.87 30.95 -27.27
CA ASP D 163 67.81 31.73 -26.60
C ASP D 163 67.78 33.26 -27.06
N GLN D 164 68.94 33.74 -27.46
CA GLN D 164 69.12 35.14 -27.81
C GLN D 164 68.37 35.56 -29.07
N TRP D 165 67.91 34.61 -29.88
CA TRP D 165 67.17 34.94 -31.09
C TRP D 165 65.68 35.13 -30.84
N PHE D 166 65.23 34.81 -29.61
CA PHE D 166 63.80 34.80 -29.24
C PHE D 166 63.34 35.97 -28.35
N PRO D 167 62.54 36.92 -28.92
CA PRO D 167 62.12 38.10 -28.17
C PRO D 167 61.38 37.69 -26.95
N GLU D 168 60.72 36.54 -27.03
CA GLU D 168 59.96 36.03 -25.90
C GLU D 168 60.80 35.83 -24.66
N ALA D 169 62.02 35.39 -24.84
CA ALA D 169 62.84 35.08 -23.68
C ALA D 169 63.28 36.37 -23.03
N ALA D 170 63.65 37.34 -23.85
CA ALA D 170 64.06 38.66 -23.33
C ALA D 170 62.91 39.37 -22.60
N ARG D 171 61.71 39.35 -23.17
CA ARG D 171 60.55 39.96 -22.55
C ARG D 171 60.20 39.23 -21.22
N ALA D 172 60.35 37.92 -21.21
CA ALA D 172 59.97 37.15 -20.02
C ALA D 172 60.83 37.52 -18.84
N MET D 173 62.11 37.75 -19.13
CA MET D 173 63.04 38.10 -18.07
C MET D 173 62.80 39.55 -17.65
N ALA D 174 62.64 40.46 -18.61
CA ALA D 174 62.33 41.85 -18.23
C ALA D 174 61.02 41.99 -17.40
N LEU D 175 60.01 41.17 -17.72
CA LEU D 175 58.73 41.25 -17.01
C LEU D 175 58.89 40.86 -15.58
N GLN D 176 59.90 40.03 -15.32
CA GLN D 176 60.16 39.55 -13.96
C GLN D 176 61.21 40.44 -13.30
N GLY D 177 61.49 41.60 -13.90
CA GLY D 177 62.33 42.55 -13.23
C GLY D 177 63.83 42.46 -13.50
N ALA D 178 64.21 41.70 -14.52
CA ALA D 178 65.58 41.72 -14.94
C ALA D 178 66.05 43.12 -15.30
N GLU D 179 67.21 43.53 -14.78
CA GLU D 179 67.78 44.84 -15.04
C GLU D 179 68.89 44.82 -16.11
N ILE D 180 69.41 43.63 -16.38
CA ILE D 180 70.44 43.45 -17.39
C ILE D 180 70.29 42.04 -17.91
N LEU D 181 70.47 41.85 -19.22
CA LEU D 181 70.37 40.53 -19.87
C LEU D 181 71.74 40.01 -20.25
N PHE D 182 71.96 38.73 -20.01
CA PHE D 182 73.22 38.12 -20.39
C PHE D 182 73.00 36.91 -21.30
N TYR D 183 73.78 36.84 -22.38
CA TYR D 183 73.75 35.75 -23.27
C TYR D 183 75.14 35.21 -23.61
N PRO D 184 75.57 34.18 -22.89
CA PRO D 184 76.78 33.44 -23.29
C PRO D 184 76.44 32.71 -24.59
N THR D 185 77.34 32.71 -25.53
CA THR D 185 77.07 32.29 -26.88
C THR D 185 78.20 31.42 -27.50
N ALA D 186 77.85 30.65 -28.52
CA ALA D 186 78.83 30.01 -29.42
C ALA D 186 78.25 30.00 -30.84
N ILE D 187 78.70 30.92 -31.67
CA ILE D 187 78.20 31.02 -33.05
C ILE D 187 79.31 31.49 -34.01
N GLY D 188 79.35 30.89 -35.20
CA GLY D 188 80.28 31.28 -36.23
C GLY D 188 79.76 30.91 -37.60
N SER D 189 80.69 30.50 -38.44
CA SER D 189 80.41 29.95 -39.75
C SER D 189 79.66 28.64 -39.61
N GLU D 190 79.15 28.21 -40.76
CA GLU D 190 78.35 26.99 -40.84
C GLU D 190 78.99 26.09 -41.90
N PRO D 191 79.33 24.86 -41.47
CA PRO D 191 80.17 23.95 -42.20
C PRO D 191 79.56 23.47 -43.49
N HIS D 192 78.25 23.55 -43.63
CA HIS D 192 77.66 23.08 -44.88
C HIS D 192 77.47 24.16 -45.93
N ASP D 193 77.66 25.43 -45.57
CA ASP D 193 77.48 26.60 -46.47
C ASP D 193 78.36 27.78 -46.06
N GLN D 194 79.45 27.94 -46.78
CA GLN D 194 80.42 28.95 -46.40
C GLN D 194 79.94 30.38 -46.73
N SER D 195 78.80 30.50 -47.40
CA SER D 195 78.22 31.80 -47.71
C SER D 195 77.37 32.33 -46.58
N ILE D 196 77.09 31.54 -45.56
CA ILE D 196 76.23 32.05 -44.52
C ILE D 196 77.09 32.81 -43.55
N ASP D 197 76.74 34.07 -43.30
CA ASP D 197 77.47 34.89 -42.34
C ASP D 197 76.45 35.66 -41.49
N SER D 198 76.11 35.02 -40.38
CA SER D 198 75.06 35.46 -39.54
C SER D 198 75.36 36.63 -38.59
N ARG D 199 76.61 37.12 -38.53
CA ARG D 199 76.95 38.07 -37.46
C ARG D 199 76.14 39.40 -37.32
N ASP D 200 75.77 40.00 -38.42
CA ASP D 200 75.05 41.27 -38.38
C ASP D 200 73.63 41.02 -37.98
N HIS D 201 73.09 39.93 -38.49
CA HIS D 201 71.73 39.50 -38.18
C HIS D 201 71.60 39.24 -36.68
N TRP D 202 72.61 38.56 -36.13
CA TRP D 202 72.69 38.22 -34.70
C TRP D 202 72.75 39.46 -33.83
N LYS D 203 73.59 40.41 -34.21
CA LYS D 203 73.65 41.66 -33.47
C LYS D 203 72.30 42.41 -33.54
N ARG D 204 71.75 42.55 -34.73
CA ARG D 204 70.49 43.27 -34.86
C ARG D 204 69.36 42.69 -34.03
N VAL D 205 69.29 41.38 -33.96
CA VAL D 205 68.17 40.80 -33.19
C VAL D 205 68.35 41.12 -31.70
N MET D 206 69.58 40.98 -31.18
CA MET D 206 69.85 41.26 -29.79
C MET D 206 69.67 42.73 -29.47
N GLN D 207 70.17 43.58 -30.33
CA GLN D 207 69.98 45.01 -30.13
C GLN D 207 68.45 45.31 -30.03
N GLY D 208 67.65 44.54 -30.74
CA GLY D 208 66.23 44.78 -30.69
C GLY D 208 65.61 44.48 -29.34
N HIS D 209 66.07 43.43 -28.69
CA HIS D 209 65.63 43.08 -27.35
C HIS D 209 66.00 44.17 -26.37
N ALA D 210 67.22 44.66 -26.47
CA ALA D 210 67.64 45.68 -25.53
C ALA D 210 66.77 46.94 -25.68
N GLY D 211 66.43 47.30 -26.92
CA GLY D 211 65.65 48.47 -27.14
C GLY D 211 64.21 48.29 -26.77
N ALA D 212 63.68 47.10 -26.94
CA ALA D 212 62.26 46.89 -26.71
C ALA D 212 61.93 46.71 -25.24
N ASN D 213 62.90 46.30 -24.45
CA ASN D 213 62.73 46.16 -23.01
C ASN D 213 63.41 47.25 -22.20
N LEU D 214 64.16 48.12 -22.89
CA LEU D 214 64.89 49.18 -22.25
C LEU D 214 65.78 48.64 -21.14
N VAL D 215 66.54 47.62 -21.48
CA VAL D 215 67.56 47.04 -20.58
C VAL D 215 68.88 46.78 -21.32
N PRO D 216 69.99 47.04 -20.67
CA PRO D 216 71.28 46.69 -21.26
C PRO D 216 71.40 45.19 -21.41
N LEU D 217 72.27 44.79 -22.33
CA LEU D 217 72.42 43.41 -22.74
C LEU D 217 73.92 43.11 -23.06
N VAL D 218 74.38 41.94 -22.62
CA VAL D 218 75.75 41.58 -22.71
C VAL D 218 75.78 40.21 -23.41
N ALA D 219 76.54 40.15 -24.49
CA ALA D 219 76.76 38.91 -25.23
C ALA D 219 78.26 38.55 -25.34
N SER D 220 78.59 37.34 -24.96
CA SER D 220 79.96 36.85 -24.95
C SER D 220 80.07 35.65 -25.85
N ASN D 221 80.91 35.76 -26.86
CA ASN D 221 80.97 34.75 -27.89
C ASN D 221 82.41 34.27 -28.08
N ARG D 222 82.52 33.07 -28.62
CA ARG D 222 83.77 32.34 -28.74
C ARG D 222 84.49 32.86 -29.97
N ILE D 223 85.80 32.71 -29.99
CA ILE D 223 86.58 32.97 -31.18
C ILE D 223 87.40 31.74 -31.52
N GLY D 224 87.94 31.70 -32.74
CA GLY D 224 88.90 30.67 -33.16
C GLY D 224 88.29 29.60 -34.04
N ASN D 225 89.14 28.84 -34.71
CA ASN D 225 88.73 27.70 -35.49
C ASN D 225 88.75 26.43 -34.67
N GLU D 226 87.76 25.57 -34.92
CA GLU D 226 87.66 24.28 -34.23
C GLU D 226 87.25 23.22 -35.24
N ILE D 227 88.04 22.14 -35.27
CA ILE D 227 87.76 20.97 -36.07
C ILE D 227 87.31 19.85 -35.16
N ILE D 228 86.14 19.28 -35.45
CA ILE D 228 85.60 18.15 -34.68
C ILE D 228 85.61 16.97 -35.57
N GLU D 229 86.02 15.80 -35.03
CA GLU D 229 85.89 14.53 -35.74
C GLU D 229 84.45 14.05 -35.60
N THR D 230 83.66 14.13 -36.65
CA THR D 230 82.25 13.69 -36.56
C THR D 230 82.15 12.29 -37.11
N GLU D 231 80.98 11.73 -36.90
CA GLU D 231 80.61 10.38 -37.36
C GLU D 231 80.68 10.26 -38.89
N HIS D 232 80.89 11.38 -39.61
CA HIS D 232 80.98 11.38 -41.07
C HIS D 232 82.22 12.15 -41.58
N GLY D 233 83.12 12.48 -40.64
CA GLY D 233 84.44 13.07 -40.99
C GLY D 233 84.65 14.38 -40.27
N LYS D 234 85.74 15.04 -40.58
CA LYS D 234 85.99 16.33 -39.97
C LYS D 234 84.95 17.39 -40.37
N SER D 235 84.65 18.27 -39.43
CA SER D 235 83.75 19.39 -39.62
C SER D 235 84.43 20.53 -38.89
N GLU D 236 84.48 21.68 -39.53
CA GLU D 236 85.16 22.84 -39.00
C GLU D 236 84.21 24.03 -38.90
N ILE D 237 84.18 24.69 -37.76
CA ILE D 237 83.60 26.02 -37.63
C ILE D 237 84.64 27.10 -37.28
N LYS D 238 84.50 28.28 -37.83
CA LYS D 238 85.29 29.44 -37.37
C LYS D 238 84.36 30.38 -36.61
N PHE D 239 84.53 30.43 -35.30
CA PHE D 239 83.72 31.29 -34.43
C PHE D 239 84.08 32.77 -34.65
N TYR D 240 83.08 33.66 -34.71
CA TYR D 240 83.36 35.00 -35.18
C TYR D 240 83.32 36.11 -34.12
N GLY D 241 83.48 35.71 -32.90
CA GLY D 241 83.52 36.69 -31.85
C GLY D 241 82.44 37.74 -31.96
N ASN D 242 82.84 38.99 -32.02
CA ASN D 242 81.84 40.05 -32.07
C ASN D 242 81.01 40.16 -30.82
N SER D 243 81.67 39.80 -29.71
CA SER D 243 81.14 40.01 -28.38
C SER D 243 80.86 41.48 -28.20
N PHE D 244 79.76 41.79 -27.51
CA PHE D 244 79.45 43.16 -27.33
C PHE D 244 78.61 43.43 -26.12
N ILE D 245 78.49 44.73 -25.83
CA ILE D 245 77.60 45.24 -24.78
C ILE D 245 76.70 46.35 -25.38
N ALA D 246 75.41 46.15 -25.26
CA ALA D 246 74.44 47.13 -25.73
C ALA D 246 73.76 47.84 -24.55
N GLY D 247 73.42 49.09 -24.77
CA GLY D 247 72.68 49.90 -23.83
C GLY D 247 71.18 49.80 -24.00
N PRO D 248 70.43 50.58 -23.21
CA PRO D 248 69.02 50.31 -23.12
C PRO D 248 68.19 50.77 -24.32
N THR D 249 68.79 51.50 -25.28
CA THR D 249 68.07 51.81 -26.54
C THR D 249 68.62 50.94 -27.70
N GLY D 250 69.38 49.93 -27.34
CA GLY D 250 70.00 49.10 -28.33
C GLY D 250 71.35 49.53 -28.89
N GLU D 251 71.88 50.69 -28.46
CA GLU D 251 73.17 51.17 -28.92
C GLU D 251 74.29 50.23 -28.50
N ILE D 252 75.23 49.95 -29.38
CA ILE D 252 76.38 49.12 -29.00
C ILE D 252 77.34 50.06 -28.31
N VAL D 253 77.61 49.84 -27.04
CA VAL D 253 78.55 50.70 -26.33
C VAL D 253 79.93 50.13 -26.28
N SER D 254 80.08 48.82 -26.45
CA SER D 254 81.39 48.26 -26.51
C SER D 254 81.32 47.01 -27.36
N ILE D 255 82.28 46.87 -28.28
CA ILE D 255 82.34 45.70 -29.17
C ILE D 255 83.74 45.10 -29.47
N ALA D 256 83.84 43.77 -29.50
CA ALA D 256 85.07 43.08 -29.88
C ALA D 256 85.06 42.80 -31.40
N ASP D 257 86.22 42.49 -32.00
CA ASP D 257 86.26 42.11 -33.41
C ASP D 257 86.15 40.59 -33.50
N ASP D 258 86.49 40.02 -34.64
CA ASP D 258 86.21 38.63 -34.88
C ASP D 258 87.35 37.66 -34.64
N LYS D 259 88.44 38.14 -34.07
CA LYS D 259 89.54 37.22 -33.79
C LYS D 259 90.42 37.45 -32.55
N GLU D 260 90.30 38.64 -31.95
CA GLU D 260 91.04 39.05 -30.75
C GLU D 260 90.36 38.45 -29.54
N GLU D 261 91.18 38.04 -28.59
CA GLU D 261 90.78 37.81 -27.23
C GLU D 261 90.35 39.16 -26.64
N ALA D 262 89.28 39.24 -25.86
CA ALA D 262 88.87 40.54 -25.36
C ALA D 262 88.19 40.54 -23.99
N VAL D 263 88.38 41.64 -23.29
CA VAL D 263 87.68 41.93 -22.04
C VAL D 263 86.91 43.20 -22.33
N LEU D 264 85.59 43.16 -22.35
CA LEU D 264 84.85 44.37 -22.58
C LEU D 264 84.18 44.83 -21.29
N ILE D 265 84.02 46.14 -21.17
CA ILE D 265 83.64 46.79 -19.92
C ILE D 265 82.65 47.94 -20.16
N ALA D 266 81.55 47.96 -19.42
CA ALA D 266 80.65 49.08 -19.41
C ALA D 266 80.01 49.28 -18.02
N GLU D 267 79.81 50.54 -17.66
CA GLU D 267 79.10 50.93 -16.46
C GLU D 267 77.69 51.40 -16.85
N PHE D 268 76.71 50.96 -16.06
CA PHE D 268 75.29 51.32 -16.25
C PHE D 268 74.68 51.84 -14.96
N ASN D 269 73.89 52.92 -15.07
CA ASN D 269 73.21 53.43 -13.90
C ASN D 269 71.81 52.82 -13.91
N LEU D 270 71.60 51.79 -13.09
CA LEU D 270 70.39 51.04 -13.15
C LEU D 270 69.21 51.83 -12.64
N ASP D 271 69.44 52.87 -11.82
CA ASP D 271 68.32 53.65 -11.36
C ASP D 271 67.87 54.61 -12.45
N LYS D 272 68.80 55.18 -13.19
CA LYS D 272 68.40 56.03 -14.29
C LYS D 272 67.74 55.23 -15.39
N ILE D 273 68.29 54.08 -15.66
CA ILE D 273 67.73 53.26 -16.68
C ILE D 273 66.31 52.77 -16.35
N LYS D 274 66.07 52.42 -15.09
CA LYS D 274 64.77 51.96 -14.63
C LYS D 274 63.77 53.11 -14.85
N SER D 275 64.20 54.34 -14.57
CA SER D 275 63.33 55.48 -14.73
C SER D 275 63.00 55.72 -16.22
N MET D 276 64.01 55.58 -17.09
CA MET D 276 63.83 55.76 -18.52
C MET D 276 62.91 54.65 -19.04
N ARG D 277 63.11 53.43 -18.58
CA ARG D 277 62.32 52.31 -19.05
C ARG D 277 60.83 52.52 -18.72
N HIS D 278 60.56 53.02 -17.52
CA HIS D 278 59.23 53.17 -17.11
C HIS D 278 58.62 54.37 -17.84
N CYS D 279 59.37 55.45 -18.02
CA CYS D 279 58.84 56.63 -18.65
CA CYS D 279 58.78 56.61 -18.63
C CYS D 279 58.48 56.37 -20.11
N TRP D 280 59.28 55.55 -20.80
CA TRP D 280 59.03 55.27 -22.22
C TRP D 280 57.66 54.61 -22.44
N GLY D 281 57.23 53.77 -21.51
CA GLY D 281 55.83 53.40 -21.43
C GLY D 281 55.44 52.06 -21.97
N VAL D 282 56.38 51.37 -22.57
CA VAL D 282 56.03 50.13 -23.21
C VAL D 282 55.40 49.13 -22.26
N PHE D 283 55.98 48.95 -21.08
CA PHE D 283 55.36 48.05 -20.08
C PHE D 283 54.01 48.44 -19.55
N ARG D 284 53.72 49.73 -19.55
CA ARG D 284 52.43 50.26 -19.17
C ARG D 284 51.40 49.93 -20.24
N ASP D 285 51.85 49.82 -21.47
CA ASP D 285 50.96 49.76 -22.63
C ASP D 285 50.78 48.34 -23.24
N ARG D 286 51.49 47.32 -22.73
CA ARG D 286 51.36 45.95 -23.21
C ARG D 286 49.96 45.40 -23.13
N ARG D 287 49.66 44.46 -24.02
CA ARG D 287 48.30 43.96 -24.17
C ARG D 287 48.27 42.42 -24.06
N PRO D 288 48.53 41.91 -22.87
CA PRO D 288 48.54 40.45 -22.69
C PRO D 288 47.22 39.80 -23.10
N ASP D 289 46.13 40.52 -23.00
CA ASP D 289 44.84 39.97 -23.41
C ASP D 289 44.80 39.65 -24.92
N LEU D 290 45.73 40.19 -25.70
CA LEU D 290 45.75 39.98 -27.14
C LEU D 290 46.94 39.10 -27.52
N TYR D 291 47.70 38.63 -26.55
CA TYR D 291 48.90 37.86 -26.85
C TYR D 291 48.71 36.33 -26.79
N LYS D 292 47.48 35.84 -26.69
CA LYS D 292 47.31 34.42 -26.58
C LYS D 292 47.90 33.61 -27.75
N VAL D 293 47.95 34.22 -28.96
CA VAL D 293 48.49 33.56 -30.15
C VAL D 293 49.98 33.17 -29.96
N LEU D 294 50.66 33.82 -29.03
CA LEU D 294 52.03 33.50 -28.75
C LEU D 294 52.16 32.17 -28.05
N LEU D 295 51.04 31.59 -27.61
CA LEU D 295 51.09 30.31 -26.95
C LEU D 295 50.77 29.21 -27.92
N THR D 296 50.77 29.58 -29.19
CA THR D 296 50.69 28.59 -30.24
C THR D 296 52.07 28.49 -30.98
N LEU D 297 52.20 27.44 -31.78
CA LEU D 297 53.31 27.34 -32.74
C LEU D 297 52.83 27.69 -34.16
N ASP D 298 51.60 27.29 -34.48
CA ASP D 298 51.09 27.36 -35.82
C ASP D 298 50.15 28.53 -36.07
N GLY D 299 50.04 29.42 -35.09
CA GLY D 299 49.18 30.58 -35.24
C GLY D 299 47.70 30.42 -34.95
N LYS D 300 47.29 29.21 -34.53
CA LYS D 300 45.89 28.86 -34.27
C LYS D 300 45.69 28.02 -33.01
N ASN D 301 46.53 26.99 -32.84
CA ASN D 301 46.27 25.97 -31.83
C ASN D 301 47.13 26.14 -30.65
N PRO D 302 46.53 26.54 -29.51
CA PRO D 302 47.29 26.71 -28.27
C PRO D 302 47.97 25.38 -27.87
N VAL D 303 49.25 25.45 -27.52
CA VAL D 303 49.93 24.22 -27.14
C VAL D 303 49.41 23.67 -25.84
N LEU D 304 49.49 22.35 -25.73
CA LEU D 304 48.96 21.68 -24.54
C LEU D 304 49.78 22.01 -23.26
N LYS E 8 30.56 -14.39 -31.24
CA LYS E 8 29.58 -13.27 -31.26
C LYS E 8 30.27 -12.04 -30.66
N GLY E 9 29.86 -10.84 -31.14
CA GLY E 9 30.52 -9.58 -30.75
C GLY E 9 31.05 -8.82 -31.96
N ARG E 10 31.29 -7.52 -31.77
CA ARG E 10 31.82 -6.68 -32.84
C ARG E 10 33.17 -7.21 -33.29
N LYS E 11 33.30 -7.64 -34.53
CA LYS E 11 34.58 -8.09 -35.04
C LYS E 11 35.15 -7.07 -36.02
N VAL E 12 36.45 -6.84 -35.98
CA VAL E 12 37.10 -5.95 -36.91
C VAL E 12 38.34 -6.56 -37.55
N VAL E 13 38.45 -6.47 -38.86
CA VAL E 13 39.64 -6.94 -39.53
C VAL E 13 40.56 -5.74 -39.79
N VAL E 14 41.82 -5.86 -39.33
CA VAL E 14 42.82 -4.84 -39.54
C VAL E 14 43.97 -5.38 -40.43
N SER E 15 44.70 -4.46 -41.06
CA SER E 15 45.73 -4.82 -41.99
C SER E 15 46.88 -3.88 -41.86
N ALA E 16 48.08 -4.44 -42.02
CA ALA E 16 49.32 -3.68 -42.09
C ALA E 16 49.91 -3.91 -43.47
N LEU E 17 50.39 -2.83 -44.06
CA LEU E 17 51.02 -2.87 -45.37
C LEU E 17 52.54 -2.59 -45.25
N GLN E 18 53.28 -3.14 -46.18
CA GLN E 18 54.70 -3.00 -46.18
C GLN E 18 55.13 -2.88 -47.63
N PHE E 19 55.76 -1.75 -47.99
CA PHE E 19 56.24 -1.57 -49.37
C PHE E 19 57.42 -0.63 -49.51
N ALA E 20 58.00 -0.63 -50.71
CA ALA E 20 59.15 0.19 -50.99
C ALA E 20 58.63 1.44 -51.66
N CYS E 21 59.38 2.52 -51.49
CA CYS E 21 59.02 3.83 -52.04
C CYS E 21 60.06 4.35 -53.00
N THR E 22 59.63 5.04 -54.03
CA THR E 22 60.51 5.90 -54.85
C THR E 22 60.37 7.31 -54.25
N ASP E 23 60.84 8.35 -54.93
CA ASP E 23 60.66 9.71 -54.39
C ASP E 23 59.66 10.48 -55.23
N ASP E 24 58.87 9.74 -56.01
CA ASP E 24 57.80 10.33 -56.79
C ASP E 24 56.44 10.08 -56.12
N VAL E 25 55.81 11.13 -55.65
CA VAL E 25 54.51 11.01 -54.93
C VAL E 25 53.47 10.13 -55.63
N SER E 26 53.29 10.31 -56.93
CA SER E 26 52.18 9.69 -57.56
C SER E 26 52.43 8.23 -57.72
N THR E 27 53.70 7.86 -57.94
CA THR E 27 54.07 6.45 -57.97
C THR E 27 53.69 5.82 -56.60
N ASN E 28 54.08 6.48 -55.52
CA ASN E 28 53.91 5.94 -54.20
C ASN E 28 52.47 5.87 -53.81
N VAL E 29 51.68 6.87 -54.17
CA VAL E 29 50.28 6.81 -53.85
C VAL E 29 49.58 5.71 -54.69
N THR E 30 49.99 5.51 -55.92
CA THR E 30 49.47 4.40 -56.74
C THR E 30 49.78 3.06 -56.06
N THR E 31 50.94 2.98 -55.40
CA THR E 31 51.37 1.75 -54.73
C THR E 31 50.50 1.52 -53.49
N ALA E 32 50.30 2.56 -52.70
CA ALA E 32 49.48 2.45 -51.51
C ALA E 32 48.08 2.03 -51.90
N GLU E 33 47.54 2.61 -52.98
CA GLU E 33 46.17 2.32 -53.38
C GLU E 33 46.04 0.86 -53.76
N ARG E 34 47.03 0.36 -54.51
CA ARG E 34 47.00 -1.03 -54.98
C ARG E 34 46.94 -2.00 -53.81
N LEU E 35 47.65 -1.68 -52.74
CA LEU E 35 47.77 -2.54 -51.60
C LEU E 35 46.55 -2.40 -50.66
N VAL E 36 46.02 -1.18 -50.53
CA VAL E 36 44.80 -0.98 -49.72
C VAL E 36 43.69 -1.82 -50.34
N ARG E 37 43.61 -1.84 -51.66
CA ARG E 37 42.60 -2.60 -52.34
C ARG E 37 42.80 -4.09 -52.11
N ALA E 38 44.07 -4.51 -52.06
CA ALA E 38 44.41 -5.91 -51.92
C ALA E 38 44.01 -6.33 -50.53
N ALA E 39 44.20 -5.44 -49.58
CA ALA E 39 43.79 -5.74 -48.20
C ALA E 39 42.26 -5.78 -48.05
N HIS E 40 41.59 -4.84 -48.71
CA HIS E 40 40.13 -4.82 -48.71
C HIS E 40 39.58 -6.10 -49.27
N LYS E 41 40.22 -6.61 -50.31
CA LYS E 41 39.83 -7.87 -50.99
C LYS E 41 39.90 -9.08 -50.03
N GLN E 42 40.83 -9.03 -49.09
CA GLN E 42 40.97 -10.01 -48.03
C GLN E 42 40.12 -9.75 -46.77
N GLY E 43 39.26 -8.73 -46.81
CA GLY E 43 38.31 -8.45 -45.73
C GLY E 43 38.63 -7.30 -44.80
N ALA E 44 39.70 -6.59 -45.05
CA ALA E 44 40.10 -5.54 -44.11
C ALA E 44 39.10 -4.40 -43.97
N ASN E 45 38.97 -3.89 -42.75
CA ASN E 45 38.15 -2.75 -42.45
C ASN E 45 38.98 -1.48 -42.18
N ILE E 46 40.20 -1.68 -41.70
CA ILE E 46 41.08 -0.61 -41.38
C ILE E 46 42.43 -1.01 -41.92
N VAL E 47 43.00 -0.14 -42.72
CA VAL E 47 44.21 -0.46 -43.39
C VAL E 47 45.24 0.57 -43.01
N LEU E 48 46.45 0.12 -42.67
CA LEU E 48 47.49 1.03 -42.25
C LEU E 48 48.69 1.19 -43.23
N ILE E 49 48.95 2.44 -43.64
CA ILE E 49 50.06 2.77 -44.54
C ILE E 49 51.25 3.33 -43.71
N GLN E 50 52.45 2.87 -44.07
CA GLN E 50 53.73 3.23 -43.41
C GLN E 50 54.01 4.76 -43.41
N GLU E 51 54.82 5.23 -42.47
CA GLU E 51 55.13 6.67 -42.30
C GLU E 51 55.73 7.38 -43.55
N LEU E 52 55.26 8.59 -43.81
CA LEU E 52 55.84 9.45 -44.88
C LEU E 52 55.96 8.77 -46.24
N PHE E 53 54.94 8.00 -46.56
CA PHE E 53 54.99 7.14 -47.70
C PHE E 53 54.98 7.87 -49.01
N GLU E 54 54.60 9.14 -49.01
CA GLU E 54 54.58 9.93 -50.25
C GLU E 54 55.95 10.02 -50.94
N GLY E 55 57.04 9.82 -50.19
CA GLY E 55 58.37 9.80 -50.79
C GLY E 55 59.43 9.04 -50.02
N TYR E 56 60.68 9.30 -50.38
CA TYR E 56 61.82 8.81 -49.62
C TYR E 56 61.74 9.31 -48.19
N TYR E 57 62.35 8.54 -47.30
CA TYR E 57 62.49 9.00 -45.94
C TYR E 57 63.65 10.03 -45.97
N PHE E 58 63.27 11.31 -46.16
CA PHE E 58 64.27 12.34 -46.55
C PHE E 58 65.12 12.85 -45.38
N CYS E 59 64.70 12.47 -44.18
CA CYS E 59 65.31 12.91 -42.94
C CYS E 59 66.73 12.42 -42.73
N GLN E 60 67.28 11.61 -43.63
CA GLN E 60 68.74 11.35 -43.53
C GLN E 60 69.54 12.65 -43.72
N ALA E 61 68.96 13.60 -44.45
CA ALA E 61 69.60 14.89 -44.68
C ALA E 61 69.01 15.92 -43.82
N GLN E 62 69.74 17.00 -43.64
CA GLN E 62 69.21 18.22 -42.99
C GLN E 62 69.28 19.31 -44.02
N ARG E 63 68.26 19.38 -44.88
CA ARG E 63 68.29 20.30 -46.02
C ARG E 63 67.12 21.31 -46.03
N GLU E 64 67.46 22.58 -46.21
CA GLU E 64 66.48 23.68 -46.38
C GLU E 64 65.39 23.34 -47.43
N ASP E 65 65.83 22.90 -48.61
CA ASP E 65 64.89 22.57 -49.68
C ASP E 65 63.96 21.44 -49.28
N PHE E 66 64.42 20.50 -48.45
CA PHE E 66 63.51 19.41 -48.01
C PHE E 66 62.40 19.84 -47.06
N ILE E 67 62.61 20.87 -46.26
CA ILE E 67 61.57 21.38 -45.43
C ILE E 67 60.35 21.82 -46.33
N GLN E 68 60.61 22.28 -47.54
CA GLN E 68 59.53 22.73 -48.40
C GLN E 68 58.73 21.58 -49.06
N ARG E 69 59.04 20.35 -48.70
CA ARG E 69 58.18 19.24 -49.10
C ARG E 69 56.84 19.29 -48.37
N ALA E 70 56.79 19.99 -47.25
CA ALA E 70 55.60 20.03 -46.47
C ALA E 70 54.42 20.73 -47.20
N LYS E 71 53.21 20.38 -46.81
CA LYS E 71 52.00 20.94 -47.40
C LYS E 71 50.97 21.13 -46.36
N PRO E 72 50.09 22.10 -46.56
CA PRO E 72 49.00 22.27 -45.59
C PRO E 72 48.12 21.04 -45.44
N TYR E 73 47.58 20.86 -44.26
CA TYR E 73 46.55 19.86 -43.99
C TYR E 73 45.34 20.17 -44.85
N LYS E 74 44.97 21.42 -44.94
CA LYS E 74 43.84 21.80 -45.75
C LYS E 74 44.04 21.54 -47.26
N ASP E 75 43.03 20.95 -47.89
CA ASP E 75 43.02 20.53 -49.30
C ASP E 75 44.28 19.80 -49.76
N HIS E 76 44.77 18.89 -48.95
CA HIS E 76 45.97 18.16 -49.28
C HIS E 76 45.63 17.17 -50.37
N PRO E 77 46.41 17.15 -51.44
CA PRO E 77 45.94 16.32 -52.55
C PRO E 77 46.07 14.82 -52.27
N THR E 78 46.94 14.43 -51.36
CA THR E 78 47.06 12.98 -51.09
C THR E 78 45.94 12.54 -50.16
N ILE E 79 45.63 13.32 -49.13
CA ILE E 79 44.51 13.03 -48.29
C ILE E 79 43.22 12.96 -49.11
N MET E 80 43.10 13.85 -50.10
CA MET E 80 41.84 13.99 -50.83
C MET E 80 41.64 12.78 -51.68
N ARG E 81 42.72 12.35 -52.29
CA ARG E 81 42.67 11.20 -53.13
C ARG E 81 42.31 9.94 -52.34
N LEU E 82 42.88 9.81 -51.15
CA LEU E 82 42.62 8.62 -50.33
C LEU E 82 41.25 8.65 -49.63
N GLN E 83 40.68 9.84 -49.42
CA GLN E 83 39.31 9.93 -48.90
C GLN E 83 38.37 9.27 -49.92
N LYS E 84 38.65 9.42 -51.20
CA LYS E 84 37.82 8.78 -52.20
C LYS E 84 37.90 7.27 -52.12
N LEU E 85 39.10 6.77 -51.92
CA LEU E 85 39.32 5.35 -51.87
C LEU E 85 38.59 4.81 -50.64
N ALA E 86 38.79 5.46 -49.51
CA ALA E 86 38.13 5.08 -48.27
C ALA E 86 36.64 4.93 -48.48
N LYS E 87 36.06 5.90 -49.12
CA LYS E 87 34.64 5.91 -49.32
C LYS E 87 34.23 4.81 -50.29
N GLU E 88 34.94 4.68 -51.40
CA GLU E 88 34.60 3.63 -52.38
C GLU E 88 34.62 2.22 -51.74
N LEU E 89 35.62 2.00 -50.92
CA LEU E 89 35.86 0.69 -50.33
C LEU E 89 35.21 0.45 -48.98
N GLY E 90 34.91 1.50 -48.22
CA GLY E 90 34.35 1.29 -46.88
C GLY E 90 35.44 0.93 -45.88
N VAL E 91 36.63 1.49 -46.08
CA VAL E 91 37.68 1.25 -45.14
C VAL E 91 38.23 2.51 -44.50
N VAL E 92 38.79 2.33 -43.31
CA VAL E 92 39.38 3.39 -42.57
C VAL E 92 40.85 3.44 -42.90
N ILE E 93 41.33 4.64 -43.22
CA ILE E 93 42.68 4.81 -43.71
C ILE E 93 43.38 6.02 -43.09
N PRO E 94 44.29 5.77 -42.16
CA PRO E 94 45.14 6.84 -41.60
C PRO E 94 46.16 7.27 -42.63
N VAL E 95 46.27 8.55 -42.87
CA VAL E 95 47.12 9.06 -43.94
C VAL E 95 48.27 9.91 -43.41
N SER E 96 49.46 9.38 -43.48
CA SER E 96 50.63 10.07 -42.95
C SER E 96 51.14 11.15 -43.96
N PHE E 97 51.48 12.35 -43.45
CA PHE E 97 51.98 13.42 -44.34
C PHE E 97 52.81 14.46 -43.57
N PHE E 98 53.56 15.26 -44.32
CA PHE E 98 54.43 16.29 -43.79
C PHE E 98 53.62 17.57 -43.92
N GLU E 99 53.23 18.07 -42.75
CA GLU E 99 52.35 19.20 -42.61
C GLU E 99 53.10 20.53 -42.40
N GLU E 100 52.79 21.51 -43.25
CA GLU E 100 53.08 22.94 -43.04
C GLU E 100 51.83 23.64 -42.41
N ALA E 101 52.04 24.38 -41.35
CA ALA E 101 50.95 25.08 -40.71
C ALA E 101 51.52 26.47 -40.33
N ASN E 102 51.39 27.38 -41.29
CA ASN E 102 52.03 28.69 -41.26
C ASN E 102 53.54 28.43 -41.12
N ASN E 103 54.22 28.88 -40.04
CA ASN E 103 55.64 28.68 -39.92
C ASN E 103 55.93 27.43 -39.08
N ALA E 104 54.90 26.75 -38.57
CA ALA E 104 55.18 25.48 -37.93
C ALA E 104 55.19 24.33 -38.96
N HIS E 105 55.81 23.24 -38.61
CA HIS E 105 55.83 22.06 -39.46
C HIS E 105 55.71 20.82 -38.57
N TYR E 106 55.02 19.82 -39.07
CA TYR E 106 54.79 18.65 -38.26
C TYR E 106 54.78 17.38 -39.10
N ASN E 107 55.08 16.29 -38.44
CA ASN E 107 54.91 14.97 -39.04
C ASN E 107 53.51 14.56 -38.54
N SER E 108 52.55 14.53 -39.44
CA SER E 108 51.17 14.40 -39.05
C SER E 108 50.49 13.25 -39.75
N ILE E 109 49.29 12.96 -39.24
CA ILE E 109 48.49 11.89 -39.78
C ILE E 109 47.02 12.23 -39.67
N ALA E 110 46.31 12.14 -40.79
CA ALA E 110 44.87 12.40 -40.83
C ALA E 110 44.10 11.07 -40.86
N ILE E 111 43.04 11.00 -40.11
CA ILE E 111 42.31 9.74 -40.01
C ILE E 111 41.05 9.81 -40.83
N ILE E 112 41.03 9.04 -41.92
CA ILE E 112 39.90 8.99 -42.79
C ILE E 112 39.02 7.85 -42.42
N ASP E 113 37.74 8.15 -42.20
CA ASP E 113 36.74 7.18 -41.77
C ASP E 113 36.24 6.43 -43.01
N ALA E 114 35.46 5.40 -42.77
CA ALA E 114 34.98 4.53 -43.81
C ALA E 114 33.96 5.18 -44.71
N ASP E 115 33.42 6.33 -44.33
CA ASP E 115 32.49 7.04 -45.25
C ASP E 115 33.21 8.13 -46.01
N GLY E 116 34.53 8.21 -45.83
CA GLY E 116 35.35 9.24 -46.48
C GLY E 116 35.58 10.51 -45.66
N THR E 117 34.90 10.65 -44.53
CA THR E 117 35.05 11.76 -43.63
C THR E 117 36.46 11.87 -43.01
N ASP E 118 37.03 13.06 -43.10
CA ASP E 118 38.31 13.38 -42.47
C ASP E 118 38.00 13.67 -41.01
N LEU E 119 38.31 12.74 -40.10
CA LEU E 119 37.97 12.89 -38.69
C LEU E 119 38.94 13.78 -37.91
N GLY E 120 40.08 14.15 -38.53
CA GLY E 120 41.07 15.01 -37.89
C GLY E 120 42.48 14.49 -37.93
N ILE E 121 43.36 15.16 -37.20
CA ILE E 121 44.76 14.81 -37.21
C ILE E 121 45.40 14.63 -35.86
N TYR E 122 46.52 13.92 -35.89
CA TYR E 122 47.38 13.78 -34.76
C TYR E 122 48.74 14.20 -35.28
N ARG E 123 49.45 14.99 -34.47
CA ARG E 123 50.79 15.47 -34.82
C ARG E 123 51.79 14.78 -33.90
N LYS E 124 52.80 14.19 -34.52
CA LYS E 124 53.80 13.37 -33.87
C LYS E 124 54.45 14.09 -32.71
N SER E 125 54.50 13.39 -31.55
CA SER E 125 54.86 14.01 -30.30
C SER E 125 56.34 13.85 -29.97
N HIS E 126 56.84 12.64 -30.17
CA HIS E 126 58.22 12.31 -29.88
C HIS E 126 59.00 12.30 -31.17
N ILE E 127 60.00 13.17 -31.27
CA ILE E 127 60.68 13.35 -32.53
C ILE E 127 62.13 12.88 -32.39
N PRO E 128 62.52 11.93 -33.22
CA PRO E 128 63.86 11.39 -33.03
C PRO E 128 64.95 12.22 -33.70
N ASP E 129 66.18 11.80 -33.48
CA ASP E 129 67.32 12.49 -33.95
C ASP E 129 68.55 11.55 -33.99
N GLY E 130 69.50 11.92 -34.81
CA GLY E 130 70.71 11.14 -35.00
C GLY E 130 70.93 10.86 -36.48
N PRO E 131 72.17 10.43 -36.84
CA PRO E 131 72.52 10.06 -38.20
C PRO E 131 71.50 9.12 -38.80
N GLY E 132 70.94 9.53 -39.93
CA GLY E 132 69.93 8.74 -40.61
C GLY E 132 68.54 9.23 -40.38
N TYR E 133 68.31 9.74 -39.19
CA TYR E 133 66.94 10.08 -38.71
C TYR E 133 66.94 11.47 -38.05
N GLU E 134 67.32 12.47 -38.83
CA GLU E 134 67.41 13.85 -38.36
C GLU E 134 66.05 14.56 -38.30
N GLU E 135 65.11 13.93 -37.65
CA GLU E 135 63.77 14.46 -37.65
C GLU E 135 63.58 15.79 -36.95
N LYS E 136 64.42 16.01 -35.94
CA LYS E 136 64.30 17.18 -35.10
C LYS E 136 64.52 18.46 -35.85
N PHE E 137 65.22 18.34 -36.97
CA PHE E 137 65.54 19.47 -37.81
C PHE E 137 64.32 19.94 -38.58
N TYR E 138 63.43 18.98 -38.84
CA TYR E 138 62.22 19.16 -39.67
C TYR E 138 60.91 19.46 -38.96
N PHE E 139 60.68 18.81 -37.82
CA PHE E 139 59.37 18.86 -37.19
C PHE E 139 59.28 19.52 -35.84
N ASN E 140 58.39 20.50 -35.69
CA ASN E 140 58.02 20.89 -34.36
C ASN E 140 57.51 19.63 -33.61
N PRO E 141 57.84 19.54 -32.34
CA PRO E 141 57.19 18.50 -31.57
C PRO E 141 55.69 18.75 -31.54
N GLY E 142 54.96 17.67 -31.68
CA GLY E 142 53.54 17.73 -31.80
C GLY E 142 52.82 18.37 -30.67
N ASP E 143 51.76 19.07 -31.05
CA ASP E 143 50.93 19.81 -30.08
C ASP E 143 49.45 19.40 -30.02
N THR E 144 49.06 18.28 -30.62
CA THR E 144 47.72 17.77 -30.48
C THR E 144 47.52 16.99 -29.18
N GLY E 145 48.61 16.40 -28.69
CA GLY E 145 48.56 15.45 -27.64
C GLY E 145 48.09 14.17 -28.28
N PHE E 146 48.08 13.12 -27.48
CA PHE E 146 47.59 11.78 -27.90
C PHE E 146 46.08 11.75 -28.03
N LYS E 147 45.64 11.14 -29.10
CA LYS E 147 44.22 11.15 -29.46
C LYS E 147 43.70 9.80 -29.83
N VAL E 148 42.40 9.67 -29.70
CA VAL E 148 41.71 8.48 -30.21
C VAL E 148 40.59 8.97 -31.13
N PHE E 149 40.24 8.17 -32.12
CA PHE E 149 39.24 8.51 -33.11
C PHE E 149 38.17 7.47 -33.16
N GLN E 150 36.91 7.90 -33.06
CA GLN E 150 35.77 7.05 -33.24
C GLN E 150 35.54 6.84 -34.72
N THR E 151 35.80 5.63 -35.23
CA THR E 151 35.57 5.31 -36.64
C THR E 151 34.34 4.49 -36.75
N LYS E 152 33.95 4.12 -37.97
CA LYS E 152 32.73 3.30 -38.11
C LYS E 152 32.84 1.92 -37.44
N TYR E 153 34.07 1.42 -37.25
CA TYR E 153 34.30 0.06 -36.81
C TYR E 153 34.82 -0.04 -35.41
N ALA E 154 35.41 1.05 -34.93
CA ALA E 154 36.09 1.04 -33.63
C ALA E 154 36.63 2.40 -33.22
N LYS E 155 36.83 2.56 -31.91
CA LYS E 155 37.61 3.65 -31.38
C LYS E 155 39.06 3.23 -31.55
N ILE E 156 39.87 4.02 -32.25
CA ILE E 156 41.29 3.68 -32.46
C ILE E 156 42.25 4.81 -32.04
N GLY E 157 43.45 4.40 -31.60
CA GLY E 157 44.57 5.28 -31.26
C GLY E 157 45.65 5.10 -32.31
N VAL E 158 45.99 6.22 -32.95
CA VAL E 158 47.00 6.26 -33.97
C VAL E 158 48.11 7.22 -33.50
N ALA E 159 49.36 6.74 -33.46
CA ALA E 159 50.47 7.62 -33.24
C ALA E 159 51.45 7.26 -34.31
N ILE E 160 52.64 7.84 -34.27
CA ILE E 160 53.51 7.75 -35.45
C ILE E 160 54.92 7.35 -35.11
N SER E 161 55.41 6.32 -35.80
CA SER E 161 56.83 5.86 -35.77
C SER E 161 57.47 5.95 -34.39
N TRP E 162 58.37 6.91 -34.20
CA TRP E 162 59.14 6.99 -32.93
C TRP E 162 58.26 6.99 -31.69
N ASP E 163 56.99 7.47 -31.81
CA ASP E 163 56.04 7.50 -30.65
C ASP E 163 55.92 6.07 -30.08
N GLN E 164 56.13 5.09 -30.96
CA GLN E 164 55.90 3.70 -30.59
C GLN E 164 56.86 3.23 -29.50
N TRP E 165 57.88 4.03 -29.17
CA TRP E 165 58.88 3.56 -28.21
C TRP E 165 58.52 3.96 -26.79
N PHE E 166 57.48 4.80 -26.71
CA PHE E 166 57.05 5.44 -25.48
C PHE E 166 55.77 4.81 -24.88
N PRO E 167 55.91 4.13 -23.73
CA PRO E 167 54.74 3.47 -23.10
C PRO E 167 53.70 4.51 -22.70
N GLU E 168 54.14 5.73 -22.44
CA GLU E 168 53.20 6.77 -22.11
C GLU E 168 52.20 7.03 -23.24
N ALA E 169 52.62 6.94 -24.51
CA ALA E 169 51.66 7.22 -25.61
C ALA E 169 50.59 6.12 -25.73
N ALA E 170 51.03 4.88 -25.63
CA ALA E 170 50.12 3.75 -25.73
C ALA E 170 49.11 3.80 -24.58
N ARG E 171 49.59 4.08 -23.38
CA ARG E 171 48.71 4.14 -22.22
C ARG E 171 47.73 5.29 -22.34
N ALA E 172 48.23 6.42 -22.83
CA ALA E 172 47.40 7.62 -23.02
C ALA E 172 46.21 7.31 -23.95
N MET E 173 46.50 6.62 -25.05
CA MET E 173 45.46 6.27 -25.99
C MET E 173 44.48 5.28 -25.38
N ALA E 174 45.02 4.30 -24.68
CA ALA E 174 44.16 3.27 -24.10
C ALA E 174 43.25 3.87 -23.01
N LEU E 175 43.74 4.85 -22.24
CA LEU E 175 42.95 5.41 -21.15
C LEU E 175 41.78 6.16 -21.68
N GLN E 176 41.90 6.56 -22.95
CA GLN E 176 40.86 7.31 -23.62
C GLN E 176 39.94 6.41 -24.48
N GLY E 177 40.01 5.10 -24.27
CA GLY E 177 39.17 4.13 -24.95
C GLY E 177 39.69 3.59 -26.24
N ALA E 178 40.96 3.79 -26.59
CA ALA E 178 41.45 3.18 -27.83
C ALA E 178 41.27 1.66 -27.70
N GLU E 179 40.75 1.04 -28.73
CA GLU E 179 40.51 -0.41 -28.75
C GLU E 179 41.56 -1.13 -29.59
N ILE E 180 42.25 -0.39 -30.46
CA ILE E 180 43.35 -0.91 -31.24
C ILE E 180 44.30 0.23 -31.42
N LEU E 181 45.61 -0.04 -31.30
CA LEU E 181 46.62 0.93 -31.56
C LEU E 181 47.30 0.69 -32.91
N PHE E 182 47.60 1.79 -33.61
CA PHE E 182 48.20 1.75 -34.91
C PHE E 182 49.44 2.64 -34.91
N TYR E 183 50.52 2.19 -35.55
CA TYR E 183 51.80 2.94 -35.63
C TYR E 183 52.48 2.81 -37.00
N PRO E 184 52.21 3.76 -37.88
CA PRO E 184 52.96 3.78 -39.14
C PRO E 184 54.43 4.17 -38.88
N THR E 185 55.37 3.51 -39.54
CA THR E 185 56.76 3.51 -39.12
C THR E 185 57.74 3.63 -40.28
N ALA E 186 58.90 4.22 -40.03
CA ALA E 186 60.04 4.18 -40.97
C ALA E 186 61.29 3.85 -40.14
N ILE E 187 61.74 2.61 -40.18
CA ILE E 187 62.91 2.30 -39.44
C ILE E 187 63.75 1.23 -40.08
N GLY E 188 65.07 1.40 -39.97
CA GLY E 188 66.01 0.47 -40.57
C GLY E 188 67.38 0.55 -39.95
N SER E 189 68.39 0.23 -40.74
CA SER E 189 69.75 0.41 -40.36
C SER E 189 70.06 1.88 -40.09
N GLU E 190 71.21 2.12 -39.46
CA GLU E 190 71.71 3.44 -39.17
C GLU E 190 73.06 3.64 -39.87
N PRO E 191 73.16 4.71 -40.68
CA PRO E 191 74.25 4.99 -41.59
C PRO E 191 75.58 5.22 -40.93
N HIS E 192 75.62 5.56 -39.65
CA HIS E 192 76.92 5.79 -39.02
C HIS E 192 77.54 4.54 -38.39
N ASP E 193 76.75 3.48 -38.24
CA ASP E 193 77.18 2.29 -37.50
C ASP E 193 76.39 1.07 -37.94
N GLN E 194 77.04 0.28 -38.78
CA GLN E 194 76.43 -0.89 -39.42
C GLN E 194 76.11 -2.03 -38.45
N SER E 195 76.59 -1.94 -37.20
CA SER E 195 76.40 -3.00 -36.17
C SER E 195 75.06 -2.76 -35.40
N ILE E 196 74.45 -1.60 -35.60
CA ILE E 196 73.18 -1.39 -34.94
C ILE E 196 72.08 -2.15 -35.68
N ASP E 197 71.44 -3.09 -35.00
CA ASP E 197 70.31 -3.76 -35.59
C ASP E 197 69.16 -3.71 -34.62
N SER E 198 68.21 -2.82 -34.84
CA SER E 198 67.24 -2.54 -33.80
C SER E 198 65.94 -3.35 -33.87
N ARG E 199 65.77 -4.18 -34.90
CA ARG E 199 64.45 -4.79 -35.19
C ARG E 199 63.82 -5.59 -34.02
N ASP E 200 64.62 -6.31 -33.23
CA ASP E 200 64.05 -7.13 -32.19
C ASP E 200 63.66 -6.33 -30.99
N HIS E 201 64.48 -5.33 -30.69
CA HIS E 201 64.22 -4.38 -29.63
C HIS E 201 62.93 -3.61 -29.91
N TRP E 202 62.79 -3.17 -31.17
CA TRP E 202 61.63 -2.41 -31.64
C TRP E 202 60.32 -3.19 -31.45
N LYS E 203 60.30 -4.44 -31.88
CA LYS E 203 59.14 -5.32 -31.70
C LYS E 203 58.77 -5.56 -30.23
N ARG E 204 59.78 -5.86 -29.41
CA ARG E 204 59.54 -6.17 -27.98
C ARG E 204 58.89 -4.99 -27.26
N VAL E 205 59.34 -3.80 -27.58
CA VAL E 205 58.85 -2.67 -26.86
C VAL E 205 57.35 -2.51 -27.19
N MET E 206 57.01 -2.73 -28.46
CA MET E 206 55.62 -2.66 -28.91
C MET E 206 54.73 -3.78 -28.40
N GLN E 207 55.26 -4.97 -28.35
CA GLN E 207 54.48 -6.05 -27.80
C GLN E 207 54.15 -5.74 -26.36
N GLY E 208 55.03 -4.98 -25.73
CA GLY E 208 54.83 -4.66 -24.35
C GLY E 208 53.65 -3.76 -24.12
N HIS E 209 53.48 -2.78 -24.99
CA HIS E 209 52.36 -1.86 -24.92
C HIS E 209 51.10 -2.63 -25.12
N ALA E 210 51.13 -3.55 -26.10
CA ALA E 210 49.94 -4.30 -26.42
C ALA E 210 49.54 -5.14 -25.20
N GLY E 211 50.51 -5.82 -24.60
CA GLY E 211 50.19 -6.64 -23.44
C GLY E 211 49.89 -5.85 -22.18
N ALA E 212 50.51 -4.70 -21.99
CA ALA E 212 50.20 -3.88 -20.81
C ALA E 212 48.83 -3.18 -20.85
N ASN E 213 48.34 -2.89 -22.05
CA ASN E 213 47.04 -2.23 -22.18
C ASN E 213 45.95 -3.19 -22.61
N LEU E 214 46.33 -4.41 -22.98
CA LEU E 214 45.42 -5.41 -23.52
C LEU E 214 44.60 -4.88 -24.72
N VAL E 215 45.31 -4.30 -25.68
CA VAL E 215 44.71 -3.94 -26.93
C VAL E 215 45.62 -4.45 -28.06
N PRO E 216 45.05 -4.88 -29.18
CA PRO E 216 45.84 -5.24 -30.30
C PRO E 216 46.59 -4.05 -30.89
N LEU E 217 47.58 -4.31 -31.69
CA LEU E 217 48.45 -3.24 -32.11
C LEU E 217 48.95 -3.57 -33.49
N VAL E 218 49.00 -2.56 -34.32
CA VAL E 218 49.36 -2.74 -35.73
C VAL E 218 50.54 -1.86 -36.10
N ALA E 219 51.54 -2.45 -36.75
CA ALA E 219 52.73 -1.65 -37.11
C ALA E 219 53.13 -1.92 -38.56
N SER E 220 53.22 -0.85 -39.31
CA SER E 220 53.51 -0.89 -40.74
C SER E 220 54.82 -0.18 -40.96
N ASN E 221 55.82 -0.91 -41.50
CA ASN E 221 57.16 -0.34 -41.70
C ASN E 221 57.58 -0.50 -43.13
N ARG E 222 58.39 0.45 -43.59
CA ARG E 222 59.05 0.45 -44.89
C ARG E 222 60.05 -0.73 -45.12
N ILE E 223 60.27 -1.02 -46.40
CA ILE E 223 61.36 -1.84 -46.87
C ILE E 223 62.13 -1.07 -47.97
N GLY E 224 63.23 -1.66 -48.40
CA GLY E 224 64.05 -1.10 -49.45
C GLY E 224 65.29 -0.36 -48.99
N ASN E 225 66.28 -0.25 -49.87
CA ASN E 225 67.43 0.62 -49.63
C ASN E 225 67.06 1.99 -50.18
N GLU E 226 67.43 3.04 -49.46
CA GLU E 226 67.26 4.41 -49.86
C GLU E 226 68.56 5.17 -49.65
N ILE E 227 68.96 5.86 -50.69
CA ILE E 227 70.20 6.61 -50.75
C ILE E 227 69.85 8.07 -51.04
N ILE E 228 70.12 8.92 -50.07
CA ILE E 228 69.84 10.33 -50.08
C ILE E 228 71.15 11.16 -50.07
N GLU E 229 71.24 12.20 -50.91
CA GLU E 229 72.34 13.15 -50.84
C GLU E 229 72.15 14.09 -49.66
N THR E 230 73.13 14.11 -48.74
CA THR E 230 73.11 15.02 -47.62
C THR E 230 74.21 16.08 -47.79
N GLU E 231 74.20 17.06 -46.89
CA GLU E 231 75.21 18.09 -46.75
C GLU E 231 76.62 17.54 -46.71
N HIS E 232 76.78 16.28 -46.23
CA HIS E 232 78.08 15.61 -46.14
C HIS E 232 78.30 14.45 -47.15
N GLY E 233 77.43 14.33 -48.15
CA GLY E 233 77.55 13.27 -49.16
C GLY E 233 76.44 12.23 -49.02
N LYS E 234 76.60 11.09 -49.67
CA LYS E 234 75.55 10.07 -49.62
C LYS E 234 75.34 9.41 -48.28
N SER E 235 74.10 9.17 -47.96
CA SER E 235 73.73 8.45 -46.76
C SER E 235 72.71 7.36 -47.18
N GLU E 236 72.90 6.16 -46.65
CA GLU E 236 72.09 5.02 -47.03
C GLU E 236 71.46 4.33 -45.84
N ILE E 237 70.18 4.06 -45.95
CA ILE E 237 69.47 3.22 -44.96
C ILE E 237 68.86 2.04 -45.71
N LYS E 238 69.01 0.85 -45.15
CA LYS E 238 68.17 -0.26 -45.58
C LYS E 238 67.03 -0.40 -44.60
N PHE E 239 65.80 -0.19 -45.05
CA PHE E 239 64.65 -0.36 -44.13
C PHE E 239 64.31 -1.85 -43.92
N TYR E 240 64.00 -2.24 -42.69
CA TYR E 240 63.94 -3.69 -42.36
C TYR E 240 62.55 -4.35 -42.25
N GLY E 241 61.53 -3.69 -42.75
CA GLY E 241 60.19 -4.28 -42.76
C GLY E 241 59.81 -4.78 -41.39
N ASN E 242 59.53 -6.08 -41.27
CA ASN E 242 59.04 -6.66 -40.04
C ASN E 242 57.74 -6.01 -39.57
N SER E 243 56.93 -5.55 -40.52
CA SER E 243 55.57 -5.13 -40.18
C SER E 243 54.89 -6.27 -39.46
N PHE E 244 54.07 -5.94 -38.47
CA PHE E 244 53.40 -6.99 -37.72
C PHE E 244 52.08 -6.53 -37.08
N ILE E 245 51.29 -7.49 -36.69
CA ILE E 245 50.14 -7.25 -35.90
C ILE E 245 50.27 -8.08 -34.61
N ALA E 246 50.09 -7.43 -33.45
CA ALA E 246 50.04 -8.18 -32.16
C ALA E 246 48.66 -8.12 -31.55
N GLY E 247 48.31 -9.22 -30.89
CA GLY E 247 47.09 -9.35 -30.16
C GLY E 247 47.23 -8.69 -28.81
N PRO E 248 46.21 -8.81 -27.97
CA PRO E 248 46.18 -8.09 -26.72
C PRO E 248 47.04 -8.70 -25.53
N THR E 249 47.63 -9.88 -25.68
CA THR E 249 48.62 -10.27 -24.69
C THR E 249 49.99 -10.02 -25.29
N GLY E 250 50.03 -9.30 -26.40
CA GLY E 250 51.31 -8.98 -27.06
C GLY E 250 51.89 -10.09 -27.98
N GLU E 251 51.12 -11.15 -28.21
CA GLU E 251 51.49 -12.21 -29.15
C GLU E 251 51.49 -11.65 -30.61
N ILE E 252 52.50 -11.99 -31.40
CA ILE E 252 52.45 -11.63 -32.80
C ILE E 252 51.50 -12.56 -33.55
N VAL E 253 50.45 -12.06 -34.20
CA VAL E 253 49.58 -12.95 -34.97
C VAL E 253 49.90 -12.97 -36.47
N SER E 254 50.63 -11.98 -36.92
CA SER E 254 50.97 -11.84 -38.33
C SER E 254 52.23 -10.96 -38.42
N ILE E 255 53.16 -11.39 -39.24
CA ILE E 255 54.41 -10.68 -39.39
C ILE E 255 55.04 -10.94 -40.77
N ALA E 256 55.57 -9.85 -41.32
CA ALA E 256 56.30 -9.89 -42.59
C ALA E 256 57.82 -9.97 -42.38
N ASP E 257 58.54 -10.37 -43.43
CA ASP E 257 60.00 -10.42 -43.30
C ASP E 257 60.60 -9.04 -43.59
N ASP E 258 61.91 -8.99 -43.85
CA ASP E 258 62.58 -7.68 -44.00
C ASP E 258 62.77 -7.16 -45.43
N LYS E 259 62.13 -7.80 -46.39
CA LYS E 259 62.38 -7.44 -47.76
C LYS E 259 61.17 -7.53 -48.68
N GLU E 260 60.17 -8.31 -48.29
CA GLU E 260 59.02 -8.58 -49.14
C GLU E 260 58.00 -7.46 -49.03
N GLU E 261 57.37 -7.15 -50.14
CA GLU E 261 56.16 -6.34 -50.12
C GLU E 261 55.12 -7.19 -49.35
N ALA E 262 54.30 -6.59 -48.51
CA ALA E 262 53.36 -7.41 -47.73
C ALA E 262 52.03 -6.76 -47.40
N VAL E 263 51.01 -7.59 -47.39
CA VAL E 263 49.69 -7.21 -46.92
C VAL E 263 49.35 -8.18 -45.80
N LEU E 264 49.29 -7.70 -44.55
CA LEU E 264 48.94 -8.55 -43.38
C LEU E 264 47.47 -8.30 -42.92
N ILE E 265 46.79 -9.37 -42.51
CA ILE E 265 45.37 -9.35 -42.14
C ILE E 265 45.16 -9.99 -40.78
N ALA E 266 44.33 -9.38 -39.95
CA ALA E 266 43.93 -10.07 -38.71
C ALA E 266 42.60 -9.55 -38.15
N GLU E 267 41.80 -10.50 -37.68
CA GLU E 267 40.49 -10.20 -37.11
C GLU E 267 40.55 -10.22 -35.61
N PHE E 268 39.95 -9.20 -34.98
CA PHE E 268 39.81 -9.16 -33.53
C PHE E 268 38.32 -9.04 -33.10
N ASN E 269 37.98 -9.72 -32.00
CA ASN E 269 36.68 -9.58 -31.39
C ASN E 269 36.80 -8.53 -30.30
N LEU E 270 36.42 -7.33 -30.66
CA LEU E 270 36.58 -6.18 -29.80
C LEU E 270 35.75 -6.23 -28.57
N ASP E 271 34.64 -6.93 -28.57
CA ASP E 271 33.89 -7.09 -27.31
C ASP E 271 34.51 -8.11 -26.36
N LYS E 272 35.04 -9.19 -26.90
CA LYS E 272 35.68 -10.17 -26.06
C LYS E 272 36.96 -9.60 -25.47
N ILE E 273 37.67 -8.82 -26.24
CA ILE E 273 38.91 -8.26 -25.76
C ILE E 273 38.67 -7.19 -24.70
N LYS E 274 37.64 -6.39 -24.89
CA LYS E 274 37.22 -5.42 -23.89
C LYS E 274 36.96 -6.15 -22.59
N SER E 275 36.16 -7.20 -22.69
CA SER E 275 35.84 -8.01 -21.52
C SER E 275 37.15 -8.59 -20.86
N MET E 276 38.02 -9.17 -21.67
CA MET E 276 39.31 -9.64 -21.18
C MET E 276 40.11 -8.50 -20.51
N ARG E 277 40.14 -7.31 -21.12
CA ARG E 277 40.94 -6.15 -20.59
C ARG E 277 40.46 -5.71 -19.21
N HIS E 278 39.17 -5.69 -19.03
CA HIS E 278 38.62 -5.27 -17.77
C HIS E 278 38.85 -6.31 -16.67
N CYS E 279 38.48 -7.54 -16.96
CA CYS E 279 38.75 -8.68 -16.10
C CYS E 279 40.20 -8.76 -15.55
N TRP E 280 41.19 -8.63 -16.43
CA TRP E 280 42.61 -8.70 -16.02
C TRP E 280 42.95 -7.65 -14.91
N GLY E 281 42.19 -6.55 -14.89
CA GLY E 281 42.23 -5.58 -13.79
C GLY E 281 43.20 -4.39 -13.80
N VAL E 282 44.06 -4.26 -14.78
CA VAL E 282 45.08 -3.26 -14.67
C VAL E 282 44.51 -1.85 -14.58
N PHE E 283 43.49 -1.54 -15.36
CA PHE E 283 42.93 -0.23 -15.32
C PHE E 283 42.25 0.09 -14.00
N ARG E 284 41.76 -0.95 -13.32
CA ARG E 284 41.11 -0.81 -12.03
C ARG E 284 42.19 -0.49 -10.95
N ASP E 285 43.41 -0.95 -11.22
CA ASP E 285 44.47 -1.02 -10.22
C ASP E 285 45.55 0.10 -10.34
N ARG E 286 45.47 0.91 -11.40
CA ARG E 286 46.43 2.01 -11.61
C ARG E 286 46.39 2.98 -10.43
N ARG E 287 47.55 3.58 -10.18
CA ARG E 287 47.80 4.48 -9.06
C ARG E 287 48.26 5.87 -9.60
N PRO E 288 47.37 6.59 -10.32
CA PRO E 288 47.77 7.93 -10.82
C PRO E 288 48.25 8.88 -9.70
N ASP E 289 47.77 8.71 -8.49
CA ASP E 289 48.31 9.42 -7.35
C ASP E 289 49.86 9.29 -7.14
N LEU E 290 50.45 8.25 -7.67
CA LEU E 290 51.88 8.04 -7.46
C LEU E 290 52.67 8.26 -8.73
N TYR E 291 52.00 8.67 -9.80
CA TYR E 291 52.64 8.81 -11.07
C TYR E 291 53.13 10.22 -11.41
N LYS E 292 53.17 11.13 -10.46
CA LYS E 292 53.61 12.54 -10.81
C LYS E 292 55.03 12.64 -11.38
N VAL E 293 55.90 11.71 -11.03
CA VAL E 293 57.22 11.70 -11.55
C VAL E 293 57.23 11.61 -13.06
N LEU E 294 56.19 11.06 -13.64
CA LEU E 294 56.16 10.95 -15.12
C LEU E 294 55.99 12.30 -15.78
N LEU E 295 55.68 13.34 -15.01
CA LEU E 295 55.60 14.66 -15.61
C LEU E 295 56.93 15.44 -15.44
N THR E 296 57.98 14.77 -15.00
CA THR E 296 59.35 15.31 -15.05
C THR E 296 60.15 14.69 -16.21
N LEU E 297 61.23 15.35 -16.61
CA LEU E 297 62.21 14.74 -17.51
C LEU E 297 63.33 14.06 -16.72
N ASP E 298 63.64 14.65 -15.58
CA ASP E 298 64.86 14.38 -14.79
C ASP E 298 64.60 13.61 -13.49
N GLY E 299 63.34 13.27 -13.26
CA GLY E 299 63.00 12.47 -12.07
C GLY E 299 62.76 13.28 -10.79
N LYS E 300 62.88 14.61 -10.85
CA LYS E 300 62.47 15.49 -9.73
C LYS E 300 61.73 16.82 -10.02
N ASN E 301 62.04 17.49 -11.11
CA ASN E 301 61.43 18.76 -11.45
C ASN E 301 60.29 18.62 -12.45
N PRO E 302 59.05 18.87 -12.01
CA PRO E 302 57.91 18.84 -12.91
C PRO E 302 58.03 19.93 -13.94
N VAL E 303 57.72 19.58 -15.18
CA VAL E 303 57.77 20.58 -16.25
C VAL E 303 56.63 21.60 -16.13
N LEU E 304 56.93 22.78 -16.67
CA LEU E 304 55.95 23.90 -16.74
C LEU E 304 54.76 23.52 -17.70
N ASP F 7 84.89 -4.44 -22.32
CA ASP F 7 85.71 -4.69 -21.11
C ASP F 7 85.48 -3.51 -20.12
N LYS F 8 85.84 -2.27 -20.51
CA LYS F 8 85.84 -1.09 -19.58
C LYS F 8 84.47 -0.66 -19.04
N GLY F 9 84.38 -0.56 -17.71
CA GLY F 9 83.18 -0.11 -17.03
C GLY F 9 82.79 -0.84 -15.73
N ARG F 10 81.86 -0.25 -15.01
CA ARG F 10 81.40 -0.74 -13.75
C ARG F 10 80.58 -1.99 -14.07
N LYS F 11 80.95 -3.12 -13.51
CA LYS F 11 80.22 -4.38 -13.78
C LYS F 11 79.46 -4.90 -12.57
N VAL F 12 78.22 -5.31 -12.76
CA VAL F 12 77.43 -5.86 -11.69
C VAL F 12 76.91 -7.21 -12.09
N VAL F 13 77.07 -8.19 -11.22
CA VAL F 13 76.51 -9.50 -11.50
C VAL F 13 75.17 -9.57 -10.74
N VAL F 14 74.07 -9.83 -11.43
CA VAL F 14 72.79 -9.99 -10.75
C VAL F 14 72.30 -11.40 -10.83
N SER F 15 71.38 -11.73 -9.95
CA SER F 15 70.86 -13.09 -9.84
C SER F 15 69.41 -13.14 -9.51
N ALA F 16 68.74 -14.11 -10.13
CA ALA F 16 67.36 -14.47 -9.77
C ALA F 16 67.30 -15.84 -9.19
N LEU F 17 66.49 -16.01 -8.16
CA LEU F 17 66.32 -17.33 -7.50
C LEU F 17 64.90 -17.82 -7.71
N GLN F 18 64.75 -19.12 -7.82
CA GLN F 18 63.48 -19.75 -8.05
C GLN F 18 63.40 -20.97 -7.17
N PHE F 19 62.48 -20.97 -6.21
CA PHE F 19 62.33 -22.14 -5.33
C PHE F 19 60.89 -22.37 -4.86
N ALA F 20 60.70 -23.50 -4.18
CA ALA F 20 59.40 -23.89 -3.64
C ALA F 20 59.30 -23.57 -2.17
N CYS F 21 58.07 -23.25 -1.73
CA CYS F 21 57.83 -22.95 -0.32
C CYS F 21 56.92 -23.93 0.40
N THR F 22 57.24 -24.17 1.67
CA THR F 22 56.32 -24.78 2.62
C THR F 22 55.69 -23.60 3.37
N ASP F 23 54.86 -23.84 4.37
CA ASP F 23 54.29 -22.74 5.18
C ASP F 23 55.01 -22.63 6.53
N ASP F 24 56.23 -23.13 6.58
CA ASP F 24 57.10 -22.92 7.73
C ASP F 24 58.22 -21.84 7.47
N VAL F 25 58.20 -20.77 8.24
CA VAL F 25 59.11 -19.65 8.01
C VAL F 25 60.57 -20.05 8.08
N SER F 26 60.95 -20.78 9.10
CA SER F 26 62.35 -21.22 9.24
C SER F 26 62.85 -22.13 8.11
N THR F 27 62.00 -23.04 7.60
CA THR F 27 62.29 -23.88 6.43
C THR F 27 62.58 -22.98 5.18
N ASN F 28 61.76 -21.96 4.99
CA ASN F 28 61.85 -21.16 3.80
C ASN F 28 63.01 -20.19 3.85
N VAL F 29 63.30 -19.65 5.02
CA VAL F 29 64.41 -18.70 5.13
C VAL F 29 65.72 -19.51 4.96
N THR F 30 65.67 -20.78 5.34
CA THR F 30 66.85 -21.64 5.14
C THR F 30 67.02 -21.93 3.65
N THR F 31 65.88 -22.12 2.95
CA THR F 31 65.94 -22.43 1.53
C THR F 31 66.53 -21.20 0.84
N ALA F 32 66.13 -20.01 1.31
CA ALA F 32 66.66 -18.75 0.74
C ALA F 32 68.15 -18.58 1.02
N GLU F 33 68.50 -18.75 2.28
CA GLU F 33 69.88 -18.62 2.70
C GLU F 33 70.77 -19.54 1.82
N ARG F 34 70.33 -20.77 1.56
CA ARG F 34 71.10 -21.70 0.73
C ARG F 34 71.30 -21.22 -0.70
N LEU F 35 70.29 -20.64 -1.31
CA LEU F 35 70.38 -20.26 -2.69
C LEU F 35 71.13 -18.94 -2.88
N VAL F 36 71.03 -18.03 -1.91
CA VAL F 36 71.81 -16.79 -1.92
C VAL F 36 73.32 -17.11 -1.86
N ARG F 37 73.70 -18.10 -1.04
CA ARG F 37 75.11 -18.48 -0.95
C ARG F 37 75.50 -19.01 -2.30
N ALA F 38 74.59 -19.74 -2.93
CA ALA F 38 74.90 -20.40 -4.19
C ALA F 38 75.10 -19.36 -5.25
N ALA F 39 74.29 -18.35 -5.23
CA ALA F 39 74.43 -17.26 -6.17
C ALA F 39 75.74 -16.47 -5.95
N HIS F 40 76.02 -16.20 -4.68
CA HIS F 40 77.26 -15.55 -4.35
C HIS F 40 78.44 -16.41 -4.84
N LYS F 41 78.30 -17.72 -4.85
CA LYS F 41 79.40 -18.57 -5.26
C LYS F 41 79.66 -18.47 -6.74
N GLN F 42 78.63 -18.19 -7.51
CA GLN F 42 78.79 -17.99 -8.91
C GLN F 42 79.04 -16.49 -9.21
N GLY F 43 79.22 -15.64 -8.20
CA GLY F 43 79.77 -14.31 -8.42
C GLY F 43 78.83 -13.15 -8.33
N ALA F 44 77.62 -13.43 -7.90
CA ALA F 44 76.58 -12.45 -7.80
C ALA F 44 76.83 -11.35 -6.77
N ASN F 45 76.43 -10.13 -7.13
CA ASN F 45 76.48 -9.01 -6.21
C ASN F 45 75.09 -8.61 -5.65
N ILE F 46 74.03 -8.80 -6.42
CA ILE F 46 72.70 -8.49 -5.98
C ILE F 46 71.89 -9.74 -6.25
N VAL F 47 71.13 -10.22 -5.28
CA VAL F 47 70.40 -11.49 -5.41
C VAL F 47 68.92 -11.27 -5.08
N LEU F 48 68.06 -11.59 -6.02
CA LEU F 48 66.63 -11.43 -5.81
C LEU F 48 65.84 -12.68 -5.37
N ILE F 49 65.23 -12.59 -4.17
CA ILE F 49 64.37 -13.64 -3.61
C ILE F 49 62.87 -13.33 -3.94
N GLN F 50 62.13 -14.39 -4.30
CA GLN F 50 60.73 -14.25 -4.73
C GLN F 50 59.79 -13.65 -3.64
N GLU F 51 58.61 -13.19 -4.08
CA GLU F 51 57.62 -12.49 -3.22
C GLU F 51 57.07 -13.42 -2.11
N LEU F 52 57.01 -12.88 -0.90
CA LEU F 52 56.38 -13.51 0.26
C LEU F 52 56.91 -14.90 0.55
N PHE F 53 58.20 -15.05 0.35
CA PHE F 53 58.89 -16.35 0.44
C PHE F 53 58.83 -16.98 1.81
N GLU F 54 58.51 -16.24 2.83
CA GLU F 54 58.48 -16.79 4.16
C GLU F 54 57.37 -17.85 4.33
N GLY F 55 56.46 -17.93 3.37
CA GLY F 55 55.33 -18.84 3.52
C GLY F 55 54.63 -19.21 2.22
N TYR F 56 53.54 -19.96 2.37
CA TYR F 56 52.66 -20.23 1.24
C TYR F 56 52.14 -18.91 0.71
N TYR F 57 51.81 -18.83 -0.57
CA TYR F 57 51.11 -17.64 -1.06
C TYR F 57 49.64 -17.63 -0.52
N PHE F 58 49.44 -17.01 0.64
CA PHE F 58 48.18 -17.19 1.34
C PHE F 58 47.04 -16.36 0.79
N CYS F 59 47.31 -15.45 -0.15
CA CYS F 59 46.22 -14.62 -0.65
C CYS F 59 45.20 -15.43 -1.52
N GLN F 60 45.36 -16.77 -1.59
CA GLN F 60 44.30 -17.61 -2.21
C GLN F 60 42.97 -17.52 -1.40
N ALA F 61 43.09 -17.26 -0.10
CA ALA F 61 41.98 -17.12 0.81
C ALA F 61 41.82 -15.68 1.25
N GLN F 62 40.63 -15.36 1.75
CA GLN F 62 40.33 -14.10 2.45
C GLN F 62 40.01 -14.46 3.91
N ARG F 63 41.07 -14.69 4.68
CA ARG F 63 40.95 -15.15 6.06
C ARG F 63 41.44 -14.15 7.12
N GLU F 64 40.61 -13.96 8.12
CA GLU F 64 40.91 -13.10 9.27
C GLU F 64 42.23 -13.53 9.92
N ASP F 65 42.39 -14.83 10.18
CA ASP F 65 43.63 -15.29 10.83
C ASP F 65 44.89 -15.08 10.02
N PHE F 66 44.82 -15.17 8.70
CA PHE F 66 46.03 -14.96 7.91
C PHE F 66 46.48 -13.46 7.95
N ILE F 67 45.62 -12.54 8.41
CA ILE F 67 46.03 -11.11 8.44
C ILE F 67 47.14 -10.96 9.49
N GLN F 68 47.00 -11.71 10.57
CA GLN F 68 47.92 -11.67 11.69
C GLN F 68 49.31 -12.34 11.43
N ARG F 69 49.53 -12.86 10.23
CA ARG F 69 50.90 -13.21 9.80
C ARG F 69 51.79 -12.01 9.60
N ALA F 70 51.18 -10.83 9.54
CA ALA F 70 51.96 -9.59 9.33
C ALA F 70 52.79 -9.31 10.56
N LYS F 71 53.91 -8.66 10.30
CA LYS F 71 54.88 -8.27 11.32
C LYS F 71 55.40 -6.89 10.99
N PRO F 72 55.80 -6.16 12.04
CA PRO F 72 56.28 -4.81 11.80
C PRO F 72 57.65 -4.81 11.14
N TYR F 73 57.92 -3.75 10.41
CA TYR F 73 59.21 -3.53 9.77
C TYR F 73 60.34 -3.53 10.79
N LYS F 74 60.08 -2.93 11.96
CA LYS F 74 61.12 -2.80 12.97
C LYS F 74 61.42 -4.13 13.66
N ASP F 75 62.68 -4.53 13.60
CA ASP F 75 63.20 -5.72 14.32
C ASP F 75 62.48 -6.92 13.80
N HIS F 76 62.40 -6.98 12.49
CA HIS F 76 61.79 -8.09 11.83
C HIS F 76 62.78 -9.30 11.85
N PRO F 77 62.36 -10.44 12.39
CA PRO F 77 63.34 -11.54 12.50
C PRO F 77 63.95 -11.98 11.17
N THR F 78 63.17 -12.00 10.11
CA THR F 78 63.66 -12.44 8.81
C THR F 78 64.60 -11.41 8.18
N ILE F 79 64.24 -10.14 8.29
CA ILE F 79 65.07 -9.09 7.75
C ILE F 79 66.39 -9.04 8.50
N MET F 80 66.34 -9.22 9.82
CA MET F 80 67.55 -9.18 10.63
C MET F 80 68.49 -10.33 10.29
N ARG F 81 67.93 -11.49 10.02
CA ARG F 81 68.72 -12.65 9.73
C ARG F 81 69.38 -12.48 8.41
N LEU F 82 68.66 -11.98 7.40
CA LEU F 82 69.23 -11.76 6.10
C LEU F 82 70.22 -10.60 6.05
N GLN F 83 70.08 -9.61 6.94
CA GLN F 83 71.08 -8.52 7.01
C GLN F 83 72.44 -9.11 7.37
N LYS F 84 72.49 -10.07 8.27
CA LYS F 84 73.77 -10.71 8.57
C LYS F 84 74.33 -11.48 7.37
N LEU F 85 73.48 -12.12 6.60
CA LEU F 85 73.97 -12.82 5.42
C LEU F 85 74.51 -11.85 4.37
N ALA F 86 73.75 -10.78 4.12
CA ALA F 86 74.19 -9.76 3.20
C ALA F 86 75.58 -9.26 3.57
N LYS F 87 75.78 -8.93 4.82
CA LYS F 87 77.05 -8.47 5.29
C LYS F 87 78.07 -9.60 5.22
N GLU F 88 77.72 -10.80 5.62
CA GLU F 88 78.72 -11.86 5.53
C GLU F 88 79.29 -12.05 4.10
N LEU F 89 78.46 -11.94 3.07
CA LEU F 89 78.93 -12.26 1.74
C LEU F 89 79.22 -11.06 0.87
N GLY F 90 78.84 -9.86 1.31
CA GLY F 90 79.02 -8.71 0.49
C GLY F 90 78.03 -8.60 -0.65
N VAL F 91 76.77 -8.94 -0.36
CA VAL F 91 75.72 -8.91 -1.40
C VAL F 91 74.48 -8.16 -0.98
N VAL F 92 73.83 -7.57 -1.96
CA VAL F 92 72.62 -6.84 -1.78
C VAL F 92 71.43 -7.78 -1.86
N ILE F 93 70.59 -7.74 -0.84
CA ILE F 93 69.44 -8.65 -0.72
C ILE F 93 68.13 -7.88 -0.45
N PRO F 94 67.26 -7.76 -1.46
CA PRO F 94 65.94 -7.21 -1.15
C PRO F 94 65.04 -8.24 -0.42
N VAL F 95 64.51 -7.87 0.74
CA VAL F 95 63.74 -8.81 1.53
C VAL F 95 62.24 -8.52 1.54
N SER F 96 61.48 -9.39 0.89
CA SER F 96 60.03 -9.29 0.76
C SER F 96 59.36 -9.78 2.06
N PHE F 97 58.41 -9.01 2.60
CA PHE F 97 57.69 -9.42 3.79
C PHE F 97 56.33 -8.74 3.91
N PHE F 98 55.46 -9.35 4.67
CA PHE F 98 54.11 -8.88 4.96
C PHE F 98 54.20 -7.93 6.15
N GLU F 99 54.05 -6.63 5.90
CA GLU F 99 54.24 -5.61 6.94
C GLU F 99 52.98 -5.21 7.73
N GLU F 100 53.10 -5.18 9.06
CA GLU F 100 52.08 -4.60 9.93
C GLU F 100 52.60 -3.22 10.34
N ALA F 101 51.85 -2.16 10.06
CA ALA F 101 52.22 -0.81 10.46
C ALA F 101 51.03 -0.16 11.13
N ASN F 102 50.90 -0.42 12.41
CA ASN F 102 49.73 0.00 13.18
C ASN F 102 48.49 -0.75 12.68
N ASN F 103 47.47 -0.02 12.21
CA ASN F 103 46.32 -0.68 11.61
C ASN F 103 46.42 -0.78 10.06
N ALA F 104 47.43 -0.16 9.47
CA ALA F 104 47.72 -0.37 8.07
C ALA F 104 48.47 -1.70 7.89
N HIS F 105 48.31 -2.34 6.73
CA HIS F 105 49.13 -3.50 6.33
C HIS F 105 49.58 -3.36 4.89
N TYR F 106 50.76 -3.89 4.60
CA TYR F 106 51.32 -3.74 3.30
C TYR F 106 52.08 -4.99 2.83
N ASN F 107 52.25 -5.11 1.51
CA ASN F 107 53.13 -6.07 0.91
C ASN F 107 54.45 -5.26 0.67
N SER F 108 55.44 -5.47 1.55
CA SER F 108 56.59 -4.59 1.59
C SER F 108 57.89 -5.26 1.17
N ILE F 109 58.88 -4.41 0.91
CA ILE F 109 60.21 -4.95 0.61
C ILE F 109 61.31 -4.08 1.17
N ALA F 110 62.26 -4.70 1.87
CA ALA F 110 63.36 -3.97 2.51
C ALA F 110 64.67 -4.25 1.78
N ILE F 111 65.38 -3.19 1.46
CA ILE F 111 66.55 -3.31 0.63
C ILE F 111 67.81 -3.36 1.52
N ILE F 112 68.38 -4.56 1.70
CA ILE F 112 69.61 -4.69 2.46
C ILE F 112 70.86 -4.49 1.57
N ASP F 113 71.68 -3.50 1.92
CA ASP F 113 72.94 -3.21 1.19
C ASP F 113 73.96 -4.29 1.48
N ALA F 114 75.01 -4.30 0.70
CA ALA F 114 76.11 -5.25 0.82
C ALA F 114 76.97 -5.13 2.08
N ASP F 115 76.85 -4.00 2.81
CA ASP F 115 77.45 -3.89 4.15
C ASP F 115 76.48 -4.24 5.32
N GLY F 116 75.31 -4.85 5.00
CA GLY F 116 74.26 -5.19 6.00
C GLY F 116 73.22 -4.07 6.30
N THR F 117 73.44 -2.89 5.72
CA THR F 117 72.62 -1.74 6.05
C THR F 117 71.23 -1.81 5.43
N ASP F 118 70.22 -1.64 6.26
CA ASP F 118 68.84 -1.58 5.80
C ASP F 118 68.65 -0.14 5.21
N LEU F 119 68.48 -0.08 3.90
CA LEU F 119 68.39 1.18 3.20
C LEU F 119 66.99 1.72 3.14
N GLY F 120 66.00 0.95 3.55
CA GLY F 120 64.62 1.43 3.54
C GLY F 120 63.64 0.48 2.86
N ILE F 121 62.40 0.94 2.70
CA ILE F 121 61.39 0.07 2.14
C ILE F 121 60.59 0.64 1.03
N TYR F 122 60.08 -0.26 0.21
CA TYR F 122 59.11 0.02 -0.78
C TYR F 122 57.87 -0.80 -0.44
N ARG F 123 56.72 -0.15 -0.49
CA ARG F 123 55.42 -0.79 -0.27
C ARG F 123 54.67 -0.91 -1.59
N LYS F 124 54.24 -2.15 -1.90
CA LYS F 124 53.61 -2.52 -3.19
C LYS F 124 52.53 -1.55 -3.47
N SER F 125 52.53 -0.97 -4.67
CA SER F 125 51.60 0.10 -5.00
C SER F 125 50.31 -0.39 -5.68
N HIS F 126 50.46 -1.38 -6.54
CA HIS F 126 49.34 -1.95 -7.29
C HIS F 126 48.87 -3.28 -6.72
N ILE F 127 47.61 -3.37 -6.30
CA ILE F 127 47.14 -4.55 -5.56
C ILE F 127 46.17 -5.35 -6.42
N PRO F 128 46.60 -6.58 -6.81
CA PRO F 128 45.82 -7.44 -7.68
C PRO F 128 44.67 -7.99 -6.94
N ASP F 129 43.72 -8.56 -7.66
CA ASP F 129 42.53 -9.11 -7.03
C ASP F 129 42.00 -10.24 -7.92
N GLY F 130 41.07 -11.03 -7.36
CA GLY F 130 40.40 -12.07 -8.11
C GLY F 130 40.77 -13.43 -7.56
N PRO F 131 40.09 -14.46 -8.02
CA PRO F 131 40.29 -15.83 -7.47
C PRO F 131 41.77 -16.34 -7.55
N GLY F 132 42.22 -16.85 -6.39
CA GLY F 132 43.62 -17.24 -6.22
C GLY F 132 44.54 -16.09 -5.85
N TYR F 133 44.16 -14.84 -6.12
CA TYR F 133 45.07 -13.74 -5.85
C TYR F 133 44.38 -12.52 -5.16
N GLU F 134 43.68 -12.82 -4.07
CA GLU F 134 42.85 -11.85 -3.34
C GLU F 134 43.64 -10.84 -2.47
N GLU F 135 44.76 -10.34 -3.02
CA GLU F 135 45.64 -9.42 -2.29
C GLU F 135 44.94 -8.20 -1.73
N LYS F 136 43.86 -7.79 -2.36
CA LYS F 136 43.18 -6.55 -1.94
C LYS F 136 42.57 -6.61 -0.54
N PHE F 137 42.36 -7.82 -0.05
CA PHE F 137 41.79 -8.04 1.31
C PHE F 137 42.88 -7.88 2.39
N TYR F 138 44.16 -8.01 2.02
CA TYR F 138 45.26 -7.99 3.03
C TYR F 138 46.08 -6.71 3.09
N PHE F 139 46.17 -6.01 1.97
CA PHE F 139 47.12 -4.93 1.79
C PHE F 139 46.49 -3.63 1.43
N ASN F 140 46.78 -2.64 2.26
CA ASN F 140 46.56 -1.27 1.87
C ASN F 140 47.37 -1.00 0.63
N PRO F 141 46.80 -0.27 -0.30
CA PRO F 141 47.65 0.11 -1.43
C PRO F 141 48.82 0.93 -0.92
N GLY F 142 50.00 0.69 -1.45
CA GLY F 142 51.23 1.29 -0.94
C GLY F 142 51.30 2.80 -1.01
N ASP F 143 51.99 3.40 -0.04
CA ASP F 143 52.14 4.85 0.04
C ASP F 143 53.59 5.35 0.10
N THR F 144 54.55 4.53 -0.29
CA THR F 144 55.90 5.00 -0.32
C THR F 144 56.12 5.75 -1.62
N GLY F 145 55.38 5.33 -2.64
CA GLY F 145 55.66 5.67 -4.02
C GLY F 145 56.79 4.78 -4.60
N PHE F 146 57.09 4.99 -5.88
CA PHE F 146 58.15 4.26 -6.51
C PHE F 146 59.52 4.84 -6.12
N LYS F 147 60.43 3.93 -5.78
CA LYS F 147 61.70 4.32 -5.15
C LYS F 147 62.91 3.77 -5.81
N VAL F 148 64.02 4.46 -5.64
CA VAL F 148 65.26 3.86 -6.04
C VAL F 148 66.18 3.88 -4.87
N PHE F 149 67.18 2.99 -4.88
CA PHE F 149 68.06 2.77 -3.76
C PHE F 149 69.49 2.74 -4.24
N GLN F 150 70.34 3.58 -3.64
CA GLN F 150 71.76 3.59 -3.91
C GLN F 150 72.46 2.48 -3.14
N THR F 151 72.83 1.41 -3.83
CA THR F 151 73.56 0.30 -3.19
C THR F 151 75.05 0.45 -3.45
N LYS F 152 75.87 -0.45 -2.93
CA LYS F 152 77.31 -0.38 -3.17
C LYS F 152 77.65 -0.63 -4.62
N TYR F 153 76.79 -1.31 -5.37
CA TYR F 153 77.15 -1.69 -6.71
C TYR F 153 76.42 -0.92 -7.80
N ALA F 154 75.33 -0.22 -7.41
CA ALA F 154 74.42 0.36 -8.36
C ALA F 154 73.25 1.05 -7.73
N LYS F 155 72.63 1.92 -8.51
CA LYS F 155 71.37 2.47 -8.11
C LYS F 155 70.30 1.52 -8.65
N ILE F 156 69.44 0.98 -7.78
CA ILE F 156 68.49 0.02 -8.24
C ILE F 156 67.03 0.43 -7.97
N GLY F 157 66.14 -0.14 -8.77
CA GLY F 157 64.68 0.01 -8.60
C GLY F 157 64.06 -1.34 -8.29
N VAL F 158 63.34 -1.39 -7.17
CA VAL F 158 62.67 -2.62 -6.76
C VAL F 158 61.20 -2.34 -6.62
N ALA F 159 60.39 -3.12 -7.30
CA ALA F 159 58.94 -3.03 -7.10
C ALA F 159 58.51 -4.48 -6.85
N ILE F 160 57.22 -4.74 -6.69
CA ILE F 160 56.75 -6.02 -6.23
C ILE F 160 55.60 -6.59 -7.07
N SER F 161 55.82 -7.80 -7.53
CA SER F 161 54.86 -8.61 -8.22
C SER F 161 53.87 -7.94 -9.20
N TRP F 162 52.61 -7.76 -8.81
CA TRP F 162 51.64 -7.16 -9.69
C TRP F 162 52.08 -5.76 -10.23
N ASP F 163 52.90 -4.99 -9.50
CA ASP F 163 53.53 -3.73 -10.03
C ASP F 163 54.21 -4.01 -11.38
N GLN F 164 54.63 -5.26 -11.59
CA GLN F 164 55.38 -5.56 -12.82
C GLN F 164 54.57 -5.37 -14.12
N TRP F 165 53.24 -5.26 -14.03
CA TRP F 165 52.37 -5.10 -15.19
C TRP F 165 52.20 -3.65 -15.62
N PHE F 166 52.72 -2.73 -14.81
CA PHE F 166 52.50 -1.26 -15.05
C PHE F 166 53.73 -0.52 -15.62
N PRO F 167 53.71 -0.20 -16.91
CA PRO F 167 54.86 0.57 -17.49
C PRO F 167 55.21 1.80 -16.66
N GLU F 168 54.21 2.37 -15.98
CA GLU F 168 54.40 3.55 -15.14
C GLU F 168 55.38 3.41 -14.02
N ALA F 169 55.44 2.22 -13.43
CA ALA F 169 56.32 1.98 -12.30
C ALA F 169 57.73 1.85 -12.80
N ALA F 170 57.90 1.14 -13.92
CA ALA F 170 59.28 0.97 -14.43
C ALA F 170 59.86 2.32 -14.83
N ARG F 171 59.06 3.14 -15.51
CA ARG F 171 59.50 4.46 -15.97
C ARG F 171 59.81 5.36 -14.76
N ALA F 172 58.98 5.27 -13.73
CA ALA F 172 59.18 6.10 -12.60
C ALA F 172 60.51 5.78 -11.93
N MET F 173 60.89 4.52 -11.96
CA MET F 173 62.11 4.19 -11.33
C MET F 173 63.26 4.59 -12.23
N ALA F 174 63.15 4.35 -13.53
CA ALA F 174 64.24 4.71 -14.46
C ALA F 174 64.55 6.21 -14.46
N LEU F 175 63.47 7.00 -14.42
CA LEU F 175 63.57 8.44 -14.41
C LEU F 175 64.32 8.97 -13.20
N GLN F 176 64.29 8.20 -12.12
CA GLN F 176 64.99 8.55 -10.89
C GLN F 176 66.40 7.97 -10.83
N GLY F 177 66.82 7.38 -11.93
CA GLY F 177 68.19 6.88 -12.06
C GLY F 177 68.39 5.38 -11.82
N ALA F 178 67.31 4.60 -11.65
CA ALA F 178 67.51 3.15 -11.53
C ALA F 178 68.34 2.64 -12.70
N GLU F 179 69.31 1.82 -12.39
CA GLU F 179 70.17 1.19 -13.39
C GLU F 179 69.80 -0.26 -13.69
N ILE F 180 69.02 -0.87 -12.79
CA ILE F 180 68.56 -2.21 -12.95
C ILE F 180 67.20 -2.28 -12.28
N LEU F 181 66.23 -3.00 -12.83
CA LEU F 181 64.96 -3.16 -12.13
C LEU F 181 64.83 -4.55 -11.54
N PHE F 182 64.22 -4.63 -10.37
CA PHE F 182 63.98 -5.95 -9.76
C PHE F 182 62.50 -6.17 -9.43
N TYR F 183 61.98 -7.35 -9.79
CA TYR F 183 60.57 -7.68 -9.46
C TYR F 183 60.34 -9.11 -8.89
N PRO F 184 60.36 -9.23 -7.56
CA PRO F 184 59.99 -10.48 -6.87
C PRO F 184 58.47 -10.77 -7.10
N THR F 185 58.14 -11.99 -7.46
CA THR F 185 56.84 -12.32 -8.00
C THR F 185 56.28 -13.60 -7.40
N ALA F 186 54.96 -13.73 -7.42
CA ALA F 186 54.32 -14.98 -7.17
C ALA F 186 53.21 -15.05 -8.19
N ILE F 187 53.41 -15.79 -9.28
CA ILE F 187 52.38 -15.94 -10.26
C ILE F 187 52.29 -17.33 -10.82
N GLY F 188 51.04 -17.81 -10.98
CA GLY F 188 50.77 -19.19 -11.48
C GLY F 188 49.42 -19.38 -12.17
N SER F 189 48.97 -20.61 -12.24
CA SER F 189 47.65 -20.91 -12.75
C SER F 189 46.64 -20.13 -11.92
N GLU F 190 45.38 -20.19 -12.33
CA GLU F 190 44.28 -19.51 -11.59
C GLU F 190 43.20 -20.50 -11.30
N PRO F 191 42.81 -20.60 -10.01
CA PRO F 191 41.98 -21.74 -9.55
C PRO F 191 40.54 -21.79 -10.12
N HIS F 192 40.05 -20.71 -10.71
CA HIS F 192 38.66 -20.67 -11.24
C HIS F 192 38.53 -21.02 -12.75
N ASP F 193 39.66 -20.97 -13.48
CA ASP F 193 39.70 -21.19 -14.94
C ASP F 193 41.08 -21.73 -15.33
N GLN F 194 41.15 -23.03 -15.52
CA GLN F 194 42.42 -23.70 -15.82
C GLN F 194 42.95 -23.42 -17.22
N SER F 195 42.12 -22.82 -18.07
CA SER F 195 42.53 -22.41 -19.43
C SER F 195 43.39 -21.14 -19.46
N ILE F 196 43.51 -20.48 -18.32
CA ILE F 196 44.41 -19.33 -18.19
C ILE F 196 45.91 -19.71 -17.95
N ASP F 197 46.76 -19.27 -18.87
CA ASP F 197 48.20 -19.43 -18.77
C ASP F 197 48.82 -18.10 -19.19
N SER F 198 49.16 -17.32 -18.18
CA SER F 198 49.64 -15.97 -18.32
C SER F 198 51.14 -15.80 -18.55
N ARG F 199 51.91 -16.90 -18.50
CA ARG F 199 53.37 -16.76 -18.52
C ARG F 199 53.97 -15.98 -19.68
N ASP F 200 53.49 -16.19 -20.89
CA ASP F 200 54.07 -15.56 -22.02
C ASP F 200 53.70 -14.10 -22.02
N HIS F 201 52.47 -13.84 -21.56
CA HIS F 201 51.97 -12.46 -21.49
C HIS F 201 52.80 -11.67 -20.48
N TRP F 202 53.05 -12.29 -19.33
CA TRP F 202 53.84 -11.78 -18.25
C TRP F 202 55.25 -11.41 -18.70
N LYS F 203 55.93 -12.31 -19.43
CA LYS F 203 57.32 -12.04 -19.90
C LYS F 203 57.37 -10.89 -20.89
N ARG F 204 56.40 -10.89 -21.80
CA ARG F 204 56.37 -9.85 -22.82
C ARG F 204 56.20 -8.49 -22.20
N VAL F 205 55.34 -8.41 -21.19
CA VAL F 205 55.08 -7.10 -20.63
C VAL F 205 56.38 -6.56 -19.99
N MET F 206 57.05 -7.40 -19.22
CA MET F 206 58.29 -6.98 -18.58
C MET F 206 59.43 -6.79 -19.55
N GLN F 207 59.56 -7.65 -20.55
CA GLN F 207 60.62 -7.39 -21.53
C GLN F 207 60.40 -5.99 -22.12
N GLY F 208 59.13 -5.60 -22.20
CA GLY F 208 58.75 -4.30 -22.74
C GLY F 208 59.27 -3.17 -21.89
N HIS F 209 59.21 -3.35 -20.57
CA HIS F 209 59.73 -2.34 -19.65
C HIS F 209 61.23 -2.20 -19.85
N ALA F 210 61.93 -3.32 -19.96
CA ALA F 210 63.38 -3.27 -20.09
C ALA F 210 63.79 -2.57 -21.40
N GLY F 211 63.08 -2.87 -22.48
CA GLY F 211 63.41 -2.26 -23.74
C GLY F 211 63.04 -0.79 -23.81
N ALA F 212 62.02 -0.38 -23.07
CA ALA F 212 61.59 0.97 -23.19
C ALA F 212 62.43 1.93 -22.37
N ASN F 213 62.97 1.43 -21.26
CA ASN F 213 63.82 2.23 -20.37
C ASN F 213 65.32 1.95 -20.53
N LEU F 214 65.66 0.95 -21.35
CA LEU F 214 67.01 0.53 -21.58
C LEU F 214 67.76 0.28 -20.28
N VAL F 215 67.16 -0.54 -19.42
CA VAL F 215 67.78 -1.05 -18.22
C VAL F 215 67.51 -2.54 -18.11
N PRO F 216 68.51 -3.30 -17.62
CA PRO F 216 68.27 -4.70 -17.37
C PRO F 216 67.20 -4.87 -16.32
N LEU F 217 66.67 -6.08 -16.25
CA LEU F 217 65.56 -6.34 -15.35
C LEU F 217 65.58 -7.79 -14.89
N VAL F 218 65.25 -8.01 -13.61
CA VAL F 218 65.35 -9.31 -12.96
C VAL F 218 64.02 -9.66 -12.31
N ALA F 219 63.47 -10.85 -12.67
CA ALA F 219 62.24 -11.30 -12.08
C ALA F 219 62.41 -12.70 -11.48
N SER F 220 62.07 -12.84 -10.21
CA SER F 220 62.18 -14.10 -9.47
C SER F 220 60.84 -14.54 -9.06
N ASN F 221 60.40 -15.68 -9.58
CA ASN F 221 59.04 -16.18 -9.35
C ASN F 221 59.10 -17.55 -8.70
N ARG F 222 58.08 -17.85 -7.92
CA ARG F 222 57.90 -19.11 -7.23
C ARG F 222 57.56 -20.30 -8.17
N ILE F 223 57.88 -21.52 -7.69
CA ILE F 223 57.45 -22.73 -8.33
C ILE F 223 56.67 -23.57 -7.34
N GLY F 224 56.03 -24.64 -7.83
CA GLY F 224 55.34 -25.59 -6.99
C GLY F 224 53.85 -25.40 -6.87
N ASN F 225 53.16 -26.48 -6.50
CA ASN F 225 51.73 -26.49 -6.20
C ASN F 225 51.53 -26.15 -4.76
N GLU F 226 50.53 -25.31 -4.51
CA GLU F 226 50.17 -24.94 -3.15
C GLU F 226 48.67 -25.02 -3.03
N ILE F 227 48.23 -25.65 -1.95
CA ILE F 227 46.85 -25.90 -1.68
C ILE F 227 46.53 -25.30 -0.35
N ILE F 228 45.61 -24.35 -0.35
CA ILE F 228 45.22 -23.56 0.81
C ILE F 228 43.77 -23.85 1.10
N GLU F 229 43.44 -23.95 2.38
CA GLU F 229 42.05 -23.95 2.78
C GLU F 229 41.54 -22.48 2.83
N THR F 230 40.40 -22.24 2.15
CA THR F 230 39.75 -20.93 2.11
C THR F 230 38.31 -20.99 2.67
N GLU F 231 37.69 -19.80 2.81
CA GLU F 231 36.29 -19.59 3.24
C GLU F 231 35.34 -20.49 2.49
N HIS F 232 35.79 -21.02 1.35
CA HIS F 232 34.92 -21.88 0.51
C HIS F 232 35.50 -23.25 0.17
N GLY F 233 36.54 -23.67 0.88
CA GLY F 233 37.12 -25.00 0.63
C GLY F 233 38.49 -24.84 0.02
N LYS F 234 39.05 -25.93 -0.50
CA LYS F 234 40.43 -25.90 -1.04
C LYS F 234 40.56 -25.09 -2.32
N SER F 235 41.66 -24.37 -2.44
CA SER F 235 42.01 -23.65 -3.67
C SER F 235 43.49 -23.97 -4.04
N GLU F 236 43.73 -24.32 -5.29
CA GLU F 236 45.04 -24.72 -5.65
C GLU F 236 45.64 -23.79 -6.70
N ILE F 237 46.93 -23.49 -6.55
CA ILE F 237 47.68 -22.78 -7.56
C ILE F 237 48.94 -23.55 -7.91
N LYS F 238 49.22 -23.71 -9.20
CA LYS F 238 50.48 -24.22 -9.62
C LYS F 238 51.33 -23.05 -10.09
N PHE F 239 52.30 -22.67 -9.29
CA PHE F 239 53.24 -21.62 -9.65
C PHE F 239 54.15 -22.03 -10.81
N TYR F 240 54.33 -21.10 -11.76
CA TYR F 240 54.98 -21.47 -13.00
C TYR F 240 56.44 -21.02 -13.26
N GLY F 241 57.13 -20.58 -12.23
CA GLY F 241 58.57 -20.32 -12.39
C GLY F 241 58.85 -19.40 -13.53
N ASN F 242 59.66 -19.82 -14.48
CA ASN F 242 60.03 -18.90 -15.57
C ASN F 242 60.68 -17.58 -15.02
N SER F 243 61.38 -17.70 -13.90
CA SER F 243 62.16 -16.59 -13.42
C SER F 243 63.12 -16.23 -14.52
N PHE F 244 63.40 -14.96 -14.68
CA PHE F 244 64.27 -14.63 -15.74
C PHE F 244 65.05 -13.35 -15.52
N ILE F 245 66.03 -13.14 -16.39
CA ILE F 245 66.78 -11.93 -16.40
C ILE F 245 66.76 -11.38 -17.80
N ALA F 246 66.47 -10.10 -17.95
CA ALA F 246 66.41 -9.48 -19.27
C ALA F 246 67.44 -8.35 -19.40
N GLY F 247 67.99 -8.20 -20.60
CA GLY F 247 68.91 -7.12 -20.95
C GLY F 247 68.17 -5.84 -21.32
N PRO F 248 68.92 -4.75 -21.60
CA PRO F 248 68.40 -3.42 -21.82
C PRO F 248 67.69 -3.19 -23.16
N THR F 249 67.71 -4.19 -24.05
CA THR F 249 66.84 -4.14 -25.22
C THR F 249 65.63 -5.12 -25.05
N GLY F 250 65.50 -5.68 -23.87
CA GLY F 250 64.45 -6.67 -23.62
C GLY F 250 64.80 -8.11 -23.86
N GLU F 251 65.96 -8.36 -24.45
CA GLU F 251 66.41 -9.73 -24.74
C GLU F 251 66.47 -10.56 -23.47
N ILE F 252 65.91 -11.74 -23.49
CA ILE F 252 66.08 -12.57 -22.31
C ILE F 252 67.49 -13.21 -22.32
N VAL F 253 68.27 -13.03 -21.27
CA VAL F 253 69.65 -13.53 -21.28
C VAL F 253 69.81 -14.80 -20.47
N SER F 254 68.85 -15.05 -19.60
CA SER F 254 68.90 -16.22 -18.77
C SER F 254 67.48 -16.43 -18.24
N ILE F 255 67.05 -17.70 -18.24
CA ILE F 255 65.70 -18.07 -17.87
C ILE F 255 65.54 -19.46 -17.35
N ALA F 256 64.61 -19.58 -16.40
CA ALA F 256 64.36 -20.89 -15.76
C ALA F 256 63.08 -21.56 -16.31
N ASP F 257 62.89 -22.85 -16.03
CA ASP F 257 61.69 -23.50 -16.53
C ASP F 257 60.58 -23.39 -15.50
N ASP F 258 59.50 -24.16 -15.68
CA ASP F 258 58.33 -23.99 -14.82
C ASP F 258 58.33 -24.89 -13.60
N LYS F 259 59.44 -25.54 -13.32
CA LYS F 259 59.44 -26.50 -12.23
C LYS F 259 60.73 -26.78 -11.49
N GLU F 260 61.86 -26.46 -12.09
CA GLU F 260 63.14 -26.68 -11.46
C GLU F 260 63.41 -25.55 -10.44
N GLU F 261 64.16 -25.89 -9.40
CA GLU F 261 64.72 -24.88 -8.54
C GLU F 261 65.86 -24.26 -9.32
N ALA F 262 66.07 -22.95 -9.21
CA ALA F 262 67.02 -22.29 -10.09
C ALA F 262 67.80 -21.14 -9.48
N VAL F 263 69.03 -21.01 -9.99
CA VAL F 263 69.89 -19.87 -9.70
C VAL F 263 70.38 -19.27 -11.02
N LEU F 264 69.84 -18.11 -11.36
CA LEU F 264 70.17 -17.42 -12.59
C LEU F 264 71.19 -16.31 -12.34
N ILE F 265 72.15 -16.17 -13.28
CA ILE F 265 73.32 -15.30 -13.14
C ILE F 265 73.53 -14.53 -14.44
N ALA F 266 73.66 -13.22 -14.33
CA ALA F 266 74.00 -12.43 -15.49
C ALA F 266 74.83 -11.22 -15.07
N GLU F 267 75.87 -10.95 -15.87
CA GLU F 267 76.73 -9.78 -15.67
C GLU F 267 76.32 -8.65 -16.63
N PHE F 268 76.20 -7.43 -16.11
CA PHE F 268 75.91 -6.23 -16.94
C PHE F 268 76.94 -5.15 -16.73
N ASN F 269 77.29 -4.44 -17.80
CA ASN F 269 78.26 -3.34 -17.71
C ASN F 269 77.50 -2.04 -17.67
N LEU F 270 77.37 -1.47 -16.49
CA LEU F 270 76.45 -0.38 -16.27
C LEU F 270 76.85 0.90 -16.92
N ASP F 271 78.15 1.07 -17.12
CA ASP F 271 78.61 2.27 -17.85
C ASP F 271 78.31 2.18 -19.35
N LYS F 272 78.50 1.02 -19.98
CA LYS F 272 78.14 0.89 -21.40
C LYS F 272 76.59 0.97 -21.59
N ILE F 273 75.83 0.43 -20.64
CA ILE F 273 74.38 0.46 -20.76
C ILE F 273 73.87 1.88 -20.57
N LYS F 274 74.48 2.61 -19.65
CA LYS F 274 74.14 4.02 -19.45
C LYS F 274 74.37 4.78 -20.75
N SER F 275 75.47 4.48 -21.40
CA SER F 275 75.79 5.20 -22.59
C SER F 275 74.83 4.85 -23.75
N MET F 276 74.42 3.58 -23.81
CA MET F 276 73.51 3.09 -24.82
C MET F 276 72.12 3.71 -24.59
N ARG F 277 71.68 3.74 -23.34
CA ARG F 277 70.41 4.29 -22.96
C ARG F 277 70.31 5.72 -23.34
N HIS F 278 71.36 6.48 -23.12
CA HIS F 278 71.30 7.91 -23.48
C HIS F 278 71.35 8.15 -24.99
N CYS F 279 72.14 7.40 -25.75
CA CYS F 279 72.20 7.68 -27.17
CA CYS F 279 72.23 7.61 -27.19
C CYS F 279 70.96 7.14 -27.91
N TRP F 280 70.29 6.12 -27.38
CA TRP F 280 69.04 5.70 -28.04
C TRP F 280 68.05 6.88 -28.07
N GLY F 281 68.05 7.69 -27.01
CA GLY F 281 67.43 9.03 -27.03
C GLY F 281 66.05 9.20 -26.41
N VAL F 282 65.49 8.12 -25.87
CA VAL F 282 64.13 8.17 -25.40
C VAL F 282 63.91 9.16 -24.28
N PHE F 283 64.88 9.24 -23.35
CA PHE F 283 64.73 10.13 -22.24
C PHE F 283 64.87 11.59 -22.65
N ARG F 284 65.63 11.80 -23.71
CA ARG F 284 65.78 13.11 -24.35
C ARG F 284 64.49 13.55 -25.02
N ASP F 285 63.69 12.60 -25.50
CA ASP F 285 62.55 12.94 -26.38
C ASP F 285 61.21 12.90 -25.71
N ARG F 286 61.20 12.53 -24.44
CA ARG F 286 59.96 12.35 -23.70
C ARG F 286 59.22 13.64 -23.66
N ARG F 287 57.89 13.53 -23.61
CA ARG F 287 57.02 14.71 -23.66
C ARG F 287 56.11 14.83 -22.47
N PRO F 288 56.68 15.10 -21.30
CA PRO F 288 55.81 15.11 -20.15
C PRO F 288 54.75 16.20 -20.21
N ASP F 289 54.88 17.20 -21.08
CA ASP F 289 53.82 18.21 -21.18
C ASP F 289 52.55 17.59 -21.73
N LEU F 290 52.68 16.39 -22.28
CA LEU F 290 51.59 15.70 -22.95
C LEU F 290 51.11 14.51 -22.16
N TYR F 291 51.68 14.29 -20.99
CA TYR F 291 51.35 13.10 -20.19
C TYR F 291 50.31 13.23 -19.01
N LYS F 292 49.64 14.35 -18.91
CA LYS F 292 48.71 14.55 -17.80
C LYS F 292 47.58 13.55 -17.70
N VAL F 293 47.11 13.09 -18.84
CA VAL F 293 46.05 12.10 -18.86
C VAL F 293 46.46 10.84 -18.06
N LEU F 294 47.77 10.65 -17.83
CA LEU F 294 48.21 9.51 -17.08
C LEU F 294 47.87 9.64 -15.62
N LEU F 295 47.60 10.85 -15.18
CA LEU F 295 47.15 11.05 -13.80
C LEU F 295 45.62 10.93 -13.65
N THR F 296 44.96 10.38 -14.66
CA THR F 296 43.54 10.13 -14.56
C THR F 296 43.42 8.59 -14.52
N LEU F 297 42.22 8.12 -14.19
CA LEU F 297 41.88 6.69 -14.29
C LEU F 297 41.00 6.47 -15.53
N ASP F 298 40.13 7.45 -15.79
CA ASP F 298 39.12 7.28 -16.81
C ASP F 298 39.43 8.03 -18.09
N GLY F 299 40.61 8.59 -18.13
CA GLY F 299 41.10 9.31 -19.32
C GLY F 299 40.59 10.72 -19.49
N LYS F 300 39.90 11.19 -18.46
CA LYS F 300 39.37 12.54 -18.46
C LYS F 300 39.61 13.31 -17.17
N ASN F 301 39.30 12.72 -16.00
CA ASN F 301 39.34 13.45 -14.73
C ASN F 301 40.58 13.23 -13.90
N PRO F 302 41.43 14.31 -13.67
CA PRO F 302 42.63 14.08 -12.82
C PRO F 302 42.23 13.65 -11.42
N VAL F 303 42.99 12.73 -10.84
CA VAL F 303 42.66 12.27 -9.50
C VAL F 303 43.03 13.31 -8.45
N LEU F 304 42.31 13.26 -7.32
CA LEU F 304 42.56 14.18 -6.21
C LEU F 304 43.99 14.04 -5.56
N ARG G 10 12.11 26.96 6.89
CA ARG G 10 12.63 26.07 5.77
C ARG G 10 12.58 24.58 6.14
N LYS G 11 11.61 23.86 5.56
CA LYS G 11 11.13 22.57 6.09
C LYS G 11 11.08 21.49 5.01
N VAL G 12 12.17 20.79 4.84
CA VAL G 12 12.29 19.69 3.87
C VAL G 12 11.72 18.36 4.43
N VAL G 13 10.99 17.60 3.59
CA VAL G 13 10.64 16.19 3.94
C VAL G 13 11.57 15.16 3.22
N VAL G 14 11.97 14.13 3.97
CA VAL G 14 12.89 13.10 3.47
C VAL G 14 12.42 11.66 3.72
N SER G 15 12.80 10.77 2.79
CA SER G 15 12.36 9.38 2.78
C SER G 15 13.51 8.40 2.50
N ALA G 16 13.50 7.32 3.28
CA ALA G 16 14.35 6.21 2.99
C ALA G 16 13.38 5.18 2.48
N LEU G 17 13.80 4.44 1.45
CA LEU G 17 13.04 3.28 0.94
C LEU G 17 13.84 1.97 1.11
N GLN G 18 13.09 0.89 1.25
CA GLN G 18 13.63 -0.43 1.53
C GLN G 18 12.80 -1.46 0.75
N PHE G 19 13.48 -2.15 -0.16
CA PHE G 19 12.77 -3.12 -0.99
C PHE G 19 13.65 -4.23 -1.45
N ALA G 20 12.98 -5.23 -2.00
CA ALA G 20 13.59 -6.43 -2.56
C ALA G 20 13.81 -6.27 -4.07
N CYS G 21 14.94 -6.82 -4.51
CA CYS G 21 15.35 -6.79 -5.91
C CYS G 21 15.23 -8.19 -6.52
N THR G 22 14.95 -8.23 -7.83
CA THR G 22 15.09 -9.43 -8.70
C THR G 22 16.40 -9.16 -9.44
N ASP G 23 16.77 -9.97 -10.43
CA ASP G 23 17.99 -9.65 -11.20
C ASP G 23 17.63 -9.08 -12.58
N ASP G 24 16.44 -8.47 -12.66
CA ASP G 24 15.94 -7.90 -13.90
C ASP G 24 15.82 -6.35 -13.79
N VAL G 25 16.63 -5.63 -14.56
CA VAL G 25 16.67 -4.12 -14.55
C VAL G 25 15.27 -3.45 -14.47
N SER G 26 14.43 -3.75 -15.47
CA SER G 26 13.11 -3.17 -15.62
C SER G 26 12.12 -3.43 -14.45
N THR G 27 12.13 -4.63 -13.86
CA THR G 27 11.27 -4.89 -12.69
C THR G 27 11.70 -3.97 -11.53
N ASN G 28 12.99 -3.80 -11.34
CA ASN G 28 13.43 -3.08 -10.17
C ASN G 28 13.20 -1.59 -10.32
N VAL G 29 13.42 -1.09 -11.52
CA VAL G 29 13.08 0.30 -11.78
C VAL G 29 11.57 0.53 -11.62
N THR G 30 10.72 -0.44 -12.00
CA THR G 30 9.25 -0.29 -11.77
C THR G 30 9.00 -0.21 -10.25
N THR G 31 9.82 -0.90 -9.43
CA THR G 31 9.63 -0.91 -7.97
C THR G 31 10.11 0.37 -7.31
N ALA G 32 11.27 0.90 -7.73
CA ALA G 32 11.73 2.23 -7.27
C ALA G 32 10.64 3.29 -7.63
N GLU G 33 10.15 3.27 -8.88
CA GLU G 33 9.12 4.18 -9.42
C GLU G 33 7.83 4.21 -8.60
N ARG G 34 7.46 3.08 -8.02
CA ARG G 34 6.22 2.91 -7.24
C ARG G 34 6.43 3.33 -5.77
N LEU G 35 7.61 3.06 -5.23
CA LEU G 35 7.93 3.51 -3.88
C LEU G 35 8.26 5.04 -3.84
N VAL G 36 8.86 5.55 -4.91
CA VAL G 36 9.06 6.97 -5.02
C VAL G 36 7.71 7.71 -5.09
N ARG G 37 6.74 7.18 -5.87
CA ARG G 37 5.35 7.78 -5.99
C ARG G 37 4.59 7.86 -4.66
N ALA G 38 4.84 6.88 -3.77
CA ALA G 38 4.26 6.80 -2.39
C ALA G 38 5.01 7.74 -1.43
N ALA G 39 6.33 7.82 -1.60
CA ALA G 39 7.11 8.76 -0.83
C ALA G 39 6.44 10.10 -1.03
N HIS G 40 6.37 10.51 -2.31
CA HIS G 40 5.82 11.84 -2.76
C HIS G 40 4.39 12.08 -2.32
N LYS G 41 3.61 11.00 -2.24
CA LYS G 41 2.24 10.99 -1.71
C LYS G 41 2.17 11.35 -0.19
N GLN G 42 3.19 10.84 0.54
CA GLN G 42 3.35 11.11 1.97
C GLN G 42 4.09 12.45 2.22
N GLY G 43 4.28 13.24 1.16
CA GLY G 43 4.88 14.57 1.27
C GLY G 43 6.39 14.72 1.01
N ALA G 44 7.07 13.65 0.61
CA ALA G 44 8.53 13.70 0.44
C ALA G 44 9.06 14.70 -0.63
N ASN G 45 10.17 15.35 -0.30
CA ASN G 45 10.87 16.25 -1.20
C ASN G 45 12.10 15.57 -1.75
N ILE G 46 12.64 14.61 -1.00
CA ILE G 46 13.91 14.00 -1.36
C ILE G 46 13.82 12.50 -1.06
N VAL G 47 13.71 11.71 -2.12
CA VAL G 47 13.52 10.29 -1.97
C VAL G 47 14.83 9.51 -2.26
N LEU G 48 15.22 8.67 -1.30
CA LEU G 48 16.46 7.88 -1.41
C LEU G 48 16.26 6.39 -1.74
N ILE G 49 16.87 6.02 -2.88
CA ILE G 49 16.89 4.63 -3.36
C ILE G 49 18.20 3.85 -2.96
N GLN G 50 18.02 2.60 -2.53
CA GLN G 50 19.12 1.71 -2.09
C GLN G 50 20.20 1.52 -3.17
N GLU G 51 21.40 1.10 -2.70
CA GLU G 51 22.62 0.93 -3.57
C GLU G 51 22.48 -0.19 -4.60
N LEU G 52 22.90 0.11 -5.84
CA LEU G 52 22.87 -0.85 -6.94
C LEU G 52 21.51 -1.60 -7.12
N PHE G 53 20.41 -0.88 -6.87
CA PHE G 53 19.07 -1.44 -6.93
C PHE G 53 18.56 -1.92 -8.34
N GLU G 54 19.36 -1.75 -9.41
CA GLU G 54 19.01 -2.19 -10.80
C GLU G 54 19.02 -3.72 -10.96
N GLY G 55 19.64 -4.39 -10.01
CA GLY G 55 19.70 -5.84 -10.04
C GLY G 55 20.11 -6.39 -8.69
N TYR G 56 20.45 -7.69 -8.71
CA TYR G 56 20.98 -8.40 -7.54
C TYR G 56 22.33 -7.71 -7.14
N TYR G 57 22.68 -7.79 -5.84
CA TYR G 57 24.02 -7.40 -5.35
C TYR G 57 25.01 -8.48 -5.86
N PHE G 58 25.63 -8.18 -7.00
CA PHE G 58 26.39 -9.18 -7.76
C PHE G 58 27.83 -9.33 -7.24
N CYS G 59 28.21 -8.44 -6.32
CA CYS G 59 29.54 -8.42 -5.72
C CYS G 59 29.86 -9.65 -4.78
N GLN G 60 28.93 -10.61 -4.66
CA GLN G 60 29.23 -11.92 -3.99
C GLN G 60 30.18 -12.75 -4.85
N ALA G 61 30.07 -12.55 -6.16
CA ALA G 61 30.90 -13.23 -7.14
C ALA G 61 32.02 -12.28 -7.68
N GLN G 62 33.11 -12.90 -8.14
CA GLN G 62 34.20 -12.21 -8.85
C GLN G 62 34.20 -12.84 -10.24
N ARG G 63 33.36 -12.27 -11.12
CA ARG G 63 33.14 -12.77 -12.45
C ARG G 63 33.43 -11.73 -13.54
N GLU G 64 34.21 -12.16 -14.53
CA GLU G 64 34.50 -11.38 -15.72
C GLU G 64 33.23 -10.77 -16.34
N ASP G 65 32.21 -11.60 -16.61
CA ASP G 65 30.97 -11.11 -17.26
C ASP G 65 30.18 -10.05 -16.45
N PHE G 66 30.22 -10.14 -15.12
CA PHE G 66 29.53 -9.17 -14.27
C PHE G 66 30.10 -7.73 -14.38
N ILE G 67 31.39 -7.61 -14.70
CA ILE G 67 32.01 -6.28 -14.89
C ILE G 67 31.31 -5.55 -16.05
N GLN G 68 30.95 -6.32 -17.08
CA GLN G 68 30.26 -5.82 -18.25
C GLN G 68 28.80 -5.45 -18.02
N ARG G 69 28.30 -5.63 -16.78
CA ARG G 69 27.02 -4.98 -16.32
C ARG G 69 27.10 -3.42 -16.23
N ALA G 70 28.32 -2.89 -16.23
CA ALA G 70 28.53 -1.45 -16.05
C ALA G 70 28.08 -0.69 -17.30
N LYS G 71 27.74 0.60 -17.13
CA LYS G 71 27.32 1.44 -18.26
C LYS G 71 27.83 2.89 -18.13
N PRO G 72 28.04 3.56 -19.28
CA PRO G 72 28.39 4.97 -19.18
C PRO G 72 27.36 5.82 -18.41
N TYR G 73 27.90 6.72 -17.60
CA TYR G 73 27.15 7.79 -16.98
C TYR G 73 26.29 8.49 -18.06
N LYS G 74 26.89 8.77 -19.22
CA LYS G 74 26.26 9.52 -20.32
C LYS G 74 25.14 8.72 -21.03
N ASP G 75 23.93 9.32 -21.01
CA ASP G 75 22.67 8.81 -21.59
C ASP G 75 22.36 7.40 -20.99
N HIS G 76 22.45 7.31 -19.66
CA HIS G 76 22.14 6.07 -18.90
C HIS G 76 20.59 5.88 -18.84
N PRO G 77 20.10 4.72 -19.31
CA PRO G 77 18.64 4.50 -19.48
C PRO G 77 17.80 4.70 -18.20
N THR G 78 18.40 4.31 -17.07
CA THR G 78 17.72 4.37 -15.78
C THR G 78 17.71 5.80 -15.19
N ILE G 79 18.90 6.44 -15.18
CA ILE G 79 19.04 7.86 -14.74
C ILE G 79 17.95 8.67 -15.50
N MET G 80 17.95 8.51 -16.83
CA MET G 80 17.05 9.24 -17.75
C MET G 80 15.52 9.07 -17.41
N ARG G 81 15.18 7.86 -16.95
CA ARG G 81 13.83 7.52 -16.61
C ARG G 81 13.51 8.14 -15.26
N LEU G 82 14.47 8.06 -14.33
CA LEU G 82 14.25 8.66 -13.01
C LEU G 82 14.31 10.21 -13.03
N GLN G 83 14.87 10.75 -14.11
CA GLN G 83 14.80 12.21 -14.33
C GLN G 83 13.35 12.65 -14.67
N LYS G 84 12.66 11.93 -15.56
CA LYS G 84 11.29 12.31 -15.96
C LYS G 84 10.34 12.34 -14.73
N LEU G 85 10.54 11.36 -13.84
CA LEU G 85 9.79 11.20 -12.58
C LEU G 85 10.16 12.31 -11.54
N ALA G 86 11.47 12.57 -11.42
CA ALA G 86 11.96 13.60 -10.52
C ALA G 86 11.22 14.88 -10.85
N LYS G 87 11.05 15.08 -12.16
CA LYS G 87 10.60 16.28 -12.79
C LYS G 87 9.06 16.49 -12.70
N GLU G 88 8.35 15.39 -12.83
CA GLU G 88 6.90 15.38 -12.76
C GLU G 88 6.41 15.60 -11.31
N LEU G 89 7.07 14.94 -10.34
CA LEU G 89 6.73 14.99 -8.89
C LEU G 89 7.31 16.21 -8.18
N GLY G 90 8.46 16.67 -8.68
CA GLY G 90 9.19 17.74 -8.07
C GLY G 90 9.84 17.16 -6.85
N VAL G 91 10.44 15.97 -7.01
CA VAL G 91 11.26 15.45 -5.94
C VAL G 91 12.66 15.19 -6.46
N VAL G 92 13.60 15.25 -5.50
CA VAL G 92 15.04 15.04 -5.72
C VAL G 92 15.24 13.51 -5.59
N ILE G 93 16.15 12.95 -6.38
CA ILE G 93 16.30 11.51 -6.45
C ILE G 93 17.74 11.13 -6.79
N PRO G 94 18.52 10.72 -5.77
CA PRO G 94 19.83 10.06 -6.01
C PRO G 94 19.67 8.62 -6.64
N VAL G 95 20.47 8.38 -7.69
CA VAL G 95 20.41 7.16 -8.54
C VAL G 95 21.77 6.39 -8.60
N SER G 96 21.86 5.36 -7.77
CA SER G 96 22.99 4.42 -7.73
C SER G 96 23.11 3.65 -9.09
N PHE G 97 24.36 3.46 -9.54
CA PHE G 97 24.57 2.76 -10.76
C PHE G 97 26.03 2.34 -10.82
N PHE G 98 26.25 1.32 -11.65
CA PHE G 98 27.54 0.76 -11.90
C PHE G 98 28.06 1.51 -13.14
N GLU G 99 29.06 2.36 -12.93
CA GLU G 99 29.57 3.25 -13.96
C GLU G 99 30.73 2.65 -14.74
N GLU G 100 30.62 2.65 -16.07
CA GLU G 100 31.77 2.36 -16.94
C GLU G 100 32.29 3.72 -17.42
N ALA G 101 33.59 3.94 -17.31
CA ALA G 101 34.21 5.19 -17.81
C ALA G 101 35.55 4.86 -18.51
N ASN G 102 35.46 4.62 -19.83
CA ASN G 102 36.57 4.06 -20.61
C ASN G 102 36.94 2.71 -19.98
N ASN G 103 38.17 2.54 -19.48
CA ASN G 103 38.55 1.28 -18.82
C ASN G 103 38.35 1.23 -17.24
N ALA G 104 38.11 2.39 -16.65
CA ALA G 104 37.73 2.53 -15.25
C ALA G 104 36.25 2.16 -15.05
N HIS G 105 35.98 1.72 -13.83
CA HIS G 105 34.65 1.33 -13.39
C HIS G 105 34.43 1.89 -11.99
N TYR G 106 33.21 2.33 -11.71
CA TYR G 106 32.98 2.92 -10.41
C TYR G 106 31.63 2.46 -9.87
N ASN G 107 31.52 2.45 -8.54
CA ASN G 107 30.24 2.41 -7.83
C ASN G 107 29.81 3.92 -7.69
N SER G 108 28.76 4.33 -8.41
CA SER G 108 28.51 5.78 -8.57
C SER G 108 27.05 6.13 -8.32
N ILE G 109 26.82 7.43 -8.03
CA ILE G 109 25.50 7.94 -7.82
C ILE G 109 25.27 9.31 -8.55
N ALA G 110 24.12 9.42 -9.25
CA ALA G 110 23.76 10.72 -9.88
C ALA G 110 22.61 11.46 -9.10
N ILE G 111 22.84 12.71 -8.69
CA ILE G 111 21.88 13.50 -7.92
C ILE G 111 20.94 14.24 -8.90
N ILE G 112 19.67 13.80 -8.99
CA ILE G 112 18.64 14.47 -9.84
C ILE G 112 17.85 15.46 -8.96
N ASP G 113 17.87 16.73 -9.37
CA ASP G 113 17.21 17.82 -8.66
C ASP G 113 15.69 17.71 -9.04
N ALA G 114 14.85 18.56 -8.42
CA ALA G 114 13.41 18.49 -8.56
C ALA G 114 12.87 19.04 -9.87
N ASP G 115 13.74 19.57 -10.70
CA ASP G 115 13.36 19.94 -12.03
C ASP G 115 13.87 18.86 -13.02
N GLY G 116 14.26 17.70 -12.50
CA GLY G 116 14.80 16.63 -13.32
C GLY G 116 16.24 16.85 -13.74
N THR G 117 16.82 18.00 -13.41
CA THR G 117 18.21 18.34 -13.78
C THR G 117 19.19 17.29 -13.23
N ASP G 118 20.21 16.91 -14.02
CA ASP G 118 21.29 16.03 -13.53
C ASP G 118 22.40 16.96 -12.93
N LEU G 119 22.59 16.88 -11.62
CA LEU G 119 23.49 17.80 -10.92
C LEU G 119 24.91 17.25 -10.79
N GLY G 120 25.17 16.08 -11.37
CA GLY G 120 26.50 15.47 -11.28
C GLY G 120 26.62 14.16 -10.47
N ILE G 121 27.81 13.56 -10.56
CA ILE G 121 28.01 12.26 -9.91
C ILE G 121 28.96 12.31 -8.74
N TYR G 122 28.71 11.39 -7.80
CA TYR G 122 29.68 11.02 -6.78
C TYR G 122 30.09 9.54 -7.04
N ARG G 123 31.40 9.33 -7.02
CA ARG G 123 31.97 7.98 -7.13
C ARG G 123 32.39 7.43 -5.76
N LYS G 124 31.77 6.33 -5.34
CA LYS G 124 32.16 5.64 -4.10
C LYS G 124 33.70 5.64 -3.89
N SER G 125 34.13 6.17 -2.72
CA SER G 125 35.55 6.36 -2.32
C SER G 125 36.17 5.17 -1.58
N HIS G 126 35.43 4.61 -0.63
CA HIS G 126 35.90 3.48 0.19
C HIS G 126 35.25 2.18 -0.34
N ILE G 127 36.09 1.20 -0.65
CA ILE G 127 35.60 0.02 -1.37
C ILE G 127 35.76 -1.22 -0.48
N PRO G 128 34.63 -1.88 -0.13
CA PRO G 128 34.72 -3.04 0.76
C PRO G 128 35.24 -4.29 0.06
N ASP G 129 35.57 -5.31 0.86
CA ASP G 129 36.14 -6.53 0.33
C ASP G 129 35.98 -7.67 1.32
N GLY G 130 35.87 -8.88 0.75
CA GLY G 130 35.78 -10.12 1.52
C GLY G 130 34.58 -10.91 1.06
N PRO G 131 34.46 -12.14 1.59
CA PRO G 131 33.38 -13.03 1.15
C PRO G 131 31.97 -12.33 1.20
N GLY G 132 31.24 -12.42 0.09
CA GLY G 132 29.94 -11.79 -0.02
C GLY G 132 30.00 -10.36 -0.57
N TYR G 133 31.13 -9.66 -0.37
CA TYR G 133 31.20 -8.25 -0.76
C TYR G 133 32.53 -7.94 -1.48
N GLU G 134 32.79 -8.66 -2.59
CA GLU G 134 34.03 -8.53 -3.35
C GLU G 134 33.98 -7.32 -4.27
N GLU G 135 33.73 -6.15 -3.67
CA GLU G 135 33.59 -4.92 -4.43
C GLU G 135 34.91 -4.42 -5.04
N LYS G 136 36.04 -4.63 -4.37
CA LYS G 136 37.37 -4.17 -4.87
C LYS G 136 37.77 -4.90 -6.16
N PHE G 137 37.04 -5.98 -6.50
CA PHE G 137 37.23 -6.66 -7.79
C PHE G 137 36.56 -5.85 -8.96
N TYR G 138 35.47 -5.15 -8.63
CA TYR G 138 34.67 -4.43 -9.61
C TYR G 138 35.06 -2.97 -9.81
N PHE G 139 35.32 -2.26 -8.69
CA PHE G 139 35.42 -0.80 -8.63
C PHE G 139 36.81 -0.14 -8.35
N ASN G 140 37.15 0.79 -9.22
CA ASN G 140 38.24 1.70 -8.95
C ASN G 140 37.78 2.53 -7.75
N PRO G 141 38.68 2.69 -6.76
CA PRO G 141 38.36 3.62 -5.68
C PRO G 141 37.99 4.99 -6.29
N GLY G 142 36.83 5.52 -5.89
CA GLY G 142 36.31 6.79 -6.43
C GLY G 142 37.34 7.92 -6.44
N ASP G 143 37.29 8.73 -7.46
CA ASP G 143 38.21 9.84 -7.60
C ASP G 143 37.51 11.24 -7.68
N THR G 144 36.21 11.26 -7.43
CA THR G 144 35.46 12.53 -7.41
C THR G 144 35.77 13.36 -6.14
N GLY G 145 36.05 12.63 -5.06
CA GLY G 145 36.12 13.21 -3.73
C GLY G 145 34.70 13.31 -3.17
N PHE G 146 34.60 13.69 -1.90
CA PHE G 146 33.30 13.90 -1.27
C PHE G 146 32.73 15.22 -1.76
N LYS G 147 31.42 15.16 -1.98
CA LYS G 147 30.70 16.23 -2.61
C LYS G 147 29.37 16.54 -1.91
N VAL G 148 28.99 17.80 -2.07
CA VAL G 148 27.69 18.23 -1.66
C VAL G 148 27.05 18.81 -2.90
N PHE G 149 25.74 18.63 -2.99
CA PHE G 149 25.01 19.09 -4.15
C PHE G 149 23.94 20.09 -3.69
N GLN G 150 23.86 21.22 -4.37
CA GLN G 150 22.80 22.18 -4.14
C GLN G 150 21.50 21.75 -4.87
N THR G 151 20.43 21.41 -4.14
CA THR G 151 19.12 21.07 -4.77
C THR G 151 18.10 22.17 -4.48
N LYS G 152 16.99 22.16 -5.17
CA LYS G 152 15.93 23.12 -4.84
C LYS G 152 15.79 23.25 -3.30
N TYR G 153 15.78 22.09 -2.65
CA TYR G 153 15.38 22.01 -1.26
C TYR G 153 16.47 22.20 -0.25
N ALA G 154 17.71 21.98 -0.67
CA ALA G 154 18.79 21.92 0.29
C ALA G 154 20.14 21.57 -0.37
N LYS G 155 21.23 21.82 0.38
CA LYS G 155 22.57 21.25 0.10
C LYS G 155 22.58 19.90 0.80
N ILE G 156 22.86 18.85 0.04
CA ILE G 156 22.82 17.49 0.59
C ILE G 156 24.19 16.79 0.37
N GLY G 157 24.56 15.91 1.31
CA GLY G 157 25.82 15.16 1.21
C GLY G 157 25.47 13.74 0.87
N VAL G 158 25.66 13.34 -0.40
CA VAL G 158 25.41 11.93 -0.84
C VAL G 158 26.77 11.12 -0.96
N ALA G 159 26.88 10.04 -0.21
CA ALA G 159 28.01 9.12 -0.36
C ALA G 159 27.40 7.71 -0.54
N ILE G 160 28.20 6.65 -0.67
CA ILE G 160 27.58 5.34 -0.90
C ILE G 160 28.03 4.19 0.05
N SER G 161 27.03 3.45 0.54
CA SER G 161 27.19 2.23 1.42
C SER G 161 28.40 2.21 2.35
N TRP G 162 29.48 1.52 1.95
CA TRP G 162 30.67 1.37 2.81
C TRP G 162 31.22 2.74 3.32
N ASP G 163 31.16 3.80 2.51
CA ASP G 163 31.46 5.19 2.98
C ASP G 163 30.78 5.56 4.34
N GLN G 164 29.58 5.03 4.59
CA GLN G 164 28.86 5.29 5.87
C GLN G 164 29.59 4.81 7.18
N TRP G 165 30.67 4.01 7.02
CA TRP G 165 31.55 3.59 8.15
C TRP G 165 32.68 4.60 8.54
N PHE G 166 32.93 5.56 7.65
CA PHE G 166 34.09 6.47 7.78
C PHE G 166 33.69 7.89 8.23
N PRO G 167 34.05 8.24 9.49
CA PRO G 167 33.72 9.59 10.01
C PRO G 167 34.29 10.70 9.16
N GLU G 168 35.37 10.42 8.44
CA GLU G 168 36.05 11.41 7.58
C GLU G 168 35.11 11.89 6.47
N ALA G 169 34.36 10.96 5.90
CA ALA G 169 33.47 11.24 4.78
C ALA G 169 32.30 12.12 5.18
N ALA G 170 31.71 11.82 6.34
CA ALA G 170 30.60 12.60 6.89
C ALA G 170 31.06 14.02 7.27
N ARG G 171 32.23 14.11 7.90
CA ARG G 171 32.76 15.38 8.35
C ARG G 171 33.12 16.28 7.11
N ALA G 172 33.67 15.66 6.08
CA ALA G 172 34.03 16.37 4.87
C ALA G 172 32.77 17.00 4.18
N MET G 173 31.69 16.21 4.10
CA MET G 173 30.44 16.69 3.52
C MET G 173 29.87 17.81 4.39
N ALA G 174 29.90 17.65 5.71
CA ALA G 174 29.39 18.71 6.61
C ALA G 174 30.25 20.00 6.55
N LEU G 175 31.57 19.86 6.40
CA LEU G 175 32.48 21.02 6.18
C LEU G 175 32.21 21.81 4.86
N GLN G 176 31.62 21.13 3.86
CA GLN G 176 31.24 21.75 2.59
C GLN G 176 29.71 22.12 2.53
N GLY G 177 29.06 22.30 3.71
CA GLY G 177 27.68 22.84 3.78
C GLY G 177 26.50 21.87 3.73
N ALA G 178 26.79 20.56 3.71
CA ALA G 178 25.74 19.51 3.75
C ALA G 178 24.81 19.77 4.91
N GLU G 179 23.52 19.87 4.61
CA GLU G 179 22.51 20.10 5.64
C GLU G 179 21.88 18.79 5.91
N ILE G 180 22.03 17.85 4.98
CA ILE G 180 21.61 16.49 5.20
C ILE G 180 22.60 15.54 4.56
N LEU G 181 22.73 14.38 5.18
CA LEU G 181 23.58 13.33 4.63
C LEU G 181 22.70 12.17 4.19
N PHE G 182 23.06 11.57 3.06
CA PHE G 182 22.30 10.45 2.49
C PHE G 182 23.28 9.29 2.19
N TYR G 183 22.87 8.04 2.51
CA TYR G 183 23.71 6.86 2.28
C TYR G 183 22.94 5.67 1.75
N PRO G 184 22.93 5.47 0.42
CA PRO G 184 22.27 4.27 -0.09
C PRO G 184 23.20 3.04 0.13
N THR G 185 22.59 1.94 0.54
CA THR G 185 23.30 0.87 1.17
C THR G 185 22.86 -0.54 0.69
N ALA G 186 23.79 -1.49 0.79
CA ALA G 186 23.47 -2.90 0.58
C ALA G 186 24.31 -3.72 1.56
N ILE G 187 23.71 -4.03 2.70
CA ILE G 187 24.41 -4.79 3.74
C ILE G 187 23.47 -5.80 4.34
N GLY G 188 24.03 -6.96 4.69
CA GLY G 188 23.26 -8.03 5.30
C GLY G 188 24.17 -9.06 5.91
N SER G 189 23.75 -10.32 5.87
CA SER G 189 24.54 -11.40 6.42
C SER G 189 25.82 -11.63 5.59
N GLU G 190 26.75 -12.40 6.16
CA GLU G 190 28.06 -12.71 5.52
C GLU G 190 28.14 -14.23 5.24
N PRO G 191 28.40 -14.62 3.97
CA PRO G 191 28.22 -16.03 3.57
C PRO G 191 29.20 -17.02 4.20
N HIS G 192 30.40 -16.53 4.56
CA HIS G 192 31.43 -17.37 5.24
C HIS G 192 31.24 -17.61 6.72
N ASP G 193 30.37 -16.82 7.36
CA ASP G 193 30.20 -16.81 8.83
C ASP G 193 28.78 -16.31 9.26
N GLN G 194 27.88 -17.26 9.53
CA GLN G 194 26.47 -16.97 9.86
C GLN G 194 26.39 -16.26 11.23
N SER G 195 27.49 -16.36 12.01
CA SER G 195 27.63 -15.69 13.33
C SER G 195 27.81 -14.14 13.26
N ILE G 196 28.08 -13.61 12.08
CA ILE G 196 28.29 -12.16 11.93
C ILE G 196 26.98 -11.40 11.67
N ASP G 197 26.58 -10.57 12.65
CA ASP G 197 25.37 -9.76 12.57
C ASP G 197 25.77 -8.29 12.74
N SER G 198 25.90 -7.60 11.62
CA SER G 198 26.45 -6.23 11.64
C SER G 198 25.44 -5.12 11.87
N ARG G 199 24.15 -5.44 11.97
CA ARG G 199 23.10 -4.39 11.97
C ARG G 199 23.22 -3.28 13.05
N ASP G 200 23.45 -3.68 14.31
CA ASP G 200 23.52 -2.75 15.43
C ASP G 200 24.76 -1.82 15.32
N HIS G 201 25.90 -2.46 15.05
CA HIS G 201 27.19 -1.81 14.85
C HIS G 201 27.11 -0.78 13.74
N TRP G 202 26.54 -1.21 12.61
CA TRP G 202 26.25 -0.36 11.45
C TRP G 202 25.43 0.95 11.80
N LYS G 203 24.26 0.76 12.44
CA LYS G 203 23.43 1.87 12.92
C LYS G 203 24.21 2.83 13.87
N ARG G 204 24.90 2.25 14.86
CA ARG G 204 25.68 3.03 15.82
C ARG G 204 26.79 3.96 15.22
N VAL G 205 27.45 3.55 14.16
CA VAL G 205 28.56 4.33 13.61
C VAL G 205 27.99 5.56 12.90
N MET G 206 26.88 5.33 12.19
CA MET G 206 26.11 6.40 11.49
C MET G 206 25.43 7.38 12.47
N GLN G 207 24.83 6.85 13.54
CA GLN G 207 24.27 7.70 14.61
C GLN G 207 25.38 8.60 15.16
N GLY G 208 26.57 8.01 15.25
CA GLY G 208 27.78 8.75 15.62
C GLY G 208 28.07 9.93 14.70
N HIS G 209 27.93 9.73 13.39
CA HIS G 209 28.21 10.81 12.40
C HIS G 209 27.17 11.98 12.51
N ALA G 210 25.89 11.65 12.71
CA ALA G 210 24.83 12.65 12.87
C ALA G 210 25.09 13.51 14.14
N GLY G 211 25.40 12.84 15.25
CA GLY G 211 25.66 13.54 16.52
C GLY G 211 26.86 14.46 16.50
N ALA G 212 27.97 13.96 15.93
CA ALA G 212 29.21 14.72 15.85
C ALA G 212 29.13 15.93 14.92
N ASN G 213 28.32 15.86 13.87
CA ASN G 213 28.20 16.98 12.90
C ASN G 213 26.96 17.83 13.08
N LEU G 214 26.04 17.32 13.89
CA LEU G 214 24.73 17.92 14.11
C LEU G 214 23.90 18.02 12.81
N VAL G 215 23.81 16.90 12.07
CA VAL G 215 23.06 16.83 10.79
C VAL G 215 22.17 15.61 10.77
N PRO G 216 20.93 15.73 10.27
CA PRO G 216 20.19 14.51 10.12
C PRO G 216 20.77 13.67 9.01
N LEU G 217 20.40 12.39 9.04
CA LEU G 217 21.03 11.39 8.24
C LEU G 217 19.99 10.38 7.72
N VAL G 218 20.17 9.93 6.48
CA VAL G 218 19.25 8.99 5.86
C VAL G 218 20.00 7.80 5.29
N ALA G 219 19.62 6.59 5.74
CA ALA G 219 20.21 5.33 5.26
C ALA G 219 19.16 4.38 4.65
N SER G 220 19.28 4.05 3.36
CA SER G 220 18.30 3.20 2.67
C SER G 220 19.00 1.90 2.37
N ASN G 221 18.45 0.80 2.88
CA ASN G 221 19.06 -0.49 2.72
C ASN G 221 18.01 -1.50 2.22
N ARG G 222 18.54 -2.36 1.36
CA ARG G 222 17.93 -3.56 0.79
C ARG G 222 17.42 -4.62 1.82
N ILE G 223 16.42 -5.36 1.37
CA ILE G 223 15.93 -6.55 2.06
C ILE G 223 15.84 -7.71 1.05
N GLY G 224 15.44 -8.88 1.57
CA GLY G 224 15.26 -10.09 0.78
C GLY G 224 16.52 -10.93 0.69
N ASN G 225 16.35 -12.20 0.36
CA ASN G 225 17.46 -13.12 0.08
C ASN G 225 17.89 -13.13 -1.37
N GLU G 226 19.21 -13.21 -1.55
CA GLU G 226 19.81 -13.23 -2.87
C GLU G 226 20.91 -14.31 -2.95
N ILE G 227 20.68 -15.30 -3.83
CA ILE G 227 21.64 -16.35 -4.14
C ILE G 227 22.28 -16.00 -5.47
N ILE G 228 23.62 -15.94 -5.47
CA ILE G 228 24.41 -15.65 -6.68
C ILE G 228 25.22 -16.86 -7.10
N GLU G 229 25.26 -17.11 -8.40
CA GLU G 229 26.17 -18.13 -8.93
C GLU G 229 27.59 -17.54 -8.99
N THR G 230 28.43 -17.89 -8.02
CA THR G 230 29.82 -17.41 -8.05
C THR G 230 30.70 -18.43 -8.81
N GLU G 231 31.94 -18.02 -9.03
CA GLU G 231 33.00 -18.86 -9.59
C GLU G 231 33.28 -20.11 -8.77
N HIS G 232 32.76 -20.18 -7.55
CA HIS G 232 33.00 -21.33 -6.66
C HIS G 232 31.71 -21.93 -6.12
N GLY G 233 30.59 -21.63 -6.78
CA GLY G 233 29.29 -22.21 -6.37
C GLY G 233 28.33 -21.15 -5.87
N LYS G 234 27.15 -21.58 -5.46
CA LYS G 234 26.13 -20.67 -4.88
C LYS G 234 26.63 -19.94 -3.60
N SER G 235 26.25 -18.67 -3.49
CA SER G 235 26.54 -17.85 -2.32
C SER G 235 25.21 -17.07 -2.03
N GLU G 236 24.85 -17.03 -0.76
CA GLU G 236 23.58 -16.45 -0.34
C GLU G 236 23.83 -15.35 0.69
N ILE G 237 23.20 -14.19 0.51
CA ILE G 237 23.18 -13.15 1.54
C ILE G 237 21.73 -12.85 1.83
N LYS G 238 21.40 -12.73 3.10
CA LYS G 238 20.10 -12.14 3.52
C LYS G 238 20.33 -10.66 3.94
N PHE G 239 19.82 -9.73 3.13
CA PHE G 239 19.87 -8.30 3.41
C PHE G 239 18.92 -7.97 4.55
N TYR G 240 19.42 -7.26 5.56
CA TYR G 240 18.67 -7.10 6.82
C TYR G 240 17.89 -5.77 6.99
N GLY G 241 17.68 -5.05 5.91
CA GLY G 241 16.92 -3.81 5.98
C GLY G 241 17.41 -2.87 7.06
N ASN G 242 16.49 -2.50 7.96
CA ASN G 242 16.80 -1.51 9.00
C ASN G 242 17.18 -0.12 8.41
N SER G 243 16.63 0.19 7.22
CA SER G 243 16.60 1.57 6.69
C SER G 243 16.13 2.49 7.82
N PHE G 244 16.79 3.64 7.98
CA PHE G 244 16.48 4.53 9.10
C PHE G 244 16.75 5.98 8.76
N ILE G 245 16.01 6.85 9.41
CA ILE G 245 16.28 8.26 9.32
C ILE G 245 16.63 8.68 10.74
N ALA G 246 17.86 9.17 10.92
CA ALA G 246 18.30 9.73 12.20
C ALA G 246 18.27 11.28 12.18
N GLY G 247 18.08 11.86 13.36
CA GLY G 247 18.04 13.31 13.57
C GLY G 247 19.45 13.87 13.79
N PRO G 248 19.52 15.18 14.12
CA PRO G 248 20.82 15.90 14.24
C PRO G 248 21.67 15.47 15.45
N THR G 249 21.03 14.89 16.48
CA THR G 249 21.76 14.43 17.67
C THR G 249 21.99 12.92 17.63
N GLY G 250 21.76 12.32 16.46
CA GLY G 250 21.88 10.88 16.29
C GLY G 250 20.65 10.02 16.63
N GLU G 251 19.58 10.63 17.17
CA GLU G 251 18.34 9.87 17.53
C GLU G 251 17.66 9.26 16.30
N ILE G 252 17.25 7.99 16.41
CA ILE G 252 16.44 7.36 15.35
C ILE G 252 14.97 7.86 15.46
N VAL G 253 14.49 8.54 14.41
CA VAL G 253 13.11 9.10 14.38
C VAL G 253 12.18 8.26 13.48
N SER G 254 12.77 7.42 12.63
CA SER G 254 12.04 6.49 11.78
C SER G 254 12.94 5.30 11.45
N ILE G 255 12.44 4.10 11.67
CA ILE G 255 13.21 2.89 11.42
C ILE G 255 12.34 1.79 10.79
N ALA G 256 12.92 1.10 9.80
CA ALA G 256 12.28 -0.07 9.14
C ALA G 256 12.71 -1.39 9.81
N ASP G 257 12.06 -2.49 9.45
CA ASP G 257 12.50 -3.76 9.95
C ASP G 257 13.43 -4.47 8.94
N ASP G 258 13.72 -5.74 9.22
CA ASP G 258 14.72 -6.49 8.46
C ASP G 258 14.11 -7.33 7.31
N LYS G 259 12.81 -7.12 7.08
CA LYS G 259 12.02 -8.07 6.32
C LYS G 259 11.01 -7.42 5.35
N GLU G 260 10.25 -6.43 5.83
CA GLU G 260 9.16 -5.89 5.03
C GLU G 260 9.59 -4.63 4.30
N GLU G 261 8.95 -4.45 3.16
CA GLU G 261 9.10 -3.26 2.35
C GLU G 261 8.61 -2.08 3.18
N ALA G 262 9.32 -0.95 3.07
CA ALA G 262 9.02 0.26 3.86
C ALA G 262 9.36 1.58 3.14
N VAL G 263 8.45 2.54 3.31
CA VAL G 263 8.62 3.95 2.88
C VAL G 263 8.77 4.88 4.16
N LEU G 264 10.00 5.34 4.49
CA LEU G 264 10.22 6.13 5.72
C LEU G 264 10.09 7.61 5.45
N ILE G 265 9.68 8.36 6.47
CA ILE G 265 9.43 9.81 6.38
C ILE G 265 9.81 10.53 7.67
N ALA G 266 10.64 11.56 7.55
CA ALA G 266 10.89 12.50 8.63
C ALA G 266 10.97 13.93 8.05
N GLU G 267 10.42 14.90 8.78
CA GLU G 267 10.53 16.32 8.40
C GLU G 267 11.58 16.91 9.34
N PHE G 268 12.41 17.79 8.79
CA PHE G 268 13.39 18.57 9.56
C PHE G 268 13.27 20.08 9.31
N ASN G 269 13.33 20.85 10.36
CA ASN G 269 13.41 22.27 10.12
C ASN G 269 14.90 22.62 9.90
N LEU G 270 15.32 22.76 8.64
CA LEU G 270 16.76 22.97 8.36
C LEU G 270 17.38 24.27 8.87
N ASP G 271 16.59 25.32 9.02
CA ASP G 271 17.13 26.59 9.52
C ASP G 271 17.32 26.56 11.04
N LYS G 272 16.45 25.81 11.72
CA LYS G 272 16.60 25.63 13.17
C LYS G 272 17.79 24.71 13.46
N ILE G 273 18.01 23.70 12.62
CA ILE G 273 19.13 22.77 12.81
C ILE G 273 20.44 23.51 12.53
N LYS G 274 20.48 24.31 11.46
CA LYS G 274 21.63 25.16 11.20
C LYS G 274 21.95 26.11 12.38
N SER G 275 20.93 26.51 13.15
CA SER G 275 21.16 27.35 14.34
C SER G 275 21.72 26.58 15.56
N MET G 276 21.21 25.38 15.84
CA MET G 276 21.77 24.52 16.91
C MET G 276 23.26 24.28 16.57
N ARG G 277 23.53 23.91 15.32
CA ARG G 277 24.88 23.59 14.87
C ARG G 277 25.84 24.76 15.05
N HIS G 278 25.46 25.92 14.50
CA HIS G 278 26.30 27.11 14.65
C HIS G 278 26.49 27.45 16.16
N CYS G 279 25.43 27.27 16.95
CA CYS G 279 25.40 27.66 18.39
C CYS G 279 26.14 26.71 19.32
N TRP G 280 26.13 25.44 18.98
CA TRP G 280 26.93 24.43 19.69
C TRP G 280 28.43 24.73 19.45
N GLY G 281 28.72 25.11 18.20
CA GLY G 281 30.00 25.63 17.79
C GLY G 281 31.17 24.66 17.64
N VAL G 282 30.91 23.40 17.33
CA VAL G 282 32.03 22.43 17.22
C VAL G 282 32.86 22.63 15.95
N PHE G 283 32.25 23.22 14.92
CA PHE G 283 33.00 23.53 13.71
C PHE G 283 34.10 24.59 13.95
N ARG G 284 33.77 25.66 14.70
CA ARG G 284 34.76 26.66 15.11
C ARG G 284 35.81 26.18 16.15
N ASP G 285 35.43 25.22 17.01
CA ASP G 285 36.36 24.62 17.97
C ASP G 285 37.26 23.56 17.33
N ARG G 286 37.15 23.26 16.03
CA ARG G 286 37.97 22.17 15.45
C ARG G 286 39.43 22.57 15.37
N ARG G 287 40.33 21.60 15.59
CA ARG G 287 41.77 21.88 15.53
C ARG G 287 42.38 21.15 14.34
N PRO G 288 42.23 21.72 13.15
CA PRO G 288 42.82 21.13 11.93
C PRO G 288 44.35 21.08 11.95
N ASP G 289 44.99 21.96 12.72
CA ASP G 289 46.45 21.99 12.88
C ASP G 289 46.96 20.72 13.55
N LEU G 290 46.07 20.00 14.26
CA LEU G 290 46.39 18.78 15.02
C LEU G 290 45.92 17.49 14.35
N TYR G 291 45.28 17.64 13.19
CA TYR G 291 44.71 16.52 12.45
C TYR G 291 45.54 16.02 11.25
N LYS G 292 46.81 16.45 11.08
CA LYS G 292 47.66 15.85 10.00
C LYS G 292 47.68 14.30 9.96
N VAL G 293 47.58 13.66 11.12
CA VAL G 293 47.74 12.22 11.18
C VAL G 293 46.65 11.51 10.37
N LEU G 294 45.51 12.20 10.21
CA LEU G 294 44.40 11.68 9.39
C LEU G 294 44.73 11.52 7.92
N LEU G 295 45.82 12.16 7.46
CA LEU G 295 46.32 12.01 6.08
C LEU G 295 47.37 10.89 5.94
N THR G 296 47.57 10.10 7.01
CA THR G 296 48.39 8.88 6.95
C THR G 296 47.41 7.66 6.92
N LEU G 297 47.93 6.47 6.63
CA LEU G 297 47.15 5.23 6.87
C LEU G 297 47.73 4.52 8.09
N ASP G 298 49.08 4.65 8.21
CA ASP G 298 49.89 3.91 9.19
C ASP G 298 50.15 4.59 10.52
N GLY G 299 49.59 5.79 10.67
CA GLY G 299 49.72 6.61 11.86
C GLY G 299 50.97 7.46 11.90
N LYS G 300 51.82 7.36 10.87
CA LYS G 300 53.10 8.08 10.87
C LYS G 300 53.44 8.76 9.46
N ASN G 301 53.31 8.02 8.36
CA ASN G 301 53.65 8.55 7.00
C ASN G 301 52.51 9.17 6.26
N PRO G 302 52.64 10.46 5.90
CA PRO G 302 51.61 11.04 5.06
C PRO G 302 51.67 10.39 3.67
N VAL G 303 50.51 10.17 3.07
CA VAL G 303 50.41 9.55 1.73
C VAL G 303 50.80 10.59 0.68
N LEU G 304 51.35 10.13 -0.45
CA LEU G 304 51.73 11.08 -1.50
C LEU G 304 50.43 11.77 -2.11
N LYS H 8 42.90 -17.70 24.99
CA LYS H 8 43.74 -17.51 23.79
C LYS H 8 43.80 -15.96 23.50
N GLY H 9 44.83 -15.26 24.02
CA GLY H 9 45.04 -13.80 23.77
C GLY H 9 45.07 -12.91 25.03
N ARG H 10 45.69 -11.71 24.91
CA ARG H 10 45.80 -10.74 26.03
C ARG H 10 44.46 -10.29 26.54
N LYS H 11 44.22 -10.56 27.82
CA LYS H 11 42.97 -10.17 28.47
C LYS H 11 43.32 -8.93 29.30
N VAL H 12 42.67 -7.82 29.04
CA VAL H 12 42.92 -6.61 29.82
C VAL H 12 41.62 -6.14 30.46
N VAL H 13 41.61 -5.95 31.78
CA VAL H 13 40.39 -5.43 32.42
C VAL H 13 40.48 -3.92 32.66
N VAL H 14 39.45 -3.20 32.20
CA VAL H 14 39.38 -1.74 32.38
C VAL H 14 38.24 -1.34 33.32
N SER H 15 38.20 -0.08 33.71
CA SER H 15 37.22 0.38 34.69
C SER H 15 36.98 1.88 34.59
N ALA H 16 35.71 2.25 34.76
CA ALA H 16 35.30 3.63 34.85
C ALA H 16 34.86 3.82 36.26
N LEU H 17 35.25 4.94 36.86
CA LEU H 17 34.75 5.33 38.17
C LEU H 17 33.81 6.55 38.01
N GLN H 18 32.92 6.73 38.98
CA GLN H 18 31.94 7.82 38.97
C GLN H 18 31.75 8.25 40.40
N PHE H 19 32.01 9.52 40.69
CA PHE H 19 31.75 10.00 42.04
C PHE H 19 31.52 11.50 42.19
N ALA H 20 31.18 11.87 43.41
CA ALA H 20 30.94 13.26 43.78
C ALA H 20 32.19 13.87 44.43
N CYS H 21 32.49 15.10 44.03
CA CYS H 21 33.60 15.87 44.63
C CYS H 21 33.07 16.96 45.57
N THR H 22 33.80 17.17 46.67
CA THR H 22 33.58 18.32 47.54
C THR H 22 34.36 19.46 46.84
N ASP H 23 34.98 20.38 47.57
CA ASP H 23 35.84 21.39 46.91
C ASP H 23 37.14 21.55 47.74
N ASP H 24 37.74 20.40 48.11
CA ASP H 24 39.04 20.30 48.85
C ASP H 24 39.84 19.08 48.25
N VAL H 25 41.17 19.11 48.31
CA VAL H 25 41.99 18.08 47.62
C VAL H 25 42.17 16.73 48.36
N SER H 26 42.35 16.73 49.70
CA SER H 26 42.57 15.45 50.39
C SER H 26 41.34 14.48 50.30
N THR H 27 40.10 14.98 50.50
CA THR H 27 38.85 14.16 50.45
C THR H 27 38.74 13.44 49.11
N ASN H 28 38.55 14.25 48.06
CA ASN H 28 38.34 13.75 46.72
C ASN H 28 39.40 12.76 46.32
N VAL H 29 40.66 13.01 46.71
CA VAL H 29 41.76 12.10 46.33
C VAL H 29 41.69 10.78 47.17
N THR H 30 41.25 10.90 48.43
CA THR H 30 40.98 9.73 49.31
C THR H 30 39.82 8.96 48.70
N THR H 31 38.83 9.69 48.18
CA THR H 31 37.66 9.09 47.51
C THR H 31 38.01 8.46 46.13
N ALA H 32 38.94 9.06 45.37
CA ALA H 32 39.41 8.47 44.09
C ALA H 32 40.30 7.27 44.36
N GLU H 33 41.08 7.35 45.45
CA GLU H 33 41.95 6.26 45.87
C GLU H 33 41.12 5.05 46.37
N ARG H 34 39.99 5.31 47.05
CA ARG H 34 39.13 4.25 47.60
C ARG H 34 38.39 3.47 46.52
N LEU H 35 38.08 4.15 45.41
CA LEU H 35 37.41 3.50 44.29
C LEU H 35 38.43 2.79 43.38
N VAL H 36 39.67 3.31 43.34
CA VAL H 36 40.76 2.63 42.61
C VAL H 36 41.06 1.28 43.32
N ARG H 37 41.17 1.31 44.65
CA ARG H 37 41.39 0.09 45.42
C ARG H 37 40.22 -0.88 45.14
N ALA H 38 38.99 -0.35 45.19
CA ALA H 38 37.81 -1.20 44.91
C ALA H 38 37.83 -1.81 43.48
N ALA H 39 38.11 -1.00 42.44
CA ALA H 39 38.21 -1.50 41.04
C ALA H 39 39.27 -2.64 40.86
N HIS H 40 40.41 -2.50 41.54
CA HIS H 40 41.47 -3.52 41.56
C HIS H 40 41.00 -4.86 42.23
N LYS H 41 40.18 -4.78 43.28
CA LYS H 41 39.63 -6.00 43.88
C LYS H 41 38.76 -6.79 42.87
N GLN H 42 38.16 -6.09 41.90
CA GLN H 42 37.31 -6.69 40.84
C GLN H 42 38.10 -7.06 39.56
N GLY H 43 39.43 -7.13 39.69
CA GLY H 43 40.30 -7.63 38.63
C GLY H 43 40.79 -6.59 37.65
N ALA H 44 40.57 -5.31 37.97
CA ALA H 44 40.89 -4.21 37.02
C ALA H 44 42.39 -3.88 36.88
N ASN H 45 42.77 -3.59 35.63
CA ASN H 45 44.16 -3.27 35.27
C ASN H 45 44.32 -1.79 34.95
N ILE H 46 43.24 -1.15 34.50
CA ILE H 46 43.31 0.26 34.11
C ILE H 46 42.09 1.02 34.55
N VAL H 47 42.26 1.84 35.57
CA VAL H 47 41.14 2.57 36.12
C VAL H 47 41.17 4.03 35.69
N LEU H 48 40.09 4.49 35.09
CA LEU H 48 40.03 5.90 34.72
C LEU H 48 39.38 6.71 35.83
N ILE H 49 39.98 7.86 36.19
CA ILE H 49 39.29 8.79 37.07
C ILE H 49 38.87 10.02 36.30
N GLN H 50 37.67 10.48 36.67
CA GLN H 50 36.92 11.59 36.05
C GLN H 50 37.71 12.89 35.92
N GLU H 51 37.25 13.75 35.01
CA GLU H 51 37.91 15.03 34.76
C GLU H 51 37.94 15.92 36.03
N LEU H 52 39.12 16.52 36.27
CA LEU H 52 39.42 17.45 37.40
C LEU H 52 38.82 17.02 38.71
N PHE H 53 39.07 15.77 39.11
CA PHE H 53 38.56 15.21 40.38
C PHE H 53 39.04 15.87 41.71
N GLU H 54 39.86 16.93 41.64
CA GLU H 54 40.41 17.56 42.87
C GLU H 54 39.51 18.62 43.53
N GLY H 55 38.59 19.19 42.76
CA GLY H 55 37.70 20.24 43.27
C GLY H 55 36.38 20.27 42.53
N TYR H 56 35.55 21.27 42.82
CA TYR H 56 34.28 21.42 42.12
C TYR H 56 34.66 21.65 40.64
N TYR H 57 33.63 21.74 39.79
CA TYR H 57 33.80 22.05 38.36
C TYR H 57 33.55 23.54 38.12
N PHE H 58 34.68 24.25 38.08
CA PHE H 58 34.77 25.71 38.07
C PHE H 58 35.06 26.27 36.67
N CYS H 59 35.40 25.41 35.72
CA CYS H 59 35.87 25.85 34.41
C CYS H 59 35.02 26.96 33.81
N GLN H 60 33.76 27.05 34.26
CA GLN H 60 32.80 28.04 33.71
C GLN H 60 32.83 29.41 34.44
N ALA H 61 32.43 29.43 35.71
CA ALA H 61 32.43 30.66 36.53
C ALA H 61 33.80 31.34 36.54
N GLN H 62 33.90 32.50 35.86
CA GLN H 62 35.18 33.21 35.64
C GLN H 62 35.80 33.86 36.89
N ARG H 63 36.19 33.02 37.87
CA ARG H 63 36.74 33.55 39.10
C ARG H 63 38.25 33.35 39.17
N GLU H 64 38.94 34.48 39.14
CA GLU H 64 40.41 34.57 39.14
C GLU H 64 41.14 33.79 40.25
N ASP H 65 40.52 33.63 41.42
CA ASP H 65 41.20 33.00 42.57
C ASP H 65 41.35 31.47 42.43
N PHE H 66 40.78 30.89 41.36
CA PHE H 66 40.96 29.46 41.04
C PHE H 66 42.17 29.13 40.12
N ILE H 67 42.85 30.17 39.61
CA ILE H 67 44.08 29.98 38.79
C ILE H 67 45.18 29.32 39.63
N GLN H 68 45.19 29.66 40.93
CA GLN H 68 46.14 29.14 41.94
C GLN H 68 46.07 27.61 42.10
N ARG H 69 44.88 27.07 41.87
CA ARG H 69 44.61 25.64 41.99
C ARG H 69 45.47 24.91 41.00
N ALA H 70 45.95 25.64 40.00
CA ALA H 70 46.85 25.11 39.00
C ALA H 70 48.24 24.96 39.61
N LYS H 71 48.94 23.87 39.29
CA LYS H 71 50.31 23.58 39.80
C LYS H 71 51.11 22.74 38.76
N PRO H 72 52.46 22.84 38.73
CA PRO H 72 53.19 22.25 37.59
C PRO H 72 52.96 20.76 37.33
N TYR H 73 53.51 20.28 36.21
CA TYR H 73 53.53 18.84 35.88
C TYR H 73 54.67 18.13 36.69
N LYS H 74 55.74 18.89 36.99
CA LYS H 74 56.83 18.37 37.85
C LYS H 74 56.33 18.25 39.27
N ASP H 75 56.80 17.20 39.93
CA ASP H 75 56.63 16.99 41.36
C ASP H 75 55.23 17.42 41.87
N HIS H 76 54.20 17.14 41.06
CA HIS H 76 52.81 17.40 41.44
C HIS H 76 52.46 16.39 42.57
N PRO H 77 52.12 16.86 43.82
CA PRO H 77 51.94 15.81 44.86
C PRO H 77 50.87 14.74 44.51
N THR H 78 49.74 15.17 43.91
CA THR H 78 48.59 14.28 43.51
C THR H 78 48.93 13.18 42.46
N ILE H 79 49.64 13.57 41.39
CA ILE H 79 50.17 12.60 40.39
C ILE H 79 51.20 11.69 41.13
N MET H 80 52.03 12.32 41.96
CA MET H 80 53.02 11.61 42.76
C MET H 80 52.38 10.61 43.72
N ARG H 81 51.18 10.94 44.22
CA ARG H 81 50.48 10.07 45.16
C ARG H 81 49.78 8.89 44.50
N LEU H 82 49.25 9.07 43.29
CA LEU H 82 48.64 7.95 42.59
C LEU H 82 49.70 7.11 41.94
N GLN H 83 50.89 7.68 41.81
CA GLN H 83 52.10 6.96 41.31
C GLN H 83 52.63 5.94 42.35
N LYS H 84 52.48 6.28 43.63
CA LYS H 84 52.79 5.35 44.69
C LYS H 84 51.75 4.24 44.66
N LEU H 85 50.49 4.61 44.35
CA LEU H 85 49.32 3.66 44.38
C LEU H 85 49.21 2.76 43.15
N ALA H 86 49.58 3.33 42.00
CA ALA H 86 49.64 2.61 40.76
C ALA H 86 50.73 1.51 40.83
N LYS H 87 51.90 1.85 41.39
CA LYS H 87 53.04 0.90 41.53
C LYS H 87 52.67 -0.26 42.48
N GLU H 88 52.07 0.09 43.61
CA GLU H 88 51.65 -0.87 44.64
C GLU H 88 50.60 -1.87 44.15
N LEU H 89 49.60 -1.39 43.40
CA LEU H 89 48.50 -2.23 42.89
C LEU H 89 48.68 -2.80 41.48
N GLY H 90 49.70 -2.35 40.76
CA GLY H 90 49.90 -2.83 39.39
C GLY H 90 48.78 -2.40 38.44
N VAL H 91 48.20 -1.21 38.69
CA VAL H 91 47.18 -0.61 37.79
C VAL H 91 47.69 0.64 37.06
N VAL H 92 47.23 0.82 35.82
CA VAL H 92 47.51 2.00 35.04
C VAL H 92 46.45 3.05 35.44
N ILE H 93 46.88 4.26 35.78
CA ILE H 93 45.95 5.32 36.21
C ILE H 93 46.15 6.63 35.45
N PRO H 94 45.28 6.95 34.48
CA PRO H 94 45.42 8.30 33.93
C PRO H 94 45.02 9.33 34.99
N VAL H 95 45.85 10.37 35.18
CA VAL H 95 45.60 11.41 36.23
C VAL H 95 45.25 12.83 35.65
N SER H 96 43.96 13.23 35.71
CA SER H 96 43.50 14.58 35.24
C SER H 96 43.90 15.72 36.21
N PHE H 97 44.49 16.78 35.68
CA PHE H 97 44.91 17.88 36.53
C PHE H 97 44.95 19.20 35.77
N PHE H 98 44.84 20.27 36.58
CA PHE H 98 44.89 21.67 36.14
C PHE H 98 46.38 22.09 36.15
N GLU H 99 47.01 22.13 34.96
CA GLU H 99 48.47 22.28 34.79
C GLU H 99 48.98 23.69 34.58
N GLU H 100 49.97 24.08 35.37
CA GLU H 100 50.71 25.33 35.20
C GLU H 100 52.01 24.95 34.52
N ALA H 101 52.22 25.47 33.30
CA ALA H 101 53.48 25.30 32.56
C ALA H 101 54.32 26.61 32.79
N ASN H 102 55.07 27.09 31.80
CA ASN H 102 55.92 28.31 31.98
C ASN H 102 55.12 29.63 32.09
N ASN H 103 54.41 29.98 31.01
CA ASN H 103 53.46 31.10 31.00
C ASN H 103 52.28 30.70 30.05
N ALA H 104 51.62 29.63 30.46
CA ALA H 104 50.44 29.07 29.79
C ALA H 104 49.82 28.14 30.82
N HIS H 105 48.48 28.00 30.80
CA HIS H 105 47.73 27.04 31.67
C HIS H 105 47.08 25.92 30.74
N TYR H 106 46.92 24.67 31.19
CA TYR H 106 46.30 23.60 30.34
C TYR H 106 45.35 22.67 31.08
N ASN H 107 44.39 22.07 30.36
CA ASN H 107 43.53 21.04 30.96
C ASN H 107 44.21 19.74 30.66
N SER H 108 44.89 19.19 31.64
CA SER H 108 45.78 18.10 31.35
C SER H 108 45.45 16.74 32.02
N ILE H 109 46.22 15.72 31.58
CA ILE H 109 46.13 14.33 32.10
C ILE H 109 47.50 13.62 32.00
N ALA H 110 47.98 13.18 33.16
CA ALA H 110 49.23 12.44 33.26
C ALA H 110 48.90 10.94 33.32
N ILE H 111 49.62 10.17 32.51
CA ILE H 111 49.36 8.73 32.33
C ILE H 111 50.36 7.92 33.17
N ILE H 112 49.84 7.22 34.18
CA ILE H 112 50.65 6.40 35.10
C ILE H 112 50.63 4.87 34.79
N ASP H 113 51.81 4.33 34.49
CA ASP H 113 51.98 2.91 34.17
C ASP H 113 51.86 2.05 35.47
N ALA H 114 51.68 0.74 35.32
CA ALA H 114 51.53 -0.17 36.48
C ALA H 114 52.76 -0.23 37.43
N ASP H 115 53.96 0.04 36.90
CA ASP H 115 55.19 0.10 37.72
C ASP H 115 55.36 1.46 38.40
N GLY H 116 54.38 2.34 38.22
CA GLY H 116 54.42 3.71 38.75
C GLY H 116 55.03 4.78 37.82
N THR H 117 55.71 4.34 36.75
CA THR H 117 56.43 5.25 35.83
C THR H 117 55.50 6.29 35.18
N ASP H 118 55.96 7.54 35.17
CA ASP H 118 55.25 8.64 34.50
C ASP H 118 55.52 8.57 32.98
N LEU H 119 54.55 8.08 32.20
CA LEU H 119 54.70 7.89 30.75
C LEU H 119 54.55 9.16 29.91
N GLY H 120 53.97 10.23 30.44
CA GLY H 120 53.80 11.49 29.68
C GLY H 120 52.54 12.33 29.93
N ILE H 121 52.37 13.37 29.09
CA ILE H 121 51.27 14.34 29.23
C ILE H 121 50.41 14.45 27.97
N TYR H 122 49.09 14.44 28.16
CA TYR H 122 48.17 14.93 27.10
C TYR H 122 47.40 16.19 27.58
N ARG H 123 47.36 17.18 26.69
CA ARG H 123 46.70 18.43 27.00
C ARG H 123 45.47 18.65 26.15
N LYS H 124 44.30 18.78 26.82
CA LYS H 124 43.00 19.12 26.19
C LYS H 124 43.13 20.07 24.95
N SER H 125 42.63 19.57 23.82
CA SER H 125 42.84 20.20 22.52
C SER H 125 41.73 21.15 22.14
N HIS H 126 40.49 20.67 22.21
CA HIS H 126 39.33 21.47 21.81
C HIS H 126 38.71 22.24 22.99
N ILE H 127 38.83 23.57 22.89
CA ILE H 127 38.38 24.50 23.92
C ILE H 127 37.24 25.33 23.32
N PRO H 128 36.00 25.24 23.90
CA PRO H 128 34.91 26.14 23.50
C PRO H 128 34.81 27.37 24.40
N TYR H 133 29.86 29.06 27.73
CA TYR H 133 31.22 28.53 27.78
C TYR H 133 32.26 29.66 27.83
N GLU H 134 32.96 29.77 28.98
CA GLU H 134 33.99 30.83 29.26
C GLU H 134 35.30 30.20 29.75
N GLU H 135 35.52 28.98 29.31
CA GLU H 135 36.62 28.13 29.77
C GLU H 135 38.04 28.64 29.47
N LYS H 136 38.21 29.44 28.41
CA LYS H 136 39.56 29.87 27.97
C LYS H 136 40.21 30.92 28.88
N PHE H 137 39.44 31.36 29.87
CA PHE H 137 39.90 32.18 31.01
C PHE H 137 40.97 31.37 31.76
N TYR H 138 40.80 30.04 31.81
CA TYR H 138 41.69 29.12 32.55
C TYR H 138 42.60 28.27 31.65
N PHE H 139 42.07 27.87 30.48
CA PHE H 139 42.84 27.01 29.62
C PHE H 139 43.23 27.55 28.23
N ASN H 140 44.54 27.43 27.94
CA ASN H 140 45.10 27.64 26.59
C ASN H 140 44.82 26.34 25.75
N PRO H 141 44.77 26.48 24.40
CA PRO H 141 44.64 25.24 23.63
C PRO H 141 45.80 24.29 23.91
N GLY H 142 45.54 23.00 23.98
CA GLY H 142 46.62 22.04 24.04
C GLY H 142 47.55 22.11 22.81
N ASP H 143 48.85 22.01 23.04
CA ASP H 143 49.77 21.88 21.91
C ASP H 143 50.49 20.52 21.88
N THR H 144 50.00 19.49 22.58
CA THR H 144 50.64 18.17 22.54
C THR H 144 50.24 17.43 21.28
N GLY H 145 49.06 17.74 20.77
CA GLY H 145 48.49 16.92 19.73
C GLY H 145 47.93 15.68 20.41
N PHE H 146 47.31 14.80 19.64
CA PHE H 146 46.72 13.57 20.22
C PHE H 146 47.78 12.48 20.37
N LYS H 147 47.77 11.82 21.50
CA LYS H 147 48.87 10.92 21.83
C LYS H 147 48.44 9.49 22.16
N VAL H 148 49.41 8.58 22.09
CA VAL H 148 49.23 7.18 22.55
C VAL H 148 50.37 6.79 23.53
N PHE H 149 50.01 5.97 24.52
CA PHE H 149 50.90 5.62 25.60
C PHE H 149 50.94 4.12 25.66
N GLN H 150 52.15 3.57 25.59
CA GLN H 150 52.39 2.13 25.71
C GLN H 150 52.58 1.80 27.19
N THR H 151 51.57 1.12 27.74
CA THR H 151 51.56 0.69 29.16
C THR H 151 51.91 -0.83 29.21
N LYS H 152 51.99 -1.36 30.44
CA LYS H 152 52.32 -2.79 30.62
C LYS H 152 51.21 -3.71 30.07
N TYR H 153 49.96 -3.20 30.05
CA TYR H 153 48.82 -4.02 29.62
C TYR H 153 48.31 -3.72 28.22
N ALA H 154 48.53 -2.50 27.70
CA ALA H 154 48.02 -2.09 26.37
C ALA H 154 48.54 -0.74 25.90
N LYS H 155 48.54 -0.51 24.60
CA LYS H 155 48.76 0.82 24.05
C LYS H 155 47.39 1.56 24.15
N ILE H 156 47.38 2.71 24.83
CA ILE H 156 46.12 3.43 25.08
C ILE H 156 46.05 4.88 24.53
N GLY H 157 44.84 5.28 24.16
CA GLY H 157 44.58 6.63 23.70
C GLY H 157 43.78 7.37 24.76
N VAL H 158 44.30 8.56 25.15
CA VAL H 158 43.62 9.39 26.15
C VAL H 158 43.39 10.85 25.68
N ALA H 159 42.13 11.28 25.83
CA ALA H 159 41.66 12.65 25.53
C ALA H 159 40.69 13.11 26.63
N ILE H 160 40.40 14.41 26.69
CA ILE H 160 39.71 14.96 27.87
C ILE H 160 38.45 15.72 27.53
N SER H 161 37.38 15.45 28.28
CA SER H 161 36.21 16.34 28.25
C SER H 161 35.65 16.65 26.84
N TRP H 162 35.60 17.95 26.52
CA TRP H 162 35.09 18.43 25.25
C TRP H 162 35.74 17.76 23.99
N ASP H 163 36.96 17.18 24.09
CA ASP H 163 37.58 16.44 22.97
C ASP H 163 36.67 15.27 22.48
N GLN H 164 35.74 14.87 23.34
CA GLN H 164 34.89 13.68 23.16
C GLN H 164 33.93 13.77 22.00
N TRP H 165 33.62 15.02 21.63
CA TRP H 165 32.74 15.33 20.49
C TRP H 165 33.36 15.13 19.14
N PHE H 166 34.69 15.10 19.10
CA PHE H 166 35.46 15.19 17.84
C PHE H 166 35.95 13.83 17.31
N PRO H 167 35.31 13.30 16.21
CA PRO H 167 35.74 12.01 15.63
C PRO H 167 37.19 12.04 15.17
N GLU H 168 37.67 13.22 14.73
CA GLU H 168 39.06 13.38 14.29
C GLU H 168 40.04 12.93 15.37
N ALA H 169 39.68 13.15 16.63
CA ALA H 169 40.56 12.83 17.75
C ALA H 169 40.62 11.31 18.00
N ALA H 170 39.46 10.64 18.04
CA ALA H 170 39.43 9.17 18.27
C ALA H 170 40.22 8.47 17.16
N ARG H 171 40.01 8.92 15.91
CA ARG H 171 40.68 8.35 14.77
C ARG H 171 42.19 8.54 14.82
N ALA H 172 42.62 9.78 15.13
CA ALA H 172 44.04 10.10 15.28
C ALA H 172 44.70 9.17 16.32
N MET H 173 44.00 8.90 17.40
CA MET H 173 44.56 8.03 18.38
C MET H 173 44.61 6.56 17.84
N ALA H 174 43.58 6.13 17.13
CA ALA H 174 43.53 4.76 16.64
C ALA H 174 44.55 4.51 15.52
N LEU H 175 44.78 5.50 14.67
CA LEU H 175 45.85 5.38 13.61
C LEU H 175 47.25 5.18 14.16
N GLN H 176 47.48 5.66 15.39
CA GLN H 176 48.79 5.47 16.05
C GLN H 176 48.84 4.23 16.94
N GLY H 177 47.81 3.38 16.83
CA GLY H 177 47.80 2.07 17.51
C GLY H 177 47.02 1.97 18.81
N ALA H 178 46.34 3.03 19.21
CA ALA H 178 45.54 3.00 20.46
C ALA H 178 44.62 1.76 20.45
N GLU H 179 44.66 0.96 21.52
CA GLU H 179 43.85 -0.28 21.58
C GLU H 179 42.58 -0.05 22.35
N ILE H 180 42.59 0.99 23.17
CA ILE H 180 41.46 1.38 24.02
C ILE H 180 41.56 2.90 24.10
N LEU H 181 40.42 3.56 24.08
CA LEU H 181 40.35 5.02 24.23
C LEU H 181 39.72 5.35 25.60
N PHE H 182 40.17 6.47 26.18
CA PHE H 182 39.69 6.88 27.50
C PHE H 182 39.26 8.32 27.38
N TYR H 183 38.13 8.67 27.96
CA TYR H 183 37.60 10.05 27.90
C TYR H 183 37.05 10.42 29.29
N PRO H 184 37.95 10.88 30.24
CA PRO H 184 37.41 11.45 31.49
C PRO H 184 36.73 12.80 31.14
N THR H 185 35.58 13.06 31.73
CA THR H 185 34.76 14.21 31.32
C THR H 185 34.04 14.81 32.56
N ALA H 186 33.31 15.91 32.35
CA ALA H 186 32.50 16.52 33.44
C ALA H 186 31.32 17.20 32.77
N ILE H 187 30.18 16.53 32.72
CA ILE H 187 29.00 17.04 31.98
C ILE H 187 27.75 17.03 32.88
N GLY H 188 26.83 17.99 32.65
CA GLY H 188 25.58 18.14 33.47
C GLY H 188 24.54 19.25 33.19
N SER H 189 23.46 19.20 33.96
CA SER H 189 22.33 20.12 33.83
C SER H 189 22.36 21.21 34.93
N GLU H 190 21.21 21.88 35.17
CA GLU H 190 21.11 23.04 36.07
C GLU H 190 19.72 23.20 36.69
N ASP H 197 21.59 16.24 30.60
CA ASP H 197 20.63 16.33 29.48
C ASP H 197 21.22 16.18 28.04
N SER H 198 22.45 16.63 27.76
CA SER H 198 23.05 16.29 26.44
C SER H 198 23.53 14.79 26.48
N ARG H 199 22.81 13.95 27.22
CA ARG H 199 23.31 12.61 27.57
C ARG H 199 23.20 11.54 26.46
N ASP H 200 22.02 11.39 25.89
CA ASP H 200 21.81 10.42 24.83
C ASP H 200 22.66 10.83 23.63
N HIS H 201 22.86 12.14 23.43
CA HIS H 201 23.67 12.68 22.33
C HIS H 201 25.15 12.35 22.56
N TRP H 202 25.61 12.58 23.79
CA TRP H 202 26.98 12.28 24.21
C TRP H 202 27.30 10.78 24.03
N LYS H 203 26.43 9.91 24.48
CA LYS H 203 26.66 8.47 24.35
C LYS H 203 26.72 8.04 22.90
N ARG H 204 25.81 8.53 22.08
CA ARG H 204 25.78 8.15 20.66
C ARG H 204 27.05 8.53 19.91
N VAL H 205 27.63 9.70 20.23
CA VAL H 205 28.91 10.16 19.63
C VAL H 205 30.13 9.29 20.06
N MET H 206 30.16 8.88 21.33
CA MET H 206 31.25 8.03 21.87
C MET H 206 31.14 6.61 21.32
N GLN H 207 29.93 6.08 21.32
CA GLN H 207 29.66 4.78 20.72
C GLN H 207 30.03 4.77 19.24
N GLY H 208 29.83 5.90 18.57
CA GLY H 208 30.17 6.01 17.16
C GLY H 208 31.66 6.01 16.93
N HIS H 209 32.42 6.59 17.88
CA HIS H 209 33.90 6.55 17.85
C HIS H 209 34.35 5.06 18.03
N ALA H 210 33.83 4.42 19.11
CA ALA H 210 34.15 3.04 19.40
C ALA H 210 33.86 2.18 18.18
N GLY H 211 32.65 2.32 17.62
CA GLY H 211 32.25 1.54 16.47
C GLY H 211 33.02 1.81 15.19
N ALA H 212 33.42 3.06 15.00
CA ALA H 212 34.12 3.47 13.77
C ALA H 212 35.60 3.06 13.75
N ASN H 213 36.17 2.84 14.93
CA ASN H 213 37.59 2.52 15.06
C ASN H 213 37.80 1.07 15.53
N LEU H 214 36.70 0.43 15.93
CA LEU H 214 36.75 -0.94 16.46
C LEU H 214 37.74 -1.07 17.64
N VAL H 215 37.54 -0.17 18.59
CA VAL H 215 38.30 -0.14 19.85
C VAL H 215 37.31 0.12 20.99
N PRO H 216 37.53 -0.56 22.13
CA PRO H 216 36.71 -0.22 23.26
C PRO H 216 36.92 1.23 23.68
N LEU H 217 35.97 1.75 24.42
CA LEU H 217 36.04 3.13 24.88
C LEU H 217 35.48 3.20 26.28
N VAL H 218 36.20 3.90 27.17
CA VAL H 218 35.79 4.09 28.60
C VAL H 218 35.53 5.53 28.95
N ALA H 219 34.42 5.84 29.59
CA ALA H 219 34.13 7.26 29.90
C ALA H 219 33.65 7.49 31.34
N SER H 220 34.44 8.20 32.13
CA SER H 220 34.11 8.49 33.54
C SER H 220 33.68 9.95 33.65
N ASN H 221 32.52 10.18 34.24
CA ASN H 221 31.90 11.52 34.34
C ASN H 221 31.44 11.63 35.76
N ARG H 222 31.54 12.81 36.33
CA ARG H 222 31.18 12.98 37.71
C ARG H 222 29.69 12.92 38.01
N ILE H 223 29.43 12.95 39.32
CA ILE H 223 28.11 12.94 39.87
C ILE H 223 28.08 14.06 40.91
N GLY H 224 26.89 14.47 41.31
CA GLY H 224 26.77 15.46 42.39
C GLY H 224 26.05 16.71 41.95
N ASN H 225 25.76 17.56 42.93
CA ASN H 225 25.00 18.81 42.76
C ASN H 225 25.94 19.93 43.26
N GLU H 226 26.62 20.65 42.34
CA GLU H 226 27.77 21.54 42.72
C GLU H 226 27.62 23.10 42.59
N ILE H 227 27.61 23.79 43.76
CA ILE H 227 27.31 25.26 43.87
C ILE H 227 28.57 26.17 43.85
N ILE H 228 28.55 27.19 42.97
CA ILE H 228 29.67 28.15 42.78
C ILE H 228 29.22 29.64 42.57
N GLU H 229 29.89 30.61 43.25
CA GLU H 229 29.61 32.11 43.16
C GLU H 229 29.79 32.77 41.74
N THR H 230 29.01 33.83 41.42
CA THR H 230 28.98 34.45 40.04
C THR H 230 29.36 33.46 38.91
N SER H 235 24.74 30.12 40.37
CA SER H 235 24.88 29.18 39.27
C SER H 235 25.37 27.77 39.73
N GLU H 236 24.54 26.76 39.44
CA GLU H 236 24.68 25.40 40.03
C GLU H 236 24.51 24.27 39.00
N ILE H 237 25.52 23.40 38.89
CA ILE H 237 25.47 22.26 37.97
C ILE H 237 25.19 20.95 38.70
N LYS H 238 24.25 20.19 38.12
CA LYS H 238 23.98 18.78 38.49
C LYS H 238 24.56 17.90 37.37
N PHE H 239 25.72 17.33 37.65
CA PHE H 239 26.35 16.40 36.73
C PHE H 239 25.51 15.12 36.60
N TYR H 240 25.36 14.59 35.39
CA TYR H 240 24.41 13.50 35.19
C TYR H 240 25.01 12.08 35.20
N GLY H 241 26.28 11.94 35.56
CA GLY H 241 26.95 10.63 35.53
C GLY H 241 26.85 9.92 34.17
N ASN H 242 26.17 8.77 34.16
CA ASN H 242 26.01 7.94 32.96
C ASN H 242 27.38 7.57 32.36
N SER H 243 28.34 7.28 33.25
CA SER H 243 29.66 6.76 32.89
C SER H 243 29.42 5.37 32.33
N PHE H 244 30.16 5.03 31.31
CA PHE H 244 29.99 3.77 30.63
C PHE H 244 31.32 3.25 30.04
N ILE H 245 31.25 2.00 29.59
CA ILE H 245 32.32 1.36 28.87
C ILE H 245 31.61 0.82 27.63
N ALA H 246 32.21 1.09 26.47
CA ALA H 246 31.73 0.63 25.16
C ALA H 246 32.65 -0.47 24.57
N GLY H 247 32.09 -1.45 23.87
CA GLY H 247 32.89 -2.42 23.15
C GLY H 247 33.37 -1.81 21.83
N PRO H 248 34.05 -2.61 21.00
CA PRO H 248 34.60 -2.19 19.71
C PRO H 248 33.57 -2.10 18.55
N THR H 249 32.30 -2.42 18.83
CA THR H 249 31.18 -2.19 17.89
C THR H 249 30.32 -1.04 18.42
N GLY H 250 30.70 -0.48 19.57
CA GLY H 250 29.98 0.63 20.19
C GLY H 250 28.92 0.18 21.17
N GLU H 251 28.78 -1.14 21.36
CA GLU H 251 27.82 -1.63 22.30
C GLU H 251 28.22 -1.26 23.74
N ILE H 252 27.27 -0.74 24.52
CA ILE H 252 27.52 -0.41 25.92
C ILE H 252 27.54 -1.72 26.75
N VAL H 253 28.71 -2.09 27.28
CA VAL H 253 28.84 -3.31 28.09
C VAL H 253 28.70 -3.02 29.60
N SER H 254 28.75 -1.74 29.94
CA SER H 254 28.53 -1.35 31.32
C SER H 254 28.17 0.14 31.41
N ILE H 255 27.07 0.41 32.09
CA ILE H 255 26.50 1.76 32.20
C ILE H 255 26.21 2.08 33.68
N ALA H 256 26.58 3.28 34.14
CA ALA H 256 26.17 3.78 35.49
C ALA H 256 24.94 4.72 35.35
N ASP H 257 24.18 4.94 36.42
CA ASP H 257 23.04 5.86 36.34
C ASP H 257 23.42 7.34 36.61
N ASP H 258 22.42 8.21 36.83
CA ASP H 258 22.71 9.65 36.98
C ASP H 258 23.03 10.14 38.38
N LYS H 259 23.03 9.26 39.39
CA LYS H 259 23.22 9.69 40.80
C LYS H 259 24.04 8.75 41.71
N GLU H 260 24.23 7.49 41.30
CA GLU H 260 24.95 6.50 42.13
C GLU H 260 26.46 6.62 41.92
N GLU H 261 27.20 6.47 43.02
CA GLU H 261 28.65 6.31 42.95
C GLU H 261 28.85 4.97 42.18
N ALA H 262 29.93 4.84 41.40
CA ALA H 262 30.04 3.65 40.54
C ALA H 262 31.45 3.12 40.24
N VAL H 263 31.56 1.80 40.25
CA VAL H 263 32.75 1.09 39.82
C VAL H 263 32.33 0.14 38.68
N LEU H 264 32.64 0.53 37.46
CA LEU H 264 32.30 -0.25 36.26
C LEU H 264 33.50 -1.06 35.85
N ILE H 265 33.25 -2.28 35.39
CA ILE H 265 34.31 -3.25 35.10
C ILE H 265 33.99 -3.93 33.77
N ALA H 266 35.01 -4.09 32.93
CA ALA H 266 34.83 -4.81 31.69
C ALA H 266 36.18 -5.37 31.24
N GLU H 267 36.18 -6.67 30.89
CA GLU H 267 37.32 -7.35 30.28
C GLU H 267 37.19 -7.41 28.73
N PHE H 268 38.35 -7.34 28.08
CA PHE H 268 38.45 -7.37 26.60
C PHE H 268 39.62 -8.21 26.18
N ASN H 269 39.43 -8.99 25.12
CA ASN H 269 40.52 -9.71 24.52
C ASN H 269 41.08 -8.82 23.41
N LEU H 270 42.19 -8.14 23.72
CA LEU H 270 42.80 -7.16 22.80
C LEU H 270 43.41 -7.78 21.56
N ASP H 271 43.82 -9.06 21.66
CA ASP H 271 44.31 -9.77 20.48
C ASP H 271 43.18 -10.13 19.50
N LYS H 272 42.04 -10.56 20.04
CA LYS H 272 40.89 -10.90 19.23
C LYS H 272 40.25 -9.65 18.66
N ILE H 273 40.13 -8.61 19.49
CA ILE H 273 39.54 -7.35 19.03
C ILE H 273 40.36 -6.75 17.89
N LYS H 274 41.67 -6.95 17.96
CA LYS H 274 42.63 -6.51 16.92
C LYS H 274 42.38 -7.30 15.61
N SER H 275 42.30 -8.63 15.76
CA SER H 275 41.98 -9.51 14.64
C SER H 275 40.70 -9.02 13.91
N MET H 276 39.64 -8.76 14.71
CA MET H 276 38.32 -8.23 14.26
C MET H 276 38.42 -6.86 13.58
N ARG H 277 39.18 -5.95 14.20
CA ARG H 277 39.37 -4.59 13.69
C ARG H 277 39.98 -4.67 12.30
N HIS H 278 41.00 -5.51 12.15
CA HIS H 278 41.70 -5.62 10.86
C HIS H 278 40.87 -6.32 9.76
N CYS H 279 40.08 -7.37 10.13
CA CYS H 279 39.27 -8.10 9.15
CA CYS H 279 39.31 -8.09 9.11
C CYS H 279 38.05 -7.30 8.67
N TRP H 280 37.51 -6.45 9.57
CA TRP H 280 36.40 -5.51 9.20
C TRP H 280 36.84 -4.56 8.07
N GLY H 281 38.12 -4.18 8.05
CA GLY H 281 38.74 -3.59 6.86
C GLY H 281 38.72 -2.05 6.70
N VAL H 282 38.14 -1.34 7.68
CA VAL H 282 38.05 0.15 7.62
C VAL H 282 39.41 0.80 7.45
N PHE H 283 40.40 0.34 8.23
CA PHE H 283 41.78 0.89 8.13
C PHE H 283 42.54 0.58 6.82
N ARG H 284 42.16 -0.53 6.18
CA ARG H 284 42.66 -0.95 4.87
C ARG H 284 42.08 -0.10 3.69
N ASP H 285 40.89 0.44 3.95
CA ASP H 285 39.99 1.06 2.96
C ASP H 285 39.93 2.61 3.03
N ARG H 286 40.50 3.18 4.10
CA ARG H 286 40.57 4.65 4.28
C ARG H 286 41.22 5.37 3.06
N ARG H 287 40.78 6.62 2.83
CA ARG H 287 41.22 7.43 1.68
C ARG H 287 41.82 8.83 2.11
N PRO H 288 42.97 8.81 2.83
CA PRO H 288 43.64 10.05 3.25
C PRO H 288 43.92 11.00 2.08
N ASP H 289 44.02 10.46 0.86
CA ASP H 289 44.21 11.28 -0.35
C ASP H 289 42.96 12.15 -0.67
N LEU H 290 41.83 11.80 -0.06
CA LEU H 290 40.58 12.53 -0.23
C LEU H 290 40.22 13.35 1.05
N TYR H 291 41.04 13.25 2.10
CA TYR H 291 40.75 13.85 3.42
C TYR H 291 41.39 15.25 3.72
N LYS H 292 41.94 15.90 2.71
CA LYS H 292 42.61 17.20 2.93
C LYS H 292 41.68 18.30 3.46
N VAL H 293 40.41 18.23 3.06
CA VAL H 293 39.40 19.17 3.52
C VAL H 293 39.26 19.16 5.05
N LEU H 294 39.72 18.11 5.71
CA LEU H 294 39.70 18.06 7.16
C LEU H 294 40.73 18.99 7.84
N LEU H 295 41.77 19.40 7.10
CA LEU H 295 42.78 20.31 7.63
C LEU H 295 42.40 21.77 7.37
N THR H 296 41.14 21.93 7.00
CA THR H 296 40.52 23.25 6.93
C THR H 296 39.48 23.35 8.07
N LEU H 297 39.14 24.62 8.30
CA LEU H 297 38.18 25.10 9.27
C LEU H 297 36.86 25.35 8.49
N ASP H 298 36.98 26.07 7.36
CA ASP H 298 35.84 26.58 6.57
C ASP H 298 35.37 25.73 5.37
N GLY H 299 36.02 24.61 5.09
CA GLY H 299 35.60 23.76 3.99
C GLY H 299 36.37 23.95 2.70
N LYS H 300 37.25 24.95 2.62
CA LYS H 300 38.04 25.19 1.39
C LYS H 300 39.51 25.65 1.60
N ASN H 301 39.77 26.46 2.64
CA ASN H 301 41.14 27.03 2.89
C ASN H 301 42.08 26.26 3.83
N PRO H 302 43.23 25.76 3.30
CA PRO H 302 44.18 24.99 4.14
C PRO H 302 44.69 25.71 5.43
N VAL H 303 44.74 24.96 6.54
CA VAL H 303 45.21 25.47 7.86
C VAL H 303 46.50 24.75 8.30
N ASP I 7 -63.99 24.67 -2.53
CA ASP I 7 -63.72 25.72 -3.56
C ASP I 7 -63.77 25.10 -4.95
N LYS I 8 -62.72 24.30 -5.27
CA LYS I 8 -62.62 23.63 -6.56
C LYS I 8 -62.62 22.09 -6.40
N GLY I 9 -63.39 21.40 -7.25
CA GLY I 9 -63.48 19.95 -7.19
C GLY I 9 -64.90 19.46 -7.21
N ARG I 10 -65.06 18.16 -7.33
CA ARG I 10 -66.38 17.57 -7.34
C ARG I 10 -67.01 17.72 -5.96
N LYS I 11 -68.21 18.29 -5.94
CA LYS I 11 -68.92 18.56 -4.73
C LYS I 11 -70.16 17.72 -4.81
N VAL I 12 -70.52 17.09 -3.72
CA VAL I 12 -71.71 16.26 -3.67
C VAL I 12 -72.49 16.62 -2.43
N VAL I 13 -73.80 16.78 -2.56
CA VAL I 13 -74.66 17.09 -1.43
C VAL I 13 -75.39 15.81 -1.06
N VAL I 14 -75.18 15.35 0.17
CA VAL I 14 -75.83 14.11 0.63
C VAL I 14 -76.92 14.45 1.63
N SER I 15 -77.90 13.57 1.79
CA SER I 15 -78.98 13.82 2.73
C SER I 15 -79.39 12.58 3.46
N ALA I 16 -79.69 12.73 4.75
CA ALA I 16 -80.24 11.61 5.54
C ALA I 16 -81.64 11.99 5.90
N LEU I 17 -82.57 11.09 5.73
CA LEU I 17 -83.97 11.32 6.07
C LEU I 17 -84.31 10.54 7.33
N GLN I 18 -85.27 11.01 8.06
CA GLN I 18 -85.72 10.38 9.25
C GLN I 18 -87.24 10.62 9.39
N PHE I 19 -88.02 9.56 9.35
CA PHE I 19 -89.46 9.67 9.68
C PHE I 19 -89.98 8.49 10.53
N ALA I 20 -91.18 8.61 11.08
CA ALA I 20 -91.82 7.48 11.74
C ALA I 20 -92.64 6.70 10.70
N CYS I 21 -92.80 5.40 10.95
CA CYS I 21 -93.46 4.49 10.04
C CYS I 21 -94.81 4.12 10.56
N THR I 22 -95.77 4.06 9.64
CA THR I 22 -97.04 3.41 9.89
C THR I 22 -96.87 1.94 9.44
N ASP I 23 -97.88 1.09 9.62
CA ASP I 23 -97.79 -0.27 9.09
C ASP I 23 -98.66 -0.35 7.86
N ASP I 24 -98.66 0.74 7.11
CA ASP I 24 -99.34 0.85 5.85
C ASP I 24 -98.31 1.24 4.82
N VAL I 25 -98.09 0.31 3.90
CA VAL I 25 -97.11 0.48 2.86
C VAL I 25 -97.27 1.75 2.01
N SER I 26 -98.50 2.04 1.54
CA SER I 26 -98.76 3.23 0.73
C SER I 26 -98.39 4.51 1.44
N THR I 27 -98.90 4.66 2.66
CA THR I 27 -98.62 5.83 3.45
C THR I 27 -97.12 5.98 3.58
N ASN I 28 -96.40 4.89 3.82
CA ASN I 28 -94.96 5.04 4.10
C ASN I 28 -94.20 5.35 2.83
N VAL I 29 -94.62 4.82 1.70
CA VAL I 29 -93.89 5.18 0.45
C VAL I 29 -94.18 6.68 0.06
N THR I 30 -95.40 7.13 0.29
CA THR I 30 -95.76 8.50 0.07
C THR I 30 -94.93 9.46 0.97
N THR I 31 -94.68 9.07 2.22
CA THR I 31 -93.86 9.85 3.16
C THR I 31 -92.44 9.95 2.64
N ALA I 32 -91.92 8.84 2.13
CA ALA I 32 -90.56 8.80 1.64
C ALA I 32 -90.45 9.73 0.44
N GLU I 33 -91.47 9.73 -0.43
CA GLU I 33 -91.42 10.50 -1.65
C GLU I 33 -91.39 12.00 -1.26
N ARG I 34 -92.28 12.38 -0.35
CA ARG I 34 -92.37 13.73 0.15
C ARG I 34 -91.00 14.22 0.69
N LEU I 35 -90.30 13.33 1.38
CA LEU I 35 -89.09 13.73 2.04
C LEU I 35 -87.92 13.76 1.04
N VAL I 36 -87.89 12.84 0.07
CA VAL I 36 -86.88 12.89 -1.00
C VAL I 36 -87.03 14.20 -1.82
N ARG I 37 -88.27 14.59 -2.15
CA ARG I 37 -88.48 15.80 -2.83
C ARG I 37 -87.97 16.95 -1.95
N ALA I 38 -88.25 16.89 -0.66
CA ALA I 38 -87.82 17.99 0.22
C ALA I 38 -86.32 18.12 0.21
N ALA I 39 -85.61 17.00 0.18
CA ALA I 39 -84.16 17.00 0.23
C ALA I 39 -83.56 17.51 -1.11
N HIS I 40 -84.14 17.05 -2.19
CA HIS I 40 -83.86 17.56 -3.51
C HIS I 40 -84.01 19.10 -3.62
N LYS I 41 -85.09 19.67 -3.05
CA LYS I 41 -85.37 21.10 -3.07
C LYS I 41 -84.26 21.88 -2.43
N GLN I 42 -83.62 21.26 -1.45
CA GLN I 42 -82.50 21.85 -0.76
C GLN I 42 -81.14 21.46 -1.37
N GLY I 43 -81.12 20.81 -2.52
CA GLY I 43 -79.87 20.58 -3.21
C GLY I 43 -79.29 19.20 -3.16
N ALA I 44 -79.96 18.27 -2.50
CA ALA I 44 -79.43 16.91 -2.36
C ALA I 44 -79.25 16.22 -3.73
N ASN I 45 -78.14 15.50 -3.86
CA ASN I 45 -77.84 14.66 -5.04
C ASN I 45 -77.96 13.15 -4.70
N ILE I 46 -77.75 12.82 -3.42
CA ILE I 46 -77.89 11.43 -2.92
C ILE I 46 -78.64 11.51 -1.60
N VAL I 47 -79.74 10.79 -1.54
CA VAL I 47 -80.67 10.86 -0.43
C VAL I 47 -80.84 9.45 0.14
N LEU I 48 -80.61 9.28 1.45
CA LEU I 48 -80.79 8.03 2.13
C LEU I 48 -82.13 7.88 2.95
N ILE I 49 -82.94 6.91 2.57
CA ILE I 49 -84.12 6.52 3.31
C ILE I 49 -83.73 5.39 4.31
N GLN I 50 -84.33 5.46 5.48
CA GLN I 50 -84.11 4.52 6.57
C GLN I 50 -84.46 3.06 6.18
N GLU I 51 -83.87 2.12 6.92
CA GLU I 51 -84.08 0.69 6.75
C GLU I 51 -85.57 0.24 6.85
N LEU I 52 -85.98 -0.57 5.88
CA LEU I 52 -87.24 -1.29 5.89
C LEU I 52 -88.45 -0.38 6.14
N PHE I 53 -88.40 0.77 5.47
CA PHE I 53 -89.32 1.89 5.62
C PHE I 53 -90.76 1.62 5.16
N GLU I 54 -91.00 0.54 4.46
CA GLU I 54 -92.36 0.19 4.05
C GLU I 54 -93.30 -0.20 5.20
N GLY I 55 -92.76 -0.45 6.40
CA GLY I 55 -93.60 -0.76 7.55
C GLY I 55 -92.92 -0.77 8.92
N TYR I 56 -93.68 -1.17 9.94
CA TYR I 56 -93.14 -1.43 11.24
C TYR I 56 -91.94 -2.42 11.14
N TYR I 57 -90.94 -2.20 11.99
CA TYR I 57 -89.80 -3.05 12.10
C TYR I 57 -90.23 -4.37 12.72
N PHE I 58 -90.41 -5.39 11.89
CA PHE I 58 -91.09 -6.66 12.29
C PHE I 58 -90.10 -7.79 12.62
N CYS I 59 -88.82 -7.50 12.51
CA CYS I 59 -87.77 -8.49 12.39
C CYS I 59 -87.53 -9.37 13.58
N GLN I 60 -87.98 -8.94 14.75
CA GLN I 60 -87.76 -9.68 15.99
C GLN I 60 -89.03 -10.36 16.45
N ALA I 61 -90.07 -10.26 15.63
CA ALA I 61 -91.36 -10.74 16.00
C ALA I 61 -91.56 -12.25 15.88
N GLN I 62 -90.80 -12.90 15.01
CA GLN I 62 -91.00 -14.33 14.75
C GLN I 62 -92.46 -14.66 14.39
N ARG I 63 -93.00 -13.90 13.45
CA ARG I 63 -94.37 -14.12 12.98
C ARG I 63 -94.41 -14.57 11.54
N GLU I 64 -94.85 -15.80 11.36
CA GLU I 64 -95.00 -16.46 10.08
C GLU I 64 -95.67 -15.56 9.07
N ASP I 65 -96.69 -14.84 9.48
CA ASP I 65 -97.45 -14.08 8.50
C ASP I 65 -96.73 -12.86 7.98
N PHE I 66 -95.62 -12.45 8.59
CA PHE I 66 -94.84 -11.35 8.01
C PHE I 66 -93.92 -11.84 6.89
N ILE I 67 -93.79 -13.13 6.68
CA ILE I 67 -92.81 -13.58 5.67
C ILE I 67 -93.32 -13.25 4.28
N GLN I 68 -94.63 -13.28 4.12
CA GLN I 68 -95.26 -12.89 2.86
C GLN I 68 -94.94 -11.44 2.41
N ARG I 69 -94.35 -10.62 3.27
CA ARG I 69 -94.02 -9.24 2.89
C ARG I 69 -92.84 -9.16 1.98
N ALA I 70 -92.10 -10.24 1.87
CA ALA I 70 -90.91 -10.16 1.07
C ALA I 70 -91.35 -10.27 -0.37
N LYS I 71 -90.61 -9.63 -1.24
CA LYS I 71 -90.91 -9.61 -2.66
C LYS I 71 -89.63 -9.76 -3.41
N PRO I 72 -89.72 -10.30 -4.60
CA PRO I 72 -88.53 -10.45 -5.40
C PRO I 72 -87.91 -9.11 -5.78
N TYR I 73 -86.60 -9.11 -5.91
CA TYR I 73 -85.83 -7.97 -6.42
C TYR I 73 -86.36 -7.54 -7.79
N LYS I 74 -86.51 -8.49 -8.68
CA LYS I 74 -87.07 -8.20 -9.99
C LYS I 74 -88.49 -7.64 -9.97
N ASP I 75 -88.71 -6.61 -10.79
CA ASP I 75 -89.99 -5.91 -10.95
C ASP I 75 -90.61 -5.59 -9.60
N HIS I 76 -89.81 -5.12 -8.65
CA HIS I 76 -90.30 -4.75 -7.32
C HIS I 76 -91.07 -3.41 -7.39
N PRO I 77 -92.37 -3.39 -7.02
CA PRO I 77 -93.14 -2.16 -7.21
C PRO I 77 -92.59 -0.94 -6.52
N THR I 78 -92.07 -1.09 -5.30
CA THR I 78 -91.45 0.02 -4.56
C THR I 78 -90.13 0.50 -5.17
N ILE I 79 -89.32 -0.43 -5.63
CA ILE I 79 -88.12 -0.02 -6.32
C ILE I 79 -88.53 0.69 -7.63
N MET I 80 -89.45 0.15 -8.39
CA MET I 80 -89.81 0.73 -9.68
C MET I 80 -90.32 2.16 -9.53
N ARG I 81 -91.10 2.40 -8.49
CA ARG I 81 -91.64 3.69 -8.27
C ARG I 81 -90.52 4.65 -7.87
N LEU I 82 -89.62 4.21 -7.04
CA LEU I 82 -88.52 5.10 -6.68
C LEU I 82 -87.51 5.32 -7.82
N GLN I 83 -87.48 4.43 -8.81
CA GLN I 83 -86.59 4.65 -9.96
C GLN I 83 -87.20 5.84 -10.73
N LYS I 84 -88.52 5.93 -10.79
CA LYS I 84 -89.13 7.02 -11.54
C LYS I 84 -88.81 8.33 -10.83
N LEU I 85 -88.85 8.31 -9.51
CA LEU I 85 -88.59 9.51 -8.75
C LEU I 85 -87.12 9.91 -8.95
N ALA I 86 -86.25 8.93 -8.80
CA ALA I 86 -84.81 9.16 -9.05
C ALA I 86 -84.53 9.82 -10.41
N LYS I 87 -85.12 9.30 -11.47
CA LYS I 87 -84.89 9.84 -12.77
C LYS I 87 -85.48 11.24 -12.86
N GLU I 88 -86.67 11.42 -12.33
CA GLU I 88 -87.37 12.73 -12.43
C GLU I 88 -86.56 13.88 -11.83
N LEU I 89 -85.98 13.62 -10.66
CA LEU I 89 -85.24 14.59 -9.87
C LEU I 89 -83.72 14.58 -10.06
N GLY I 90 -83.17 13.54 -10.65
CA GLY I 90 -81.76 13.46 -10.82
C GLY I 90 -81.00 13.18 -9.53
N VAL I 91 -81.54 12.26 -8.73
CA VAL I 91 -80.90 11.94 -7.47
C VAL I 91 -80.71 10.43 -7.27
N VAL I 92 -79.67 10.09 -6.57
CA VAL I 92 -79.35 8.72 -6.34
C VAL I 92 -80.19 8.28 -5.13
N ILE I 93 -80.84 7.13 -5.24
CA ILE I 93 -81.63 6.63 -4.12
C ILE I 93 -81.37 5.14 -3.81
N PRO I 94 -80.70 4.87 -2.70
CA PRO I 94 -80.64 3.50 -2.13
C PRO I 94 -82.00 3.03 -1.57
N VAL I 95 -82.59 1.97 -2.12
CA VAL I 95 -83.88 1.54 -1.68
C VAL I 95 -83.81 0.27 -0.85
N SER I 96 -84.07 0.41 0.45
CA SER I 96 -84.13 -0.76 1.37
C SER I 96 -85.41 -1.57 1.16
N PHE I 97 -85.30 -2.91 1.04
CA PHE I 97 -86.45 -3.78 0.89
C PHE I 97 -86.18 -5.20 1.40
N PHE I 98 -87.27 -5.92 1.64
CA PHE I 98 -87.30 -7.28 2.12
C PHE I 98 -87.38 -8.22 0.92
N GLU I 99 -86.29 -8.93 0.66
CA GLU I 99 -86.16 -9.66 -0.60
C GLU I 99 -86.53 -11.11 -0.50
N GLU I 100 -87.40 -11.53 -1.42
CA GLU I 100 -87.65 -12.90 -1.65
C GLU I 100 -86.68 -13.38 -2.74
N ALA I 101 -85.85 -14.35 -2.42
CA ALA I 101 -85.01 -14.97 -3.43
C ALA I 101 -85.38 -16.44 -3.60
N ASN I 102 -84.58 -17.20 -4.29
CA ASN I 102 -85.02 -18.56 -4.54
C ASN I 102 -85.15 -19.42 -3.29
N ASN I 103 -84.05 -19.85 -2.71
CA ASN I 103 -84.28 -20.62 -1.52
C ASN I 103 -83.85 -19.88 -0.27
N ALA I 104 -84.15 -18.58 -0.24
CA ALA I 104 -83.76 -17.71 0.85
C ALA I 104 -84.47 -16.37 0.78
N HIS I 105 -84.35 -15.61 1.85
CA HIS I 105 -84.93 -14.28 1.96
C HIS I 105 -83.80 -13.44 2.50
N TYR I 106 -83.74 -12.19 2.12
CA TYR I 106 -82.69 -11.32 2.59
C TYR I 106 -83.22 -9.93 2.99
N ASN I 107 -82.43 -9.25 3.81
CA ASN I 107 -82.64 -7.85 4.08
C ASN I 107 -81.71 -7.11 3.10
N SER I 108 -82.30 -6.50 2.09
CA SER I 108 -81.51 -6.03 0.96
C SER I 108 -81.73 -4.54 0.68
N ILE I 109 -80.92 -4.02 -0.24
CA ILE I 109 -80.93 -2.62 -0.66
C ILE I 109 -80.49 -2.46 -2.14
N ALA I 110 -81.33 -1.81 -2.95
CA ALA I 110 -81.04 -1.61 -4.36
C ALA I 110 -80.52 -0.18 -4.54
N ILE I 111 -79.43 0.01 -5.30
CA ILE I 111 -78.89 1.37 -5.50
C ILE I 111 -79.39 1.93 -6.82
N ILE I 112 -80.28 2.92 -6.73
CA ILE I 112 -80.78 3.58 -7.94
C ILE I 112 -79.97 4.81 -8.24
N ASP I 113 -79.43 4.87 -9.45
CA ASP I 113 -78.57 5.99 -9.90
C ASP I 113 -79.52 7.16 -10.24
N ALA I 114 -78.90 8.29 -10.56
CA ALA I 114 -79.60 9.53 -10.88
C ALA I 114 -80.30 9.58 -12.17
N ASP I 115 -80.07 8.61 -13.04
CA ASP I 115 -80.83 8.49 -14.28
C ASP I 115 -81.91 7.42 -14.23
N GLY I 116 -82.21 6.95 -13.02
CA GLY I 116 -83.21 5.88 -12.84
C GLY I 116 -82.64 4.44 -12.88
N THR I 117 -81.39 4.27 -13.33
CA THR I 117 -80.79 2.96 -13.49
C THR I 117 -80.56 2.19 -12.19
N ASP I 118 -80.96 0.93 -12.22
CA ASP I 118 -80.73 0.03 -11.10
C ASP I 118 -79.31 -0.49 -11.20
N LEU I 119 -78.47 -0.05 -10.28
CA LEU I 119 -77.10 -0.40 -10.30
C LEU I 119 -76.77 -1.77 -9.63
N GLY I 120 -77.74 -2.37 -8.92
CA GLY I 120 -77.52 -3.62 -8.23
C GLY I 120 -77.90 -3.65 -6.77
N ILE I 121 -77.59 -4.79 -6.11
CA ILE I 121 -77.96 -4.91 -4.72
C ILE I 121 -76.87 -5.29 -3.80
N TYR I 122 -77.06 -4.87 -2.57
CA TYR I 122 -76.30 -5.32 -1.46
C TYR I 122 -77.23 -6.09 -0.51
N ARG I 123 -76.77 -7.23 -0.04
CA ARG I 123 -77.55 -8.02 0.93
C ARG I 123 -76.89 -7.98 2.33
N LYS I 124 -77.68 -7.61 3.36
CA LYS I 124 -77.18 -7.48 4.76
C LYS I 124 -76.37 -8.69 5.17
N SER I 125 -75.15 -8.43 5.66
CA SER I 125 -74.17 -9.52 5.85
C SER I 125 -74.19 -10.13 7.25
N HIS I 126 -74.30 -9.26 8.24
CA HIS I 126 -74.18 -9.65 9.67
C HIS I 126 -75.59 -9.75 10.26
N ILE I 127 -75.98 -10.96 10.65
CA ILE I 127 -77.29 -11.24 11.20
C ILE I 127 -77.11 -11.71 12.65
N PRO I 128 -77.57 -10.88 13.58
CA PRO I 128 -77.44 -11.25 15.02
C PRO I 128 -78.26 -12.47 15.38
N ASP I 129 -77.62 -13.54 15.89
CA ASP I 129 -78.37 -14.73 16.40
C ASP I 129 -78.35 -14.85 17.95
N GLY I 130 -78.52 -13.70 18.60
CA GLY I 130 -78.37 -13.60 20.04
C GLY I 130 -79.66 -13.81 20.78
N PRO I 131 -79.61 -13.66 22.12
CA PRO I 131 -80.76 -14.06 22.93
C PRO I 131 -82.03 -13.31 22.55
N GLY I 132 -81.95 -11.96 22.52
CA GLY I 132 -83.09 -11.09 22.18
C GLY I 132 -83.25 -10.89 20.69
N TYR I 133 -82.34 -11.45 19.89
CA TYR I 133 -82.43 -11.35 18.42
C TYR I 133 -82.88 -12.67 17.70
N GLU I 134 -83.93 -12.55 16.88
CA GLU I 134 -84.54 -13.66 16.14
C GLU I 134 -84.68 -13.39 14.61
N GLU I 135 -83.94 -12.43 14.08
CA GLU I 135 -83.88 -12.14 12.62
C GLU I 135 -83.75 -13.31 11.67
N LYS I 136 -82.92 -14.30 12.04
CA LYS I 136 -82.65 -15.45 11.19
C LYS I 136 -83.98 -16.07 10.78
N PHE I 137 -84.99 -15.92 11.61
CA PHE I 137 -86.31 -16.34 11.25
C PHE I 137 -86.72 -15.72 9.88
N TYR I 138 -86.25 -14.52 9.58
CA TYR I 138 -86.65 -13.85 8.35
C TYR I 138 -85.50 -13.73 7.36
N PHE I 139 -84.27 -13.56 7.85
CA PHE I 139 -83.17 -13.32 6.93
C PHE I 139 -82.06 -14.41 6.86
N ASN I 140 -81.64 -14.77 5.65
CA ASN I 140 -80.39 -15.47 5.50
C ASN I 140 -79.24 -14.48 5.54
N PRO I 141 -78.08 -14.94 6.00
CA PRO I 141 -76.91 -14.08 5.90
C PRO I 141 -76.57 -13.73 4.46
N GLY I 142 -76.34 -12.45 4.22
CA GLY I 142 -76.02 -11.94 2.89
C GLY I 142 -74.85 -12.64 2.24
N ASP I 143 -75.00 -12.87 0.94
CA ASP I 143 -73.98 -13.52 0.13
C ASP I 143 -73.49 -12.60 -1.02
N THR I 144 -73.76 -11.30 -1.01
CA THR I 144 -73.23 -10.45 -2.07
C THR I 144 -71.79 -10.04 -1.73
N GLY I 145 -71.47 -9.94 -0.45
CA GLY I 145 -70.25 -9.35 0.00
C GLY I 145 -70.41 -7.81 0.01
N PHE I 146 -69.42 -7.12 0.57
CA PHE I 146 -69.40 -5.70 0.59
C PHE I 146 -69.13 -5.16 -0.80
N LYS I 147 -69.92 -4.18 -1.17
CA LYS I 147 -69.94 -3.70 -2.55
C LYS I 147 -69.83 -2.17 -2.61
N VAL I 148 -69.33 -1.67 -3.75
CA VAL I 148 -69.33 -0.26 -4.01
C VAL I 148 -70.00 -0.04 -5.33
N PHE I 149 -70.64 1.11 -5.47
CA PHE I 149 -71.36 1.47 -6.68
C PHE I 149 -70.91 2.80 -7.23
N GLN I 150 -70.63 2.82 -8.51
CA GLN I 150 -70.27 4.03 -9.20
C GLN I 150 -71.56 4.69 -9.62
N THR I 151 -72.01 5.70 -8.87
CA THR I 151 -73.14 6.53 -9.30
C THR I 151 -72.66 7.73 -10.15
N LYS I 152 -73.60 8.54 -10.67
CA LYS I 152 -73.20 9.74 -11.42
C LYS I 152 -72.43 10.73 -10.57
N TYR I 153 -72.63 10.73 -9.25
CA TYR I 153 -71.97 11.71 -8.40
C TYR I 153 -70.73 11.23 -7.64
N ALA I 154 -70.64 9.92 -7.37
CA ALA I 154 -69.61 9.38 -6.50
C ALA I 154 -69.68 7.86 -6.48
N LYS I 155 -68.55 7.28 -6.08
CA LYS I 155 -68.49 5.88 -5.84
C LYS I 155 -68.99 5.77 -4.40
N ILE I 156 -70.01 4.95 -4.13
CA ILE I 156 -70.49 4.86 -2.74
C ILE I 156 -70.54 3.44 -2.24
N GLY I 157 -70.57 3.33 -0.92
CA GLY I 157 -70.73 2.08 -0.21
C GLY I 157 -71.96 2.15 0.68
N VAL I 158 -72.76 1.09 0.65
CA VAL I 158 -73.96 0.99 1.46
C VAL I 158 -73.92 -0.34 2.24
N ALA I 159 -74.20 -0.29 3.54
CA ALA I 159 -74.40 -1.50 4.29
C ALA I 159 -75.71 -1.29 5.13
N ILE I 160 -76.14 -2.31 5.88
CA ILE I 160 -77.45 -2.26 6.45
C ILE I 160 -77.51 -2.61 7.93
N SER I 161 -78.24 -1.79 8.69
CA SER I 161 -78.68 -2.18 10.02
C SER I 161 -77.41 -2.62 10.80
N TRP I 162 -77.43 -3.86 11.31
CA TRP I 162 -76.40 -4.40 12.19
C TRP I 162 -75.00 -4.39 11.57
N ASP I 163 -74.90 -4.27 10.24
CA ASP I 163 -73.61 -4.18 9.55
C ASP I 163 -72.87 -2.99 10.15
N GLN I 164 -73.67 -2.07 10.70
CA GLN I 164 -73.13 -0.81 11.26
C GLN I 164 -72.06 -1.03 12.32
N TRP I 165 -72.10 -2.16 13.00
CA TRP I 165 -71.20 -2.34 14.11
C TRP I 165 -69.79 -2.81 13.70
N PHE I 166 -69.58 -3.12 12.43
CA PHE I 166 -68.39 -3.87 12.03
C PHE I 166 -67.40 -3.05 11.22
N PRO I 167 -66.30 -2.66 11.84
CA PRO I 167 -65.25 -1.89 11.09
C PRO I 167 -64.80 -2.60 9.80
N GLU I 168 -64.82 -3.93 9.79
CA GLU I 168 -64.47 -4.64 8.58
C GLU I 168 -65.33 -4.23 7.37
N ALA I 169 -66.64 -4.00 7.55
CA ALA I 169 -67.51 -3.56 6.45
C ALA I 169 -67.09 -2.19 5.87
N ALA I 170 -66.82 -1.27 6.75
CA ALA I 170 -66.46 0.09 6.32
C ALA I 170 -65.09 0.09 5.62
N ARG I 171 -64.15 -0.68 6.15
CA ARG I 171 -62.82 -0.72 5.56
C ARG I 171 -62.92 -1.39 4.19
N ALA I 172 -63.70 -2.44 4.09
CA ALA I 172 -63.77 -3.16 2.83
C ALA I 172 -64.34 -2.30 1.72
N MET I 173 -65.30 -1.48 2.08
CA MET I 173 -65.84 -0.54 1.10
C MET I 173 -64.85 0.53 0.73
N ALA I 174 -64.24 1.16 1.71
CA ALA I 174 -63.23 2.19 1.41
C ALA I 174 -62.03 1.64 0.57
N LEU I 175 -61.63 0.40 0.82
CA LEU I 175 -60.49 -0.16 0.08
C LEU I 175 -60.84 -0.30 -1.38
N GLN I 176 -62.14 -0.44 -1.65
CA GLN I 176 -62.59 -0.62 -3.03
C GLN I 176 -62.95 0.73 -3.70
N GLY I 177 -62.59 1.84 -3.07
CA GLY I 177 -62.82 3.13 -3.67
C GLY I 177 -64.10 3.84 -3.18
N ALA I 178 -64.79 3.33 -2.15
CA ALA I 178 -65.97 4.05 -1.69
C ALA I 178 -65.59 5.48 -1.21
N GLU I 179 -66.35 6.48 -1.63
CA GLU I 179 -66.05 7.88 -1.32
C GLU I 179 -66.97 8.41 -0.24
N ILE I 180 -68.09 7.71 -0.02
CA ILE I 180 -69.12 8.10 0.97
C ILE I 180 -69.76 6.80 1.42
N LEU I 181 -69.96 6.65 2.73
CA LEU I 181 -70.66 5.44 3.24
C LEU I 181 -72.11 5.78 3.66
N PHE I 182 -73.03 4.87 3.39
CA PHE I 182 -74.44 4.98 3.77
C PHE I 182 -74.85 3.76 4.59
N TYR I 183 -75.49 4.03 5.73
CA TYR I 183 -75.94 3.00 6.68
C TYR I 183 -77.40 3.30 7.13
N PRO I 184 -78.37 2.94 6.31
CA PRO I 184 -79.76 2.94 6.78
C PRO I 184 -79.92 1.89 7.88
N THR I 185 -80.66 2.21 8.91
CA THR I 185 -80.79 1.33 10.05
C THR I 185 -82.10 1.58 10.76
N ALA I 186 -82.28 0.84 11.84
CA ALA I 186 -83.45 0.96 12.67
C ALA I 186 -83.05 0.50 14.03
N ILE I 187 -82.94 1.43 14.99
CA ILE I 187 -82.51 1.07 16.31
C ILE I 187 -83.33 1.82 17.30
N GLY I 188 -83.70 1.16 18.38
CA GLY I 188 -84.59 1.73 19.38
C GLY I 188 -84.39 1.04 20.69
N SER I 189 -85.33 1.12 21.58
CA SER I 189 -85.20 0.36 22.78
C SER I 189 -86.61 0.20 23.31
N GLU I 190 -86.82 -0.80 24.16
CA GLU I 190 -88.12 -1.00 24.76
C GLU I 190 -88.35 0.06 25.85
N PRO I 191 -89.57 0.62 25.95
CA PRO I 191 -89.86 1.39 27.19
C PRO I 191 -90.38 0.48 28.32
N ASP I 197 -79.74 2.74 27.08
CA ASP I 197 -80.00 3.15 25.69
C ASP I 197 -78.73 3.32 24.77
N SER I 198 -78.79 2.82 23.55
CA SER I 198 -77.55 2.60 22.76
C SER I 198 -77.12 3.67 21.78
N ARG I 199 -77.82 4.81 21.75
CA ARG I 199 -77.62 5.83 20.70
C ARG I 199 -76.21 6.41 20.68
N ASP I 200 -75.60 6.67 21.84
CA ASP I 200 -74.25 7.21 21.88
C ASP I 200 -73.18 6.20 21.43
N HIS I 201 -73.42 4.94 21.74
CA HIS I 201 -72.50 3.84 21.41
C HIS I 201 -72.49 3.70 19.93
N TRP I 202 -73.69 3.70 19.36
CA TRP I 202 -73.85 3.60 17.94
C TRP I 202 -73.17 4.74 17.23
N LYS I 203 -73.46 5.97 17.65
CA LYS I 203 -72.79 7.16 17.08
C LYS I 203 -71.25 7.05 17.16
N ARG I 204 -70.72 6.77 18.32
CA ARG I 204 -69.28 6.63 18.40
C ARG I 204 -68.75 5.62 17.47
N VAL I 205 -69.43 4.50 17.27
CA VAL I 205 -68.83 3.49 16.39
C VAL I 205 -68.81 3.97 14.95
N MET I 206 -69.89 4.62 14.55
CA MET I 206 -70.02 5.13 13.17
C MET I 206 -69.00 6.24 12.91
N GLN I 207 -68.85 7.12 13.88
CA GLN I 207 -67.93 8.23 13.72
C GLN I 207 -66.54 7.65 13.57
N GLY I 208 -66.33 6.47 14.17
CA GLY I 208 -65.06 5.76 14.04
C GLY I 208 -64.78 5.30 12.62
N HIS I 209 -65.78 4.73 11.97
CA HIS I 209 -65.60 4.29 10.62
C HIS I 209 -65.25 5.47 9.74
N ALA I 210 -66.00 6.53 9.86
CA ALA I 210 -65.73 7.73 9.06
C ALA I 210 -64.31 8.19 9.28
N GLY I 211 -63.95 8.33 10.54
CA GLY I 211 -62.62 8.77 10.96
C GLY I 211 -61.47 7.86 10.54
N ALA I 212 -61.65 6.54 10.59
CA ALA I 212 -60.53 5.68 10.30
C ALA I 212 -60.31 5.49 8.82
N ASN I 213 -61.38 5.67 8.04
CA ASN I 213 -61.30 5.59 6.56
C ASN I 213 -61.27 6.97 5.83
N LEU I 214 -61.43 8.04 6.57
CA LEU I 214 -61.43 9.39 6.00
C LEU I 214 -62.42 9.54 4.83
N VAL I 215 -63.67 9.15 5.10
CA VAL I 215 -64.78 9.29 4.18
C VAL I 215 -65.95 9.70 5.01
N PRO I 216 -66.83 10.50 4.42
CA PRO I 216 -68.02 10.89 5.11
C PRO I 216 -69.00 9.77 5.16
N LEU I 217 -69.91 9.86 6.11
CA LEU I 217 -70.79 8.75 6.44
C LEU I 217 -72.20 9.24 6.76
N VAL I 218 -73.20 8.64 6.12
CA VAL I 218 -74.60 9.06 6.28
C VAL I 218 -75.38 7.90 6.94
N ALA I 219 -76.08 8.18 8.02
CA ALA I 219 -76.87 7.19 8.69
C ALA I 219 -78.33 7.66 8.87
N SER I 220 -79.29 6.80 8.52
CA SER I 220 -80.71 7.15 8.61
C SER I 220 -81.42 6.11 9.49
N ASN I 221 -81.95 6.59 10.61
CA ASN I 221 -82.69 5.77 11.55
C ASN I 221 -84.11 6.30 11.72
N ARG I 222 -85.05 5.43 12.05
CA ARG I 222 -86.42 5.83 12.25
C ARG I 222 -86.65 6.33 13.65
N ILE I 223 -87.82 6.92 13.79
CA ILE I 223 -88.37 7.39 15.05
C ILE I 223 -89.74 6.74 15.25
N GLY I 224 -90.33 6.98 16.41
CA GLY I 224 -91.72 6.60 16.69
C GLY I 224 -91.71 5.36 17.54
N ASN I 225 -92.83 5.16 18.22
CA ASN I 225 -93.15 3.95 18.94
C ASN I 225 -93.86 2.96 18.02
N GLU I 226 -93.52 1.67 18.13
CA GLU I 226 -94.22 0.63 17.36
C GLU I 226 -94.56 -0.57 18.26
N ILE I 227 -95.78 -1.04 18.06
CA ILE I 227 -96.31 -2.17 18.77
C ILE I 227 -96.75 -3.24 17.81
N ILE I 228 -96.33 -4.46 18.12
CA ILE I 228 -96.67 -5.68 17.37
C ILE I 228 -97.04 -6.81 18.33
N GLU I 229 -98.16 -7.46 18.11
CA GLU I 229 -98.55 -8.60 18.95
C GLU I 229 -97.81 -9.86 18.52
N THR I 230 -96.92 -10.40 19.38
CA THR I 230 -96.23 -11.66 19.09
C THR I 230 -96.93 -12.85 19.77
N GLU I 231 -96.20 -13.96 19.87
CA GLU I 231 -96.67 -15.17 20.57
C GLU I 231 -96.49 -15.02 22.10
N HIS I 232 -95.45 -14.28 22.50
CA HIS I 232 -95.25 -13.90 23.91
C HIS I 232 -95.67 -12.42 24.15
N GLY I 233 -96.93 -12.10 23.84
CA GLY I 233 -97.51 -10.75 24.03
C GLY I 233 -96.85 -9.54 23.34
N LYS I 234 -97.40 -8.34 23.59
CA LYS I 234 -96.90 -7.11 23.01
C LYS I 234 -95.41 -6.98 23.04
N SER I 235 -94.85 -6.68 21.89
CA SER I 235 -93.52 -6.11 21.76
C SER I 235 -93.70 -4.59 21.36
N GLU I 236 -92.99 -3.72 22.07
CA GLU I 236 -93.09 -2.27 21.96
C GLU I 236 -91.67 -1.76 21.85
N ILE I 237 -91.36 -1.11 20.74
CA ILE I 237 -90.07 -0.47 20.62
C ILE I 237 -90.20 1.03 20.35
N LYS I 238 -89.43 1.84 21.09
CA LYS I 238 -89.31 3.27 20.83
C LYS I 238 -88.04 3.56 20.09
N PHE I 239 -88.18 3.80 18.80
CA PHE I 239 -87.02 4.08 17.99
C PHE I 239 -86.45 5.45 18.28
N TYR I 240 -85.13 5.57 18.24
CA TYR I 240 -84.58 6.77 18.79
C TYR I 240 -84.00 7.87 17.83
N GLY I 241 -84.29 7.76 16.54
CA GLY I 241 -83.83 8.75 15.56
C GLY I 241 -82.34 9.06 15.64
N ASN I 242 -81.97 10.32 15.89
CA ASN I 242 -80.56 10.69 15.86
C ASN I 242 -79.87 10.28 14.56
N SER I 243 -80.62 10.30 13.47
CA SER I 243 -80.01 10.23 12.15
C SER I 243 -78.95 11.36 12.02
N PHE I 244 -77.91 11.09 11.26
CA PHE I 244 -76.82 12.05 11.19
C PHE I 244 -75.95 11.90 9.96
N ILE I 245 -75.19 12.96 9.70
CA ILE I 245 -74.18 12.94 8.68
C ILE I 245 -72.86 13.29 9.31
N ALA I 246 -71.83 12.46 9.11
CA ALA I 246 -70.49 12.76 9.62
C ALA I 246 -69.52 13.06 8.49
N GLY I 247 -68.57 13.90 8.79
CA GLY I 247 -67.46 14.13 7.89
C GLY I 247 -66.32 13.15 7.99
N PRO I 248 -65.30 13.34 7.15
CA PRO I 248 -64.19 12.43 7.02
C PRO I 248 -63.22 12.31 8.21
N THR I 249 -63.30 13.20 9.20
CA THR I 249 -62.51 13.02 10.44
C THR I 249 -63.46 12.53 11.55
N GLY I 250 -64.69 12.17 11.14
CA GLY I 250 -65.67 11.64 12.06
C GLY I 250 -66.52 12.69 12.76
N GLU I 251 -66.29 13.97 12.47
CA GLU I 251 -67.07 15.03 13.04
C GLU I 251 -68.56 14.95 12.58
N ILE I 252 -69.52 15.22 13.47
CA ILE I 252 -70.91 15.20 13.08
C ILE I 252 -71.22 16.55 12.51
N VAL I 253 -71.66 16.63 11.25
CA VAL I 253 -71.91 17.97 10.65
C VAL I 253 -73.37 18.27 10.66
N SER I 254 -74.18 17.25 10.87
CA SER I 254 -75.61 17.46 10.90
C SER I 254 -76.28 16.25 11.62
N ILE I 255 -77.22 16.56 12.51
CA ILE I 255 -77.86 15.54 13.34
C ILE I 255 -79.33 15.81 13.61
N ALA I 256 -80.15 14.75 13.59
CA ALA I 256 -81.61 14.85 13.96
C ALA I 256 -81.78 14.51 15.46
N ASP I 257 -82.98 14.77 15.98
CA ASP I 257 -83.34 14.41 17.36
C ASP I 257 -84.05 13.04 17.41
N ASP I 258 -84.72 12.74 18.52
CA ASP I 258 -85.32 11.44 18.69
C ASP I 258 -86.83 11.46 18.59
N LYS I 259 -87.39 12.52 17.99
CA LYS I 259 -88.82 12.59 17.94
C LYS I 259 -89.42 13.25 16.75
N GLU I 260 -88.65 14.00 15.96
CA GLU I 260 -89.21 14.67 14.79
C GLU I 260 -88.71 14.11 13.43
N GLU I 261 -89.51 14.36 12.39
CA GLU I 261 -89.11 14.14 11.00
C GLU I 261 -87.95 15.03 10.69
N ALA I 262 -87.05 14.58 9.84
CA ALA I 262 -85.89 15.38 9.53
C ALA I 262 -85.41 15.17 8.10
N VAL I 263 -84.81 16.22 7.56
CA VAL I 263 -84.12 16.18 6.30
C VAL I 263 -82.76 16.80 6.53
N LEU I 264 -81.74 16.00 6.70
CA LEU I 264 -80.39 16.51 6.94
C LEU I 264 -79.67 16.63 5.62
N ILE I 265 -78.89 17.71 5.54
CA ILE I 265 -78.17 18.11 4.33
C ILE I 265 -76.69 18.45 4.63
N ALA I 266 -75.79 17.94 3.80
CA ALA I 266 -74.40 18.31 3.88
C ALA I 266 -73.72 18.21 2.52
N GLU I 267 -72.84 19.14 2.25
CA GLU I 267 -72.05 19.18 1.03
C GLU I 267 -70.63 18.82 1.33
N PHE I 268 -70.05 17.96 0.50
CA PHE I 268 -68.66 17.53 0.68
C PHE I 268 -67.87 17.71 -0.60
N ASN I 269 -66.64 18.13 -0.48
CA ASN I 269 -65.78 18.23 -1.63
C ASN I 269 -64.90 16.92 -1.73
N LEU I 270 -65.34 16.02 -2.60
CA LEU I 270 -64.77 14.72 -2.76
C LEU I 270 -63.37 14.71 -3.29
N ASP I 271 -62.90 15.78 -3.93
CA ASP I 271 -61.52 15.80 -4.37
C ASP I 271 -60.55 16.21 -3.26
N LYS I 272 -60.95 17.23 -2.51
CA LYS I 272 -60.24 17.67 -1.32
C LYS I 272 -60.20 16.54 -0.28
N ILE I 273 -61.34 15.91 -0.04
CA ILE I 273 -61.36 14.78 0.90
C ILE I 273 -60.41 13.62 0.48
N LYS I 274 -60.40 13.33 -0.81
CA LYS I 274 -59.57 12.28 -1.38
C LYS I 274 -58.11 12.65 -1.11
N SER I 275 -57.81 13.90 -1.35
CA SER I 275 -56.48 14.37 -1.16
C SER I 275 -56.06 14.32 0.33
N MET I 276 -56.97 14.67 1.20
CA MET I 276 -56.77 14.61 2.62
C MET I 276 -56.62 13.16 3.09
N ARG I 277 -57.47 12.27 2.60
CA ARG I 277 -57.41 10.83 2.91
C ARG I 277 -56.04 10.22 2.56
N HIS I 278 -55.51 10.56 1.37
CA HIS I 278 -54.24 10.03 0.94
C HIS I 278 -53.07 10.65 1.69
N CYS I 279 -53.10 11.96 1.99
CA CYS I 279 -52.00 12.59 2.71
CA CYS I 279 -51.95 12.50 2.68
C CYS I 279 -51.92 12.15 4.17
N TRP I 280 -53.05 11.82 4.78
CA TRP I 280 -53.04 11.30 6.17
C TRP I 280 -52.28 9.99 6.28
N GLY I 281 -52.40 9.11 5.28
CA GLY I 281 -51.46 8.03 5.09
C GLY I 281 -51.87 6.66 5.61
N VAL I 282 -53.06 6.55 6.19
CA VAL I 282 -53.46 5.26 6.69
C VAL I 282 -53.42 4.19 5.62
N PHE I 283 -53.98 4.42 4.44
CA PHE I 283 -53.98 3.40 3.39
C PHE I 283 -52.61 3.09 2.84
N ARG I 284 -51.70 4.05 2.96
CA ARG I 284 -50.33 3.82 2.63
C ARG I 284 -49.67 2.90 3.66
N ASP I 285 -50.16 2.93 4.88
CA ASP I 285 -49.45 2.31 5.96
C ASP I 285 -50.05 0.97 6.48
N ARG I 286 -51.14 0.51 5.85
CA ARG I 286 -51.79 -0.72 6.25
C ARG I 286 -50.83 -1.91 6.10
N ARG I 287 -51.09 -2.91 6.95
CA ARG I 287 -50.27 -4.07 7.10
C ARG I 287 -51.08 -5.38 6.87
N PRO I 288 -51.53 -5.58 5.65
CA PRO I 288 -52.32 -6.76 5.41
C PRO I 288 -51.61 -8.05 5.65
N ASP I 289 -50.30 -8.07 5.65
CA ASP I 289 -49.60 -9.28 5.96
C ASP I 289 -49.81 -9.66 7.43
N LEU I 290 -50.28 -8.74 8.25
CA LEU I 290 -50.48 -8.98 9.69
C LEU I 290 -51.95 -9.14 10.05
N TYR I 291 -52.84 -9.07 9.04
CA TYR I 291 -54.26 -9.03 9.31
C TYR I 291 -54.97 -10.41 9.13
N LYS I 292 -54.23 -11.47 8.96
CA LYS I 292 -54.86 -12.77 8.75
C LYS I 292 -55.82 -13.28 9.83
N VAL I 293 -55.50 -12.94 11.07
CA VAL I 293 -56.34 -13.24 12.20
C VAL I 293 -57.79 -12.76 12.01
N LEU I 294 -58.02 -11.80 11.13
CA LEU I 294 -59.32 -11.25 10.93
C LEU I 294 -60.25 -12.14 10.12
N LEU I 295 -59.65 -13.09 9.46
CA LEU I 295 -60.38 -14.07 8.71
C LEU I 295 -60.60 -15.35 9.61
N THR I 296 -60.43 -15.22 10.92
CA THR I 296 -60.88 -16.25 11.82
C THR I 296 -62.07 -15.67 12.58
N LEU I 297 -62.79 -16.56 13.29
CA LEU I 297 -63.79 -16.15 14.28
C LEU I 297 -63.20 -16.28 15.67
N ASP I 298 -62.37 -17.28 15.88
CA ASP I 298 -62.00 -17.59 17.23
C ASP I 298 -60.61 -17.09 17.55
N GLY I 299 -60.03 -16.30 16.62
CA GLY I 299 -58.64 -15.78 16.76
C GLY I 299 -57.46 -16.71 16.45
N LYS I 300 -57.70 -17.99 16.13
CA LYS I 300 -56.63 -18.94 15.75
C LYS I 300 -56.89 -19.58 14.37
N ASN I 301 -58.10 -20.11 14.15
CA ASN I 301 -58.48 -20.94 12.95
C ASN I 301 -59.23 -20.26 11.82
N PRO I 302 -58.70 -20.34 10.59
CA PRO I 302 -59.26 -19.51 9.49
C PRO I 302 -60.57 -20.09 9.01
N VAL I 303 -61.39 -19.32 8.31
CA VAL I 303 -62.62 -19.94 7.77
C VAL I 303 -62.54 -20.21 6.26
N ASP J 7 -71.41 -5.17 42.09
CA ASP J 7 -70.00 -5.26 41.59
C ASP J 7 -69.29 -6.57 42.00
N LYS J 8 -69.87 -7.70 41.60
CA LYS J 8 -69.27 -9.04 41.81
C LYS J 8 -68.45 -9.39 40.55
N GLY J 9 -67.15 -9.67 40.74
CA GLY J 9 -66.26 -10.03 39.64
C GLY J 9 -64.92 -9.32 39.66
N ARG J 10 -64.05 -9.75 38.77
CA ARG J 10 -62.64 -9.32 38.69
C ARG J 10 -62.50 -7.82 38.31
N LYS J 11 -62.03 -6.96 39.23
CA LYS J 11 -61.88 -5.52 38.93
C LYS J 11 -60.44 -5.11 38.69
N VAL J 12 -60.25 -4.25 37.69
CA VAL J 12 -58.94 -3.77 37.37
C VAL J 12 -58.93 -2.26 37.24
N VAL J 13 -57.95 -1.64 37.89
CA VAL J 13 -57.77 -0.22 37.83
C VAL J 13 -56.64 0.05 36.91
N VAL J 14 -56.93 0.81 35.85
CA VAL J 14 -55.92 1.21 34.86
C VAL J 14 -55.65 2.70 34.93
N SER J 15 -54.51 3.11 34.40
CA SER J 15 -54.11 4.50 34.48
C SER J 15 -53.39 4.92 33.25
N ALA J 16 -53.65 6.15 32.84
CA ALA J 16 -52.87 6.77 31.78
C ALA J 16 -52.02 7.90 32.39
N LEU J 17 -50.73 7.98 32.01
CA LEU J 17 -49.89 9.07 32.50
C LEU J 17 -49.70 10.04 31.40
N GLN J 18 -49.42 11.30 31.74
CA GLN J 18 -49.15 12.33 30.76
C GLN J 18 -48.09 13.27 31.29
N PHE J 19 -47.01 13.40 30.52
CA PHE J 19 -45.91 14.34 30.91
C PHE J 19 -45.09 14.91 29.78
N ALA J 20 -44.31 15.93 30.07
CA ALA J 20 -43.42 16.53 29.08
C ALA J 20 -42.05 15.87 29.22
N CYS J 21 -41.34 15.65 28.10
CA CYS J 21 -40.01 15.09 28.17
C CYS J 21 -38.93 16.13 28.07
N THR J 22 -37.81 15.85 28.75
CA THR J 22 -36.59 16.62 28.57
C THR J 22 -35.70 15.80 27.61
N ASP J 23 -34.48 16.23 27.38
CA ASP J 23 -33.52 15.58 26.46
C ASP J 23 -32.50 14.65 27.25
N ASP J 24 -32.80 14.41 28.53
CA ASP J 24 -32.00 13.53 29.40
C ASP J 24 -32.77 12.25 29.79
N VAL J 25 -32.30 11.12 29.28
CA VAL J 25 -32.91 9.81 29.60
C VAL J 25 -33.25 9.60 31.08
N SER J 26 -32.29 9.74 31.96
CA SER J 26 -32.48 9.53 33.39
C SER J 26 -33.58 10.35 33.94
N THR J 27 -33.58 11.65 33.59
CA THR J 27 -34.61 12.57 34.06
C THR J 27 -35.99 12.02 33.68
N ASN J 28 -36.16 11.66 32.44
CA ASN J 28 -37.44 11.19 31.96
C ASN J 28 -37.88 9.88 32.56
N VAL J 29 -36.93 9.04 32.93
CA VAL J 29 -37.30 7.76 33.53
C VAL J 29 -37.69 8.07 34.97
N THR J 30 -37.02 9.04 35.58
CA THR J 30 -37.39 9.42 36.92
C THR J 30 -38.80 10.02 36.93
N THR J 31 -39.12 10.79 35.90
CA THR J 31 -40.42 11.35 35.75
C THR J 31 -41.52 10.27 35.60
N ALA J 32 -41.29 9.29 34.71
CA ALA J 32 -42.15 8.09 34.60
C ALA J 32 -42.36 7.41 35.95
N GLU J 33 -41.26 7.16 36.66
CA GLU J 33 -41.31 6.51 37.94
C GLU J 33 -42.15 7.27 38.97
N ARG J 34 -42.04 8.59 38.98
CA ARG J 34 -42.77 9.40 39.91
C ARG J 34 -44.30 9.29 39.64
N LEU J 35 -44.68 9.30 38.39
CA LEU J 35 -46.05 9.28 38.02
C LEU J 35 -46.64 7.88 38.15
N VAL J 36 -45.83 6.87 37.87
CA VAL J 36 -46.25 5.51 38.17
C VAL J 36 -46.55 5.36 39.65
N ARG J 37 -45.69 5.91 40.49
CA ARG J 37 -45.89 5.80 41.90
C ARG J 37 -47.13 6.53 42.31
N ALA J 38 -47.50 7.57 41.58
CA ALA J 38 -48.64 8.32 42.01
C ALA J 38 -49.95 7.57 41.59
N ALA J 39 -49.89 6.93 40.45
CA ALA J 39 -50.98 6.12 39.95
C ALA J 39 -51.21 4.97 40.92
N HIS J 40 -50.12 4.32 41.35
CA HIS J 40 -50.20 3.23 42.26
C HIS J 40 -50.84 3.64 43.59
N LYS J 41 -50.56 4.82 44.07
CA LYS J 41 -51.14 5.28 45.29
C LYS J 41 -52.63 5.49 45.18
N GLN J 42 -53.08 5.83 43.98
CA GLN J 42 -54.52 5.99 43.69
C GLN J 42 -55.17 4.64 43.31
N GLY J 43 -54.38 3.56 43.37
CA GLY J 43 -54.89 2.22 43.28
C GLY J 43 -54.70 1.54 41.96
N ALA J 44 -53.95 2.15 41.07
CA ALA J 44 -53.79 1.55 39.77
C ALA J 44 -53.09 0.18 39.83
N ASN J 45 -53.57 -0.72 38.96
CA ASN J 45 -52.99 -2.03 38.78
C ASN J 45 -52.16 -2.05 37.51
N ILE J 46 -52.56 -1.25 36.52
CA ILE J 46 -51.84 -1.26 35.25
C ILE J 46 -51.67 0.21 34.80
N VAL J 47 -50.43 0.59 34.54
CA VAL J 47 -50.10 1.99 34.27
C VAL J 47 -49.39 2.17 32.92
N LEU J 48 -49.87 3.13 32.12
CA LEU J 48 -49.36 3.34 30.76
C LEU J 48 -48.56 4.63 30.56
N ILE J 49 -47.27 4.45 30.25
CA ILE J 49 -46.31 5.55 29.95
C ILE J 49 -46.32 5.86 28.47
N GLN J 50 -46.33 7.12 28.12
CA GLN J 50 -46.38 7.56 26.71
C GLN J 50 -45.19 7.04 25.88
N GLU J 51 -45.37 7.10 24.55
CA GLU J 51 -44.42 6.56 23.58
C GLU J 51 -43.07 7.27 23.58
N LEU J 52 -42.00 6.50 23.43
CA LEU J 52 -40.66 7.06 23.30
C LEU J 52 -40.31 8.10 24.35
N PHE J 53 -40.77 7.81 25.55
CA PHE J 53 -40.71 8.69 26.67
C PHE J 53 -39.26 8.93 27.18
N GLU J 54 -38.29 8.14 26.74
CA GLU J 54 -36.87 8.34 27.16
C GLU J 54 -36.29 9.66 26.69
N GLY J 55 -36.86 10.29 25.66
CA GLY J 55 -36.32 11.55 25.15
C GLY J 55 -37.29 12.36 24.36
N TYR J 56 -36.76 13.42 23.74
CA TYR J 56 -37.57 14.21 22.82
C TYR J 56 -37.98 13.28 21.72
N TYR J 57 -39.09 13.64 21.03
CA TYR J 57 -39.54 12.92 19.86
C TYR J 57 -38.59 13.30 18.73
N PHE J 58 -37.60 12.46 18.50
CA PHE J 58 -36.49 12.82 17.63
C PHE J 58 -36.83 12.73 16.13
N CYS J 59 -37.93 12.03 15.84
CA CYS J 59 -38.37 11.77 14.47
C CYS J 59 -38.83 12.99 13.62
N GLN J 60 -38.77 14.19 14.20
CA GLN J 60 -38.89 15.40 13.43
C GLN J 60 -37.71 15.42 12.47
N ALA J 61 -36.58 14.90 12.91
CA ALA J 61 -35.41 14.86 12.01
C ALA J 61 -35.19 13.52 11.33
N GLN J 62 -34.50 13.54 10.19
CA GLN J 62 -33.98 12.31 9.59
C GLN J 62 -32.45 12.36 9.71
N ARG J 63 -31.97 11.94 10.84
CA ARG J 63 -30.51 12.00 11.10
C ARG J 63 -29.84 10.66 11.30
N GLU J 64 -28.69 10.46 10.66
CA GLU J 64 -27.77 9.29 10.91
C GLU J 64 -27.52 9.03 12.41
N ASP J 65 -27.07 10.06 13.12
CA ASP J 65 -26.71 9.89 14.51
C ASP J 65 -27.92 9.54 15.40
N PHE J 66 -29.10 10.00 15.04
CA PHE J 66 -30.26 9.66 15.86
C PHE J 66 -30.63 8.16 15.77
N ILE J 67 -30.23 7.51 14.70
CA ILE J 67 -30.54 6.11 14.56
C ILE J 67 -29.80 5.35 15.65
N GLN J 68 -28.61 5.83 15.99
CA GLN J 68 -27.78 5.17 17.02
C GLN J 68 -28.31 5.39 18.45
N ARG J 69 -29.41 6.09 18.60
CA ARG J 69 -30.06 6.17 19.92
C ARG J 69 -30.70 4.81 20.34
N ALA J 70 -30.77 3.88 19.39
CA ALA J 70 -31.44 2.66 19.65
C ALA J 70 -30.57 1.77 20.50
N LYS J 71 -31.19 0.84 21.22
CA LYS J 71 -30.46 -0.15 22.03
C LYS J 71 -31.11 -1.51 21.95
N PRO J 72 -30.34 -2.56 22.13
CA PRO J 72 -30.98 -3.86 22.13
C PRO J 72 -32.07 -4.06 23.24
N TYR J 73 -33.03 -4.93 22.97
CA TYR J 73 -34.01 -5.35 23.99
C TYR J 73 -33.27 -6.03 25.18
N LYS J 74 -32.31 -6.88 24.86
CA LYS J 74 -31.52 -7.53 25.87
C LYS J 74 -30.79 -6.55 26.77
N ASP J 75 -30.93 -6.72 28.09
CA ASP J 75 -30.26 -5.85 29.07
C ASP J 75 -30.51 -4.32 28.90
N HIS J 76 -31.68 -3.94 28.38
CA HIS J 76 -32.02 -2.57 28.25
C HIS J 76 -32.12 -1.91 29.62
N PRO J 77 -31.41 -0.81 29.81
CA PRO J 77 -31.36 -0.22 31.14
C PRO J 77 -32.68 0.38 31.65
N THR J 78 -33.45 0.95 30.74
CA THR J 78 -34.71 1.50 31.11
C THR J 78 -35.74 0.37 31.47
N ILE J 79 -35.82 -0.66 30.64
CA ILE J 79 -36.66 -1.80 30.93
C ILE J 79 -36.28 -2.33 32.29
N MET J 80 -35.00 -2.62 32.49
CA MET J 80 -34.50 -3.19 33.75
C MET J 80 -34.83 -2.32 34.97
N ARG J 81 -34.68 -1.01 34.88
CA ARG J 81 -35.00 -0.18 36.01
C ARG J 81 -36.53 -0.30 36.33
N LEU J 82 -37.34 -0.22 35.29
CA LEU J 82 -38.77 -0.35 35.46
C LEU J 82 -39.29 -1.74 35.90
N GLN J 83 -38.54 -2.83 35.67
CA GLN J 83 -38.92 -4.12 36.22
C GLN J 83 -38.86 -4.09 37.70
N LYS J 84 -37.92 -3.34 38.25
CA LYS J 84 -37.80 -3.29 39.68
C LYS J 84 -38.98 -2.54 40.22
N LEU J 85 -39.44 -1.53 39.49
CA LEU J 85 -40.51 -0.72 39.99
C LEU J 85 -41.79 -1.56 39.99
N ALA J 86 -42.03 -2.24 38.87
CA ALA J 86 -43.18 -3.10 38.71
C ALA J 86 -43.25 -4.11 39.82
N LYS J 87 -42.13 -4.69 40.16
CA LYS J 87 -42.11 -5.68 41.19
C LYS J 87 -42.29 -5.08 42.51
N GLU J 88 -41.79 -3.89 42.72
CA GLU J 88 -41.93 -3.21 44.02
C GLU J 88 -43.40 -2.84 44.34
N LEU J 89 -44.12 -2.39 43.33
CA LEU J 89 -45.46 -1.87 43.50
C LEU J 89 -46.52 -2.91 43.17
N GLY J 90 -46.16 -3.98 42.50
CA GLY J 90 -47.15 -4.94 42.04
C GLY J 90 -48.05 -4.36 40.95
N VAL J 91 -47.45 -3.66 40.00
CA VAL J 91 -48.21 -3.12 38.88
C VAL J 91 -47.61 -3.52 37.55
N VAL J 92 -48.48 -3.65 36.55
CA VAL J 92 -48.07 -3.92 35.19
C VAL J 92 -47.63 -2.61 34.51
N ILE J 93 -46.49 -2.66 33.80
CA ILE J 93 -45.92 -1.47 33.11
C ILE J 93 -45.37 -1.79 31.74
N PRO J 94 -46.07 -1.40 30.69
CA PRO J 94 -45.54 -1.47 29.36
C PRO J 94 -44.49 -0.42 29.16
N VAL J 95 -43.35 -0.80 28.58
CA VAL J 95 -42.22 0.07 28.43
C VAL J 95 -41.84 0.29 26.97
N SER J 96 -42.13 1.50 26.46
CA SER J 96 -41.79 1.92 25.10
C SER J 96 -40.29 2.17 24.96
N PHE J 97 -39.70 1.69 23.86
CA PHE J 97 -38.27 1.93 23.64
C PHE J 97 -37.88 1.80 22.17
N PHE J 98 -36.71 2.28 21.82
CA PHE J 98 -36.25 2.26 20.46
C PHE J 98 -35.28 1.11 20.42
N GLU J 99 -35.69 0.04 19.74
CA GLU J 99 -34.97 -1.21 19.70
C GLU J 99 -34.02 -1.34 18.49
N GLU J 100 -32.76 -1.71 18.75
CA GLU J 100 -31.82 -2.21 17.75
C GLU J 100 -31.86 -3.77 17.79
N ALA J 101 -31.98 -4.42 16.63
CA ALA J 101 -31.91 -5.85 16.56
C ALA J 101 -31.05 -6.24 15.37
N ASN J 102 -29.76 -6.45 15.64
CA ASN J 102 -28.71 -6.55 14.63
C ASN J 102 -28.87 -5.32 13.68
N ASN J 103 -29.22 -5.48 12.41
CA ASN J 103 -29.27 -4.30 11.55
C ASN J 103 -30.69 -3.81 11.42
N ALA J 104 -31.61 -4.46 12.11
CA ALA J 104 -32.99 -3.99 12.02
C ALA J 104 -33.22 -3.05 13.15
N HIS J 105 -34.13 -2.13 12.98
CA HIS J 105 -34.50 -1.32 14.11
C HIS J 105 -36.02 -1.25 14.17
N TYR J 106 -36.56 -1.17 15.39
CA TYR J 106 -38.02 -1.06 15.58
C TYR J 106 -38.40 -0.08 16.70
N ASN J 107 -39.63 0.39 16.64
CA ASN J 107 -40.29 1.12 17.72
C ASN J 107 -41.04 0.03 18.52
N SER J 108 -40.60 -0.22 19.76
CA SER J 108 -41.04 -1.39 20.47
C SER J 108 -41.57 -1.11 21.87
N ILE J 109 -42.22 -2.12 22.44
CA ILE J 109 -42.71 -2.00 23.77
C ILE J 109 -42.61 -3.37 24.46
N ALA J 110 -41.98 -3.39 25.66
CA ALA J 110 -41.82 -4.60 26.51
C ALA J 110 -42.87 -4.52 27.60
N ILE J 111 -43.60 -5.59 27.80
CA ILE J 111 -44.64 -5.63 28.81
C ILE J 111 -44.13 -6.25 30.10
N ILE J 112 -44.00 -5.44 31.15
CA ILE J 112 -43.58 -5.97 32.44
C ILE J 112 -44.80 -6.32 33.31
N ASP J 113 -44.79 -7.52 33.88
CA ASP J 113 -45.87 -7.98 34.70
C ASP J 113 -45.67 -7.51 36.14
N ALA J 114 -46.77 -7.61 36.91
CA ALA J 114 -46.80 -7.16 38.31
C ALA J 114 -45.78 -7.80 39.19
N ASP J 115 -45.16 -8.90 38.76
CA ASP J 115 -44.09 -9.49 39.56
C ASP J 115 -42.71 -9.15 39.07
N GLY J 116 -42.64 -8.32 38.02
CA GLY J 116 -41.36 -7.86 37.45
C GLY J 116 -40.90 -8.61 36.19
N THR J 117 -41.60 -9.70 35.86
CA THR J 117 -41.32 -10.51 34.69
C THR J 117 -41.59 -9.76 33.41
N ASP J 118 -40.56 -9.80 32.57
CA ASP J 118 -40.60 -9.28 31.22
C ASP J 118 -41.33 -10.28 30.34
N LEU J 119 -42.60 -10.01 30.06
CA LEU J 119 -43.38 -10.97 29.29
C LEU J 119 -43.07 -11.09 27.81
N GLY J 120 -42.32 -10.17 27.21
CA GLY J 120 -42.12 -10.14 25.77
C GLY J 120 -42.34 -8.76 25.18
N ILE J 121 -42.18 -8.64 23.86
CA ILE J 121 -42.34 -7.40 23.16
C ILE J 121 -43.29 -7.39 21.96
N TYR J 122 -43.81 -6.22 21.68
CA TYR J 122 -44.55 -6.02 20.50
C TYR J 122 -43.77 -4.98 19.75
N ARG J 123 -43.65 -5.15 18.44
CA ARG J 123 -42.97 -4.15 17.58
C ARG J 123 -44.04 -3.38 16.77
N LYS J 124 -43.96 -2.07 16.79
CA LYS J 124 -44.88 -1.22 16.10
C LYS J 124 -45.05 -1.63 14.65
N SER J 125 -46.32 -1.82 14.24
CA SER J 125 -46.63 -2.38 12.91
C SER J 125 -46.86 -1.34 11.82
N HIS J 126 -47.64 -0.31 12.16
CA HIS J 126 -47.95 0.75 11.19
C HIS J 126 -46.99 1.93 11.48
N ILE J 127 -46.16 2.29 10.51
CA ILE J 127 -45.17 3.40 10.71
C ILE J 127 -45.54 4.68 9.93
N PRO J 128 -45.69 5.81 10.62
CA PRO J 128 -46.09 7.01 9.96
C PRO J 128 -44.95 7.76 9.30
N ASP J 129 -45.31 8.79 8.57
CA ASP J 129 -44.38 9.57 7.81
C ASP J 129 -44.95 10.94 7.58
N GLY J 130 -44.08 11.84 7.20
CA GLY J 130 -44.42 13.19 6.96
C GLY J 130 -43.68 14.17 7.85
N PRO J 131 -43.73 15.45 7.49
CA PRO J 131 -43.05 16.46 8.25
C PRO J 131 -43.38 16.40 9.72
N GLY J 132 -42.35 16.37 10.52
CA GLY J 132 -42.51 16.28 11.94
C GLY J 132 -42.56 14.89 12.48
N TYR J 133 -42.95 13.93 11.65
CA TYR J 133 -43.13 12.52 12.11
C TYR J 133 -42.49 11.52 11.15
N GLU J 134 -41.19 11.68 10.92
CA GLU J 134 -40.52 10.87 9.93
C GLU J 134 -40.10 9.50 10.45
N GLU J 135 -41.05 8.77 10.97
CA GLU J 135 -40.76 7.50 11.63
C GLU J 135 -40.31 6.46 10.65
N LYS J 136 -40.79 6.53 9.40
CA LYS J 136 -40.44 5.51 8.43
C LYS J 136 -38.91 5.51 8.15
N PHE J 137 -38.26 6.61 8.47
CA PHE J 137 -36.83 6.67 8.27
C PHE J 137 -36.07 5.85 9.30
N TYR J 138 -36.65 5.67 10.49
CA TYR J 138 -35.99 4.98 11.64
C TYR J 138 -36.43 3.51 11.86
N PHE J 139 -37.69 3.19 11.60
CA PHE J 139 -38.20 1.91 12.03
C PHE J 139 -38.55 0.96 10.91
N ASN J 140 -38.02 -0.26 10.96
CA ASN J 140 -38.57 -1.31 10.15
C ASN J 140 -40.06 -1.48 10.58
N PRO J 141 -40.91 -1.78 9.60
CA PRO J 141 -42.24 -2.13 10.02
C PRO J 141 -42.18 -3.40 10.85
N GLY J 142 -42.93 -3.37 11.95
CA GLY J 142 -42.92 -4.39 12.95
C GLY J 142 -43.25 -5.73 12.37
N ASP J 143 -42.63 -6.77 12.95
CA ASP J 143 -42.80 -8.11 12.47
C ASP J 143 -43.24 -9.07 13.56
N THR J 144 -43.67 -8.56 14.71
CA THR J 144 -44.20 -9.45 15.78
C THR J 144 -45.64 -9.87 15.43
N GLY J 145 -46.33 -9.03 14.68
CA GLY J 145 -47.75 -9.18 14.57
C GLY J 145 -48.36 -8.56 15.83
N PHE J 146 -49.68 -8.50 15.85
CA PHE J 146 -50.42 -8.01 17.03
C PHE J 146 -50.45 -9.07 18.10
N LYS J 147 -50.32 -8.58 19.34
CA LYS J 147 -50.14 -9.50 20.44
C LYS J 147 -51.03 -9.17 21.58
N VAL J 148 -51.27 -10.21 22.40
CA VAL J 148 -52.03 -10.10 23.59
C VAL J 148 -51.17 -10.72 24.69
N PHE J 149 -51.12 -10.08 25.86
CA PHE J 149 -50.30 -10.52 27.00
C PHE J 149 -51.12 -10.88 28.21
N GLN J 150 -50.84 -12.05 28.80
CA GLN J 150 -51.50 -12.46 30.03
C GLN J 150 -50.73 -11.94 31.24
N THR J 151 -51.30 -10.94 31.91
CA THR J 151 -50.68 -10.39 33.07
C THR J 151 -51.39 -10.90 34.29
N LYS J 152 -50.97 -10.51 35.48
CA LYS J 152 -51.61 -10.97 36.69
C LYS J 152 -53.04 -10.47 36.75
N TYR J 153 -53.36 -9.37 36.07
CA TYR J 153 -54.69 -8.77 36.26
C TYR J 153 -55.67 -8.97 35.11
N ALA J 154 -55.17 -9.26 33.90
CA ALA J 154 -55.97 -9.18 32.66
C ALA J 154 -55.14 -9.65 31.49
N LYS J 155 -55.80 -10.16 30.45
CA LYS J 155 -55.14 -10.30 29.18
C LYS J 155 -55.29 -8.91 28.59
N ILE J 156 -54.18 -8.36 28.11
CA ILE J 156 -54.20 -7.02 27.58
C ILE J 156 -53.60 -6.91 26.20
N GLY J 157 -54.04 -5.94 25.42
CA GLY J 157 -53.52 -5.73 24.09
C GLY J 157 -52.80 -4.40 24.06
N VAL J 158 -51.51 -4.43 23.74
CA VAL J 158 -50.74 -3.21 23.71
C VAL J 158 -50.26 -3.01 22.28
N ALA J 159 -50.58 -1.88 21.73
CA ALA J 159 -50.05 -1.51 20.45
C ALA J 159 -49.50 -0.09 20.61
N ILE J 160 -48.88 0.45 19.53
CA ILE J 160 -48.11 1.71 19.65
C ILE J 160 -48.50 2.82 18.70
N SER J 161 -48.77 3.96 19.31
CA SER J 161 -49.09 5.25 18.65
C SER J 161 -49.94 5.15 17.38
N TRP J 162 -49.32 5.39 16.22
CA TRP J 162 -49.96 5.31 14.92
C TRP J 162 -50.80 4.06 14.70
N ASP J 163 -50.41 2.95 15.34
CA ASP J 163 -51.21 1.71 15.31
C ASP J 163 -52.64 2.03 15.68
N GLN J 164 -52.81 3.05 16.51
CA GLN J 164 -54.15 3.40 17.01
C GLN J 164 -55.14 3.92 15.96
N TRP J 165 -54.71 4.15 14.73
CA TRP J 165 -55.64 4.68 13.70
C TRP J 165 -56.27 3.53 12.91
N PHE J 166 -55.87 2.29 13.25
CA PHE J 166 -56.18 1.15 12.43
C PHE J 166 -57.16 0.19 13.15
N PRO J 167 -58.41 0.13 12.67
CA PRO J 167 -59.38 -0.79 13.25
C PRO J 167 -58.91 -2.23 13.23
N GLU J 168 -58.02 -2.54 12.29
CA GLU J 168 -57.54 -3.88 12.18
C GLU J 168 -56.74 -4.28 13.44
N ALA J 169 -55.94 -3.38 13.97
CA ALA J 169 -55.13 -3.76 15.09
C ALA J 169 -56.01 -4.03 16.33
N ALA J 170 -56.97 -3.17 16.56
CA ALA J 170 -57.83 -3.33 17.70
C ALA J 170 -58.59 -4.64 17.59
N ARG J 171 -59.10 -4.94 16.41
CA ARG J 171 -59.86 -6.15 16.25
C ARG J 171 -58.96 -7.37 16.40
N ALA J 172 -57.76 -7.27 15.93
CA ALA J 172 -56.86 -8.40 16.03
C ALA J 172 -56.53 -8.71 17.50
N MET J 173 -56.36 -7.65 18.29
CA MET J 173 -56.08 -7.84 19.66
C MET J 173 -57.28 -8.42 20.39
N ALA J 174 -58.47 -7.91 20.09
CA ALA J 174 -59.71 -8.41 20.71
C ALA J 174 -60.01 -9.88 20.35
N LEU J 175 -59.77 -10.25 19.11
CA LEU J 175 -59.99 -11.61 18.65
C LEU J 175 -59.07 -12.55 19.41
N GLN J 176 -57.92 -12.05 19.81
CA GLN J 176 -56.98 -12.87 20.54
C GLN J 176 -57.20 -12.86 22.06
N GLY J 177 -58.27 -12.25 22.56
CA GLY J 177 -58.58 -12.21 24.00
C GLY J 177 -58.21 -10.90 24.74
N ALA J 178 -57.71 -9.87 24.09
CA ALA J 178 -57.52 -8.65 24.84
C ALA J 178 -58.77 -8.18 25.63
N GLU J 179 -58.61 -7.90 26.92
CA GLU J 179 -59.69 -7.38 27.73
C GLU J 179 -59.61 -5.87 27.89
N ILE J 180 -58.45 -5.31 27.61
CA ILE J 180 -58.23 -3.88 27.67
C ILE J 180 -57.15 -3.60 26.60
N LEU J 181 -57.33 -2.51 25.85
CA LEU J 181 -56.36 -2.08 24.85
C LEU J 181 -55.58 -0.88 25.41
N PHE J 182 -54.35 -0.74 25.00
CA PHE J 182 -53.45 0.30 25.46
C PHE J 182 -52.65 0.85 24.28
N TYR J 183 -52.60 2.17 24.19
CA TYR J 183 -51.89 2.81 23.13
C TYR J 183 -51.04 3.99 23.63
N PRO J 184 -49.75 3.76 23.85
CA PRO J 184 -48.89 4.90 24.21
C PRO J 184 -48.58 5.66 22.94
N THR J 185 -48.57 6.98 23.03
CA THR J 185 -48.66 7.85 21.89
C THR J 185 -47.76 9.07 21.96
N ALA J 186 -47.46 9.68 20.80
CA ALA J 186 -46.80 10.99 20.70
C ALA J 186 -47.38 11.68 19.48
N ILE J 187 -48.31 12.61 19.71
CA ILE J 187 -48.98 13.30 18.63
C ILE J 187 -49.29 14.71 19.08
N GLY J 188 -49.10 15.63 18.15
CA GLY J 188 -49.20 17.05 18.39
C GLY J 188 -49.46 17.79 17.08
N SER J 189 -49.07 19.06 17.03
CA SER J 189 -49.15 19.84 15.82
C SER J 189 -48.15 19.30 14.83
N GLU J 190 -48.26 19.78 13.59
CA GLU J 190 -47.38 19.37 12.53
C GLU J 190 -46.72 20.60 12.03
N PRO J 191 -45.39 20.57 11.97
CA PRO J 191 -44.54 21.74 11.72
C PRO J 191 -44.74 22.46 10.38
N HIS J 192 -45.24 21.76 9.36
CA HIS J 192 -45.36 22.40 8.05
C HIS J 192 -46.71 23.06 7.77
N ASP J 193 -47.70 22.90 8.65
CA ASP J 193 -49.05 23.47 8.46
C ASP J 193 -49.68 23.61 9.83
N GLN J 194 -49.66 24.82 10.33
CA GLN J 194 -50.15 25.06 11.63
C GLN J 194 -51.69 24.97 11.71
N SER J 195 -52.39 24.80 10.59
CA SER J 195 -53.86 24.68 10.64
C SER J 195 -54.28 23.25 11.01
N ILE J 196 -53.32 22.34 11.13
CA ILE J 196 -53.69 20.95 11.35
C ILE J 196 -53.80 20.73 12.84
N ASP J 197 -55.02 20.40 13.27
CA ASP J 197 -55.32 20.06 14.67
C ASP J 197 -56.13 18.74 14.64
N SER J 198 -55.40 17.67 14.91
CA SER J 198 -55.87 16.32 14.78
C SER J 198 -56.52 15.75 16.08
N ARG J 199 -56.56 16.51 17.15
CA ARG J 199 -56.90 15.92 18.45
C ARG J 199 -58.33 15.27 18.58
N ASP J 200 -59.33 15.87 17.95
CA ASP J 200 -60.68 15.34 18.04
C ASP J 200 -60.82 14.11 17.13
N HIS J 201 -60.14 14.17 15.98
CA HIS J 201 -60.13 13.12 14.99
C HIS J 201 -59.54 11.87 15.62
N TRP J 202 -58.42 12.09 16.31
CA TRP J 202 -57.66 11.05 16.99
C TRP J 202 -58.50 10.32 18.05
N LYS J 203 -59.16 11.06 18.91
CA LYS J 203 -60.05 10.49 19.89
C LYS J 203 -61.18 9.73 19.25
N ARG J 204 -61.82 10.34 18.28
CA ARG J 204 -62.95 9.68 17.66
C ARG J 204 -62.62 8.30 17.13
N VAL J 205 -61.45 8.13 16.55
CA VAL J 205 -61.13 6.89 15.92
C VAL J 205 -60.90 5.82 17.00
N MET J 206 -60.29 6.22 18.09
CA MET J 206 -60.05 5.27 19.18
C MET J 206 -61.33 4.89 19.96
N GLN J 207 -62.16 5.86 20.25
CA GLN J 207 -63.42 5.55 20.86
C GLN J 207 -64.19 4.57 19.98
N GLY J 208 -63.98 4.67 18.67
CA GLY J 208 -64.64 3.76 17.77
C GLY J 208 -64.19 2.31 18.01
N HIS J 209 -62.90 2.14 18.30
CA HIS J 209 -62.34 0.86 18.51
C HIS J 209 -62.92 0.26 19.78
N ALA J 210 -62.96 1.06 20.82
CA ALA J 210 -63.52 0.62 22.04
C ALA J 210 -64.98 0.17 21.84
N GLY J 211 -65.79 0.97 21.16
CA GLY J 211 -67.20 0.61 20.95
C GLY J 211 -67.43 -0.59 20.06
N ALA J 212 -66.54 -0.82 19.12
CA ALA J 212 -66.76 -1.87 18.18
C ALA J 212 -66.38 -3.24 18.77
N ASN J 213 -65.42 -3.24 19.65
CA ASN J 213 -64.93 -4.44 20.28
C ASN J 213 -65.44 -4.66 21.75
N LEU J 214 -66.21 -3.71 22.28
CA LEU J 214 -66.70 -3.75 23.64
C LEU J 214 -65.60 -4.05 24.64
N VAL J 215 -64.48 -3.36 24.48
CA VAL J 215 -63.34 -3.40 25.39
C VAL J 215 -62.95 -1.96 25.73
N PRO J 216 -62.59 -1.72 26.97
CA PRO J 216 -62.02 -0.44 27.38
C PRO J 216 -60.66 -0.18 26.74
N LEU J 217 -60.33 1.11 26.70
CA LEU J 217 -59.12 1.57 25.96
C LEU J 217 -58.43 2.72 26.71
N VAL J 218 -57.13 2.63 26.77
CA VAL J 218 -56.30 3.61 27.50
C VAL J 218 -55.33 4.24 26.51
N ALA J 219 -55.29 5.59 26.46
CA ALA J 219 -54.28 6.24 25.60
C ALA J 219 -53.45 7.24 26.33
N SER J 220 -52.13 7.10 26.24
CA SER J 220 -51.24 8.04 26.93
C SER J 220 -50.47 8.88 25.97
N ASN J 221 -50.62 10.19 26.06
CA ASN J 221 -49.96 11.12 25.14
C ASN J 221 -49.09 12.18 25.85
N ARG J 222 -48.02 12.53 25.15
CA ARG J 222 -47.03 13.53 25.54
C ARG J 222 -47.60 14.94 25.54
N ILE J 223 -47.01 15.82 26.35
CA ILE J 223 -47.31 17.25 26.25
C ILE J 223 -45.99 18.04 26.07
N GLY J 224 -46.10 19.35 25.94
CA GLY J 224 -44.93 20.20 25.86
C GLY J 224 -44.56 20.58 24.43
N ASN J 225 -43.85 21.70 24.30
CA ASN J 225 -43.15 22.09 23.05
C ASN J 225 -41.76 21.48 22.95
N GLU J 226 -41.47 20.94 21.79
CA GLU J 226 -40.16 20.34 21.56
C GLU J 226 -39.54 20.91 20.29
N ILE J 227 -38.29 21.33 20.42
CA ILE J 227 -37.56 21.79 19.29
C ILE J 227 -36.41 20.84 18.95
N ILE J 228 -36.38 20.37 17.71
CA ILE J 228 -35.36 19.43 17.20
C ILE J 228 -34.52 20.11 16.13
N GLU J 229 -33.20 19.91 16.18
CA GLU J 229 -32.29 20.42 15.15
C GLU J 229 -32.34 19.46 14.01
N THR J 230 -32.98 19.81 12.91
CA THR J 230 -33.10 18.80 11.87
C THR J 230 -32.01 19.14 10.88
N GLU J 231 -31.82 18.22 9.95
CA GLU J 231 -30.92 18.37 8.81
C GLU J 231 -31.24 19.62 7.95
N HIS J 232 -32.43 20.23 8.14
CA HIS J 232 -32.77 21.45 7.39
C HIS J 232 -33.15 22.59 8.31
N GLY J 233 -32.78 22.46 9.59
CA GLY J 233 -33.00 23.54 10.58
C GLY J 233 -33.95 23.13 11.69
N LYS J 234 -34.31 24.10 12.52
CA LYS J 234 -35.20 23.85 13.65
C LYS J 234 -36.64 23.51 13.21
N SER J 235 -37.23 22.54 13.89
CA SER J 235 -38.59 22.09 13.65
C SER J 235 -39.28 21.98 15.01
N GLU J 236 -40.50 22.48 15.11
CA GLU J 236 -41.22 22.48 16.39
C GLU J 236 -42.56 21.76 16.34
N ILE J 237 -42.82 21.00 17.38
CA ILE J 237 -44.10 20.40 17.60
C ILE J 237 -44.55 20.78 19.00
N LYS J 238 -45.81 21.22 19.11
CA LYS J 238 -46.45 21.30 20.42
C LYS J 238 -47.30 20.04 20.62
N PHE J 239 -46.92 19.19 21.57
CA PHE J 239 -47.69 17.97 21.82
C PHE J 239 -48.96 18.31 22.59
N TYR J 240 -50.07 17.69 22.19
CA TYR J 240 -51.36 18.18 22.71
C TYR J 240 -52.01 17.35 23.83
N GLY J 241 -51.31 16.39 24.40
CA GLY J 241 -51.87 15.73 25.55
C GLY J 241 -53.21 15.09 25.20
N ASN J 242 -54.24 15.42 25.98
CA ASN J 242 -55.54 14.80 25.80
C ASN J 242 -55.47 13.25 26.03
N SER J 243 -54.57 12.81 26.93
CA SER J 243 -54.50 11.42 27.28
C SER J 243 -55.89 11.11 27.81
N PHE J 244 -56.38 9.89 27.58
CA PHE J 244 -57.70 9.57 28.06
C PHE J 244 -57.88 8.10 28.31
N ILE J 245 -58.97 7.80 29.02
CA ILE J 245 -59.41 6.41 29.24
C ILE J 245 -60.84 6.28 28.76
N ALA J 246 -61.14 5.25 27.96
CA ALA J 246 -62.49 5.05 27.47
C ALA J 246 -63.06 3.72 27.88
N GLY J 247 -64.35 3.76 28.16
CA GLY J 247 -65.12 2.61 28.50
C GLY J 247 -65.45 1.76 27.30
N PRO J 248 -66.10 0.62 27.57
CA PRO J 248 -66.33 -0.37 26.53
C PRO J 248 -67.39 0.03 25.45
N THR J 249 -68.13 1.11 25.66
CA THR J 249 -68.95 1.64 24.58
C THR J 249 -68.31 2.85 23.92
N GLY J 250 -67.05 3.12 24.25
CA GLY J 250 -66.33 4.28 23.72
C GLY J 250 -66.56 5.58 24.50
N GLU J 251 -67.35 5.55 25.56
CA GLU J 251 -67.50 6.71 26.42
C GLU J 251 -66.15 7.06 27.11
N ILE J 252 -65.78 8.32 27.03
CA ILE J 252 -64.59 8.84 27.72
C ILE J 252 -64.90 8.87 29.20
N VAL J 253 -64.15 8.15 30.01
CA VAL J 253 -64.46 8.26 31.44
C VAL J 253 -63.45 9.12 32.15
N SER J 254 -62.34 9.40 31.50
CA SER J 254 -61.35 10.22 32.11
C SER J 254 -60.47 10.83 31.01
N ILE J 255 -60.18 12.12 31.14
CA ILE J 255 -59.47 12.84 30.07
C ILE J 255 -58.57 13.95 30.66
N ALA J 256 -57.36 14.05 30.14
CA ALA J 256 -56.46 15.11 30.55
C ALA J 256 -56.56 16.34 29.61
N ASP J 257 -56.03 17.50 30.01
CA ASP J 257 -56.02 18.66 29.12
C ASP J 257 -54.79 18.63 28.20
N ASP J 258 -54.49 19.75 27.53
CA ASP J 258 -53.38 19.72 26.55
C ASP J 258 -52.07 20.29 27.03
N LYS J 259 -51.93 20.45 28.34
CA LYS J 259 -50.71 21.10 28.83
C LYS J 259 -50.25 20.75 30.25
N GLU J 260 -50.99 19.94 30.98
CA GLU J 260 -50.58 19.62 32.34
C GLU J 260 -50.19 18.14 32.50
N GLU J 261 -49.30 17.89 33.45
CA GLU J 261 -49.06 16.54 33.83
C GLU J 261 -50.35 15.96 34.30
N ALA J 262 -50.55 14.67 34.06
CA ALA J 262 -51.77 14.02 34.53
C ALA J 262 -51.59 12.56 34.88
N VAL J 263 -52.34 12.14 35.91
CA VAL J 263 -52.49 10.75 36.30
C VAL J 263 -53.97 10.42 36.21
N LEU J 264 -54.38 9.77 35.14
CA LEU J 264 -55.80 9.38 34.99
C LEU J 264 -56.03 7.97 35.53
N ILE J 265 -57.16 7.81 36.20
CA ILE J 265 -57.48 6.56 36.86
C ILE J 265 -58.86 6.03 36.52
N ALA J 266 -59.00 4.73 36.21
CA ALA J 266 -60.34 4.15 36.11
C ALA J 266 -60.43 2.66 36.43
N GLU J 267 -61.54 2.28 37.07
CA GLU J 267 -61.85 0.90 37.42
C GLU J 267 -62.85 0.24 36.40
N PHE J 268 -62.50 -0.97 35.94
CA PHE J 268 -63.39 -1.73 35.09
C PHE J 268 -63.62 -3.11 35.71
N ASN J 269 -64.82 -3.61 35.53
CA ASN J 269 -65.16 -4.94 36.03
C ASN J 269 -65.09 -5.84 34.82
N LEU J 270 -63.96 -6.46 34.64
CA LEU J 270 -63.74 -7.27 33.48
C LEU J 270 -64.66 -8.48 33.34
N ASP J 271 -65.15 -9.08 34.43
CA ASP J 271 -66.09 -10.18 34.26
C ASP J 271 -67.43 -9.68 33.70
N LYS J 272 -67.94 -8.54 34.20
CA LYS J 272 -69.21 -8.00 33.68
C LYS J 272 -69.05 -7.53 32.24
N ILE J 273 -67.92 -6.94 31.91
CA ILE J 273 -67.78 -6.48 30.56
C ILE J 273 -67.66 -7.69 29.64
N LYS J 274 -66.95 -8.73 30.08
CA LYS J 274 -66.81 -9.90 29.22
C LYS J 274 -68.20 -10.53 28.98
N SER J 275 -69.03 -10.48 29.98
CA SER J 275 -70.34 -11.03 29.86
C SER J 275 -71.31 -10.10 28.99
N MET J 276 -71.12 -8.78 29.04
CA MET J 276 -71.76 -7.83 28.09
C MET J 276 -71.35 -8.16 26.63
N ARG J 277 -70.04 -8.37 26.40
CA ARG J 277 -69.49 -8.61 25.07
C ARG J 277 -70.07 -9.89 24.46
N HIS J 278 -70.08 -10.95 25.23
CA HIS J 278 -70.62 -12.20 24.78
C HIS J 278 -72.10 -12.09 24.48
N CYS J 279 -72.85 -11.41 25.34
CA CYS J 279 -74.28 -11.26 25.13
CA CYS J 279 -74.30 -11.18 25.16
C CYS J 279 -74.61 -10.42 23.87
N TRP J 280 -73.84 -9.36 23.63
CA TRP J 280 -74.04 -8.51 22.48
C TRP J 280 -73.77 -9.34 21.20
N GLY J 281 -72.80 -10.27 21.31
CA GLY J 281 -72.58 -11.29 20.29
C GLY J 281 -71.91 -10.89 18.99
N VAL J 282 -71.37 -9.67 18.89
CA VAL J 282 -70.80 -9.23 17.60
C VAL J 282 -69.71 -10.15 17.12
N PHE J 283 -68.91 -10.68 18.04
CA PHE J 283 -67.89 -11.65 17.71
C PHE J 283 -68.37 -12.96 17.07
N ARG J 284 -69.46 -13.55 17.50
CA ARG J 284 -69.95 -14.66 16.70
C ARG J 284 -70.74 -14.24 15.42
N ASP J 285 -71.22 -12.97 15.36
CA ASP J 285 -71.89 -12.46 14.16
C ASP J 285 -70.91 -12.01 13.06
N ARG J 286 -69.60 -12.03 13.30
CA ARG J 286 -68.62 -11.66 12.26
C ARG J 286 -68.68 -12.57 11.05
N ARG J 287 -68.19 -12.03 9.93
CA ARG J 287 -68.28 -12.69 8.64
C ARG J 287 -66.88 -12.73 7.97
N PRO J 288 -65.94 -13.39 8.63
CA PRO J 288 -64.56 -13.51 8.08
C PRO J 288 -64.55 -14.06 6.65
N ASP J 289 -65.60 -14.81 6.28
CA ASP J 289 -65.71 -15.27 4.88
C ASP J 289 -65.90 -14.11 3.85
N LEU J 290 -66.31 -12.92 4.33
CA LEU J 290 -66.50 -11.75 3.47
C LEU J 290 -65.38 -10.73 3.67
N TYR J 291 -64.38 -11.02 4.51
CA TYR J 291 -63.36 -10.07 4.75
C TYR J 291 -62.05 -10.25 3.98
N LYS J 292 -62.02 -11.09 2.96
CA LYS J 292 -60.73 -11.28 2.21
C LYS J 292 -60.08 -9.95 1.68
N VAL J 293 -60.92 -8.99 1.30
CA VAL J 293 -60.43 -7.74 0.75
C VAL J 293 -59.52 -6.96 1.70
N LEU J 294 -59.64 -7.20 3.01
CA LEU J 294 -58.79 -6.58 3.98
C LEU J 294 -57.35 -7.04 3.86
N LEU J 295 -57.11 -8.15 3.15
CA LEU J 295 -55.78 -8.57 2.91
C LEU J 295 -55.17 -7.96 1.64
N THR J 296 -55.85 -6.95 1.05
CA THR J 296 -55.26 -6.24 -0.08
C THR J 296 -54.87 -4.88 0.41
N LEU J 297 -54.11 -4.15 -0.40
CA LEU J 297 -53.90 -2.74 -0.11
C LEU J 297 -54.77 -1.87 -1.03
N ASP J 298 -54.96 -2.36 -2.26
CA ASP J 298 -55.61 -1.63 -3.39
C ASP J 298 -57.05 -2.10 -3.69
N GLY J 299 -57.57 -2.91 -2.78
CA GLY J 299 -58.95 -3.39 -2.86
C GLY J 299 -59.22 -4.46 -3.87
N LYS J 300 -58.17 -4.98 -4.49
CA LYS J 300 -58.29 -5.98 -5.50
C LYS J 300 -57.15 -7.10 -5.36
N ASN J 301 -55.87 -6.78 -5.13
CA ASN J 301 -54.81 -7.80 -5.14
C ASN J 301 -54.32 -8.24 -3.73
N PRO J 302 -54.60 -9.51 -3.33
CA PRO J 302 -54.10 -9.98 -2.04
C PRO J 302 -52.60 -9.86 -1.96
N VAL J 303 -52.11 -9.30 -0.87
CA VAL J 303 -50.68 -9.26 -0.67
C VAL J 303 -50.10 -10.65 -0.59
N LEU J 304 -48.85 -10.73 -0.99
CA LEU J 304 -48.07 -11.96 -0.91
C LEU J 304 -47.81 -12.33 0.55
N MET K 4 -16.76 -19.92 -41.99
CA MET K 4 -17.88 -19.27 -42.75
C MET K 4 -19.07 -18.81 -41.86
N ALA K 5 -19.65 -19.70 -41.07
CA ALA K 5 -20.89 -19.38 -40.32
C ALA K 5 -20.66 -18.63 -38.98
N GLU K 6 -21.38 -17.53 -38.76
CA GLU K 6 -21.24 -16.72 -37.52
C GLU K 6 -21.67 -17.52 -36.25
N ASP K 7 -21.10 -17.20 -35.08
CA ASP K 7 -21.46 -17.95 -33.84
C ASP K 7 -22.95 -17.75 -33.57
N LYS K 8 -23.69 -18.86 -33.61
CA LYS K 8 -25.14 -18.84 -33.48
C LYS K 8 -25.61 -18.63 -32.04
N GLY K 9 -26.94 -18.60 -31.89
CA GLY K 9 -27.59 -18.29 -30.64
C GLY K 9 -28.46 -17.06 -30.86
N ARG K 10 -29.45 -16.88 -30.00
CA ARG K 10 -30.33 -15.74 -30.08
C ARG K 10 -29.60 -14.51 -29.66
N LYS K 11 -29.59 -13.50 -30.49
CA LYS K 11 -28.96 -12.25 -30.14
C LYS K 11 -30.02 -11.23 -29.83
N VAL K 12 -29.72 -10.41 -28.86
CA VAL K 12 -30.58 -9.33 -28.41
C VAL K 12 -29.73 -8.14 -28.14
N VAL K 13 -30.19 -6.99 -28.63
CA VAL K 13 -29.51 -5.71 -28.48
C VAL K 13 -30.32 -4.92 -27.49
N VAL K 14 -29.66 -4.57 -26.39
CA VAL K 14 -30.29 -3.80 -25.37
C VAL K 14 -29.75 -2.37 -25.32
N SER K 15 -30.58 -1.44 -24.84
CA SER K 15 -30.23 -0.03 -24.73
C SER K 15 -30.61 0.60 -23.38
N ALA K 16 -29.69 1.41 -22.87
CA ALA K 16 -29.98 2.30 -21.77
C ALA K 16 -30.02 3.74 -22.35
N LEU K 17 -31.03 4.51 -21.94
CA LEU K 17 -31.11 5.94 -22.25
C LEU K 17 -30.79 6.76 -20.99
N GLN K 18 -30.32 7.97 -21.20
CA GLN K 18 -29.94 8.91 -20.17
C GLN K 18 -30.25 10.33 -20.64
N PHE K 19 -31.15 10.97 -19.92
CA PHE K 19 -31.59 12.37 -20.27
C PHE K 19 -32.08 13.19 -19.08
N ALA K 20 -32.13 14.50 -19.28
CA ALA K 20 -32.66 15.44 -18.32
C ALA K 20 -34.18 15.56 -18.43
N CYS K 21 -34.83 15.85 -17.32
CA CYS K 21 -36.27 16.11 -17.32
C CYS K 21 -36.67 17.52 -16.96
N THR K 22 -37.76 17.99 -17.56
CA THR K 22 -38.45 19.19 -17.10
C THR K 22 -39.57 18.70 -16.20
N ASP K 23 -40.35 19.63 -15.67
CA ASP K 23 -41.48 19.17 -14.88
C ASP K 23 -42.75 19.21 -15.69
N ASP K 24 -42.60 19.07 -17.00
CA ASP K 24 -43.71 19.01 -17.93
C ASP K 24 -43.84 17.62 -18.65
N VAL K 25 -44.96 16.92 -18.46
CA VAL K 25 -45.09 15.56 -18.98
C VAL K 25 -44.90 15.44 -20.48
N SER K 26 -45.49 16.33 -21.26
CA SER K 26 -45.42 16.17 -22.71
C SER K 26 -44.00 16.40 -23.25
N THR K 27 -43.24 17.32 -22.64
CA THR K 27 -41.83 17.54 -22.98
C THR K 27 -40.99 16.26 -22.72
N ASN K 28 -41.15 15.65 -21.55
CA ASN K 28 -40.39 14.46 -21.20
C ASN K 28 -40.76 13.23 -22.03
N VAL K 29 -42.03 13.09 -22.38
CA VAL K 29 -42.44 12.00 -23.23
C VAL K 29 -41.90 12.24 -24.64
N THR K 30 -41.93 13.48 -25.13
CA THR K 30 -41.30 13.79 -26.41
C THR K 30 -39.80 13.45 -26.39
N THR K 31 -39.13 13.74 -25.29
CA THR K 31 -37.70 13.43 -25.20
C THR K 31 -37.50 11.88 -25.22
N ALA K 32 -38.31 11.14 -24.45
CA ALA K 32 -38.24 9.68 -24.48
C ALA K 32 -38.43 9.09 -25.89
N GLU K 33 -39.43 9.56 -26.65
CA GLU K 33 -39.62 9.07 -28.03
C GLU K 33 -38.38 9.27 -28.87
N ARG K 34 -37.82 10.49 -28.86
CA ARG K 34 -36.69 10.80 -29.66
C ARG K 34 -35.53 9.86 -29.41
N LEU K 35 -35.31 9.53 -28.16
CA LEU K 35 -34.18 8.71 -27.77
C LEU K 35 -34.45 7.22 -27.99
N VAL K 36 -35.70 6.81 -27.82
CA VAL K 36 -36.09 5.48 -28.20
C VAL K 36 -35.90 5.31 -29.70
N ARG K 37 -36.33 6.26 -30.51
CA ARG K 37 -36.19 6.12 -31.94
C ARG K 37 -34.69 6.04 -32.32
N ALA K 38 -33.87 6.72 -31.55
CA ALA K 38 -32.44 6.77 -31.84
C ALA K 38 -31.74 5.46 -31.42
N ALA K 39 -32.23 4.83 -30.36
CA ALA K 39 -31.75 3.49 -29.99
C ALA K 39 -32.19 2.43 -31.05
N HIS K 40 -33.44 2.53 -31.49
CA HIS K 40 -33.97 1.64 -32.51
C HIS K 40 -33.12 1.74 -33.78
N LYS K 41 -32.74 2.94 -34.15
CA LYS K 41 -31.91 3.17 -35.36
C LYS K 41 -30.55 2.53 -35.19
N GLN K 42 -30.04 2.51 -33.98
CA GLN K 42 -28.80 1.82 -33.71
C GLN K 42 -28.95 0.31 -33.50
N GLY K 43 -30.15 -0.26 -33.74
CA GLY K 43 -30.40 -1.72 -33.65
C GLY K 43 -30.97 -2.27 -32.36
N ALA K 44 -31.37 -1.39 -31.47
CA ALA K 44 -31.89 -1.84 -30.22
C ALA K 44 -33.28 -2.58 -30.35
N ASN K 45 -33.40 -3.63 -29.54
CA ASN K 45 -34.61 -4.45 -29.42
C ASN K 45 -35.34 -4.15 -28.11
N ILE K 46 -34.57 -3.88 -27.04
CA ILE K 46 -35.17 -3.50 -25.76
C ILE K 46 -34.55 -2.19 -25.30
N VAL K 47 -35.37 -1.19 -25.00
CA VAL K 47 -34.89 0.14 -24.62
C VAL K 47 -35.41 0.53 -23.24
N LEU K 48 -34.50 0.83 -22.33
CA LEU K 48 -34.85 1.17 -20.97
C LEU K 48 -34.83 2.70 -20.70
N ILE K 49 -36.00 3.25 -20.35
CA ILE K 49 -36.15 4.65 -19.96
C ILE K 49 -36.08 4.74 -18.44
N GLN K 50 -35.44 5.79 -17.96
CA GLN K 50 -35.20 6.07 -16.54
C GLN K 50 -36.47 6.22 -15.65
N GLU K 51 -36.27 6.05 -14.34
CA GLU K 51 -37.37 6.07 -13.36
C GLU K 51 -38.15 7.41 -13.32
N LEU K 52 -39.49 7.35 -13.33
CA LEU K 52 -40.34 8.53 -13.14
C LEU K 52 -39.99 9.69 -14.09
N PHE K 53 -39.53 9.29 -15.28
CA PHE K 53 -39.20 10.25 -16.37
C PHE K 53 -40.29 11.29 -16.75
N GLU K 54 -41.53 11.05 -16.39
CA GLU K 54 -42.63 11.95 -16.84
C GLU K 54 -42.50 13.34 -16.23
N GLY K 55 -41.69 13.45 -15.18
CA GLY K 55 -41.58 14.72 -14.47
C GLY K 55 -40.33 14.79 -13.67
N TYR K 56 -40.15 15.89 -12.94
CA TYR K 56 -39.07 16.00 -11.99
C TYR K 56 -39.26 14.86 -11.00
N TYR K 57 -38.15 14.54 -10.32
CA TYR K 57 -38.14 13.61 -9.22
C TYR K 57 -38.70 14.41 -8.03
N PHE K 58 -40.00 14.31 -7.83
CA PHE K 58 -40.68 15.17 -6.89
C PHE K 58 -40.50 14.67 -5.43
N CYS K 59 -39.92 13.51 -5.28
CA CYS K 59 -39.70 12.90 -3.95
C CYS K 59 -38.72 13.69 -3.03
N GLN K 60 -38.19 14.80 -3.47
CA GLN K 60 -37.45 15.58 -2.56
C GLN K 60 -38.39 16.20 -1.52
N ALA K 61 -39.66 16.37 -1.87
CA ALA K 61 -40.65 16.95 -0.99
C ALA K 61 -41.61 15.89 -0.48
N GLN K 62 -42.29 16.19 0.62
CA GLN K 62 -43.38 15.40 1.12
C GLN K 62 -44.64 16.28 1.08
N ARG K 63 -45.22 16.39 -0.08
CA ARG K 63 -46.37 17.26 -0.30
C ARG K 63 -47.63 16.53 -0.66
N GLU K 64 -48.71 16.92 0.01
CA GLU K 64 -50.06 16.41 -0.28
C GLU K 64 -50.39 16.46 -1.78
N ASP K 65 -50.11 17.58 -2.42
CA ASP K 65 -50.51 17.71 -3.81
C ASP K 65 -49.67 16.84 -4.72
N PHE K 66 -48.44 16.56 -4.38
CA PHE K 66 -47.64 15.69 -5.23
C PHE K 66 -48.19 14.26 -5.23
N ILE K 67 -48.92 13.84 -4.22
CA ILE K 67 -49.43 12.46 -4.24
C ILE K 67 -50.46 12.31 -5.39
N GLN K 68 -51.22 13.38 -5.60
CA GLN K 68 -52.21 13.38 -6.63
C GLN K 68 -51.62 13.47 -8.05
N ARG K 69 -50.31 13.45 -8.19
CA ARG K 69 -49.75 13.23 -9.54
C ARG K 69 -49.96 11.76 -9.99
N ALA K 70 -50.27 10.85 -9.08
CA ALA K 70 -50.41 9.48 -9.48
C ALA K 70 -51.61 9.29 -10.38
N LYS K 71 -51.59 8.21 -11.17
CA LYS K 71 -52.66 7.91 -12.12
C LYS K 71 -52.91 6.42 -12.17
N PRO K 72 -54.14 6.02 -12.56
CA PRO K 72 -54.40 4.57 -12.66
C PRO K 72 -53.58 3.88 -13.75
N TYR K 73 -53.34 2.59 -13.55
CA TYR K 73 -52.70 1.77 -14.55
C TYR K 73 -53.60 1.66 -15.75
N LYS K 74 -54.88 1.46 -15.54
CA LYS K 74 -55.83 1.45 -16.66
C LYS K 74 -55.93 2.77 -17.49
N ASP K 75 -55.79 2.65 -18.82
CA ASP K 75 -55.89 3.77 -19.74
C ASP K 75 -54.90 4.90 -19.40
N HIS K 76 -53.71 4.55 -18.95
CA HIS K 76 -52.69 5.56 -18.62
C HIS K 76 -52.20 6.22 -19.90
N PRO K 77 -52.25 7.54 -19.97
CA PRO K 77 -51.92 8.05 -21.31
C PRO K 77 -50.48 7.92 -21.71
N THR K 78 -49.57 7.93 -20.78
CA THR K 78 -48.18 7.81 -21.20
C THR K 78 -47.89 6.36 -21.66
N ILE K 79 -48.42 5.37 -20.94
CA ILE K 79 -48.31 3.96 -21.34
C ILE K 79 -48.97 3.77 -22.71
N MET K 80 -50.15 4.33 -22.91
CA MET K 80 -50.83 4.16 -24.17
C MET K 80 -50.02 4.71 -25.33
N ARG K 81 -49.43 5.88 -25.13
CA ARG K 81 -48.67 6.51 -26.20
C ARG K 81 -47.36 5.70 -26.48
N LEU K 82 -46.73 5.18 -25.43
CA LEU K 82 -45.52 4.39 -25.62
C LEU K 82 -45.79 3.00 -26.20
N GLN K 83 -47.01 2.49 -26.04
CA GLN K 83 -47.39 1.24 -26.70
C GLN K 83 -47.46 1.43 -28.24
N LYS K 84 -47.97 2.57 -28.71
CA LYS K 84 -48.01 2.83 -30.16
C LYS K 84 -46.56 2.84 -30.72
N LEU K 85 -45.64 3.43 -29.97
CA LEU K 85 -44.25 3.49 -30.36
C LEU K 85 -43.60 2.12 -30.40
N ALA K 86 -43.84 1.33 -29.36
CA ALA K 86 -43.33 -0.05 -29.29
C ALA K 86 -43.77 -0.85 -30.49
N LYS K 87 -45.06 -0.75 -30.83
CA LYS K 87 -45.60 -1.51 -31.92
C LYS K 87 -44.98 -1.05 -33.22
N GLU K 88 -44.79 0.25 -33.34
CA GLU K 88 -44.30 0.81 -34.61
C GLU K 88 -42.86 0.36 -34.89
N LEU K 89 -42.03 0.37 -33.88
CA LEU K 89 -40.61 0.03 -34.06
C LEU K 89 -40.30 -1.42 -33.75
N GLY K 90 -41.21 -2.10 -33.07
CA GLY K 90 -40.96 -3.47 -32.74
C GLY K 90 -39.91 -3.55 -31.67
N VAL K 91 -40.00 -2.66 -30.68
CA VAL K 91 -39.10 -2.71 -29.52
C VAL K 91 -39.89 -2.88 -28.22
N VAL K 92 -39.23 -3.43 -27.24
CA VAL K 92 -39.79 -3.68 -25.93
C VAL K 92 -39.48 -2.43 -25.09
N ILE K 93 -40.50 -1.89 -24.44
CA ILE K 93 -40.34 -0.65 -23.68
C ILE K 93 -41.00 -0.75 -22.31
N PRO K 94 -40.19 -0.92 -21.24
CA PRO K 94 -40.75 -0.79 -19.90
C PRO K 94 -41.08 0.66 -19.57
N VAL K 95 -42.27 0.91 -19.07
CA VAL K 95 -42.71 2.30 -18.78
C VAL K 95 -42.97 2.55 -17.32
N SER K 96 -42.10 3.35 -16.72
CA SER K 96 -42.17 3.73 -15.31
C SER K 96 -43.25 4.81 -15.08
N PHE K 97 -44.11 4.61 -14.09
CA PHE K 97 -45.17 5.57 -13.77
C PHE K 97 -45.57 5.53 -12.30
N PHE K 98 -46.22 6.58 -11.82
CA PHE K 98 -46.70 6.69 -10.42
C PHE K 98 -48.15 6.23 -10.45
N GLU K 99 -48.41 5.03 -9.88
CA GLU K 99 -49.72 4.42 -9.96
C GLU K 99 -50.62 4.83 -8.81
N GLU K 100 -51.88 5.10 -9.12
CA GLU K 100 -52.94 5.15 -8.12
C GLU K 100 -53.80 3.89 -8.25
N ALA K 101 -53.99 3.18 -7.16
CA ALA K 101 -54.88 2.02 -7.14
C ALA K 101 -55.86 2.06 -5.95
N ASN K 102 -57.04 2.60 -6.21
CA ASN K 102 -57.94 3.04 -5.20
C ASN K 102 -57.18 3.92 -4.17
N ASN K 103 -57.03 3.47 -2.90
CA ASN K 103 -56.33 4.30 -1.92
C ASN K 103 -54.87 3.96 -1.75
N ALA K 104 -54.40 3.00 -2.53
CA ALA K 104 -52.99 2.64 -2.53
C ALA K 104 -52.33 3.37 -3.68
N HIS K 105 -51.01 3.54 -3.57
CA HIS K 105 -50.19 4.21 -4.62
C HIS K 105 -48.89 3.47 -4.67
N TYR K 106 -48.33 3.39 -5.86
CA TYR K 106 -47.12 2.60 -6.05
C TYR K 106 -46.25 3.25 -7.08
N ASN K 107 -44.99 2.95 -7.00
CA ASN K 107 -44.02 3.32 -8.00
C ASN K 107 -43.98 2.08 -8.90
N SER K 108 -44.46 2.22 -10.11
CA SER K 108 -44.72 1.06 -10.90
C SER K 108 -44.02 1.11 -12.28
N ILE K 109 -43.99 -0.06 -12.90
CA ILE K 109 -43.49 -0.19 -14.25
C ILE K 109 -44.34 -1.20 -15.05
N ALA K 110 -44.77 -0.76 -16.23
CA ALA K 110 -45.54 -1.57 -17.14
C ALA K 110 -44.65 -2.06 -18.30
N ILE K 111 -44.63 -3.36 -18.52
CA ILE K 111 -43.81 -3.88 -19.58
C ILE K 111 -44.55 -4.03 -20.92
N ILE K 112 -44.21 -3.18 -21.90
CA ILE K 112 -44.74 -3.28 -23.27
C ILE K 112 -43.85 -4.16 -24.16
N ASP K 113 -44.45 -5.12 -24.84
CA ASP K 113 -43.73 -6.03 -25.66
C ASP K 113 -43.56 -5.38 -27.04
N ALA K 114 -42.79 -6.03 -27.90
CA ALA K 114 -42.51 -5.51 -29.22
C ALA K 114 -43.68 -5.48 -30.15
N ASP K 115 -44.78 -6.15 -29.80
CA ASP K 115 -46.01 -6.01 -30.61
C ASP K 115 -46.99 -4.97 -30.05
N GLY K 116 -46.60 -4.28 -28.98
CA GLY K 116 -47.44 -3.23 -28.32
C GLY K 116 -48.29 -3.72 -27.13
N THR K 117 -48.24 -5.01 -26.90
CA THR K 117 -49.00 -5.64 -25.84
C THR K 117 -48.43 -5.28 -24.50
N ASP K 118 -49.34 -4.95 -23.59
CA ASP K 118 -49.00 -4.66 -22.23
C ASP K 118 -48.94 -5.99 -21.53
N LEU K 119 -47.74 -6.47 -21.19
CA LEU K 119 -47.58 -7.74 -20.55
C LEU K 119 -47.90 -7.69 -19.05
N GLY K 120 -47.95 -6.51 -18.45
CA GLY K 120 -48.23 -6.43 -17.02
C GLY K 120 -47.37 -5.41 -16.29
N ILE K 121 -47.50 -5.42 -14.96
CA ILE K 121 -46.74 -4.50 -14.16
C ILE K 121 -45.95 -5.13 -13.05
N TYR K 122 -45.00 -4.37 -12.60
CA TYR K 122 -44.24 -4.69 -11.41
C TYR K 122 -44.35 -3.43 -10.54
N ARG K 123 -44.51 -3.64 -9.24
CA ARG K 123 -44.62 -2.54 -8.25
C ARG K 123 -43.37 -2.55 -7.37
N LYS K 124 -42.62 -1.45 -7.41
CA LYS K 124 -41.36 -1.35 -6.65
C LYS K 124 -41.53 -1.83 -5.24
N SER K 125 -40.63 -2.75 -4.89
CA SER K 125 -40.69 -3.46 -3.64
C SER K 125 -39.99 -2.77 -2.48
N HIS K 126 -38.79 -2.26 -2.76
CA HIS K 126 -37.90 -1.63 -1.74
C HIS K 126 -38.05 -0.10 -1.90
N ILE K 127 -38.55 0.57 -0.89
CA ILE K 127 -38.77 2.03 -0.96
C ILE K 127 -37.76 2.80 -0.13
N PRO K 128 -36.98 3.63 -0.76
CA PRO K 128 -35.99 4.45 -0.09
C PRO K 128 -36.58 5.58 0.71
N ASP K 129 -35.76 6.15 1.58
CA ASP K 129 -36.17 7.28 2.42
C ASP K 129 -34.99 8.16 2.83
N GLY K 130 -35.24 9.38 3.27
CA GLY K 130 -34.17 10.27 3.70
C GLY K 130 -34.17 11.54 2.88
N PRO K 131 -33.35 12.54 3.28
CA PRO K 131 -33.38 13.83 2.62
C PRO K 131 -33.13 13.72 1.13
N GLY K 132 -34.07 14.27 0.34
CA GLY K 132 -33.99 14.22 -1.12
C GLY K 132 -34.68 13.04 -1.79
N TYR K 133 -34.88 11.95 -1.07
CA TYR K 133 -35.43 10.76 -1.66
C TYR K 133 -36.55 10.28 -0.75
N GLU K 134 -37.53 11.14 -0.47
CA GLU K 134 -38.58 10.76 0.49
C GLU K 134 -39.68 9.88 -0.09
N GLU K 135 -39.30 8.75 -0.66
CA GLU K 135 -40.25 7.92 -1.38
C GLU K 135 -41.26 7.22 -0.51
N LYS K 136 -40.88 6.93 0.70
CA LYS K 136 -41.75 6.18 1.58
C LYS K 136 -43.03 6.95 1.94
N PHE K 137 -43.05 8.26 1.70
CA PHE K 137 -44.21 9.10 1.95
C PHE K 137 -45.26 8.89 0.83
N TYR K 138 -44.79 8.43 -0.33
CA TYR K 138 -45.59 8.41 -1.53
C TYR K 138 -46.07 7.01 -1.91
N PHE K 139 -45.26 6.00 -1.63
CA PHE K 139 -45.53 4.69 -2.16
C PHE K 139 -45.72 3.60 -1.13
N ASN K 140 -46.82 2.87 -1.28
CA ASN K 140 -46.97 1.65 -0.56
C ASN K 140 -45.83 0.79 -1.03
N PRO K 141 -45.19 0.07 -0.13
CA PRO K 141 -44.26 -1.00 -0.59
C PRO K 141 -44.99 -1.98 -1.55
N GLY K 142 -44.33 -2.33 -2.67
CA GLY K 142 -44.96 -3.04 -3.74
C GLY K 142 -45.39 -4.42 -3.33
N ASP K 143 -46.45 -4.89 -4.00
CA ASP K 143 -47.04 -6.17 -3.67
C ASP K 143 -47.19 -7.11 -4.83
N THR K 144 -46.45 -6.91 -5.90
CA THR K 144 -46.52 -7.85 -6.97
C THR K 144 -45.54 -8.94 -6.68
N GLY K 145 -44.51 -8.63 -5.94
CA GLY K 145 -43.38 -9.53 -5.86
C GLY K 145 -42.49 -9.32 -7.09
N PHE K 146 -41.34 -9.99 -7.08
CA PHE K 146 -40.42 -9.93 -8.21
C PHE K 146 -40.93 -10.80 -9.35
N LYS K 147 -40.90 -10.22 -10.54
CA LYS K 147 -41.49 -10.78 -11.74
C LYS K 147 -40.52 -10.88 -12.88
N VAL K 148 -40.79 -11.81 -13.79
CA VAL K 148 -40.06 -11.89 -15.04
C VAL K 148 -41.12 -11.85 -16.14
N PHE K 149 -40.77 -11.28 -17.28
CA PHE K 149 -41.70 -11.13 -18.37
C PHE K 149 -41.14 -11.77 -19.60
N GLN K 150 -42.01 -12.52 -20.28
CA GLN K 150 -41.61 -13.16 -21.50
C GLN K 150 -41.88 -12.16 -22.66
N THR K 151 -40.84 -11.57 -23.22
CA THR K 151 -41.03 -10.71 -24.39
C THR K 151 -40.70 -11.46 -25.64
N LYS K 152 -40.89 -10.83 -26.77
CA LYS K 152 -40.61 -11.44 -28.04
C LYS K 152 -39.14 -11.80 -28.27
N TYR K 153 -38.24 -11.15 -27.50
CA TYR K 153 -36.81 -11.32 -27.70
C TYR K 153 -36.16 -12.13 -26.60
N ALA K 154 -36.69 -12.04 -25.39
CA ALA K 154 -36.06 -12.66 -24.23
C ALA K 154 -37.01 -12.66 -23.06
N LYS K 155 -36.67 -13.45 -22.06
CA LYS K 155 -37.33 -13.39 -20.81
C LYS K 155 -36.55 -12.39 -19.93
N ILE K 156 -37.20 -11.30 -19.52
CA ILE K 156 -36.49 -10.22 -18.84
C ILE K 156 -36.98 -9.97 -17.43
N GLY K 157 -36.07 -9.56 -16.54
CA GLY K 157 -36.37 -9.20 -15.16
C GLY K 157 -36.27 -7.68 -15.07
N VAL K 158 -37.34 -7.03 -14.61
CA VAL K 158 -37.38 -5.57 -14.48
C VAL K 158 -37.76 -5.22 -13.05
N ALA K 159 -36.88 -4.50 -12.38
CA ALA K 159 -37.19 -3.93 -11.08
C ALA K 159 -36.88 -2.42 -11.12
N ILE K 160 -37.02 -1.71 -10.01
CA ILE K 160 -36.96 -0.24 -10.08
C ILE K 160 -35.98 0.40 -9.09
N SER K 161 -35.05 1.19 -9.64
CA SER K 161 -34.13 2.09 -8.89
C SER K 161 -33.64 1.40 -7.62
N TRP K 162 -34.15 1.84 -6.48
CA TRP K 162 -33.68 1.34 -5.17
C TRP K 162 -33.67 -0.20 -5.06
N ASP K 163 -34.53 -0.88 -5.82
CA ASP K 163 -34.52 -2.35 -5.85
C ASP K 163 -33.09 -2.84 -6.23
N GLN K 164 -32.37 -2.01 -6.95
CA GLN K 164 -31.08 -2.39 -7.46
C GLN K 164 -30.04 -2.58 -6.34
N TRP K 165 -30.30 -2.17 -5.10
CA TRP K 165 -29.29 -2.35 -4.08
C TRP K 165 -29.39 -3.72 -3.40
N PHE K 166 -30.45 -4.45 -3.74
CA PHE K 166 -30.85 -5.69 -3.02
C PHE K 166 -30.55 -6.95 -3.85
N PRO K 167 -29.52 -7.67 -3.47
CA PRO K 167 -29.20 -8.92 -4.19
C PRO K 167 -30.37 -9.87 -4.27
N GLU K 168 -31.23 -9.86 -3.26
CA GLU K 168 -32.43 -10.71 -3.23
C GLU K 168 -33.32 -10.52 -4.47
N ALA K 169 -33.40 -9.28 -4.96
CA ALA K 169 -34.23 -9.02 -6.11
C ALA K 169 -33.62 -9.59 -7.39
N ALA K 170 -32.34 -9.35 -7.60
CA ALA K 170 -31.68 -9.89 -8.79
C ALA K 170 -31.76 -11.44 -8.78
N ARG K 171 -31.48 -12.05 -7.64
CA ARG K 171 -31.54 -13.49 -7.52
C ARG K 171 -32.97 -13.99 -7.76
N ALA K 172 -33.93 -13.29 -7.20
CA ALA K 172 -35.29 -13.71 -7.40
C ALA K 172 -35.70 -13.70 -8.88
N MET K 173 -35.29 -12.70 -9.62
CA MET K 173 -35.62 -12.68 -11.04
C MET K 173 -34.87 -13.75 -11.83
N ALA K 174 -33.57 -13.91 -11.57
CA ALA K 174 -32.78 -14.96 -12.20
C ALA K 174 -33.25 -16.40 -11.90
N LEU K 175 -33.61 -16.70 -10.65
CA LEU K 175 -34.19 -18.01 -10.34
C LEU K 175 -35.43 -18.31 -11.18
N GLN K 176 -36.14 -17.27 -11.62
CA GLN K 176 -37.35 -17.49 -12.41
C GLN K 176 -37.11 -17.41 -13.90
N GLY K 177 -35.85 -17.43 -14.26
CA GLY K 177 -35.52 -17.49 -15.67
C GLY K 177 -35.19 -16.17 -16.40
N ALA K 178 -35.05 -15.05 -15.69
CA ALA K 178 -34.65 -13.81 -16.32
C ALA K 178 -33.26 -13.94 -16.96
N GLU K 179 -33.17 -13.52 -18.23
CA GLU K 179 -31.97 -13.54 -19.05
C GLU K 179 -31.25 -12.20 -19.05
N ILE K 180 -31.96 -11.13 -18.71
CA ILE K 180 -31.36 -9.81 -18.60
C ILE K 180 -32.08 -9.04 -17.55
N LEU K 181 -31.38 -8.24 -16.78
CA LEU K 181 -32.03 -7.43 -15.73
C LEU K 181 -32.01 -5.95 -16.15
N PHE K 182 -33.05 -5.21 -15.76
CA PHE K 182 -33.26 -3.82 -16.14
C PHE K 182 -33.63 -3.09 -14.87
N TYR K 183 -32.93 -1.99 -14.63
CA TYR K 183 -33.21 -1.12 -13.51
C TYR K 183 -33.29 0.36 -13.93
N PRO K 184 -34.47 0.83 -14.30
CA PRO K 184 -34.57 2.29 -14.45
C PRO K 184 -34.33 2.98 -13.08
N THR K 185 -33.65 4.13 -13.04
CA THR K 185 -33.11 4.69 -11.81
C THR K 185 -33.24 6.20 -11.71
N ALA K 186 -33.23 6.73 -10.51
CA ALA K 186 -33.06 8.14 -10.30
C ALA K 186 -32.14 8.34 -9.06
N ILE K 187 -30.86 8.60 -9.27
CA ILE K 187 -29.98 8.76 -8.13
C ILE K 187 -28.95 9.86 -8.39
N GLY K 188 -28.62 10.63 -7.36
CA GLY K 188 -27.65 11.71 -7.49
C GLY K 188 -27.09 12.11 -6.14
N SER K 189 -26.71 13.38 -6.04
CA SER K 189 -26.30 14.00 -4.78
C SER K 189 -27.49 14.03 -3.76
N GLU K 190 -27.16 14.31 -2.52
CA GLU K 190 -28.10 14.31 -1.43
C GLU K 190 -28.04 15.69 -0.83
N PRO K 191 -29.18 16.35 -0.75
CA PRO K 191 -29.25 17.75 -0.42
C PRO K 191 -28.82 18.09 1.00
N HIS K 192 -28.78 17.15 1.92
CA HIS K 192 -28.34 17.50 3.28
C HIS K 192 -26.84 17.38 3.52
N ASP K 193 -26.12 16.67 2.65
CA ASP K 193 -24.68 16.42 2.86
C ASP K 193 -23.97 16.32 1.50
N GLN K 194 -23.39 17.43 1.08
CA GLN K 194 -22.75 17.53 -0.22
C GLN K 194 -21.53 16.57 -0.39
N SER K 195 -21.01 16.00 0.71
CA SER K 195 -19.86 15.06 0.67
C SER K 195 -20.23 13.58 0.30
N ILE K 196 -21.51 13.24 0.24
CA ILE K 196 -21.94 11.93 -0.20
C ILE K 196 -21.94 11.83 -1.73
N ASP K 197 -21.20 10.90 -2.24
CA ASP K 197 -21.13 10.66 -3.68
C ASP K 197 -21.20 9.15 -3.81
N SER K 198 -22.37 8.69 -4.24
CA SER K 198 -22.72 7.27 -4.12
C SER K 198 -22.46 6.46 -5.38
N ARG K 199 -22.04 7.14 -6.44
CA ARG K 199 -21.96 6.55 -7.77
C ARG K 199 -21.09 5.31 -7.90
N ASP K 200 -19.91 5.28 -7.25
CA ASP K 200 -19.02 4.12 -7.36
C ASP K 200 -19.61 2.93 -6.62
N HIS K 201 -20.19 3.21 -5.47
CA HIS K 201 -20.86 2.23 -4.64
C HIS K 201 -22.05 1.61 -5.39
N TRP K 202 -22.83 2.49 -6.01
CA TRP K 202 -24.03 2.10 -6.79
C TRP K 202 -23.64 1.13 -7.91
N LYS K 203 -22.62 1.48 -8.68
CA LYS K 203 -22.12 0.57 -9.70
C LYS K 203 -21.63 -0.78 -9.19
N ARG K 204 -20.77 -0.76 -8.18
CA ARG K 204 -20.19 -2.00 -7.66
C ARG K 204 -21.26 -2.95 -7.23
N VAL K 205 -22.36 -2.46 -6.67
CA VAL K 205 -23.38 -3.37 -6.14
C VAL K 205 -24.09 -4.04 -7.28
N MET K 206 -24.40 -3.25 -8.30
CA MET K 206 -25.04 -3.79 -9.49
C MET K 206 -24.17 -4.72 -10.27
N GLN K 207 -22.91 -4.37 -10.46
CA GLN K 207 -22.02 -5.30 -11.10
C GLN K 207 -21.99 -6.61 -10.35
N GLY K 208 -22.13 -6.56 -9.03
CA GLY K 208 -22.13 -7.78 -8.25
C GLY K 208 -23.30 -8.66 -8.65
N HIS K 209 -24.48 -8.07 -8.86
CA HIS K 209 -25.66 -8.90 -9.22
C HIS K 209 -25.43 -9.60 -10.56
N ALA K 210 -24.89 -8.86 -11.51
CA ALA K 210 -24.71 -9.41 -12.82
C ALA K 210 -23.73 -10.58 -12.74
N GLY K 211 -22.63 -10.41 -12.00
CA GLY K 211 -21.64 -11.50 -11.90
C GLY K 211 -22.07 -12.68 -11.04
N ALA K 212 -22.94 -12.47 -10.08
CA ALA K 212 -23.36 -13.57 -9.17
C ALA K 212 -24.46 -14.43 -9.84
N ASN K 213 -25.26 -13.79 -10.69
CA ASN K 213 -26.33 -14.46 -11.46
C ASN K 213 -26.01 -14.83 -12.90
N LEU K 214 -24.84 -14.41 -13.33
CA LEU K 214 -24.40 -14.57 -14.68
C LEU K 214 -25.42 -14.20 -15.70
N VAL K 215 -25.95 -12.98 -15.55
CA VAL K 215 -26.86 -12.37 -16.55
C VAL K 215 -26.49 -10.91 -16.78
N PRO K 216 -26.60 -10.44 -18.02
CA PRO K 216 -26.36 -9.04 -18.33
C PRO K 216 -27.35 -8.14 -17.61
N LEU K 217 -26.98 -6.87 -17.46
CA LEU K 217 -27.72 -5.93 -16.62
C LEU K 217 -27.63 -4.51 -17.20
N VAL K 218 -28.78 -3.80 -17.20
CA VAL K 218 -28.91 -2.51 -17.85
C VAL K 218 -29.46 -1.57 -16.81
N ALA K 219 -28.81 -0.43 -16.66
CA ALA K 219 -29.22 0.55 -15.67
C ALA K 219 -29.30 1.92 -16.36
N SER K 220 -30.48 2.54 -16.30
CA SER K 220 -30.67 3.84 -16.92
C SER K 220 -30.92 4.88 -15.83
N ASN K 221 -30.07 5.92 -15.77
CA ASN K 221 -30.19 6.95 -14.75
C ASN K 221 -30.34 8.36 -15.33
N ARG K 222 -31.03 9.19 -14.55
CA ARG K 222 -31.31 10.58 -14.89
C ARG K 222 -30.04 11.45 -14.80
N ILE K 223 -30.04 12.54 -15.54
CA ILE K 223 -28.98 13.59 -15.42
C ILE K 223 -29.67 14.93 -15.14
N GLY K 224 -28.86 15.90 -14.75
CA GLY K 224 -29.25 17.27 -14.59
C GLY K 224 -29.50 17.65 -13.16
N ASN K 225 -29.54 18.95 -12.94
CA ASN K 225 -29.98 19.51 -11.71
C ASN K 225 -31.45 19.74 -11.68
N GLU K 226 -32.02 19.47 -10.53
CA GLU K 226 -33.41 19.64 -10.28
C GLU K 226 -33.61 20.30 -8.92
N ILE K 227 -34.38 21.38 -8.94
CA ILE K 227 -34.75 22.09 -7.73
C ILE K 227 -36.22 21.92 -7.43
N ILE K 228 -36.57 21.48 -6.22
CA ILE K 228 -37.97 21.28 -5.83
C ILE K 228 -38.33 22.17 -4.67
N GLU K 229 -39.56 22.68 -4.68
CA GLU K 229 -40.06 23.49 -3.60
C GLU K 229 -40.63 22.57 -2.53
N THR K 230 -39.93 22.43 -1.41
CA THR K 230 -40.41 21.56 -0.36
C THR K 230 -41.08 22.38 0.69
N GLU K 231 -41.72 21.66 1.59
CA GLU K 231 -42.37 22.22 2.78
C GLU K 231 -41.39 23.00 3.62
N HIS K 232 -40.07 22.83 3.42
CA HIS K 232 -39.06 23.59 4.19
C HIS K 232 -38.14 24.42 3.33
N GLY K 233 -38.54 24.67 2.07
CA GLY K 233 -37.72 25.48 1.16
C GLY K 233 -37.15 24.71 -0.03
N LYS K 234 -36.27 25.36 -0.76
CA LYS K 234 -35.65 24.76 -1.91
C LYS K 234 -34.77 23.62 -1.52
N SER K 235 -34.85 22.55 -2.30
CA SER K 235 -33.99 21.41 -2.18
C SER K 235 -33.50 21.09 -3.57
N GLU K 236 -32.22 20.83 -3.69
CA GLU K 236 -31.65 20.59 -4.99
C GLU K 236 -30.95 19.24 -5.04
N ILE K 237 -31.24 18.47 -6.08
CA ILE K 237 -30.38 17.37 -6.43
C ILE K 237 -29.67 17.54 -7.79
N LYS K 238 -28.43 17.12 -7.83
CA LYS K 238 -27.77 17.00 -9.10
C LYS K 238 -27.69 15.53 -9.42
N PHE K 239 -28.38 15.08 -10.45
CA PHE K 239 -28.39 13.69 -10.81
C PHE K 239 -27.13 13.33 -11.60
N TYR K 240 -26.56 12.16 -11.34
CA TYR K 240 -25.21 11.87 -11.82
C TYR K 240 -25.03 10.87 -12.97
N GLY K 241 -26.12 10.54 -13.65
CA GLY K 241 -26.05 9.66 -14.78
C GLY K 241 -25.26 8.41 -14.52
N ASN K 242 -24.19 8.20 -15.27
CA ASN K 242 -23.43 6.97 -15.21
C ASN K 242 -24.33 5.75 -15.53
N SER K 243 -25.25 5.92 -16.45
CA SER K 243 -26.00 4.83 -16.95
C SER K 243 -24.98 3.86 -17.54
N PHE K 244 -25.31 2.57 -17.46
CA PHE K 244 -24.41 1.59 -17.97
C PHE K 244 -25.08 0.27 -18.31
N ILE K 245 -24.31 -0.57 -18.99
CA ILE K 245 -24.72 -1.91 -19.32
C ILE K 245 -23.57 -2.82 -18.92
N ALA K 246 -23.90 -3.91 -18.26
CA ALA K 246 -22.85 -4.80 -17.76
C ALA K 246 -23.09 -6.19 -18.26
N GLY K 247 -22.01 -6.91 -18.58
CA GLY K 247 -22.11 -8.30 -18.99
C GLY K 247 -22.28 -9.27 -17.82
N PRO K 248 -22.37 -10.58 -18.12
CA PRO K 248 -22.69 -11.58 -17.14
C PRO K 248 -21.55 -12.00 -16.17
N THR K 249 -20.37 -11.38 -16.33
CA THR K 249 -19.32 -11.51 -15.32
C THR K 249 -19.20 -10.21 -14.54
N GLY K 250 -20.13 -9.27 -14.78
CA GLY K 250 -20.09 -7.99 -14.10
C GLY K 250 -19.31 -6.90 -14.82
N GLU K 251 -18.59 -7.20 -15.88
CA GLU K 251 -17.83 -6.16 -16.47
C GLU K 251 -18.70 -5.11 -17.19
N ILE K 252 -18.30 -3.84 -17.12
CA ILE K 252 -19.05 -2.77 -17.78
C ILE K 252 -18.71 -2.84 -19.27
N VAL K 253 -19.71 -2.97 -20.13
CA VAL K 253 -19.45 -3.03 -21.59
C VAL K 253 -19.75 -1.65 -22.19
N SER K 254 -20.55 -0.86 -21.51
CA SER K 254 -20.92 0.41 -22.07
C SER K 254 -21.32 1.38 -20.91
N ILE K 255 -20.76 2.58 -20.88
CA ILE K 255 -21.03 3.50 -19.80
C ILE K 255 -21.10 4.99 -20.19
N ALA K 256 -22.09 5.74 -19.64
CA ALA K 256 -22.23 7.18 -19.94
C ALA K 256 -21.46 8.00 -18.89
N ASP K 257 -21.23 9.26 -19.17
CA ASP K 257 -20.65 10.06 -18.13
C ASP K 257 -21.76 10.66 -17.26
N ASP K 258 -21.43 11.66 -16.45
CA ASP K 258 -22.41 12.19 -15.52
C ASP K 258 -23.22 13.34 -15.93
N LYS K 259 -23.19 13.73 -17.19
CA LYS K 259 -23.88 14.97 -17.60
C LYS K 259 -24.43 14.99 -19.02
N GLU K 260 -23.85 14.15 -19.88
CA GLU K 260 -24.25 13.99 -21.27
C GLU K 260 -25.54 13.23 -21.37
N GLU K 261 -26.35 13.59 -22.37
CA GLU K 261 -27.47 12.78 -22.85
C GLU K 261 -26.85 11.58 -23.56
N ALA K 262 -27.42 10.40 -23.40
CA ALA K 262 -26.75 9.27 -23.98
C ALA K 262 -27.73 8.21 -24.40
N VAL K 263 -27.33 7.46 -25.43
CA VAL K 263 -27.96 6.21 -25.83
C VAL K 263 -26.84 5.18 -25.80
N LEU K 264 -26.94 4.20 -24.91
CA LEU K 264 -25.98 3.11 -24.84
C LEU K 264 -26.56 1.87 -25.49
N ILE K 265 -25.71 1.12 -26.16
CA ILE K 265 -26.08 -0.03 -27.01
C ILE K 265 -25.15 -1.22 -26.68
N ALA K 266 -25.71 -2.43 -26.54
CA ALA K 266 -24.96 -3.66 -26.38
C ALA K 266 -25.71 -4.88 -26.91
N GLU K 267 -24.95 -5.75 -27.56
CA GLU K 267 -25.47 -6.97 -28.07
C GLU K 267 -25.02 -8.11 -27.15
N PHE K 268 -25.95 -9.01 -26.90
CA PHE K 268 -25.72 -10.19 -26.11
C PHE K 268 -26.24 -11.45 -26.80
N ASN K 269 -25.42 -12.51 -26.74
CA ASN K 269 -25.83 -13.81 -27.24
C ASN K 269 -26.43 -14.59 -26.03
N LEU K 270 -27.76 -14.65 -25.97
CA LEU K 270 -28.42 -15.27 -24.82
C LEU K 270 -28.20 -16.76 -24.67
N ASP K 271 -27.89 -17.47 -25.74
CA ASP K 271 -27.70 -18.89 -25.67
C ASP K 271 -26.32 -19.24 -25.17
N LYS K 272 -25.33 -18.42 -25.53
CA LYS K 272 -23.98 -18.66 -25.04
C LYS K 272 -23.92 -18.27 -23.60
N ILE K 273 -24.60 -17.19 -23.23
CA ILE K 273 -24.54 -16.76 -21.86
C ILE K 273 -25.24 -17.77 -20.98
N LYS K 274 -26.34 -18.34 -21.45
CA LYS K 274 -27.07 -19.32 -20.68
C LYS K 274 -26.15 -20.51 -20.35
N SER K 275 -25.44 -20.92 -21.37
CA SER K 275 -24.52 -22.01 -21.28
C SER K 275 -23.40 -21.74 -20.24
N MET K 276 -22.90 -20.51 -20.24
CA MET K 276 -21.88 -20.09 -19.32
C MET K 276 -22.43 -20.03 -17.91
N ARG K 277 -23.63 -19.49 -17.76
CA ARG K 277 -24.25 -19.37 -16.47
C ARG K 277 -24.41 -20.80 -15.81
N HIS K 278 -24.88 -21.75 -16.58
CA HIS K 278 -25.06 -23.09 -16.08
C HIS K 278 -23.71 -23.80 -15.82
N CYS K 279 -22.70 -23.60 -16.69
CA CYS K 279 -21.42 -24.25 -16.49
CA CYS K 279 -21.40 -24.20 -16.55
C CYS K 279 -20.67 -23.71 -15.29
N TRP K 280 -20.81 -22.41 -14.96
CA TRP K 280 -20.19 -21.85 -13.74
C TRP K 280 -20.73 -22.51 -12.46
N GLY K 281 -21.99 -22.87 -12.47
CA GLY K 281 -22.51 -23.85 -11.48
C GLY K 281 -23.19 -23.30 -10.25
N VAL K 282 -23.29 -21.98 -10.14
CA VAL K 282 -23.78 -21.43 -8.91
C VAL K 282 -25.18 -21.86 -8.67
N PHE K 283 -25.96 -21.96 -9.72
CA PHE K 283 -27.36 -22.30 -9.50
C PHE K 283 -27.50 -23.80 -9.15
N ARG K 284 -26.51 -24.61 -9.50
CA ARG K 284 -26.52 -26.06 -9.21
C ARG K 284 -26.20 -26.29 -7.69
N ASP K 285 -25.49 -25.30 -7.13
CA ASP K 285 -24.86 -25.36 -5.83
C ASP K 285 -25.58 -24.58 -4.74
N ARG K 286 -26.62 -23.84 -5.11
CA ARG K 286 -27.42 -23.14 -4.12
C ARG K 286 -27.91 -23.99 -3.04
N ARG K 287 -27.94 -23.38 -1.86
CA ARG K 287 -28.40 -24.05 -0.63
C ARG K 287 -29.65 -23.38 0.03
N PRO K 288 -30.81 -23.49 -0.63
CA PRO K 288 -32.04 -22.89 -0.05
C PRO K 288 -32.44 -23.48 1.29
N ASP K 289 -32.04 -24.70 1.58
CA ASP K 289 -32.28 -25.26 2.88
C ASP K 289 -31.54 -24.45 3.94
N LEU K 290 -30.55 -23.67 3.56
CA LEU K 290 -29.82 -22.91 4.57
C LEU K 290 -30.14 -21.43 4.51
N TYR K 291 -31.08 -21.05 3.65
CA TYR K 291 -31.37 -19.61 3.42
C TYR K 291 -32.55 -18.98 4.20
N LYS K 292 -33.12 -19.70 5.17
CA LYS K 292 -34.29 -19.19 5.87
C LYS K 292 -34.11 -17.86 6.65
N VAL K 293 -32.92 -17.68 7.20
CA VAL K 293 -32.57 -16.46 7.84
C VAL K 293 -32.84 -15.25 6.93
N LEU K 294 -32.83 -15.42 5.63
CA LEU K 294 -33.12 -14.28 4.72
C LEU K 294 -34.56 -13.82 4.83
N LEU K 295 -35.40 -14.66 5.44
CA LEU K 295 -36.80 -14.28 5.63
C LEU K 295 -37.01 -13.59 6.97
N THR K 296 -35.90 -13.17 7.58
CA THR K 296 -35.97 -12.41 8.80
C THR K 296 -35.53 -11.04 8.43
N LEU K 297 -35.80 -10.08 9.30
CA LEU K 297 -35.22 -8.76 9.17
C LEU K 297 -34.05 -8.64 10.10
N ASP K 298 -34.19 -9.27 11.25
CA ASP K 298 -33.29 -9.10 12.37
C ASP K 298 -32.34 -10.29 12.59
N GLY K 299 -32.22 -11.19 11.61
CA GLY K 299 -31.35 -12.35 11.74
C GLY K 299 -31.82 -13.45 12.65
N LYS K 300 -32.95 -13.24 13.32
CA LYS K 300 -33.46 -14.23 14.26
C LYS K 300 -34.96 -14.60 14.02
N ASN K 301 -35.84 -13.60 13.85
CA ASN K 301 -37.30 -13.84 13.74
C ASN K 301 -37.86 -13.84 12.34
N PRO K 302 -38.42 -14.98 11.90
CA PRO K 302 -39.04 -15.01 10.56
C PRO K 302 -40.22 -14.09 10.51
N VAL K 303 -40.36 -13.38 9.42
CA VAL K 303 -41.52 -12.52 9.32
C VAL K 303 -42.80 -13.32 9.07
N LEU K 304 -43.91 -12.74 9.53
CA LEU K 304 -45.25 -13.27 9.20
C LEU K 304 -45.64 -13.23 7.65
N ASP L 7 -10.91 10.52 14.72
CA ASP L 7 -11.51 9.17 14.41
C ASP L 7 -11.84 8.49 15.77
N LYS L 8 -13.08 8.68 16.22
CA LYS L 8 -13.54 8.09 17.50
C LYS L 8 -14.29 6.76 17.21
N GLY L 9 -14.12 5.75 18.08
CA GLY L 9 -14.83 4.46 17.90
C GLY L 9 -13.93 3.24 17.89
N ARG L 10 -14.57 2.08 17.95
CA ARG L 10 -13.91 0.81 18.04
C ARG L 10 -13.25 0.51 16.70
N LYS L 11 -11.94 0.32 16.73
CA LYS L 11 -11.16 0.08 15.53
C LYS L 11 -10.57 -1.33 15.55
N VAL L 12 -10.52 -1.94 14.39
CA VAL L 12 -9.99 -3.28 14.25
CA VAL L 12 -10.00 -3.28 14.25
C VAL L 12 -9.13 -3.36 12.99
N VAL L 13 -7.96 -3.98 13.13
CA VAL L 13 -7.04 -4.14 12.04
C VAL L 13 -7.13 -5.59 11.60
N VAL L 14 -7.47 -5.79 10.34
CA VAL L 14 -7.59 -7.12 9.78
C VAL L 14 -6.49 -7.34 8.77
N SER L 15 -6.27 -8.59 8.46
CA SER L 15 -5.17 -8.99 7.59
C SER L 15 -5.52 -10.14 6.67
N ALA L 16 -5.04 -10.05 5.44
CA ALA L 16 -5.07 -11.17 4.50
C ALA L 16 -3.66 -11.60 4.19
N LEU L 17 -3.47 -12.91 4.22
CA LEU L 17 -2.18 -13.55 3.89
C LEU L 17 -2.30 -14.26 2.57
N GLN L 18 -1.18 -14.39 1.89
CA GLN L 18 -1.17 -15.01 0.55
C GLN L 18 0.18 -15.71 0.48
N PHE L 19 0.16 -17.00 0.30
CA PHE L 19 1.40 -17.78 0.18
C PHE L 19 1.25 -19.04 -0.67
N ALA L 20 2.39 -19.65 -0.93
CA ALA L 20 2.51 -20.91 -1.69
C ALA L 20 2.54 -22.08 -0.73
N CYS L 21 1.92 -23.17 -1.13
CA CYS L 21 1.93 -24.37 -0.32
C CYS L 21 2.81 -25.48 -0.90
N THR L 22 3.39 -26.32 -0.04
CA THR L 22 3.99 -27.58 -0.47
C THR L 22 2.97 -28.64 -0.09
N ASP L 23 3.26 -29.90 -0.31
CA ASP L 23 2.34 -30.94 0.15
C ASP L 23 2.85 -31.55 1.50
N ASP L 24 3.56 -30.75 2.26
CA ASP L 24 4.02 -31.16 3.56
C ASP L 24 3.34 -30.28 4.69
N VAL L 25 2.60 -30.91 5.60
CA VAL L 25 1.84 -30.13 6.58
C VAL L 25 2.70 -29.22 7.43
N SER L 26 3.75 -29.74 8.02
CA SER L 26 4.60 -28.88 8.85
C SER L 26 5.35 -27.73 8.10
N THR L 27 5.74 -27.91 6.84
CA THR L 27 6.28 -26.80 6.09
C THR L 27 5.21 -25.70 6.02
N ASN L 28 3.99 -26.08 5.74
CA ASN L 28 2.93 -25.08 5.56
C ASN L 28 2.45 -24.39 6.84
N VAL L 29 2.44 -25.13 7.94
CA VAL L 29 2.03 -24.56 9.19
C VAL L 29 3.13 -23.58 9.67
N THR L 30 4.37 -23.92 9.39
CA THR L 30 5.50 -23.05 9.67
C THR L 30 5.46 -21.74 8.80
N THR L 31 5.05 -21.83 7.53
CA THR L 31 4.86 -20.66 6.67
C THR L 31 3.73 -19.75 7.27
N ALA L 32 2.61 -20.34 7.59
CA ALA L 32 1.50 -19.62 8.19
C ALA L 32 1.87 -18.93 9.50
N GLU L 33 2.53 -19.64 10.44
CA GLU L 33 3.10 -18.96 11.63
C GLU L 33 3.93 -17.74 11.29
N ARG L 34 4.77 -17.86 10.27
CA ARG L 34 5.66 -16.80 9.96
C ARG L 34 4.89 -15.60 9.50
N LEU L 35 3.89 -15.85 8.67
CA LEU L 35 3.15 -14.74 8.10
C LEU L 35 2.15 -14.16 9.12
N VAL L 36 1.57 -15.02 9.97
CA VAL L 36 0.75 -14.51 11.05
C VAL L 36 1.55 -13.58 12.00
N ARG L 37 2.80 -13.92 12.28
CA ARG L 37 3.53 -13.10 13.17
C ARG L 37 3.87 -11.78 12.52
N ALA L 38 4.04 -11.83 11.21
CA ALA L 38 4.41 -10.64 10.47
C ALA L 38 3.17 -9.73 10.44
N ALA L 39 2.00 -10.29 10.28
CA ALA L 39 0.77 -9.48 10.37
C ALA L 39 0.59 -8.81 11.73
N HIS L 40 0.75 -9.60 12.80
CA HIS L 40 0.74 -9.10 14.18
C HIS L 40 1.70 -7.95 14.38
N LYS L 41 2.89 -8.06 13.79
CA LYS L 41 3.90 -7.03 13.94
C LYS L 41 3.46 -5.70 13.34
N GLN L 42 2.68 -5.80 12.25
CA GLN L 42 2.10 -4.62 11.59
C GLN L 42 0.78 -4.21 12.20
N GLY L 43 0.37 -4.83 13.31
CA GLY L 43 -0.80 -4.35 14.07
C GLY L 43 -2.09 -5.09 13.88
N ALA L 44 -2.06 -6.15 13.11
CA ALA L 44 -3.25 -6.88 12.87
C ALA L 44 -3.85 -7.57 14.12
N ASN L 45 -5.18 -7.53 14.20
CA ASN L 45 -5.93 -8.12 15.27
C ASN L 45 -6.59 -9.43 14.82
N ILE L 46 -6.94 -9.49 13.54
CA ILE L 46 -7.55 -10.68 12.98
C ILE L 46 -6.78 -11.00 11.69
N VAL L 47 -6.36 -12.24 11.57
CA VAL L 47 -5.52 -12.64 10.47
C VAL L 47 -6.11 -13.84 9.74
N LEU L 48 -6.24 -13.73 8.42
CA LEU L 48 -6.89 -14.77 7.63
C LEU L 48 -5.89 -15.58 6.76
N ILE L 49 -5.79 -16.85 7.08
CA ILE L 49 -4.99 -17.82 6.33
C ILE L 49 -5.90 -18.48 5.28
N GLN L 50 -5.39 -18.63 4.06
CA GLN L 50 -6.13 -19.21 2.89
C GLN L 50 -6.63 -20.66 3.10
N GLU L 51 -7.57 -21.06 2.23
CA GLU L 51 -8.23 -22.39 2.29
C GLU L 51 -7.30 -23.59 2.14
N LEU L 52 -7.47 -24.58 3.01
CA LEU L 52 -6.78 -25.91 2.90
C LEU L 52 -5.27 -25.76 2.85
N PHE L 53 -4.79 -24.81 3.64
CA PHE L 53 -3.41 -24.38 3.64
C PHE L 53 -2.45 -25.46 4.13
N GLU L 54 -3.00 -26.49 4.78
CA GLU L 54 -2.18 -27.58 5.26
C GLU L 54 -1.43 -28.36 4.12
N GLY L 55 -1.96 -28.35 2.91
CA GLY L 55 -1.38 -29.09 1.82
C GLY L 55 -1.72 -28.47 0.50
N TYR L 56 -1.31 -29.17 -0.55
CA TYR L 56 -1.72 -28.83 -1.89
C TYR L 56 -3.19 -28.94 -1.88
N TYR L 57 -3.81 -28.20 -2.80
CA TYR L 57 -5.27 -28.22 -3.06
C TYR L 57 -5.47 -29.52 -3.83
N PHE L 58 -5.71 -30.59 -3.08
CA PHE L 58 -5.73 -31.97 -3.62
C PHE L 58 -6.97 -32.30 -4.47
N CYS L 59 -7.96 -31.43 -4.42
CA CYS L 59 -9.21 -31.59 -5.15
C CYS L 59 -9.11 -31.62 -6.69
N GLN L 60 -7.91 -31.47 -7.26
CA GLN L 60 -7.81 -31.69 -8.69
C GLN L 60 -8.06 -33.20 -9.00
N ALA L 61 -7.82 -34.05 -8.01
CA ALA L 61 -8.05 -35.48 -8.21
C ALA L 61 -9.30 -35.96 -7.49
N GLN L 62 -9.84 -37.09 -7.91
CA GLN L 62 -10.87 -37.76 -7.13
C GLN L 62 -10.32 -39.09 -6.62
N ARG L 63 -9.61 -39.06 -5.49
CA ARG L 63 -8.87 -40.25 -5.02
C ARG L 63 -9.29 -40.70 -3.65
N GLU L 64 -9.48 -41.99 -3.55
CA GLU L 64 -9.90 -42.64 -2.32
C GLU L 64 -8.91 -42.32 -1.18
N ASP L 65 -7.65 -42.47 -1.45
CA ASP L 65 -6.66 -42.19 -0.45
C ASP L 65 -6.66 -40.70 -0.01
N PHE L 66 -6.99 -39.77 -0.91
CA PHE L 66 -7.04 -38.36 -0.52
C PHE L 66 -8.19 -38.08 0.51
N ILE L 67 -9.23 -38.88 0.50
CA ILE L 67 -10.31 -38.66 1.48
C ILE L 67 -9.80 -38.87 2.91
N GLN L 68 -8.84 -39.78 3.10
CA GLN L 68 -8.27 -40.06 4.42
C GLN L 68 -7.23 -39.05 4.88
N ARG L 69 -7.08 -37.95 4.15
CA ARG L 69 -6.37 -36.77 4.68
C ARG L 69 -7.19 -36.03 5.71
N ALA L 70 -8.49 -36.29 5.81
CA ALA L 70 -9.33 -35.61 6.75
C ALA L 70 -9.02 -36.05 8.18
N LYS L 71 -9.31 -35.19 9.13
CA LYS L 71 -9.13 -35.48 10.53
C LYS L 71 -10.27 -34.90 11.32
N PRO L 72 -10.51 -35.49 12.49
CA PRO L 72 -11.52 -34.98 13.38
C PRO L 72 -11.22 -33.54 13.86
N TYR L 73 -12.27 -32.77 14.09
CA TYR L 73 -12.21 -31.43 14.59
C TYR L 73 -11.56 -31.50 15.97
N LYS L 74 -11.83 -32.60 16.66
CA LYS L 74 -11.38 -32.74 17.98
C LYS L 74 -9.95 -33.06 18.10
N ASP L 75 -9.28 -32.31 18.97
CA ASP L 75 -7.85 -32.49 19.14
C ASP L 75 -7.08 -32.40 17.80
N HIS L 76 -7.51 -31.54 16.88
CA HIS L 76 -6.84 -31.46 15.59
C HIS L 76 -5.46 -30.88 15.86
N PRO L 77 -4.41 -31.50 15.32
CA PRO L 77 -3.13 -30.97 15.73
C PRO L 77 -2.81 -29.60 15.16
N THR L 78 -3.32 -29.23 13.99
CA THR L 78 -2.98 -27.92 13.44
C THR L 78 -3.76 -26.81 14.17
N ILE L 79 -5.03 -27.07 14.48
CA ILE L 79 -5.81 -26.14 15.22
C ILE L 79 -5.19 -25.90 16.58
N MET L 80 -4.78 -26.96 17.27
CA MET L 80 -4.20 -26.80 18.60
C MET L 80 -2.90 -25.97 18.58
N ARG L 81 -2.09 -26.15 17.56
CA ARG L 81 -0.89 -25.39 17.46
C ARG L 81 -1.22 -23.89 17.22
N LEU L 82 -2.28 -23.61 16.47
CA LEU L 82 -2.60 -22.25 16.16
C LEU L 82 -3.30 -21.55 17.30
N GLN L 83 -3.92 -22.34 18.16
CA GLN L 83 -4.49 -21.79 19.40
C GLN L 83 -3.32 -21.24 20.23
N LYS L 84 -2.17 -21.89 20.18
CA LYS L 84 -1.07 -21.38 20.98
C LYS L 84 -0.58 -20.07 20.38
N LEU L 85 -0.48 -20.01 19.07
CA LEU L 85 -0.04 -18.78 18.43
C LEU L 85 -1.10 -17.65 18.69
N ALA L 86 -2.39 -17.95 18.51
CA ALA L 86 -3.44 -16.97 18.76
C ALA L 86 -3.39 -16.32 20.13
N LYS L 87 -3.24 -17.15 21.15
CA LYS L 87 -3.10 -16.70 22.50
C LYS L 87 -1.83 -15.86 22.80
N GLU L 88 -0.72 -16.26 22.19
CA GLU L 88 0.54 -15.60 22.47
C GLU L 88 0.55 -14.16 21.96
N LEU L 89 0.05 -13.99 20.75
CA LEU L 89 -0.02 -12.73 20.09
C LEU L 89 -1.32 -12.01 20.36
N GLY L 90 -2.33 -12.73 20.85
CA GLY L 90 -3.62 -12.08 21.04
C GLY L 90 -4.27 -11.66 19.74
N VAL L 91 -4.33 -12.59 18.79
CA VAL L 91 -4.96 -12.37 17.51
C VAL L 91 -5.99 -13.47 17.24
N VAL L 92 -7.03 -13.12 16.50
CA VAL L 92 -8.04 -14.07 16.11
C VAL L 92 -7.57 -14.80 14.86
N ILE L 93 -7.73 -16.11 14.78
CA ILE L 93 -7.22 -16.90 13.63
C ILE L 93 -8.23 -17.98 13.21
N PRO L 94 -8.88 -17.81 12.04
CA PRO L 94 -9.74 -18.86 11.48
C PRO L 94 -8.87 -19.93 10.85
N VAL L 95 -9.03 -21.19 11.29
CA VAL L 95 -8.20 -22.27 10.75
C VAL L 95 -9.00 -23.16 9.84
N SER L 96 -8.70 -23.10 8.56
CA SER L 96 -9.32 -24.00 7.58
C SER L 96 -8.73 -25.43 7.63
N PHE L 97 -9.62 -26.41 7.59
CA PHE L 97 -9.21 -27.84 7.65
C PHE L 97 -10.25 -28.85 7.09
N PHE L 98 -9.73 -30.00 6.69
CA PHE L 98 -10.50 -31.06 6.08
C PHE L 98 -11.02 -31.95 7.26
N GLU L 99 -12.32 -31.81 7.58
CA GLU L 99 -12.91 -32.47 8.73
C GLU L 99 -13.45 -33.88 8.42
N GLU L 100 -13.19 -34.79 9.33
CA GLU L 100 -13.82 -36.10 9.36
C GLU L 100 -14.74 -36.07 10.57
N ALA L 101 -16.00 -36.42 10.33
CA ALA L 101 -16.97 -36.56 11.44
C ALA L 101 -17.74 -37.87 11.26
N ASN L 102 -17.22 -38.92 11.88
CA ASN L 102 -17.72 -40.29 11.67
C ASN L 102 -17.64 -40.61 10.17
N ASN L 103 -18.74 -40.83 9.45
CA ASN L 103 -18.62 -41.13 8.01
C ASN L 103 -18.84 -39.94 7.11
N ALA L 104 -19.16 -38.79 7.71
CA ALA L 104 -19.24 -37.56 6.97
C ALA L 104 -17.91 -36.81 6.91
N HIS L 105 -17.78 -36.02 5.86
CA HIS L 105 -16.59 -35.20 5.68
C HIS L 105 -16.97 -33.81 5.26
N TYR L 106 -16.18 -32.84 5.69
CA TYR L 106 -16.51 -31.46 5.46
C TYR L 106 -15.30 -30.62 5.26
N ASN L 107 -15.47 -29.58 4.47
CA ASN L 107 -14.45 -28.52 4.30
C ASN L 107 -14.82 -27.49 5.38
N SER L 108 -14.03 -27.45 6.46
CA SER L 108 -14.44 -26.72 7.63
C SER L 108 -13.48 -25.63 8.08
N ILE L 109 -13.89 -24.85 9.05
CA ILE L 109 -12.99 -23.82 9.55
C ILE L 109 -13.33 -23.54 10.98
N ALA L 110 -12.31 -23.58 11.84
CA ALA L 110 -12.48 -23.32 13.25
C ALA L 110 -12.02 -21.87 13.54
N ILE L 111 -12.79 -21.14 14.35
CA ILE L 111 -12.47 -19.76 14.62
C ILE L 111 -11.79 -19.70 16.00
N ILE L 112 -10.49 -19.40 16.05
CA ILE L 112 -9.81 -19.24 17.32
C ILE L 112 -9.84 -17.77 17.78
N ASP L 113 -10.34 -17.50 18.99
CA ASP L 113 -10.42 -16.16 19.48
C ASP L 113 -9.02 -15.65 19.89
N ALA L 114 -8.89 -14.38 20.31
CA ALA L 114 -7.56 -13.79 20.67
C ALA L 114 -6.99 -14.23 21.98
N ASP L 115 -7.75 -14.99 22.75
CA ASP L 115 -7.27 -15.60 24.02
C ASP L 115 -7.02 -17.12 23.84
N GLY L 116 -7.08 -17.61 22.60
CA GLY L 116 -6.79 -19.02 22.33
C GLY L 116 -8.05 -19.90 22.27
N THR L 117 -9.17 -19.38 22.75
CA THR L 117 -10.42 -20.13 22.78
C THR L 117 -10.92 -20.51 21.41
N ASP L 118 -11.31 -21.78 21.29
CA ASP L 118 -11.91 -22.31 20.07
C ASP L 118 -13.40 -21.96 20.09
N LEU L 119 -13.85 -21.01 19.29
CA LEU L 119 -15.24 -20.56 19.39
C LEU L 119 -16.25 -21.45 18.72
N GLY L 120 -15.78 -22.44 17.99
CA GLY L 120 -16.67 -23.22 17.18
C GLY L 120 -16.25 -23.32 15.74
N ILE L 121 -17.12 -23.93 14.97
CA ILE L 121 -16.80 -24.32 13.63
C ILE L 121 -17.89 -23.94 12.61
N TYR L 122 -17.46 -23.63 11.38
CA TYR L 122 -18.38 -23.45 10.23
C TYR L 122 -18.01 -24.51 9.21
N ARG L 123 -19.00 -25.14 8.63
CA ARG L 123 -18.79 -26.08 7.54
C ARG L 123 -19.28 -25.54 6.21
N LYS L 124 -18.41 -25.65 5.23
CA LYS L 124 -18.63 -25.07 3.92
C LYS L 124 -19.96 -25.55 3.33
N SER L 125 -20.79 -24.61 2.87
CA SER L 125 -22.16 -24.89 2.44
C SER L 125 -22.30 -25.19 0.96
N HIS L 126 -21.64 -24.40 0.15
CA HIS L 126 -21.70 -24.49 -1.28
C HIS L 126 -20.39 -25.18 -1.77
N ILE L 127 -20.56 -26.32 -2.42
CA ILE L 127 -19.44 -27.14 -2.86
C ILE L 127 -19.27 -27.12 -4.37
N PRO L 128 -18.13 -26.64 -4.82
CA PRO L 128 -17.90 -26.55 -6.23
C PRO L 128 -17.54 -27.89 -6.86
N ASP L 129 -17.55 -27.92 -8.18
CA ASP L 129 -17.30 -29.14 -8.93
C ASP L 129 -16.77 -28.82 -10.32
N GLY L 130 -16.19 -29.78 -10.98
CA GLY L 130 -15.65 -29.55 -12.31
C GLY L 130 -14.13 -29.78 -12.32
N PRO L 131 -13.56 -29.85 -13.51
CA PRO L 131 -12.17 -30.16 -13.68
C PRO L 131 -11.32 -29.20 -12.90
N GLY L 132 -10.47 -29.74 -12.04
CA GLY L 132 -9.55 -28.94 -11.26
C GLY L 132 -10.04 -28.75 -9.85
N TYR L 133 -11.37 -28.80 -9.69
CA TYR L 133 -12.02 -28.40 -8.47
C TYR L 133 -13.14 -29.41 -8.10
N GLU L 134 -12.76 -30.67 -7.88
CA GLU L 134 -13.69 -31.74 -7.69
C GLU L 134 -14.04 -31.93 -6.21
N GLU L 135 -14.53 -30.86 -5.61
CA GLU L 135 -14.82 -30.86 -4.22
C GLU L 135 -16.03 -31.67 -3.82
N LYS L 136 -16.99 -31.81 -4.73
CA LYS L 136 -18.16 -32.54 -4.37
C LYS L 136 -17.88 -34.03 -4.10
N PHE L 137 -16.78 -34.51 -4.62
CA PHE L 137 -16.33 -35.88 -4.36
C PHE L 137 -15.91 -36.08 -2.89
N TYR L 138 -15.46 -34.99 -2.23
CA TYR L 138 -14.86 -35.04 -0.92
C TYR L 138 -15.75 -34.55 0.22
N PHE L 139 -16.48 -33.48 -0.01
CA PHE L 139 -17.17 -32.89 1.08
C PHE L 139 -18.69 -33.06 1.06
N ASN L 140 -19.27 -33.57 2.15
CA ASN L 140 -20.69 -33.41 2.33
C ASN L 140 -20.99 -31.93 2.29
N PRO L 141 -22.05 -31.51 1.61
CA PRO L 141 -22.42 -30.12 1.75
C PRO L 141 -22.66 -29.81 3.25
N GLY L 142 -22.18 -28.65 3.69
CA GLY L 142 -22.16 -28.23 5.10
C GLY L 142 -23.50 -28.13 5.75
N ASP L 143 -23.55 -28.42 7.07
CA ASP L 143 -24.81 -28.49 7.77
C ASP L 143 -24.84 -27.61 9.02
N THR L 144 -23.87 -26.69 9.15
CA THR L 144 -23.88 -25.71 10.21
C THR L 144 -24.78 -24.55 9.88
N GLY L 145 -24.93 -24.26 8.63
CA GLY L 145 -25.65 -23.05 8.29
C GLY L 145 -24.62 -21.92 8.43
N PHE L 146 -25.01 -20.71 8.04
CA PHE L 146 -24.14 -19.56 8.06
C PHE L 146 -24.09 -19.02 9.47
N LYS L 147 -22.88 -18.75 9.94
CA LYS L 147 -22.64 -18.38 11.34
C LYS L 147 -21.88 -17.02 11.48
N VAL L 148 -22.05 -16.41 12.65
CA VAL L 148 -21.23 -15.34 13.09
C VAL L 148 -20.62 -15.69 14.42
N PHE L 149 -19.46 -15.13 14.72
CA PHE L 149 -18.71 -15.39 15.93
C PHE L 149 -18.33 -14.13 16.65
N GLN L 150 -18.61 -14.05 17.91
CA GLN L 150 -18.26 -12.92 18.72
C GLN L 150 -16.83 -13.13 19.16
N THR L 151 -15.89 -12.37 18.57
CA THR L 151 -14.49 -12.40 18.99
C THR L 151 -14.14 -11.20 19.93
N LYS L 152 -12.94 -11.20 20.50
CA LYS L 152 -12.53 -10.10 21.34
C LYS L 152 -12.62 -8.72 20.65
N TYR L 153 -12.46 -8.67 19.34
CA TYR L 153 -12.39 -7.42 18.63
C TYR L 153 -13.63 -7.10 17.88
N ALA L 154 -14.38 -8.13 17.47
CA ALA L 154 -15.52 -7.91 16.59
C ALA L 154 -16.34 -9.16 16.41
N LYS L 155 -17.56 -8.98 15.94
CA LYS L 155 -18.42 -10.05 15.56
C LYS L 155 -18.13 -10.24 14.09
N ILE L 156 -17.72 -11.46 13.73
CA ILE L 156 -17.28 -11.70 12.36
C ILE L 156 -18.03 -12.82 11.71
N GLY L 157 -18.08 -12.73 10.39
CA GLY L 157 -18.68 -13.77 9.58
C GLY L 157 -17.60 -14.42 8.73
N VAL L 158 -17.42 -15.71 8.92
CA VAL L 158 -16.49 -16.46 8.13
C VAL L 158 -17.17 -17.53 7.32
N ALA L 159 -16.93 -17.50 6.02
CA ALA L 159 -17.37 -18.56 5.17
C ALA L 159 -16.16 -19.04 4.38
N ILE L 160 -16.34 -19.96 3.44
CA ILE L 160 -15.22 -20.59 2.81
C ILE L 160 -15.33 -20.61 1.30
N SER L 161 -14.30 -20.00 0.70
CA SER L 161 -13.99 -20.10 -0.71
C SER L 161 -15.21 -20.00 -1.61
N TRP L 162 -15.63 -21.10 -2.26
CA TRP L 162 -16.79 -21.05 -3.18
C TRP L 162 -18.03 -20.35 -2.56
N ASP L 163 -18.20 -20.41 -1.24
CA ASP L 163 -19.29 -19.71 -0.61
C ASP L 163 -19.36 -18.18 -1.02
N GLN L 164 -18.21 -17.67 -1.42
CA GLN L 164 -18.03 -16.24 -1.69
C GLN L 164 -18.74 -15.79 -2.94
N TRP L 165 -19.22 -16.72 -3.77
CA TRP L 165 -19.95 -16.36 -4.99
C TRP L 165 -21.41 -16.19 -4.73
N PHE L 166 -21.82 -16.48 -3.49
CA PHE L 166 -23.27 -16.53 -3.12
C PHE L 166 -23.73 -15.35 -2.30
N PRO L 167 -24.49 -14.44 -2.90
CA PRO L 167 -24.95 -13.26 -2.13
C PRO L 167 -25.74 -13.70 -0.91
N GLU L 168 -26.39 -14.84 -1.00
CA GLU L 168 -27.14 -15.35 0.13
C GLU L 168 -26.29 -15.54 1.37
N ALA L 169 -25.08 -15.99 1.18
CA ALA L 169 -24.26 -16.27 2.33
C ALA L 169 -23.82 -14.98 3.06
N ALA L 170 -23.39 -13.98 2.30
CA ALA L 170 -22.98 -12.68 2.85
C ALA L 170 -24.13 -12.00 3.58
N ARG L 171 -25.32 -12.01 2.98
CA ARG L 171 -26.50 -11.44 3.60
C ARG L 171 -26.82 -12.21 4.90
N ALA L 172 -26.80 -13.53 4.85
CA ALA L 172 -27.15 -14.32 6.04
C ALA L 172 -26.27 -13.92 7.22
N MET L 173 -24.96 -13.70 6.93
CA MET L 173 -24.05 -13.39 7.95
C MET L 173 -24.29 -11.93 8.41
N ALA L 174 -24.44 -11.00 7.47
CA ALA L 174 -24.71 -9.62 7.85
C ALA L 174 -25.98 -9.48 8.72
N LEU L 175 -27.03 -10.21 8.39
CA LEU L 175 -28.24 -10.10 9.16
C LEU L 175 -28.07 -10.55 10.59
N GLN L 176 -27.13 -11.42 10.82
CA GLN L 176 -26.89 -11.92 12.19
C GLN L 176 -25.85 -11.02 12.90
N GLY L 177 -25.54 -9.87 12.32
CA GLY L 177 -24.69 -8.92 13.01
C GLY L 177 -23.21 -9.00 12.68
N ALA L 178 -22.84 -9.76 11.66
CA ALA L 178 -21.46 -9.78 11.18
C ALA L 178 -20.96 -8.36 10.87
N GLU L 179 -19.80 -7.98 11.39
CA GLU L 179 -19.19 -6.64 11.16
C GLU L 179 -18.09 -6.62 10.10
N ILE L 180 -17.57 -7.80 9.80
CA ILE L 180 -16.55 -8.02 8.76
C ILE L 180 -16.78 -9.43 8.21
N LEU L 181 -16.57 -9.61 6.92
CA LEU L 181 -16.70 -10.92 6.29
C LEU L 181 -15.33 -11.41 5.90
N PHE L 182 -15.06 -12.69 6.17
CA PHE L 182 -13.83 -13.34 5.81
C PHE L 182 -14.05 -14.54 4.90
N TYR L 183 -13.25 -14.64 3.84
CA TYR L 183 -13.34 -15.77 2.90
C TYR L 183 -11.96 -16.35 2.50
N PRO L 184 -11.49 -17.32 3.24
CA PRO L 184 -10.29 -18.05 2.73
C PRO L 184 -10.64 -18.78 1.43
N THR L 185 -9.74 -18.72 0.46
CA THR L 185 -10.01 -19.12 -0.88
C THR L 185 -8.87 -19.98 -1.45
N ALA L 186 -9.21 -20.76 -2.46
CA ALA L 186 -8.25 -21.49 -3.35
C ALA L 186 -8.82 -21.40 -4.77
N ILE L 187 -8.38 -20.42 -5.54
CA ILE L 187 -8.87 -20.30 -6.89
C ILE L 187 -7.76 -19.91 -7.84
N GLY L 188 -7.78 -20.56 -9.00
CA GLY L 188 -6.83 -20.29 -10.06
C GLY L 188 -7.37 -20.56 -11.46
N SER L 189 -6.43 -20.93 -12.30
CA SER L 189 -6.69 -21.41 -13.63
C SER L 189 -7.41 -22.74 -13.53
N GLU L 190 -8.00 -23.13 -14.65
CA GLU L 190 -8.75 -24.38 -14.75
C GLU L 190 -8.11 -25.27 -15.79
N PRO L 191 -7.83 -26.53 -15.40
CA PRO L 191 -7.03 -27.41 -16.20
C PRO L 191 -7.64 -27.81 -17.48
N HIS L 192 -8.93 -27.67 -17.67
CA HIS L 192 -9.48 -28.16 -18.93
C HIS L 192 -9.62 -27.06 -20.00
N ASP L 193 -9.46 -25.80 -19.61
CA ASP L 193 -9.66 -24.63 -20.52
C ASP L 193 -8.73 -23.48 -20.07
N GLN L 194 -7.59 -23.38 -20.71
CA GLN L 194 -6.60 -22.34 -20.36
C GLN L 194 -7.11 -20.93 -20.61
N SER L 195 -8.15 -20.77 -21.43
CA SER L 195 -8.75 -19.45 -21.69
C SER L 195 -9.61 -18.96 -20.50
N ILE L 196 -9.96 -19.80 -19.56
CA ILE L 196 -10.74 -19.29 -18.43
C ILE L 196 -9.83 -18.55 -17.46
N ASP L 197 -10.20 -17.28 -17.21
CA ASP L 197 -9.52 -16.42 -16.26
C ASP L 197 -10.60 -15.74 -15.41
N SER L 198 -10.89 -16.30 -14.24
CA SER L 198 -11.97 -15.82 -13.43
C SER L 198 -11.64 -14.66 -12.47
N ARG L 199 -10.42 -14.20 -12.43
CA ARG L 199 -10.05 -13.29 -11.34
C ARG L 199 -10.87 -12.00 -11.20
N ASP L 200 -11.15 -11.35 -12.31
CA ASP L 200 -11.92 -10.13 -12.24
C ASP L 200 -13.35 -10.38 -11.81
N HIS L 201 -13.91 -11.49 -12.27
CA HIS L 201 -15.31 -11.83 -12.01
C HIS L 201 -15.44 -12.13 -10.56
N TRP L 202 -14.41 -12.75 -10.00
CA TRP L 202 -14.35 -13.13 -8.60
C TRP L 202 -14.29 -11.92 -7.68
N LYS L 203 -13.45 -10.97 -8.02
CA LYS L 203 -13.43 -9.73 -7.25
C LYS L 203 -14.75 -8.97 -7.32
N ARG L 204 -15.34 -8.87 -8.50
CA ARG L 204 -16.53 -8.06 -8.65
C ARG L 204 -17.68 -8.57 -7.77
N VAL L 205 -17.85 -9.89 -7.76
CA VAL L 205 -18.91 -10.53 -6.99
C VAL L 205 -18.72 -10.29 -5.52
N MET L 206 -17.47 -10.35 -5.07
CA MET L 206 -17.16 -10.05 -3.68
C MET L 206 -17.33 -8.58 -3.31
N GLN L 207 -16.84 -7.70 -4.16
CA GLN L 207 -17.03 -6.30 -3.88
C GLN L 207 -18.55 -5.99 -3.79
N GLY L 208 -19.34 -6.77 -4.52
CA GLY L 208 -20.77 -6.62 -4.47
C GLY L 208 -21.36 -6.94 -3.11
N HIS L 209 -20.82 -7.94 -2.45
CA HIS L 209 -21.32 -8.32 -1.15
C HIS L 209 -20.97 -7.24 -0.17
N ALA L 210 -19.78 -6.73 -0.31
CA ALA L 210 -19.33 -5.68 0.57
C ALA L 210 -20.21 -4.43 0.49
N GLY L 211 -20.51 -4.00 -0.72
CA GLY L 211 -21.34 -2.81 -0.93
C GLY L 211 -22.77 -3.04 -0.56
N ALA L 212 -23.27 -4.26 -0.78
CA ALA L 212 -24.70 -4.49 -0.55
C ALA L 212 -25.07 -4.57 0.92
N ASN L 213 -24.12 -5.04 1.70
CA ASN L 213 -24.30 -5.24 3.13
C ASN L 213 -23.60 -4.15 3.99
N LEU L 214 -22.81 -3.31 3.34
CA LEU L 214 -22.05 -2.29 4.01
C LEU L 214 -21.14 -2.88 5.14
N VAL L 215 -20.30 -3.84 4.77
CA VAL L 215 -19.34 -4.40 5.72
C VAL L 215 -18.04 -4.68 4.98
N PRO L 216 -16.90 -4.42 5.60
CA PRO L 216 -15.59 -4.74 5.03
C PRO L 216 -15.50 -6.25 4.78
N LEU L 217 -14.66 -6.62 3.82
CA LEU L 217 -14.55 -7.98 3.43
C LEU L 217 -13.08 -8.28 3.13
N VAL L 218 -12.67 -9.44 3.59
CA VAL L 218 -11.26 -9.89 3.49
C VAL L 218 -11.24 -11.26 2.77
N ALA L 219 -10.41 -11.36 1.73
CA ALA L 219 -10.27 -12.60 0.97
C ALA L 219 -8.77 -12.94 0.83
N SER L 220 -8.44 -14.16 1.25
CA SER L 220 -7.08 -14.69 1.25
C SER L 220 -7.01 -15.87 0.34
N ASN L 221 -6.20 -15.72 -0.70
CA ASN L 221 -6.10 -16.72 -1.73
C ASN L 221 -4.68 -17.16 -1.94
N ARG L 222 -4.58 -18.37 -2.45
CA ARG L 222 -3.35 -19.09 -2.65
C ARG L 222 -2.59 -18.55 -3.88
N ILE L 223 -1.27 -18.76 -3.89
CA ILE L 223 -0.44 -18.51 -5.05
C ILE L 223 0.37 -19.79 -5.37
N GLY L 224 0.97 -19.81 -6.57
CA GLY L 224 1.86 -20.90 -6.99
C GLY L 224 1.20 -21.87 -7.95
N ASN L 225 2.04 -22.57 -8.69
CA ASN L 225 1.62 -23.70 -9.49
C ASN L 225 1.59 -24.96 -8.69
N GLU L 226 0.57 -25.76 -8.87
CA GLU L 226 0.50 -27.04 -8.21
C GLU L 226 0.13 -28.12 -9.21
N ILE L 227 0.89 -29.22 -9.19
CA ILE L 227 0.62 -30.36 -10.03
C ILE L 227 0.19 -31.50 -9.13
N ILE L 228 -0.93 -32.13 -9.43
CA ILE L 228 -1.46 -33.27 -8.67
C ILE L 228 -1.52 -34.44 -9.58
N GLU L 229 -1.16 -35.62 -9.09
CA GLU L 229 -1.31 -36.85 -9.86
C GLU L 229 -2.73 -37.32 -9.67
N THR L 230 -3.54 -37.26 -10.71
CA THR L 230 -4.94 -37.71 -10.60
C THR L 230 -5.02 -39.10 -11.17
N GLU L 231 -6.17 -39.71 -10.91
CA GLU L 231 -6.62 -41.01 -11.45
C GLU L 231 -6.53 -41.06 -12.98
N HIS L 232 -6.39 -39.91 -13.65
CA HIS L 232 -6.16 -39.89 -15.12
C HIS L 232 -4.90 -39.16 -15.56
N GLY L 233 -3.91 -39.06 -14.66
CA GLY L 233 -2.62 -38.37 -14.99
C GLY L 233 -2.45 -36.99 -14.35
N LYS L 234 -1.39 -36.32 -14.71
CA LYS L 234 -1.10 -35.03 -14.11
C LYS L 234 -2.13 -33.97 -14.45
N SER L 235 -2.47 -33.16 -13.47
CA SER L 235 -3.33 -32.00 -13.61
C SER L 235 -2.66 -30.85 -12.85
N GLU L 236 -2.73 -29.66 -13.42
CA GLU L 236 -1.99 -28.54 -12.90
C GLU L 236 -2.88 -27.32 -12.82
N ILE L 237 -2.89 -26.65 -11.68
CA ILE L 237 -3.46 -25.34 -11.58
C ILE L 237 -2.39 -24.29 -11.23
N LYS L 238 -2.48 -23.09 -11.82
CA LYS L 238 -1.75 -21.89 -11.35
C LYS L 238 -2.70 -21.03 -10.52
N PHE L 239 -2.46 -20.90 -9.22
CA PHE L 239 -3.32 -20.14 -8.38
C PHE L 239 -3.01 -18.65 -8.59
N TYR L 240 -4.04 -17.76 -8.60
CA TYR L 240 -3.79 -16.40 -9.06
C TYR L 240 -3.74 -15.31 -7.98
N GLY L 241 -3.64 -15.72 -6.73
CA GLY L 241 -3.59 -14.73 -5.68
C GLY L 241 -4.68 -13.67 -5.78
N ASN L 242 -4.28 -12.42 -5.85
CA ASN L 242 -5.21 -11.33 -5.86
C ASN L 242 -6.01 -11.30 -4.60
N SER L 243 -5.33 -11.61 -3.49
CA SER L 243 -5.95 -11.50 -2.18
C SER L 243 -6.25 -10.02 -2.00
N PHE L 244 -7.30 -9.73 -1.24
CA PHE L 244 -7.62 -8.38 -1.06
C PHE L 244 -8.46 -8.11 0.16
N ILE L 245 -8.50 -6.82 0.51
CA ILE L 245 -9.40 -6.33 1.55
C ILE L 245 -10.29 -5.24 0.93
N ALA L 246 -11.58 -5.37 1.16
CA ALA L 246 -12.51 -4.33 0.67
C ALA L 246 -13.25 -3.63 1.77
N GLY L 247 -13.53 -2.35 1.54
CA GLY L 247 -14.32 -1.53 2.44
C GLY L 247 -15.79 -1.71 2.26
N PRO L 248 -16.57 -1.01 3.10
CA PRO L 248 -17.99 -1.18 3.13
C PRO L 248 -18.79 -0.63 1.95
N THR L 249 -18.16 0.05 1.01
CA THR L 249 -18.85 0.38 -0.24
C THR L 249 -18.30 -0.45 -1.39
N GLY L 250 -17.52 -1.47 -1.07
CA GLY L 250 -16.96 -2.40 -2.08
C GLY L 250 -15.60 -1.97 -2.66
N GLU L 251 -15.09 -0.80 -2.23
CA GLU L 251 -13.81 -0.24 -2.65
C GLU L 251 -12.66 -1.14 -2.21
N ILE L 252 -11.72 -1.36 -3.10
CA ILE L 252 -10.60 -2.18 -2.73
C ILE L 252 -9.62 -1.30 -2.01
N VAL L 253 -9.34 -1.64 -0.76
CA VAL L 253 -8.38 -0.81 0.00
C VAL L 253 -6.98 -1.40 0.05
N SER L 254 -6.83 -2.69 -0.19
CA SER L 254 -5.51 -3.22 -0.21
C SER L 254 -5.59 -4.44 -1.11
N ILE L 255 -4.54 -4.71 -1.87
CA ILE L 255 -4.59 -5.88 -2.73
C ILE L 255 -3.23 -6.42 -3.14
N ALA L 256 -3.13 -7.75 -3.28
CA ALA L 256 -1.91 -8.40 -3.73
C ALA L 256 -1.95 -8.70 -5.23
N ASP L 257 -0.77 -8.92 -5.85
CA ASP L 257 -0.74 -9.31 -7.26
C ASP L 257 -0.89 -10.85 -7.36
N ASP L 258 -0.62 -11.47 -8.48
CA ASP L 258 -0.90 -12.89 -8.62
C ASP L 258 0.26 -13.90 -8.36
N LYS L 259 1.36 -13.44 -7.79
CA LYS L 259 2.50 -14.32 -7.63
C LYS L 259 3.39 -14.08 -6.39
N GLU L 260 3.14 -12.98 -5.71
CA GLU L 260 3.92 -12.57 -4.57
C GLU L 260 3.33 -13.16 -3.29
N GLU L 261 4.21 -13.42 -2.32
CA GLU L 261 3.77 -13.69 -0.97
C GLU L 261 3.42 -12.33 -0.43
N ALA L 262 2.33 -12.23 0.31
CA ALA L 262 1.89 -10.95 0.81
C ALA L 262 1.24 -10.99 2.16
N VAL L 263 1.39 -9.87 2.85
CA VAL L 263 0.69 -9.60 4.08
C VAL L 263 -0.04 -8.26 3.88
N LEU L 264 -1.35 -8.31 3.84
CA LEU L 264 -2.17 -7.14 3.68
C LEU L 264 -2.81 -6.75 5.00
N ILE L 265 -2.94 -5.45 5.20
CA ILE L 265 -3.34 -4.84 6.43
C ILE L 265 -4.32 -3.66 6.16
N ALA L 266 -5.45 -3.64 6.85
CA ALA L 266 -6.30 -2.46 6.85
C ALA L 266 -6.96 -2.27 8.22
N GLU L 267 -7.10 -1.03 8.62
CA GLU L 267 -7.82 -0.72 9.82
C GLU L 267 -9.23 -0.23 9.43
N PHE L 268 -10.23 -0.69 10.17
CA PHE L 268 -11.63 -0.23 10.03
C PHE L 268 -12.24 0.29 11.35
N ASN L 269 -13.01 1.37 11.25
CA ASN L 269 -13.72 1.91 12.40
C ASN L 269 -15.12 1.28 12.44
N LEU L 270 -15.28 0.22 13.20
CA LEU L 270 -16.57 -0.51 13.24
C LEU L 270 -17.75 0.32 13.71
N ASP L 271 -17.54 1.29 14.56
CA ASP L 271 -18.67 2.12 14.99
C ASP L 271 -19.12 3.07 13.89
N LYS L 272 -18.18 3.65 13.14
CA LYS L 272 -18.55 4.55 12.05
C LYS L 272 -19.20 3.74 10.97
N ILE L 273 -18.69 2.55 10.77
CA ILE L 273 -19.21 1.76 9.72
C ILE L 273 -20.64 1.28 10.03
N LYS L 274 -20.88 0.86 11.28
CA LYS L 274 -22.23 0.47 11.70
C LYS L 274 -23.20 1.67 11.46
N SER L 275 -22.75 2.86 11.81
CA SER L 275 -23.56 4.04 11.63
C SER L 275 -23.88 4.32 10.12
N MET L 276 -22.90 4.12 9.24
CA MET L 276 -23.12 4.29 7.79
C MET L 276 -24.06 3.19 7.20
N ARG L 277 -23.90 1.94 7.65
CA ARG L 277 -24.69 0.81 7.19
C ARG L 277 -26.15 1.05 7.51
N HIS L 278 -26.41 1.47 8.73
CA HIS L 278 -27.74 1.72 9.17
C HIS L 278 -28.29 2.93 8.45
N CYS L 279 -27.50 3.99 8.27
CA CYS L 279 -28.11 5.19 7.69
CA CYS L 279 -28.11 5.19 7.71
C CYS L 279 -28.45 4.98 6.23
N TRP L 280 -27.65 4.17 5.52
CA TRP L 280 -27.93 3.92 4.10
C TRP L 280 -29.27 3.22 3.93
N GLY L 281 -29.62 2.33 4.84
CA GLY L 281 -31.03 1.94 4.96
C GLY L 281 -31.47 0.63 4.35
N VAL L 282 -30.56 -0.04 3.69
CA VAL L 282 -30.92 -1.29 3.09
C VAL L 282 -31.57 -2.28 4.03
N PHE L 283 -31.01 -2.44 5.22
CA PHE L 283 -31.66 -3.32 6.16
C PHE L 283 -33.00 -2.85 6.70
N ARG L 284 -33.29 -1.57 6.58
CA ARG L 284 -34.56 -1.05 6.99
C ARG L 284 -35.60 -1.41 5.90
N ASP L 285 -35.12 -1.57 4.68
CA ASP L 285 -35.99 -1.59 3.55
C ASP L 285 -36.20 -2.98 2.96
N ARG L 286 -35.46 -3.97 3.48
CA ARG L 286 -35.65 -5.34 2.97
C ARG L 286 -37.09 -5.85 3.06
N ARG L 287 -37.38 -6.82 2.21
CA ARG L 287 -38.70 -7.31 2.05
C ARG L 287 -38.72 -8.80 2.10
N PRO L 288 -38.47 -9.35 3.28
CA PRO L 288 -38.48 -10.82 3.40
C PRO L 288 -39.83 -11.43 3.08
N ASP L 289 -40.92 -10.68 3.11
CA ASP L 289 -42.22 -11.24 2.70
C ASP L 289 -42.24 -11.60 1.20
N LEU L 290 -41.33 -11.00 0.40
CA LEU L 290 -41.27 -11.26 -1.03
C LEU L 290 -40.07 -12.15 -1.40
N TYR L 291 -39.36 -12.72 -0.41
CA TYR L 291 -38.16 -13.48 -0.72
C TYR L 291 -38.32 -14.98 -0.68
N LYS L 292 -39.53 -15.50 -0.54
CA LYS L 292 -39.74 -16.94 -0.48
C LYS L 292 -39.12 -17.72 -1.68
N VAL L 293 -39.04 -17.06 -2.86
CA VAL L 293 -38.57 -17.70 -4.03
C VAL L 293 -37.11 -18.10 -3.88
N LEU L 294 -36.40 -17.42 -2.98
CA LEU L 294 -34.99 -17.77 -2.71
C LEU L 294 -34.89 -19.12 -2.02
N LEU L 295 -36.02 -19.66 -1.54
CA LEU L 295 -35.99 -20.97 -0.93
C LEU L 295 -36.32 -22.03 -1.93
N THR L 296 -36.31 -21.64 -3.19
CA THR L 296 -36.37 -22.61 -4.24
C THR L 296 -35.01 -22.68 -4.94
N LEU L 297 -34.85 -23.73 -5.71
CA LEU L 297 -33.79 -23.87 -6.63
C LEU L 297 -34.24 -23.54 -8.07
N ASP L 298 -35.51 -23.86 -8.43
CA ASP L 298 -35.98 -23.75 -9.81
C ASP L 298 -36.91 -22.61 -10.05
N GLY L 299 -37.03 -21.72 -9.09
CA GLY L 299 -37.85 -20.55 -9.22
C GLY L 299 -39.34 -20.75 -9.01
N LYS L 300 -39.74 -21.95 -8.61
CA LYS L 300 -41.15 -22.34 -8.42
C LYS L 300 -41.37 -23.18 -7.14
N ASN L 301 -40.52 -24.18 -6.92
CA ASN L 301 -40.73 -25.21 -5.90
C ASN L 301 -39.91 -25.10 -4.69
N PRO L 302 -40.56 -24.81 -3.57
CA PRO L 302 -39.80 -24.66 -2.34
C PRO L 302 -39.16 -26.00 -1.97
N VAL L 303 -37.92 -25.95 -1.54
CA VAL L 303 -37.23 -27.17 -1.18
C VAL L 303 -37.81 -27.65 0.15
N LEU L 304 -37.83 -28.97 0.31
CA LEU L 304 -38.37 -29.57 1.54
C LEU L 304 -37.52 -29.23 2.81
N LYS M 8 -55.94 -65.88 -6.13
CA LYS M 8 -57.06 -64.95 -5.74
C LYS M 8 -56.51 -63.60 -5.17
N GLY M 9 -56.98 -62.47 -5.77
CA GLY M 9 -56.53 -61.10 -5.44
C GLY M 9 -56.05 -60.24 -6.62
N ARG M 10 -55.82 -58.94 -6.41
CA ARG M 10 -55.32 -58.09 -7.48
C ARG M 10 -53.96 -58.56 -7.92
N LYS M 11 -53.81 -58.83 -9.21
CA LYS M 11 -52.55 -59.21 -9.77
C LYS M 11 -52.01 -58.15 -10.66
N VAL M 12 -50.70 -57.97 -10.63
CA VAL M 12 -50.06 -57.04 -11.51
CA VAL M 12 -50.06 -57.03 -11.51
C VAL M 12 -48.80 -57.66 -12.12
N VAL M 13 -48.66 -57.56 -13.43
CA VAL M 13 -47.49 -58.08 -14.11
C VAL M 13 -46.53 -56.91 -14.39
N VAL M 14 -45.29 -57.03 -13.90
CA VAL M 14 -44.34 -56.00 -14.06
C VAL M 14 -43.21 -56.51 -14.96
N SER M 15 -42.50 -55.59 -15.59
CA SER M 15 -41.43 -55.93 -16.50
C SER M 15 -40.21 -55.05 -16.34
N ALA M 16 -39.03 -55.66 -16.47
CA ALA M 16 -37.78 -54.91 -16.57
C ALA M 16 -37.23 -55.09 -17.96
N LEU M 17 -36.74 -53.99 -18.51
CA LEU M 17 -36.09 -53.94 -19.80
C LEU M 17 -34.56 -53.72 -19.67
N GLN M 18 -33.81 -54.25 -20.62
CA GLN M 18 -32.36 -54.13 -20.60
C GLN M 18 -31.93 -53.98 -22.03
N PHE M 19 -31.32 -52.87 -22.38
CA PHE M 19 -30.85 -52.69 -23.73
C PHE M 19 -29.68 -51.73 -23.84
N ALA M 20 -29.07 -51.75 -25.01
CA ALA M 20 -27.96 -50.88 -25.37
C ALA M 20 -28.45 -49.59 -26.05
N CYS M 21 -27.70 -48.55 -25.81
CA CYS M 21 -28.00 -47.21 -26.28
C CYS M 21 -26.93 -46.64 -27.25
N THR M 22 -27.36 -45.99 -28.33
CA THR M 22 -26.48 -45.10 -29.11
C THR M 22 -26.66 -43.69 -28.52
N ASP M 23 -26.15 -42.66 -29.19
CA ASP M 23 -26.33 -41.34 -28.65
C ASP M 23 -27.30 -40.58 -29.52
N ASP M 24 -28.15 -41.32 -30.22
CA ASP M 24 -29.22 -40.76 -31.06
C ASP M 24 -30.60 -40.97 -30.38
N VAL M 25 -31.21 -39.89 -29.90
CA VAL M 25 -32.51 -40.00 -29.20
C VAL M 25 -33.52 -40.82 -29.99
N SER M 26 -33.64 -40.58 -31.28
CA SER M 26 -34.65 -41.31 -32.02
C SER M 26 -34.43 -42.82 -32.03
N THR M 27 -33.20 -43.22 -32.26
CA THR M 27 -32.84 -44.61 -32.23
C THR M 27 -33.21 -45.21 -30.90
N ASN M 28 -32.88 -44.54 -29.82
CA ASN M 28 -33.07 -45.11 -28.51
C ASN M 28 -34.55 -45.20 -28.06
N VAL M 29 -35.35 -44.20 -28.41
CA VAL M 29 -36.78 -44.24 -28.12
C VAL M 29 -37.45 -45.32 -29.00
N THR M 30 -37.02 -45.44 -30.25
CA THR M 30 -37.47 -46.54 -31.09
C THR M 30 -37.17 -47.91 -30.38
N THR M 31 -36.00 -48.05 -29.80
CA THR M 31 -35.63 -49.28 -29.11
C THR M 31 -36.55 -49.53 -27.86
N ALA M 32 -36.78 -48.51 -27.07
CA ALA M 32 -37.63 -48.63 -25.91
C ALA M 32 -39.02 -49.05 -26.31
N GLU M 33 -39.54 -48.45 -27.36
CA GLU M 33 -40.89 -48.76 -27.81
C GLU M 33 -40.99 -50.22 -28.20
N ARG M 34 -40.06 -50.69 -29.04
CA ARG M 34 -40.04 -52.10 -29.46
C ARG M 34 -40.13 -53.03 -28.23
N LEU M 35 -39.33 -52.75 -27.22
CA LEU M 35 -39.24 -53.62 -26.05
C LEU M 35 -40.46 -53.46 -25.10
N VAL M 36 -41.01 -52.25 -24.99
CA VAL M 36 -42.24 -52.04 -24.25
C VAL M 36 -43.38 -52.87 -24.89
N ARG M 37 -43.46 -52.89 -26.21
CA ARG M 37 -44.53 -53.63 -26.88
C ARG M 37 -44.27 -55.11 -26.69
N ALA M 38 -43.00 -55.50 -26.60
CA ALA M 38 -42.64 -56.91 -26.47
C ALA M 38 -43.09 -57.32 -25.11
N ALA M 39 -42.87 -56.45 -24.17
CA ALA M 39 -43.23 -56.73 -22.82
C ALA M 39 -44.76 -56.78 -22.72
N HIS M 40 -45.44 -55.82 -23.32
CA HIS M 40 -46.90 -55.80 -23.27
C HIS M 40 -47.47 -57.08 -23.86
N LYS M 41 -46.85 -57.54 -24.92
CA LYS M 41 -47.30 -58.72 -25.57
C LYS M 41 -47.19 -59.92 -24.66
N GLN M 42 -46.28 -59.89 -23.70
CA GLN M 42 -46.14 -60.97 -22.71
C GLN M 42 -46.93 -60.72 -21.41
N GLY M 43 -47.91 -59.80 -21.46
CA GLY M 43 -48.82 -59.50 -20.36
C GLY M 43 -48.43 -58.37 -19.42
N ALA M 44 -47.32 -57.69 -19.65
CA ALA M 44 -46.96 -56.67 -18.66
C ALA M 44 -47.98 -55.53 -18.56
N ASN M 45 -48.12 -55.02 -17.34
CA ASN M 45 -48.98 -53.90 -17.04
C ASN M 45 -48.12 -52.61 -16.77
N ILE M 46 -46.94 -52.81 -16.17
CA ILE M 46 -46.04 -51.76 -15.84
C ILE M 46 -44.66 -52.12 -16.39
N VAL M 47 -44.07 -51.26 -17.21
CA VAL M 47 -42.85 -51.58 -17.84
C VAL M 47 -41.80 -50.52 -17.46
N LEU M 48 -40.62 -50.97 -17.02
CA LEU M 48 -39.56 -50.05 -16.64
C LEU M 48 -38.34 -49.99 -17.61
N ILE M 49 -38.11 -48.79 -18.11
CA ILE M 49 -37.01 -48.47 -18.97
C ILE M 49 -35.84 -47.91 -18.12
N GLN M 50 -34.62 -48.29 -18.48
CA GLN M 50 -33.40 -47.86 -17.79
C GLN M 50 -33.15 -46.31 -17.75
N GLU M 51 -32.23 -45.88 -16.88
CA GLU M 51 -31.91 -44.49 -16.64
C GLU M 51 -31.28 -43.77 -17.84
N LEU M 52 -31.76 -42.55 -18.09
CA LEU M 52 -31.17 -41.69 -19.14
C LEU M 52 -31.01 -42.37 -20.46
N PHE M 53 -32.05 -43.11 -20.79
CA PHE M 53 -32.04 -43.97 -21.98
C PHE M 53 -32.04 -43.21 -23.27
N GLU M 54 -32.33 -41.91 -23.23
CA GLU M 54 -32.31 -41.15 -24.53
C GLU M 54 -30.94 -41.11 -25.24
N GLY M 55 -29.85 -41.36 -24.53
CA GLY M 55 -28.54 -41.35 -25.12
C GLY M 55 -27.52 -42.03 -24.23
N TYR M 56 -26.26 -41.81 -24.59
CA TYR M 56 -25.13 -42.33 -23.85
C TYR M 56 -25.24 -41.83 -22.42
N TYR M 57 -24.72 -42.63 -21.51
CA TYR M 57 -24.53 -42.17 -20.14
C TYR M 57 -23.39 -41.13 -20.20
N PHE M 58 -23.77 -39.89 -20.47
CA PHE M 58 -22.80 -38.84 -20.75
C PHE M 58 -22.01 -38.35 -19.52
N CYS M 59 -22.40 -38.80 -18.33
CA CYS M 59 -21.79 -38.32 -17.12
C CYS M 59 -20.38 -38.84 -16.85
N GLN M 60 -19.81 -39.59 -17.77
CA GLN M 60 -18.36 -39.89 -17.70
C GLN M 60 -17.58 -38.64 -17.89
N ALA M 61 -18.17 -37.69 -18.61
CA ALA M 61 -17.59 -36.38 -18.84
C ALA M 61 -18.15 -35.33 -17.95
N GLN M 62 -17.38 -34.26 -17.73
CA GLN M 62 -17.90 -33.03 -17.08
C GLN M 62 -17.78 -31.90 -18.12
N ARG M 63 -18.76 -31.81 -19.01
CA ARG M 63 -18.71 -30.88 -20.14
C ARG M 63 -19.86 -29.89 -20.16
N GLU M 64 -19.53 -28.61 -20.38
CA GLU M 64 -20.52 -27.53 -20.55
C GLU M 64 -21.62 -27.89 -21.57
N ASP M 65 -21.23 -28.38 -22.74
CA ASP M 65 -22.23 -28.62 -23.78
C ASP M 65 -23.18 -29.73 -23.40
N PHE M 66 -22.73 -30.68 -22.57
CA PHE M 66 -23.58 -31.78 -22.17
C PHE M 66 -24.69 -31.34 -21.22
N ILE M 67 -24.45 -30.30 -20.43
CA ILE M 67 -25.50 -29.76 -19.57
C ILE M 67 -26.71 -29.28 -20.42
N GLN M 68 -26.42 -28.82 -21.62
CA GLN M 68 -27.48 -28.35 -22.52
C GLN M 68 -28.28 -29.47 -23.18
N ARG M 69 -27.97 -30.74 -22.88
CA ARG M 69 -28.85 -31.85 -23.21
C ARG M 69 -30.17 -31.83 -22.48
N ALA M 70 -30.26 -31.07 -21.40
CA ALA M 70 -31.48 -31.09 -20.64
C ALA M 70 -32.59 -30.36 -21.38
N LYS M 71 -33.83 -30.70 -21.05
CA LYS M 71 -35.06 -30.09 -21.60
C LYS M 71 -36.07 -29.90 -20.52
N PRO M 72 -36.95 -28.92 -20.67
CA PRO M 72 -38.00 -28.80 -19.67
C PRO M 72 -38.88 -30.07 -19.57
N TYR M 73 -39.50 -30.26 -18.41
CA TYR M 73 -40.54 -31.27 -18.16
C TYR M 73 -41.77 -30.97 -19.02
N LYS M 74 -42.11 -29.71 -19.20
CA LYS M 74 -43.25 -29.34 -20.06
C LYS M 74 -43.01 -29.54 -21.57
N ASP M 75 -44.00 -30.14 -22.24
CA ASP M 75 -43.96 -30.47 -23.63
C ASP M 75 -42.68 -31.19 -24.07
N HIS M 76 -42.24 -32.16 -23.31
CA HIS M 76 -41.00 -32.90 -23.60
C HIS M 76 -41.32 -33.93 -24.66
N PRO M 77 -40.56 -33.96 -25.76
CA PRO M 77 -40.99 -34.78 -26.87
C PRO M 77 -40.92 -36.27 -26.59
N THR M 78 -40.05 -36.68 -25.69
CA THR M 78 -39.94 -38.06 -25.38
C THR M 78 -41.05 -38.50 -24.46
N ILE M 79 -41.34 -37.75 -23.42
CA ILE M 79 -42.48 -38.04 -22.58
C ILE M 79 -43.79 -38.11 -23.43
N MET M 80 -43.96 -37.15 -24.34
CA MET M 80 -45.19 -37.08 -25.12
C MET M 80 -45.34 -38.30 -26.05
N ARG M 81 -44.24 -38.73 -26.64
CA ARG M 81 -44.28 -39.86 -27.53
C ARG M 81 -44.64 -41.11 -26.75
N LEU M 82 -44.05 -41.26 -25.59
CA LEU M 82 -44.31 -42.40 -24.77
C LEU M 82 -45.67 -42.35 -24.08
N GLN M 83 -46.25 -41.16 -23.89
CA GLN M 83 -47.63 -41.11 -23.37
C GLN M 83 -48.59 -41.77 -24.41
N LYS M 84 -48.32 -41.59 -25.70
CA LYS M 84 -49.14 -42.20 -26.73
C LYS M 84 -49.05 -43.67 -26.62
N LEU M 85 -47.86 -44.17 -26.39
CA LEU M 85 -47.66 -45.61 -26.37
C LEU M 85 -48.36 -46.23 -25.13
N ALA M 86 -48.24 -45.56 -24.01
CA ALA M 86 -48.87 -46.05 -22.79
C ALA M 86 -50.38 -46.16 -22.99
N LYS M 87 -50.92 -45.22 -23.71
CA LYS M 87 -52.35 -45.17 -23.88
C LYS M 87 -52.82 -46.20 -24.88
N GLU M 88 -52.07 -46.40 -25.94
CA GLU M 88 -52.41 -47.40 -26.96
C GLU M 88 -52.46 -48.81 -26.30
N LEU M 89 -51.48 -49.08 -25.44
CA LEU M 89 -51.32 -50.38 -24.88
C LEU M 89 -51.93 -50.58 -23.51
N GLY M 90 -52.23 -49.51 -22.80
CA GLY M 90 -52.71 -49.65 -21.44
C GLY M 90 -51.63 -50.12 -20.48
N VAL M 91 -50.45 -49.51 -20.54
CA VAL M 91 -49.42 -49.86 -19.59
C VAL M 91 -48.87 -48.59 -18.97
N VAL M 92 -48.39 -48.73 -17.75
CA VAL M 92 -47.73 -47.69 -17.05
C VAL M 92 -46.23 -47.64 -17.45
N ILE M 93 -45.75 -46.44 -17.78
CA ILE M 93 -44.39 -46.26 -18.24
C ILE M 93 -43.71 -45.09 -17.51
N PRO M 94 -42.77 -45.37 -16.62
CA PRO M 94 -41.98 -44.31 -16.05
C PRO M 94 -40.91 -43.87 -17.03
N VAL M 95 -40.81 -42.56 -17.28
CA VAL M 95 -39.90 -42.05 -18.29
C VAL M 95 -38.80 -41.21 -17.69
N SER M 96 -37.60 -41.76 -17.70
CA SER M 96 -36.40 -41.07 -17.22
C SER M 96 -35.94 -39.97 -18.24
N PHE M 97 -35.64 -38.76 -17.75
CA PHE M 97 -35.09 -37.73 -18.60
C PHE M 97 -34.22 -36.71 -17.82
N PHE M 98 -33.47 -35.90 -18.56
CA PHE M 98 -32.61 -34.87 -17.98
C PHE M 98 -33.40 -33.56 -18.03
N GLU M 99 -33.84 -33.10 -16.86
CA GLU M 99 -34.76 -31.99 -16.78
C GLU M 99 -33.99 -30.69 -16.58
N GLU M 100 -34.40 -29.67 -17.35
CA GLU M 100 -34.06 -28.27 -17.13
C GLU M 100 -35.28 -27.54 -16.48
N ALA M 101 -35.06 -26.85 -15.40
CA ALA M 101 -36.10 -26.09 -14.77
C ALA M 101 -35.51 -24.70 -14.41
N ASN M 102 -35.67 -23.80 -15.35
CA ASN M 102 -35.02 -22.49 -15.32
C ASN M 102 -33.53 -22.72 -15.11
N ASN M 103 -32.94 -22.36 -13.99
CA ASN M 103 -31.50 -22.56 -13.87
C ASN M 103 -31.16 -23.80 -13.13
N ALA M 104 -32.17 -24.47 -12.57
CA ALA M 104 -31.91 -25.77 -11.95
C ALA M 104 -31.88 -26.86 -13.01
N HIS M 105 -31.23 -27.98 -12.72
CA HIS M 105 -31.25 -29.13 -13.59
C HIS M 105 -31.36 -30.36 -12.70
N TYR M 106 -32.01 -31.39 -13.19
CA TYR M 106 -32.30 -32.59 -12.40
C TYR M 106 -32.31 -33.86 -13.23
N ASN M 107 -31.97 -34.94 -12.59
CA ASN M 107 -32.15 -36.25 -13.21
C ASN M 107 -33.57 -36.66 -12.72
N SER M 108 -34.50 -36.79 -13.63
CA SER M 108 -35.92 -36.90 -13.26
C SER M 108 -36.61 -38.05 -13.93
N ILE M 109 -37.78 -38.37 -13.43
CA ILE M 109 -38.65 -39.37 -14.03
C ILE M 109 -40.15 -38.93 -13.94
N ALA M 110 -40.85 -39.01 -15.08
CA ALA M 110 -42.27 -38.71 -15.20
C ALA M 110 -43.04 -40.07 -15.23
N ILE M 111 -44.04 -40.20 -14.40
CA ILE M 111 -44.74 -41.47 -14.34
C ILE M 111 -45.98 -41.36 -15.23
N ILE M 112 -45.99 -42.13 -16.31
CA ILE M 112 -47.14 -42.15 -17.22
C ILE M 112 -48.08 -43.31 -16.86
N ASP M 113 -49.37 -42.99 -16.69
CA ASP M 113 -50.38 -43.95 -16.30
C ASP M 113 -50.88 -44.70 -17.53
N ALA M 114 -51.55 -45.81 -17.30
CA ALA M 114 -52.05 -46.65 -18.38
C ALA M 114 -53.08 -45.98 -19.24
N ASP M 115 -53.65 -44.86 -18.83
CA ASP M 115 -54.57 -44.13 -19.78
C ASP M 115 -53.78 -43.00 -20.45
N GLY M 116 -52.46 -43.00 -20.31
CA GLY M 116 -51.64 -41.94 -20.89
C GLY M 116 -51.51 -40.69 -20.05
N THR M 117 -52.13 -40.64 -18.88
CA THR M 117 -52.02 -39.47 -18.07
C THR M 117 -50.62 -39.31 -17.41
N ASP M 118 -50.12 -38.09 -17.41
CA ASP M 118 -48.85 -37.76 -16.76
C ASP M 118 -49.14 -37.45 -15.30
N LEU M 119 -48.77 -38.33 -14.41
CA LEU M 119 -49.18 -38.22 -13.01
C LEU M 119 -48.21 -37.39 -12.19
N GLY M 120 -47.09 -37.03 -12.81
CA GLY M 120 -46.12 -36.19 -12.17
C GLY M 120 -44.70 -36.71 -12.19
N ILE M 121 -43.90 -36.11 -11.35
CA ILE M 121 -42.46 -36.26 -11.51
C ILE M 121 -41.74 -36.53 -10.18
N TYR M 122 -40.69 -37.30 -10.23
CA TYR M 122 -39.79 -37.44 -9.08
C TYR M 122 -38.41 -37.03 -9.57
N ARG M 123 -37.72 -36.23 -8.77
CA ARG M 123 -36.35 -35.83 -9.08
C ARG M 123 -35.35 -36.55 -8.20
N LYS M 124 -34.34 -37.13 -8.85
CA LYS M 124 -33.29 -37.96 -8.19
C LYS M 124 -32.74 -37.26 -6.99
N SER M 125 -32.70 -37.94 -5.82
CA SER M 125 -32.37 -37.31 -4.55
C SER M 125 -30.89 -37.46 -4.22
N HIS M 126 -30.35 -38.67 -4.43
CA HIS M 126 -28.96 -38.95 -4.13
C HIS M 126 -28.13 -38.92 -5.42
N ILE M 127 -27.13 -38.07 -5.51
CA ILE M 127 -26.44 -37.92 -6.76
C ILE M 127 -25.05 -38.45 -6.59
N PRO M 128 -24.67 -39.45 -7.41
CA PRO M 128 -23.31 -40.03 -7.27
C PRO M 128 -22.23 -39.13 -7.86
N ASP M 129 -20.99 -39.54 -7.62
CA ASP M 129 -19.84 -38.87 -8.07
C ASP M 129 -18.62 -39.82 -8.12
N GLY M 130 -17.63 -39.41 -8.89
CA GLY M 130 -16.42 -40.19 -9.10
C GLY M 130 -16.20 -40.48 -10.56
N PRO M 131 -14.98 -40.97 -10.93
CA PRO M 131 -14.63 -41.29 -12.30
C PRO M 131 -15.63 -42.20 -12.92
N GLY M 132 -16.15 -41.77 -14.06
CA GLY M 132 -17.21 -42.45 -14.82
C GLY M 132 -18.62 -41.96 -14.51
N TYR M 133 -18.81 -41.49 -13.29
CA TYR M 133 -20.15 -41.19 -12.85
C TYR M 133 -20.17 -39.80 -12.18
N GLU M 134 -19.81 -38.79 -12.95
CA GLU M 134 -19.73 -37.43 -12.45
C GLU M 134 -21.07 -36.74 -12.49
N GLU M 135 -22.06 -37.34 -11.86
CA GLU M 135 -23.38 -36.79 -11.92
C GLU M 135 -23.53 -35.48 -11.14
N LYS M 136 -22.77 -35.36 -10.07
CA LYS M 136 -22.87 -34.19 -9.22
C LYS M 136 -22.54 -32.88 -9.96
N PHE M 137 -21.85 -32.96 -11.10
CA PHE M 137 -21.57 -31.81 -11.96
C PHE M 137 -22.80 -31.31 -12.75
N TYR M 138 -23.74 -32.20 -13.02
CA TYR M 138 -24.89 -31.95 -13.88
C TYR M 138 -26.22 -31.72 -13.12
N PHE M 139 -26.44 -32.40 -12.00
CA PHE M 139 -27.76 -32.38 -11.37
C PHE M 139 -27.82 -31.73 -9.99
N ASN M 140 -28.72 -30.76 -9.80
CA ASN M 140 -29.08 -30.35 -8.44
C ASN M 140 -29.62 -31.60 -7.72
N PRO M 141 -29.29 -31.76 -6.44
CA PRO M 141 -29.94 -32.82 -5.68
C PRO M 141 -31.44 -32.55 -5.67
N GLY M 142 -32.19 -33.61 -5.83
CA GLY M 142 -33.59 -33.54 -6.02
C GLY M 142 -34.33 -32.91 -4.88
N ASP M 143 -35.40 -32.18 -5.23
CA ASP M 143 -36.21 -31.49 -4.23
C ASP M 143 -37.69 -31.90 -4.14
N THR M 144 -38.09 -33.00 -4.79
CA THR M 144 -39.47 -33.48 -4.71
C THR M 144 -39.65 -34.29 -3.47
N GLY M 145 -38.59 -34.94 -2.99
CA GLY M 145 -38.71 -35.88 -1.91
C GLY M 145 -39.09 -37.19 -2.55
N PHE M 146 -39.17 -38.24 -1.73
CA PHE M 146 -39.53 -39.54 -2.20
C PHE M 146 -41.05 -39.59 -2.39
N LYS M 147 -41.51 -40.18 -3.47
CA LYS M 147 -42.92 -40.10 -3.82
C LYS M 147 -43.50 -41.43 -4.14
N VAL M 148 -44.81 -41.55 -3.99
CA VAL M 148 -45.50 -42.70 -4.58
C VAL M 148 -46.60 -42.25 -5.52
N PHE M 149 -46.94 -43.07 -6.51
CA PHE M 149 -47.96 -42.69 -7.49
C PHE M 149 -49.03 -43.75 -7.61
N GLN M 150 -50.27 -43.30 -7.64
CA GLN M 150 -51.42 -44.15 -7.77
C GLN M 150 -51.66 -44.32 -9.24
N THR M 151 -51.39 -45.52 -9.73
CA THR M 151 -51.64 -45.86 -11.11
C THR M 151 -52.86 -46.74 -11.18
N LYS M 152 -53.32 -47.09 -12.40
CA LYS M 152 -54.50 -47.99 -12.55
C LYS M 152 -54.27 -49.37 -11.97
N TYR M 153 -53.02 -49.80 -11.79
CA TYR M 153 -52.80 -51.17 -11.39
C TYR M 153 -52.28 -51.27 -9.96
N ALA M 154 -51.75 -50.17 -9.42
CA ALA M 154 -51.09 -50.26 -8.11
C ALA M 154 -50.60 -48.90 -7.70
N LYS M 155 -50.35 -48.72 -6.40
CA LYS M 155 -49.59 -47.56 -5.92
C LYS M 155 -48.11 -47.94 -6.07
N ILE M 156 -47.32 -47.12 -6.74
CA ILE M 156 -45.94 -47.53 -6.94
C ILE M 156 -44.99 -46.47 -6.44
N GLY M 157 -43.81 -46.93 -6.11
CA GLY M 157 -42.72 -46.10 -5.70
C GLY M 157 -41.59 -46.25 -6.73
N VAL M 158 -41.25 -45.13 -7.34
CA VAL M 158 -40.18 -45.04 -8.33
C VAL M 158 -39.11 -44.05 -7.85
N ALA M 159 -37.88 -44.51 -7.79
CA ALA M 159 -36.76 -43.61 -7.58
C ALA M 159 -35.72 -43.96 -8.63
N ILE M 160 -34.52 -43.35 -8.58
CA ILE M 160 -33.64 -43.44 -9.72
C ILE M 160 -32.22 -43.88 -9.36
N SER M 161 -31.75 -44.93 -10.05
CA SER M 161 -30.33 -45.38 -10.05
C SER M 161 -29.63 -45.33 -8.69
N TRP M 162 -28.74 -44.34 -8.46
CA TRP M 162 -28.03 -44.27 -7.20
C TRP M 162 -28.94 -44.22 -5.96
N ASP M 163 -30.19 -43.77 -6.11
CA ASP M 163 -31.16 -43.82 -5.01
C ASP M 163 -31.30 -45.24 -4.40
N GLN M 164 -31.07 -46.26 -5.20
CA GLN M 164 -31.32 -47.61 -4.84
C GLN M 164 -30.33 -48.12 -3.84
N TRP M 165 -29.26 -47.37 -3.55
CA TRP M 165 -28.31 -47.85 -2.55
C TRP M 165 -28.73 -47.42 -1.13
N PHE M 166 -29.80 -46.60 -1.06
CA PHE M 166 -30.18 -45.96 0.23
C PHE M 166 -31.44 -46.60 0.83
N PRO M 167 -31.32 -47.29 1.97
CA PRO M 167 -32.57 -47.89 2.58
C PRO M 167 -33.62 -46.85 2.93
N GLU M 168 -33.16 -45.61 3.18
CA GLU M 168 -34.05 -44.52 3.54
C GLU M 168 -35.08 -44.30 2.42
N ALA M 169 -34.65 -44.39 1.18
CA ALA M 169 -35.58 -44.04 0.12
C ALA M 169 -36.64 -45.13 -0.09
N ALA M 170 -36.19 -46.36 -0.06
CA ALA M 170 -37.10 -47.52 -0.15
C ALA M 170 -38.10 -47.51 1.05
N ARG M 171 -37.60 -47.25 2.25
CA ARG M 171 -38.47 -47.21 3.40
C ARG M 171 -39.52 -46.04 3.29
N ALA M 172 -39.06 -44.87 2.87
CA ALA M 172 -39.93 -43.69 2.67
C ALA M 172 -41.10 -43.98 1.69
N MET M 173 -40.80 -44.73 0.65
CA MET M 173 -41.80 -45.03 -0.32
C MET M 173 -42.75 -46.08 0.21
N ALA M 174 -42.21 -47.07 0.89
CA ALA M 174 -43.09 -48.11 1.44
C ALA M 174 -44.02 -47.50 2.53
N LEU M 175 -43.49 -46.57 3.34
CA LEU M 175 -44.31 -45.94 4.37
C LEU M 175 -45.47 -45.18 3.78
N GLN M 176 -45.33 -44.75 2.54
CA GLN M 176 -46.41 -44.01 1.88
C GLN M 176 -47.30 -44.89 1.05
N GLY M 177 -47.16 -46.23 1.19
CA GLY M 177 -48.11 -47.15 0.54
C GLY M 177 -47.60 -47.72 -0.74
N ALA M 178 -46.34 -47.44 -1.09
CA ALA M 178 -45.81 -48.13 -2.28
C ALA M 178 -45.97 -49.68 -2.16
N GLU M 179 -46.44 -50.29 -3.24
CA GLU M 179 -46.70 -51.70 -3.34
C GLU M 179 -45.65 -52.45 -4.16
N ILE M 180 -44.94 -51.71 -5.00
CA ILE M 180 -43.81 -52.19 -5.83
C ILE M 180 -42.84 -51.00 -5.96
N LEU M 181 -41.56 -51.28 -5.86
CA LEU M 181 -40.55 -50.28 -6.02
C LEU M 181 -39.91 -50.48 -7.42
N PHE M 182 -39.56 -49.37 -8.08
CA PHE M 182 -38.89 -49.37 -9.39
C PHE M 182 -37.67 -48.44 -9.38
N TYR M 183 -36.56 -48.96 -9.91
CA TYR M 183 -35.28 -48.27 -9.98
C TYR M 183 -34.61 -48.45 -11.33
N PRO M 184 -34.86 -47.54 -12.26
CA PRO M 184 -34.09 -47.51 -13.53
C PRO M 184 -32.67 -47.10 -13.20
N THR M 185 -31.70 -47.71 -13.85
CA THR M 185 -30.31 -47.72 -13.41
C THR M 185 -29.38 -47.62 -14.62
N ALA M 186 -28.16 -47.17 -14.35
CA ALA M 186 -27.06 -47.15 -15.29
C ALA M 186 -25.85 -47.37 -14.41
N ILE M 187 -25.33 -48.57 -14.41
CA ILE M 187 -24.18 -48.86 -13.62
C ILE M 187 -23.37 -49.98 -14.28
N GLY M 188 -22.06 -49.84 -14.19
CA GLY M 188 -21.14 -50.78 -14.78
C GLY M 188 -19.77 -50.68 -14.15
N SER M 189 -18.76 -51.06 -14.93
CA SER M 189 -17.38 -50.84 -14.55
C SER M 189 -17.08 -49.34 -14.30
N GLU M 190 -15.91 -49.11 -13.74
CA GLU M 190 -15.46 -47.80 -13.41
C GLU M 190 -14.11 -47.64 -14.10
N PRO M 191 -13.94 -46.52 -14.86
CA PRO M 191 -12.82 -46.27 -15.77
C PRO M 191 -11.47 -46.10 -15.12
N HIS M 192 -11.43 -45.74 -13.85
CA HIS M 192 -10.14 -45.56 -13.21
C HIS M 192 -9.58 -46.82 -12.60
N ASP M 193 -10.41 -47.82 -12.39
CA ASP M 193 -10.02 -49.01 -11.68
C ASP M 193 -10.85 -50.21 -12.15
N GLN M 194 -10.19 -51.00 -12.96
CA GLN M 194 -10.75 -52.13 -13.66
C GLN M 194 -11.03 -53.31 -12.72
N SER M 195 -10.58 -53.25 -11.47
CA SER M 195 -10.81 -54.32 -10.51
C SER M 195 -12.13 -54.08 -9.73
N ILE M 196 -12.81 -52.95 -9.97
CA ILE M 196 -14.04 -52.72 -9.27
C ILE M 196 -15.14 -53.43 -10.02
N ASP M 197 -15.81 -54.36 -9.34
CA ASP M 197 -16.98 -55.08 -9.91
C ASP M 197 -18.13 -55.03 -8.86
N SER M 198 -19.06 -54.12 -9.05
CA SER M 198 -20.03 -53.84 -7.98
C SER M 198 -21.32 -54.63 -8.12
N ARG M 199 -21.43 -55.43 -9.18
CA ARG M 199 -22.76 -56.02 -9.53
C ARG M 199 -23.44 -56.86 -8.41
N ASP M 200 -22.66 -57.64 -7.70
CA ASP M 200 -23.19 -58.45 -6.62
C ASP M 200 -23.59 -57.63 -5.42
N HIS M 201 -22.78 -56.62 -5.15
CA HIS M 201 -23.02 -55.71 -4.04
C HIS M 201 -24.36 -54.95 -4.27
N TRP M 202 -24.53 -54.53 -5.51
CA TRP M 202 -25.68 -53.75 -6.01
C TRP M 202 -26.95 -54.59 -5.83
N LYS M 203 -26.89 -55.84 -6.26
CA LYS M 203 -28.05 -56.70 -6.09
C LYS M 203 -28.38 -56.95 -4.61
N ARG M 204 -27.35 -57.22 -3.78
CA ARG M 204 -27.64 -57.51 -2.39
C ARG M 204 -28.29 -56.32 -1.69
N VAL M 205 -27.83 -55.12 -1.98
CA VAL M 205 -28.37 -53.99 -1.29
C VAL M 205 -29.88 -53.87 -1.63
N MET M 206 -30.20 -54.09 -2.89
CA MET M 206 -31.62 -53.97 -3.30
C MET M 206 -32.52 -55.07 -2.79
N GLN M 207 -32.01 -56.29 -2.85
CA GLN M 207 -32.76 -57.42 -2.35
C GLN M 207 -33.10 -57.13 -0.92
N GLY M 208 -32.14 -56.48 -0.27
CA GLY M 208 -32.30 -56.02 1.08
C GLY M 208 -33.49 -55.08 1.27
N HIS M 209 -33.71 -54.16 0.36
CA HIS M 209 -34.84 -53.25 0.54
C HIS M 209 -36.14 -53.99 0.38
N ALA M 210 -36.12 -54.94 -0.54
CA ALA M 210 -37.33 -55.68 -0.85
C ALA M 210 -37.71 -56.51 0.33
N GLY M 211 -36.71 -57.10 0.96
CA GLY M 211 -36.92 -57.93 2.13
C GLY M 211 -37.34 -57.20 3.36
N ALA M 212 -36.76 -56.04 3.58
CA ALA M 212 -37.05 -55.28 4.78
C ALA M 212 -38.41 -54.58 4.76
N ASN M 213 -38.92 -54.31 3.57
CA ASN M 213 -40.20 -53.62 3.40
C ASN M 213 -41.31 -54.55 2.94
N LEU M 214 -40.95 -55.79 2.62
CA LEU M 214 -41.92 -56.76 2.05
C LEU M 214 -42.71 -56.21 0.84
N VAL M 215 -41.97 -55.73 -0.14
CA VAL M 215 -42.52 -55.34 -1.38
C VAL M 215 -41.63 -55.80 -2.52
N PRO M 216 -42.24 -56.15 -3.66
CA PRO M 216 -41.40 -56.45 -4.80
C PRO M 216 -40.67 -55.22 -5.31
N LEU M 217 -39.68 -55.46 -6.17
CA LEU M 217 -38.72 -54.46 -6.62
C LEU M 217 -38.24 -54.78 -8.02
N VAL M 218 -38.16 -53.76 -8.86
CA VAL M 218 -37.81 -53.95 -10.27
C VAL M 218 -36.63 -53.04 -10.62
N ALA M 219 -35.57 -53.64 -11.19
CA ALA M 219 -34.38 -52.87 -11.56
C ALA M 219 -34.04 -53.13 -13.00
N SER M 220 -33.98 -52.05 -13.77
CA SER M 220 -33.71 -52.10 -15.19
C SER M 220 -32.38 -51.43 -15.43
N ASN M 221 -31.39 -52.17 -15.88
CA ASN M 221 -30.05 -51.60 -16.07
C ASN M 221 -29.57 -51.75 -17.51
N ARG M 222 -28.73 -50.82 -17.91
CA ARG M 222 -28.13 -50.76 -19.25
C ARG M 222 -27.11 -51.89 -19.51
N ILE M 223 -26.88 -52.17 -20.78
CA ILE M 223 -25.78 -53.05 -21.20
C ILE M 223 -24.96 -52.32 -22.27
N GLY M 224 -23.84 -52.92 -22.65
CA GLY M 224 -22.96 -52.36 -23.67
C GLY M 224 -21.78 -51.52 -23.20
N ASN M 225 -20.80 -51.38 -24.07
CA ASN M 225 -19.70 -50.49 -23.87
C ASN M 225 -19.99 -49.12 -24.37
N GLU M 226 -19.68 -48.10 -23.61
CA GLU M 226 -19.77 -46.74 -24.13
C GLU M 226 -18.47 -46.04 -23.87
N ILE M 227 -17.95 -45.43 -24.93
CA ILE M 227 -16.76 -44.61 -24.89
C ILE M 227 -17.11 -43.14 -25.13
N ILE M 228 -16.77 -42.32 -24.16
CA ILE M 228 -17.05 -40.87 -24.14
C ILE M 228 -15.77 -40.06 -24.19
N GLU M 229 -15.76 -39.00 -24.98
CA GLU M 229 -14.64 -38.08 -24.99
C GLU M 229 -14.84 -37.11 -23.84
N THR M 230 -13.92 -37.12 -22.88
CA THR M 230 -13.96 -36.22 -21.75
C THR M 230 -12.86 -35.13 -21.89
N GLU M 231 -12.91 -34.19 -20.97
CA GLU M 231 -11.96 -33.07 -20.89
C GLU M 231 -10.52 -33.55 -20.73
N HIS M 232 -10.38 -34.83 -20.39
CA HIS M 232 -9.08 -35.45 -20.24
C HIS M 232 -8.90 -36.64 -21.18
N GLY M 233 -9.77 -36.74 -22.17
CA GLY M 233 -9.65 -37.82 -23.17
C GLY M 233 -10.72 -38.89 -23.01
N LYS M 234 -10.48 -40.03 -23.60
CA LYS M 234 -11.44 -41.10 -23.60
C LYS M 234 -11.64 -41.76 -22.27
N SER M 235 -12.91 -42.06 -22.00
CA SER M 235 -13.34 -42.83 -20.84
C SER M 235 -14.37 -43.87 -21.31
N GLU M 236 -14.25 -45.06 -20.75
CA GLU M 236 -15.05 -46.19 -21.15
C GLU M 236 -15.70 -46.91 -19.97
N ILE M 237 -17.00 -47.17 -20.08
CA ILE M 237 -17.69 -48.02 -19.15
C ILE M 237 -18.25 -49.24 -19.89
N LYS M 238 -18.10 -50.42 -19.34
CA LYS M 238 -18.86 -51.55 -19.79
C LYS M 238 -20.07 -51.69 -18.84
N PHE M 239 -21.27 -51.38 -19.30
CA PHE M 239 -22.47 -51.56 -18.44
C PHE M 239 -22.80 -53.06 -18.27
N TYR M 240 -23.11 -53.44 -17.03
CA TYR M 240 -23.17 -54.86 -16.73
C TYR M 240 -24.55 -55.49 -16.65
N GLY M 241 -25.59 -54.79 -17.10
CA GLY M 241 -26.89 -55.42 -17.17
C GLY M 241 -27.31 -56.01 -15.82
N ASN M 242 -27.60 -57.29 -15.79
CA ASN M 242 -28.09 -57.92 -14.58
C ASN M 242 -29.42 -57.24 -14.07
N SER M 243 -30.23 -56.69 -14.99
CA SER M 243 -31.57 -56.27 -14.62
C SER M 243 -32.30 -57.42 -13.91
N PHE M 244 -33.13 -57.10 -12.96
CA PHE M 244 -33.80 -58.16 -12.25
C PHE M 244 -35.09 -57.69 -11.61
N ILE M 245 -35.87 -58.67 -11.19
CA ILE M 245 -37.09 -58.49 -10.44
C ILE M 245 -37.00 -59.35 -9.18
N ALA M 246 -37.21 -58.71 -8.03
CA ALA M 246 -37.18 -59.37 -6.73
C ALA M 246 -38.55 -59.37 -6.08
N GLY M 247 -38.86 -60.47 -5.40
CA GLY M 247 -40.10 -60.63 -4.67
C GLY M 247 -40.00 -60.01 -3.29
N PRO M 248 -41.05 -60.12 -2.51
CA PRO M 248 -41.10 -59.45 -1.24
C PRO M 248 -40.27 -60.05 -0.12
N THR M 249 -39.63 -61.22 -0.31
CA THR M 249 -38.64 -61.63 0.69
C THR M 249 -37.24 -61.38 0.13
N GLY M 250 -37.15 -60.65 -0.99
CA GLY M 250 -35.86 -60.37 -1.60
C GLY M 250 -35.29 -61.42 -2.58
N GLU M 251 -36.05 -62.49 -2.83
CA GLU M 251 -35.64 -63.52 -3.78
C GLU M 251 -35.69 -62.98 -5.22
N ILE M 252 -34.66 -63.31 -6.01
CA ILE M 252 -34.67 -62.98 -7.41
C ILE M 252 -35.62 -63.92 -8.12
N VAL M 253 -36.62 -63.38 -8.79
CA VAL M 253 -37.58 -64.21 -9.55
C VAL M 253 -37.25 -64.19 -11.06
N SER M 254 -36.58 -63.14 -11.50
CA SER M 254 -36.19 -63.01 -12.89
C SER M 254 -34.91 -62.16 -13.00
N ILE M 255 -33.93 -62.66 -13.71
CA ILE M 255 -32.72 -61.95 -13.84
C ILE M 255 -32.13 -62.11 -15.24
N ALA M 256 -31.54 -61.02 -15.77
CA ALA M 256 -30.89 -61.04 -17.07
C ALA M 256 -29.40 -61.18 -16.88
N ASP M 257 -28.68 -61.59 -17.93
CA ASP M 257 -27.24 -61.64 -17.80
C ASP M 257 -26.58 -60.26 -18.08
N ASP M 258 -25.26 -60.25 -18.30
CA ASP M 258 -24.53 -58.96 -18.41
C ASP M 258 -24.35 -58.41 -19.80
N LYS M 259 -25.03 -59.02 -20.75
CA LYS M 259 -24.82 -58.57 -22.11
C LYS M 259 -25.99 -58.68 -23.12
N GLU M 260 -26.96 -59.54 -22.86
CA GLU M 260 -28.14 -59.74 -23.72
C GLU M 260 -29.08 -58.61 -23.53
N GLU M 261 -29.74 -58.22 -24.59
CA GLU M 261 -30.95 -57.39 -24.47
C GLU M 261 -32.06 -58.27 -23.85
N ALA M 262 -32.86 -57.74 -22.99
CA ALA M 262 -33.81 -58.60 -22.30
C ALA M 262 -35.11 -57.92 -21.94
N VAL M 263 -36.15 -58.75 -21.90
CA VAL M 263 -37.44 -58.39 -21.38
C VAL M 263 -37.79 -59.39 -20.27
N LEU M 264 -37.84 -58.92 -19.04
CA LEU M 264 -38.16 -59.78 -17.90
C LEU M 264 -39.60 -59.50 -17.45
N ILE M 265 -40.31 -60.56 -17.08
CA ILE M 265 -41.76 -60.52 -16.76
C ILE M 265 -42.01 -61.25 -15.44
N ALA M 266 -42.76 -60.65 -14.53
CA ALA M 266 -43.09 -61.30 -13.28
C ALA M 266 -44.48 -60.90 -12.81
N GLU M 267 -45.27 -61.84 -12.33
CA GLU M 267 -46.62 -61.52 -11.79
C GLU M 267 -46.63 -61.56 -10.24
N PHE M 268 -47.20 -60.52 -9.63
CA PHE M 268 -47.38 -60.46 -8.19
C PHE M 268 -48.85 -60.32 -7.79
N ASN M 269 -49.24 -60.99 -6.71
CA ASN M 269 -50.55 -60.82 -6.12
C ASN M 269 -50.41 -59.82 -5.01
N LEU M 270 -50.80 -58.59 -5.32
CA LEU M 270 -50.63 -57.49 -4.41
C LEU M 270 -51.49 -57.60 -3.13
N ASP M 271 -52.64 -58.25 -3.18
CA ASP M 271 -53.38 -58.44 -1.91
C ASP M 271 -52.74 -59.50 -0.99
N LYS M 272 -52.23 -60.59 -1.55
CA LYS M 272 -51.50 -61.50 -0.69
C LYS M 272 -50.27 -60.89 -0.13
N ILE M 273 -49.54 -60.17 -0.94
CA ILE M 273 -48.35 -59.59 -0.46
C ILE M 273 -48.65 -58.55 0.61
N LYS M 274 -49.68 -57.75 0.43
CA LYS M 274 -50.08 -56.82 1.48
C LYS M 274 -50.29 -57.56 2.83
N SER M 275 -51.04 -58.63 2.74
CA SER M 275 -51.35 -59.40 3.93
C SER M 275 -50.06 -59.98 4.55
N MET M 276 -49.09 -60.33 3.74
CA MET M 276 -47.87 -60.93 4.21
C MET M 276 -46.98 -59.84 4.81
N ARG M 277 -46.94 -58.67 4.19
CA ARG M 277 -46.24 -57.52 4.76
C ARG M 277 -46.79 -57.11 6.15
N HIS M 278 -48.09 -57.10 6.31
CA HIS M 278 -48.65 -56.75 7.58
C HIS M 278 -48.44 -57.78 8.67
N CYS M 279 -48.52 -59.07 8.34
CA CYS M 279 -48.36 -60.13 9.34
CA CYS M 279 -48.39 -60.06 9.38
C CYS M 279 -46.94 -60.27 9.83
N TRP M 280 -45.95 -60.00 8.95
CA TRP M 280 -44.53 -60.15 9.31
C TRP M 280 -44.24 -59.15 10.39
N GLY M 281 -45.00 -58.05 10.38
CA GLY M 281 -45.02 -57.12 11.51
C GLY M 281 -44.02 -55.96 11.54
N VAL M 282 -43.11 -55.86 10.61
CA VAL M 282 -42.13 -54.83 10.74
C VAL M 282 -42.73 -53.41 10.82
N PHE M 283 -43.77 -53.11 10.06
CA PHE M 283 -44.32 -51.74 10.12
C PHE M 283 -45.06 -51.42 11.44
N ARG M 284 -45.54 -52.46 12.09
CA ARG M 284 -46.17 -52.39 13.40
C ARG M 284 -45.12 -52.06 14.49
N ASP M 285 -43.88 -52.48 14.25
CA ASP M 285 -42.86 -52.53 15.27
C ASP M 285 -41.82 -51.39 15.18
N ARG M 286 -41.89 -50.61 14.11
CA ARG M 286 -40.91 -49.54 13.91
C ARG M 286 -40.90 -48.55 15.07
N ARG M 287 -39.76 -47.95 15.29
CA ARG M 287 -39.53 -47.03 16.42
C ARG M 287 -39.03 -45.64 15.95
N PRO M 288 -39.88 -44.90 15.23
CA PRO M 288 -39.53 -43.55 14.80
C PRO M 288 -39.11 -42.62 15.95
N ASP M 289 -39.55 -42.83 17.17
CA ASP M 289 -38.99 -42.04 18.28
C ASP M 289 -37.48 -42.23 18.48
N LEU M 290 -36.91 -43.28 17.90
CA LEU M 290 -35.47 -43.55 18.10
C LEU M 290 -34.71 -43.31 16.80
N TYR M 291 -35.39 -42.80 15.77
CA TYR M 291 -34.75 -42.66 14.50
C TYR M 291 -34.24 -41.25 14.20
N LYS M 292 -34.13 -40.37 15.18
CA LYS M 292 -33.79 -38.95 14.85
C LYS M 292 -32.36 -38.80 14.31
N VAL M 293 -31.48 -39.71 14.72
CA VAL M 293 -30.13 -39.70 14.24
C VAL M 293 -30.04 -39.84 12.73
N LEU M 294 -31.09 -40.35 12.09
CA LEU M 294 -31.08 -40.46 10.67
C LEU M 294 -31.24 -39.13 9.95
N LEU M 295 -31.55 -38.07 10.68
CA LEU M 295 -31.63 -36.75 10.10
C LEU M 295 -30.30 -35.99 10.34
N THR M 296 -29.26 -36.71 10.74
CA THR M 296 -27.87 -36.14 10.76
C THR M 296 -27.12 -36.74 9.58
N LEU M 297 -26.02 -36.12 9.20
CA LEU M 297 -25.07 -36.75 8.32
C LEU M 297 -23.96 -37.45 9.12
N ASP M 298 -23.62 -36.84 10.25
CA ASP M 298 -22.44 -37.12 11.02
C ASP M 298 -22.66 -37.91 12.35
N GLY M 299 -23.92 -38.28 12.55
CA GLY M 299 -24.34 -39.03 13.69
C GLY M 299 -24.57 -38.22 14.94
N LYS M 300 -24.50 -36.91 14.85
CA LYS M 300 -24.69 -36.05 16.03
C LYS M 300 -25.54 -34.83 15.75
N ASN M 301 -25.23 -34.10 14.68
CA ASN M 301 -25.87 -32.83 14.37
C ASN M 301 -27.01 -32.93 13.38
N PRO M 302 -28.24 -32.66 13.83
CA PRO M 302 -29.37 -32.68 12.92
C PRO M 302 -29.15 -31.65 11.88
N VAL M 303 -29.47 -31.98 10.65
CA VAL M 303 -29.36 -30.96 9.62
C VAL M 303 -30.47 -29.94 9.77
N LEU M 304 -30.18 -28.76 9.24
CA LEU M 304 -31.16 -27.64 9.23
C LEU M 304 -32.34 -27.94 8.26
N ASP N 7 0.07 -56.69 4.70
CA ASP N 7 -1.03 -55.87 4.08
C ASP N 7 -1.80 -55.08 5.18
N LYS N 8 -1.52 -53.78 5.24
CA LYS N 8 -1.63 -53.04 6.50
C LYS N 8 -2.91 -52.33 6.88
N GLY N 9 -3.00 -52.07 8.20
CA GLY N 9 -4.15 -51.41 8.87
C GLY N 9 -4.60 -52.24 10.07
N ARG N 10 -5.51 -51.72 10.89
CA ARG N 10 -6.00 -52.47 12.03
C ARG N 10 -6.80 -53.64 11.59
N LYS N 11 -6.48 -54.77 12.16
CA LYS N 11 -7.13 -56.03 11.85
C LYS N 11 -7.92 -56.45 13.10
N VAL N 12 -9.13 -56.95 12.89
CA VAL N 12 -9.90 -57.45 13.97
C VAL N 12 -10.46 -58.77 13.56
N VAL N 13 -10.38 -59.75 14.44
CA VAL N 13 -10.97 -61.06 14.17
C VAL N 13 -12.30 -61.12 14.99
N VAL N 14 -13.39 -61.49 14.32
CA VAL N 14 -14.65 -61.61 14.98
C VAL N 14 -15.20 -63.02 14.82
N SER N 15 -16.11 -63.37 15.71
CA SER N 15 -16.65 -64.70 15.80
C SER N 15 -18.13 -64.70 16.16
N ALA N 16 -18.84 -65.60 15.48
CA ALA N 16 -20.20 -65.95 15.80
C ALA N 16 -20.17 -67.36 16.38
N LEU N 17 -20.89 -67.55 17.46
CA LEU N 17 -21.07 -68.85 18.10
C LEU N 17 -22.50 -69.32 17.84
N GLN N 18 -22.68 -70.63 17.80
CA GLN N 18 -23.96 -71.24 17.57
C GLN N 18 -24.06 -72.51 18.35
N PHE N 19 -25.02 -72.54 19.28
CA PHE N 19 -25.24 -73.71 20.13
C PHE N 19 -26.67 -73.94 20.62
N ALA N 20 -26.88 -75.10 21.23
CA ALA N 20 -28.14 -75.47 21.84
C ALA N 20 -28.18 -75.15 23.33
N CYS N 21 -29.38 -74.81 23.80
CA CYS N 21 -29.62 -74.52 25.20
C CYS N 21 -30.56 -75.50 25.90
N THR N 22 -30.27 -75.76 27.17
CA THR N 22 -31.22 -76.34 28.06
C THR N 22 -31.88 -75.15 28.80
N ASP N 23 -32.63 -75.42 29.87
CA ASP N 23 -33.26 -74.37 30.64
C ASP N 23 -32.62 -74.20 32.01
N ASP N 24 -31.37 -74.65 32.11
CA ASP N 24 -30.55 -74.45 33.27
C ASP N 24 -29.40 -73.43 32.97
N VAL N 25 -29.39 -72.32 33.66
CA VAL N 25 -28.42 -71.30 33.42
C VAL N 25 -26.98 -71.78 33.58
N SER N 26 -26.69 -72.62 34.57
CA SER N 26 -25.30 -73.03 34.73
C SER N 26 -24.82 -73.85 33.54
N THR N 27 -25.66 -74.74 33.01
CA THR N 27 -25.24 -75.52 31.86
C THR N 27 -24.99 -74.56 30.65
N ASN N 28 -25.84 -73.58 30.49
CA ASN N 28 -25.74 -72.74 29.34
C ASN N 28 -24.55 -71.84 29.36
N VAL N 29 -24.18 -71.34 30.53
CA VAL N 29 -23.08 -70.42 30.61
C VAL N 29 -21.78 -71.20 30.42
N THR N 30 -21.73 -72.43 30.96
CA THR N 30 -20.67 -73.38 30.71
C THR N 30 -20.50 -73.65 29.20
N THR N 31 -21.59 -73.88 28.46
CA THR N 31 -21.53 -74.09 27.03
C THR N 31 -20.93 -72.82 26.37
N ALA N 32 -21.46 -71.66 26.74
CA ALA N 32 -20.94 -70.39 26.19
C ALA N 32 -19.43 -70.19 26.44
N GLU N 33 -19.02 -70.46 27.67
CA GLU N 33 -17.67 -70.31 28.06
C GLU N 33 -16.72 -71.22 27.19
N ARG N 34 -17.00 -72.51 27.13
CA ARG N 34 -16.30 -73.41 26.24
C ARG N 34 -16.23 -72.90 24.81
N LEU N 35 -17.26 -72.28 24.30
CA LEU N 35 -17.20 -71.91 22.90
C LEU N 35 -16.44 -70.56 22.69
N VAL N 36 -16.51 -69.67 23.70
CA VAL N 36 -15.72 -68.46 23.71
C VAL N 36 -14.22 -68.84 23.78
N ARG N 37 -13.85 -69.78 24.67
CA ARG N 37 -12.49 -70.29 24.70
C ARG N 37 -12.08 -70.88 23.36
N ALA N 38 -12.99 -71.60 22.70
CA ALA N 38 -12.62 -72.09 21.40
C ALA N 38 -12.38 -70.96 20.40
N ALA N 39 -13.23 -69.95 20.40
CA ALA N 39 -13.03 -68.84 19.48
C ALA N 39 -11.71 -68.13 19.73
N HIS N 40 -11.40 -67.95 21.01
CA HIS N 40 -10.19 -67.28 21.40
C HIS N 40 -8.97 -68.04 20.86
N LYS N 41 -9.03 -69.36 20.89
CA LYS N 41 -7.97 -70.22 20.38
C LYS N 41 -7.77 -70.07 18.87
N GLN N 42 -8.85 -69.82 18.15
CA GLN N 42 -8.74 -69.67 16.75
C GLN N 42 -8.48 -68.21 16.36
N GLY N 43 -8.13 -67.35 17.33
CA GLY N 43 -7.72 -65.98 17.05
C GLY N 43 -8.72 -64.86 17.28
N ALA N 44 -9.89 -65.16 17.81
CA ALA N 44 -10.93 -64.20 17.98
C ALA N 44 -10.66 -63.04 18.94
N ASN N 45 -11.07 -61.83 18.54
CA ASN N 45 -10.91 -60.64 19.40
C ASN N 45 -12.28 -60.24 19.95
N ILE N 46 -13.33 -60.50 19.19
CA ILE N 46 -14.68 -60.17 19.61
C ILE N 46 -15.54 -61.39 19.33
N VAL N 47 -16.24 -61.87 20.34
CA VAL N 47 -16.98 -63.10 20.23
C VAL N 47 -18.49 -62.91 20.53
N LEU N 48 -19.34 -63.36 19.64
CA LEU N 48 -20.76 -63.11 19.84
C LEU N 48 -21.60 -64.32 20.20
N ILE N 49 -22.17 -64.28 21.40
CA ILE N 49 -23.09 -65.32 21.91
C ILE N 49 -24.56 -64.91 21.57
N GLN N 50 -25.35 -65.90 21.15
CA GLN N 50 -26.77 -65.72 20.78
C GLN N 50 -27.70 -65.14 21.89
N GLU N 51 -28.88 -64.74 21.45
CA GLU N 51 -29.86 -64.08 22.28
C GLU N 51 -30.42 -65.00 23.39
N LEU N 52 -30.50 -64.43 24.60
CA LEU N 52 -31.14 -65.05 25.75
C LEU N 52 -30.63 -66.47 26.04
N PHE N 53 -29.33 -66.65 25.78
CA PHE N 53 -28.62 -67.94 25.90
C PHE N 53 -28.67 -68.53 27.28
N GLU N 54 -28.98 -67.73 28.28
CA GLU N 54 -29.07 -68.30 29.62
C GLU N 54 -30.16 -69.37 29.76
N GLY N 55 -31.15 -69.38 28.87
CA GLY N 55 -32.18 -70.41 28.99
C GLY N 55 -32.80 -70.73 27.66
N TYR N 56 -33.88 -71.51 27.73
CA TYR N 56 -34.79 -71.74 26.61
C TYR N 56 -35.34 -70.40 26.18
N TYR N 57 -35.71 -70.27 24.92
CA TYR N 57 -36.40 -69.04 24.44
C TYR N 57 -37.84 -69.13 24.93
N PHE N 58 -38.07 -68.59 26.11
CA PHE N 58 -39.29 -68.83 26.86
C PHE N 58 -40.42 -68.03 26.28
N CYS N 59 -40.15 -67.09 25.39
CA CYS N 59 -41.22 -66.24 24.83
C CYS N 59 -42.29 -66.98 23.98
N GLN N 60 -42.15 -68.32 23.81
CA GLN N 60 -43.25 -69.13 23.17
C GLN N 60 -44.55 -69.06 23.99
N ALA N 61 -44.42 -68.82 25.30
CA ALA N 61 -45.55 -68.71 26.20
C ALA N 61 -45.70 -67.30 26.63
N GLN N 62 -46.85 -66.96 27.19
CA GLN N 62 -47.12 -65.65 27.75
C GLN N 62 -47.48 -65.92 29.18
N ARG N 63 -46.47 -66.06 30.02
CA ARG N 63 -46.69 -66.59 31.39
C ARG N 63 -46.17 -65.66 32.47
N GLU N 64 -47.04 -65.47 33.46
CA GLU N 64 -46.72 -64.67 34.61
C GLU N 64 -45.34 -65.05 35.23
N ASP N 65 -45.13 -66.32 35.48
CA ASP N 65 -43.95 -66.76 36.18
C ASP N 65 -42.66 -66.57 35.35
N PHE N 66 -42.79 -66.59 34.04
CA PHE N 66 -41.63 -66.38 33.19
C PHE N 66 -41.08 -64.98 33.23
N ILE N 67 -41.98 -64.02 33.46
CA ILE N 67 -41.56 -62.59 33.57
C ILE N 67 -40.52 -62.50 34.71
N GLN N 68 -40.74 -63.31 35.74
CA GLN N 68 -39.86 -63.22 36.91
C GLN N 68 -38.50 -63.91 36.71
N ARG N 69 -38.22 -64.38 35.52
CA ARG N 69 -36.82 -64.78 35.17
C ARG N 69 -35.91 -63.56 35.00
N ALA N 70 -36.50 -62.36 34.88
CA ALA N 70 -35.71 -61.15 34.73
C ALA N 70 -34.89 -60.87 35.99
N LYS N 71 -33.76 -60.21 35.78
CA LYS N 71 -32.81 -59.85 36.87
C LYS N 71 -32.22 -58.46 36.65
N PRO N 72 -31.82 -57.80 37.73
CA PRO N 72 -31.30 -56.46 37.46
C PRO N 72 -29.98 -56.50 36.70
N TYR N 73 -29.73 -55.42 36.00
CA TYR N 73 -28.46 -55.21 35.35
C TYR N 73 -27.36 -55.16 36.38
N LYS N 74 -27.67 -54.59 37.53
CA LYS N 74 -26.70 -54.43 38.57
C LYS N 74 -26.37 -55.77 39.23
N ASP N 75 -25.06 -56.10 39.23
CA ASP N 75 -24.52 -57.33 39.86
C ASP N 75 -25.14 -58.55 39.28
N HIS N 76 -25.31 -58.55 37.98
CA HIS N 76 -25.85 -59.71 37.38
C HIS N 76 -24.78 -60.86 37.42
N PRO N 77 -25.15 -62.04 37.89
CA PRO N 77 -24.16 -63.12 38.01
C PRO N 77 -23.61 -63.64 36.73
N THR N 78 -24.41 -63.68 35.70
CA THR N 78 -23.94 -64.16 34.41
C THR N 78 -22.99 -63.13 33.74
N ILE N 79 -23.40 -61.87 33.71
CA ILE N 79 -22.54 -60.82 33.24
C ILE N 79 -21.20 -60.81 33.98
N MET N 80 -21.28 -60.90 35.30
CA MET N 80 -20.11 -60.86 36.18
C MET N 80 -19.12 -62.00 35.90
N ARG N 81 -19.66 -63.18 35.64
CA ARG N 81 -18.86 -64.32 35.33
C ARG N 81 -18.21 -64.13 33.99
N LEU N 82 -18.93 -63.60 33.03
CA LEU N 82 -18.35 -63.42 31.76
C LEU N 82 -17.40 -62.24 31.71
N GLN N 83 -17.45 -61.30 32.66
CA GLN N 83 -16.43 -60.21 32.67
C GLN N 83 -15.08 -60.82 33.06
N LYS N 84 -15.09 -61.80 33.93
CA LYS N 84 -13.90 -62.52 34.29
C LYS N 84 -13.31 -63.20 33.09
N LEU N 85 -14.15 -63.79 32.25
CA LEU N 85 -13.64 -64.51 31.13
C LEU N 85 -13.08 -63.51 30.12
N ALA N 86 -13.79 -62.43 29.95
CA ALA N 86 -13.38 -61.46 28.97
C ALA N 86 -12.03 -60.93 29.33
N LYS N 87 -11.82 -60.69 30.60
CA LYS N 87 -10.59 -60.12 31.06
C LYS N 87 -9.46 -61.14 31.00
N GLU N 88 -9.76 -62.38 31.31
CA GLU N 88 -8.79 -63.47 31.27
C GLU N 88 -8.24 -63.66 29.88
N LEU N 89 -9.12 -63.68 28.88
CA LEU N 89 -8.74 -63.94 27.50
C LEU N 89 -8.41 -62.71 26.65
N GLY N 90 -8.79 -61.53 27.10
CA GLY N 90 -8.59 -60.33 26.27
C GLY N 90 -9.52 -60.25 25.09
N VAL N 91 -10.77 -60.62 25.31
CA VAL N 91 -11.75 -60.58 24.21
C VAL N 91 -12.96 -59.78 24.60
N VAL N 92 -13.63 -59.26 23.60
CA VAL N 92 -14.82 -58.51 23.79
C VAL N 92 -15.99 -59.46 23.77
N ILE N 93 -16.87 -59.33 24.77
CA ILE N 93 -18.02 -60.21 24.92
C ILE N 93 -19.35 -59.47 25.26
N PRO N 94 -20.21 -59.30 24.26
CA PRO N 94 -21.56 -58.82 24.50
C PRO N 94 -22.43 -59.88 25.22
N VAL N 95 -23.09 -59.54 26.33
CA VAL N 95 -23.85 -60.51 27.08
C VAL N 95 -25.35 -60.19 27.09
N SER N 96 -26.12 -61.01 26.37
CA SER N 96 -27.57 -60.84 26.28
C SER N 96 -28.22 -61.34 27.58
N PHE N 97 -29.16 -60.59 28.12
CA PHE N 97 -29.86 -61.02 29.32
C PHE N 97 -31.24 -60.35 29.42
N PHE N 98 -32.07 -60.94 30.24
CA PHE N 98 -33.41 -60.45 30.52
C PHE N 98 -33.32 -59.52 31.72
N GLU N 99 -33.58 -58.21 31.51
CA GLU N 99 -33.37 -57.17 32.55
C GLU N 99 -34.64 -56.78 33.27
N GLU N 100 -34.53 -56.69 34.60
CA GLU N 100 -35.55 -56.05 35.44
C GLU N 100 -34.99 -54.70 35.86
N ALA N 101 -35.76 -53.64 35.64
CA ALA N 101 -35.44 -52.31 36.10
C ALA N 101 -36.69 -51.71 36.75
N ASN N 102 -36.82 -51.97 38.02
CA ASN N 102 -38.02 -51.65 38.77
C ASN N 102 -39.26 -52.37 38.16
N ASN N 103 -40.23 -51.64 37.66
CA ASN N 103 -41.34 -52.33 37.04
C ASN N 103 -41.22 -52.42 35.52
N ALA N 104 -40.11 -51.92 34.97
CA ALA N 104 -39.84 -52.10 33.57
C ALA N 104 -39.08 -53.38 33.34
N HIS N 105 -39.16 -53.93 32.14
CA HIS N 105 -38.43 -55.13 31.79
C HIS N 105 -37.95 -54.99 30.39
N TYR N 106 -36.75 -55.48 30.12
CA TYR N 106 -36.18 -55.32 28.83
C TYR N 106 -35.41 -56.57 28.38
N ASN N 107 -35.24 -56.65 27.07
CA ASN N 107 -34.41 -57.63 26.44
C ASN N 107 -33.12 -56.84 26.19
N SER N 108 -32.08 -57.09 27.00
CA SER N 108 -30.92 -56.19 27.06
C SER N 108 -29.61 -56.87 26.72
N ILE N 109 -28.59 -56.06 26.54
CA ILE N 109 -27.25 -56.57 26.28
C ILE N 109 -26.17 -55.66 26.86
N ALA N 110 -25.26 -56.26 27.61
CA ALA N 110 -24.16 -55.60 28.25
C ALA N 110 -22.87 -55.86 27.47
N ILE N 111 -22.14 -54.77 27.17
CA ILE N 111 -21.00 -54.90 26.34
C ILE N 111 -19.77 -54.93 27.21
N ILE N 112 -19.14 -56.10 27.30
CA ILE N 112 -17.94 -56.28 28.09
C ILE N 112 -16.66 -56.17 27.24
N ASP N 113 -15.76 -55.26 27.63
CA ASP N 113 -14.58 -54.91 26.81
C ASP N 113 -13.50 -55.94 27.11
N ALA N 114 -12.45 -55.98 26.33
CA ALA N 114 -11.37 -56.95 26.52
C ALA N 114 -10.59 -56.86 27.81
N ASP N 115 -10.76 -55.79 28.59
CA ASP N 115 -10.09 -55.72 29.91
C ASP N 115 -11.11 -56.06 30.99
N GLY N 116 -12.28 -56.56 30.62
CA GLY N 116 -13.31 -56.88 31.65
C GLY N 116 -14.27 -55.72 31.98
N THR N 117 -14.06 -54.53 31.43
CA THR N 117 -14.84 -53.36 31.79
C THR N 117 -16.25 -53.43 31.20
N ASP N 118 -17.27 -53.32 32.03
CA ASP N 118 -18.66 -53.21 31.52
C ASP N 118 -18.83 -51.87 30.88
N LEU N 119 -18.94 -51.82 29.57
CA LEU N 119 -19.05 -50.55 28.88
C LEU N 119 -20.46 -49.98 28.83
N GLY N 120 -21.46 -50.72 29.26
CA GLY N 120 -22.83 -50.21 29.14
C GLY N 120 -23.82 -51.16 28.49
N ILE N 121 -25.06 -50.74 28.49
CA ILE N 121 -26.05 -51.56 27.82
C ILE N 121 -26.80 -50.96 26.70
N TYR N 122 -27.36 -51.84 25.88
CA TYR N 122 -28.30 -51.55 24.88
C TYR N 122 -29.57 -52.34 25.24
N ARG N 123 -30.74 -51.68 25.08
CA ARG N 123 -32.06 -52.29 25.32
C ARG N 123 -32.78 -52.49 24.00
N LYS N 124 -33.14 -53.72 23.69
CA LYS N 124 -33.79 -54.05 22.41
C LYS N 124 -34.93 -53.09 22.12
N SER N 125 -34.90 -52.54 20.92
CA SER N 125 -35.80 -51.45 20.51
C SER N 125 -37.03 -51.96 19.80
N HIS N 126 -36.82 -52.91 18.90
CA HIS N 126 -37.94 -53.48 18.19
C HIS N 126 -38.35 -54.85 18.78
N ILE N 127 -39.59 -54.95 19.20
CA ILE N 127 -40.06 -56.18 19.92
C ILE N 127 -41.08 -56.93 19.07
N PRO N 128 -40.72 -58.16 18.66
CA PRO N 128 -41.58 -58.95 17.81
C PRO N 128 -42.78 -59.55 18.52
N ASP N 129 -43.71 -60.09 17.77
CA ASP N 129 -44.91 -60.65 18.35
C ASP N 129 -45.44 -61.78 17.45
N GLY N 130 -46.33 -62.58 17.97
CA GLY N 130 -47.04 -63.57 17.19
C GLY N 130 -46.66 -64.94 17.71
N PRO N 131 -47.36 -65.96 17.22
CA PRO N 131 -47.18 -67.31 17.76
C PRO N 131 -45.75 -67.79 17.72
N GLY N 132 -45.32 -68.34 18.87
CA GLY N 132 -43.93 -68.77 19.07
C GLY N 132 -42.99 -67.66 19.49
N TYR N 133 -43.38 -66.39 19.25
CA TYR N 133 -42.47 -65.30 19.50
C TYR N 133 -43.13 -64.09 20.23
N GLU N 134 -43.72 -64.41 21.37
CA GLU N 134 -44.54 -63.42 22.07
C GLU N 134 -43.70 -62.45 22.92
N GLU N 135 -42.72 -61.81 22.30
CA GLU N 135 -41.82 -60.94 23.03
C GLU N 135 -42.56 -59.74 23.59
N LYS N 136 -43.61 -59.31 22.91
CA LYS N 136 -44.27 -58.08 23.32
C LYS N 136 -44.92 -58.16 24.70
N PHE N 137 -45.18 -59.34 25.18
CA PHE N 137 -45.75 -59.55 26.49
C PHE N 137 -44.69 -59.38 27.63
N TYR N 138 -43.41 -59.56 27.31
CA TYR N 138 -42.31 -59.55 28.28
C TYR N 138 -41.53 -58.25 28.39
N PHE N 139 -41.28 -57.60 27.27
CA PHE N 139 -40.37 -56.51 27.21
C PHE N 139 -40.97 -55.21 26.86
N ASN N 140 -40.72 -54.20 27.71
CA ASN N 140 -40.95 -52.81 27.34
C ASN N 140 -40.15 -52.54 26.07
N PRO N 141 -40.70 -51.76 25.16
CA PRO N 141 -39.82 -51.38 24.06
C PRO N 141 -38.59 -50.61 24.57
N GLY N 142 -37.42 -50.94 24.06
CA GLY N 142 -36.17 -50.32 24.55
C GLY N 142 -36.12 -48.80 24.56
N ASP N 143 -35.52 -48.22 25.60
CA ASP N 143 -35.33 -46.79 25.67
C ASP N 143 -33.89 -46.32 25.64
N THR N 144 -32.92 -47.14 25.22
CA THR N 144 -31.58 -46.62 25.21
C THR N 144 -31.36 -45.88 23.91
N GLY N 145 -32.11 -46.25 22.89
CA GLY N 145 -31.83 -45.83 21.53
C GLY N 145 -30.65 -46.70 21.01
N PHE N 146 -30.28 -46.50 19.74
CA PHE N 146 -29.19 -47.23 19.15
C PHE N 146 -27.84 -46.71 19.58
N LYS N 147 -26.97 -47.64 19.93
CA LYS N 147 -25.71 -47.25 20.52
C LYS N 147 -24.49 -47.81 19.81
N VAL N 148 -23.34 -47.19 20.05
CA VAL N 148 -22.09 -47.76 19.63
C VAL N 148 -21.18 -47.76 20.81
N PHE N 149 -20.17 -48.65 20.82
CA PHE N 149 -19.30 -48.83 21.96
C PHE N 149 -17.86 -48.84 21.51
N GLN N 150 -17.01 -48.08 22.18
CA GLN N 150 -15.59 -48.08 21.83
C GLN N 150 -14.90 -49.14 22.64
N THR N 151 -14.57 -50.26 21.98
CA THR N 151 -13.86 -51.37 22.59
C THR N 151 -12.36 -51.22 22.36
N LYS N 152 -11.54 -52.11 22.94
CA LYS N 152 -10.10 -52.04 22.67
C LYS N 152 -9.75 -52.28 21.21
N TYR N 153 -10.60 -53.02 20.50
CA TYR N 153 -10.32 -53.44 19.13
C TYR N 153 -11.06 -52.64 18.04
N ALA N 154 -12.19 -52.03 18.39
CA ALA N 154 -13.02 -51.35 17.41
C ALA N 154 -14.16 -50.68 18.04
N LYS N 155 -14.74 -49.74 17.31
CA LYS N 155 -15.96 -49.13 17.71
C LYS N 155 -17.05 -50.02 17.15
N ILE N 156 -17.95 -50.55 17.99
CA ILE N 156 -18.90 -51.54 17.47
C ILE N 156 -20.32 -51.14 17.69
N GLY N 157 -21.18 -51.69 16.87
CA GLY N 157 -22.64 -51.52 17.05
C GLY N 157 -23.30 -52.85 17.34
N VAL N 158 -24.04 -52.93 18.44
CA VAL N 158 -24.66 -54.16 18.82
C VAL N 158 -26.15 -53.88 18.94
N ALA N 159 -26.97 -54.67 18.26
CA ALA N 159 -28.41 -54.57 18.49
C ALA N 159 -28.88 -56.02 18.70
N ILE N 160 -30.15 -56.24 18.94
CA ILE N 160 -30.59 -57.56 19.37
C ILE N 160 -31.72 -58.12 18.52
N SER N 161 -31.49 -59.35 18.06
CA SER N 161 -32.43 -60.14 17.28
C SER N 161 -33.37 -59.41 16.32
N TRP N 162 -34.64 -59.26 16.71
CA TRP N 162 -35.62 -58.66 15.83
C TRP N 162 -35.14 -57.30 15.24
N ASP N 163 -34.32 -56.55 15.99
CA ASP N 163 -33.77 -55.26 15.48
C ASP N 163 -33.11 -55.47 14.11
N GLN N 164 -32.72 -56.73 13.81
CA GLN N 164 -31.95 -57.01 12.61
C GLN N 164 -32.77 -56.86 11.34
N TRP N 165 -34.10 -56.78 11.48
CA TRP N 165 -34.92 -56.64 10.32
C TRP N 165 -35.05 -55.17 9.91
N PHE N 166 -34.52 -54.27 10.73
CA PHE N 166 -34.79 -52.83 10.52
C PHE N 166 -33.59 -52.06 10.02
N PRO N 167 -33.64 -51.63 8.76
CA PRO N 167 -32.54 -50.91 8.15
C PRO N 167 -32.16 -49.67 8.92
N GLU N 168 -33.16 -49.07 9.59
CA GLU N 168 -32.92 -47.89 10.40
C GLU N 168 -31.92 -48.16 11.53
N ALA N 169 -31.98 -49.34 12.19
CA ALA N 169 -31.08 -49.55 13.32
C ALA N 169 -29.64 -49.70 12.84
N ALA N 170 -29.47 -50.33 11.69
CA ALA N 170 -28.14 -50.53 11.20
C ALA N 170 -27.53 -49.18 10.79
N ARG N 171 -28.33 -48.33 10.14
CA ARG N 171 -27.87 -47.05 9.67
C ARG N 171 -27.56 -46.14 10.90
N ALA N 172 -28.42 -46.20 11.93
CA ALA N 172 -28.21 -45.38 13.10
C ALA N 172 -26.85 -45.67 13.73
N MET N 173 -26.46 -46.94 13.77
CA MET N 173 -25.23 -47.31 14.42
C MET N 173 -24.06 -46.91 13.54
N ALA N 174 -24.19 -47.07 12.23
CA ALA N 174 -23.07 -46.71 11.35
C ALA N 174 -22.89 -45.23 11.27
N LEU N 175 -23.98 -44.49 11.26
CA LEU N 175 -23.84 -43.04 11.30
C LEU N 175 -23.02 -42.57 12.51
N GLN N 176 -23.03 -43.40 13.55
CA GLN N 176 -22.31 -43.07 14.78
C GLN N 176 -20.92 -43.67 14.83
N GLY N 177 -20.46 -44.22 13.74
CA GLY N 177 -19.10 -44.72 13.73
C GLY N 177 -18.94 -46.23 13.97
N ALA N 178 -20.02 -46.96 14.06
CA ALA N 178 -19.89 -48.40 14.17
C ALA N 178 -19.06 -48.98 12.99
N GLU N 179 -18.08 -49.77 13.33
CA GLU N 179 -17.16 -50.37 12.36
C GLU N 179 -17.52 -51.83 12.01
N ILE N 180 -18.27 -52.46 12.91
CA ILE N 180 -18.81 -53.80 12.76
C ILE N 180 -20.16 -53.86 13.49
N LEU N 181 -21.13 -54.55 12.93
CA LEU N 181 -22.45 -54.70 13.56
C LEU N 181 -22.60 -56.16 14.09
N PHE N 182 -23.26 -56.32 15.24
CA PHE N 182 -23.45 -57.60 15.87
C PHE N 182 -24.94 -57.73 16.17
N TYR N 183 -25.53 -58.88 15.83
CA TYR N 183 -26.95 -59.20 16.09
C TYR N 183 -27.09 -60.66 16.66
N PRO N 184 -27.10 -60.80 17.98
CA PRO N 184 -27.46 -62.07 18.61
C PRO N 184 -28.96 -62.29 18.41
N THR N 185 -29.31 -63.49 18.06
CA THR N 185 -30.60 -63.82 17.50
C THR N 185 -31.17 -65.10 18.13
N ALA N 186 -32.48 -65.23 18.10
CA ALA N 186 -33.18 -66.50 18.32
C ALA N 186 -34.31 -66.57 17.30
N ILE N 187 -34.09 -67.29 16.22
CA ILE N 187 -35.14 -67.42 15.23
C ILE N 187 -35.14 -68.80 14.59
N GLY N 188 -36.35 -69.29 14.30
CA GLY N 188 -36.56 -70.64 13.73
C GLY N 188 -37.94 -70.81 13.08
N SER N 189 -38.42 -72.05 13.13
CA SER N 189 -39.73 -72.43 12.64
C SER N 189 -40.76 -71.65 13.45
N GLU N 190 -42.02 -71.69 12.99
CA GLU N 190 -43.13 -71.00 13.70
C GLU N 190 -44.21 -72.01 13.96
N PRO N 191 -44.59 -72.20 15.22
CA PRO N 191 -45.44 -73.29 15.69
C PRO N 191 -46.90 -73.35 15.08
N HIS N 192 -47.40 -72.23 14.56
CA HIS N 192 -48.74 -72.25 13.96
C HIS N 192 -48.77 -72.62 12.46
N ASP N 193 -47.63 -72.53 11.78
CA ASP N 193 -47.58 -72.72 10.32
C ASP N 193 -46.20 -73.28 9.92
N GLN N 194 -46.14 -74.59 9.78
CA GLN N 194 -44.91 -75.30 9.41
C GLN N 194 -44.41 -74.98 8.00
N SER N 195 -45.23 -74.35 7.17
CA SER N 195 -44.76 -73.92 5.83
C SER N 195 -43.92 -72.65 5.88
N ILE N 196 -43.90 -71.95 7.00
CA ILE N 196 -43.03 -70.76 7.09
C ILE N 196 -41.56 -71.14 7.31
N ASP N 197 -40.70 -70.69 6.40
CA ASP N 197 -39.25 -70.90 6.55
C ASP N 197 -38.60 -69.56 6.22
N SER N 198 -38.24 -68.81 7.25
CA SER N 198 -37.71 -67.48 7.10
C SER N 198 -36.20 -67.32 6.87
N ARG N 199 -35.45 -68.40 6.91
CA ARG N 199 -33.99 -68.28 6.94
C ARG N 199 -33.36 -67.43 5.79
N ASP N 200 -33.85 -67.63 4.57
CA ASP N 200 -33.34 -66.93 3.41
C ASP N 200 -33.73 -65.50 3.40
N HIS N 201 -34.92 -65.19 3.91
CA HIS N 201 -35.39 -63.83 3.98
C HIS N 201 -34.56 -63.11 5.00
N TRP N 202 -34.38 -63.78 6.12
CA TRP N 202 -33.55 -63.29 7.22
C TRP N 202 -32.12 -62.92 6.76
N LYS N 203 -31.40 -63.84 6.15
CA LYS N 203 -30.07 -63.50 5.66
C LYS N 203 -30.07 -62.30 4.68
N ARG N 204 -31.02 -62.23 3.75
CA ARG N 204 -30.97 -61.21 2.71
C ARG N 204 -31.10 -59.82 3.28
N VAL N 205 -31.93 -59.71 4.31
CA VAL N 205 -32.18 -58.43 4.90
C VAL N 205 -30.91 -57.96 5.58
N MET N 206 -30.27 -58.82 6.35
CA MET N 206 -29.02 -58.42 7.01
C MET N 206 -27.87 -58.20 6.00
N GLN N 207 -27.75 -59.03 4.97
CA GLN N 207 -26.72 -58.78 4.00
C GLN N 207 -26.90 -57.36 3.46
N GLY N 208 -28.15 -56.93 3.43
CA GLY N 208 -28.45 -55.63 2.83
C GLY N 208 -27.97 -54.50 3.71
N HIS N 209 -28.05 -54.70 5.05
CA HIS N 209 -27.49 -53.73 5.99
C HIS N 209 -25.96 -53.57 5.82
N ALA N 210 -25.29 -54.68 5.64
CA ALA N 210 -23.84 -54.66 5.53
C ALA N 210 -23.47 -53.96 4.25
N GLY N 211 -24.18 -54.29 3.18
CA GLY N 211 -23.91 -53.69 1.90
C GLY N 211 -24.23 -52.22 1.80
N ALA N 212 -25.27 -51.79 2.50
CA ALA N 212 -25.74 -50.40 2.38
C ALA N 212 -24.89 -49.48 3.23
N ASN N 213 -24.39 -50.00 4.34
CA ASN N 213 -23.51 -49.24 5.23
C ASN N 213 -21.99 -49.53 5.03
N LEU N 214 -21.66 -50.57 4.28
CA LEU N 214 -20.29 -50.97 4.04
C LEU N 214 -19.55 -51.20 5.30
N VAL N 215 -20.17 -52.00 6.18
CA VAL N 215 -19.58 -52.50 7.39
C VAL N 215 -19.83 -54.02 7.50
N PRO N 216 -18.88 -54.78 8.07
CA PRO N 216 -19.11 -56.16 8.27
C PRO N 216 -20.18 -56.36 9.33
N LEU N 217 -20.76 -57.55 9.36
CA LEU N 217 -21.89 -57.84 10.25
C LEU N 217 -21.80 -59.32 10.70
N VAL N 218 -22.15 -59.56 11.96
CA VAL N 218 -22.00 -60.84 12.61
C VAL N 218 -23.36 -61.18 13.26
N ALA N 219 -23.89 -62.37 12.93
CA ALA N 219 -25.13 -62.83 13.49
C ALA N 219 -24.97 -64.22 14.11
N SER N 220 -25.25 -64.32 15.42
CA SER N 220 -25.24 -65.61 16.15
C SER N 220 -26.65 -66.06 16.41
N ASN N 221 -27.00 -67.22 15.87
CA ASN N 221 -28.32 -67.77 16.10
C ASN N 221 -28.27 -69.13 16.79
N ARG N 222 -29.37 -69.43 17.48
CA ARG N 222 -29.59 -70.68 18.23
C ARG N 222 -29.90 -71.86 17.30
N ILE N 223 -29.69 -73.06 17.81
CA ILE N 223 -30.09 -74.26 17.12
C ILE N 223 -30.85 -75.15 18.11
N GLY N 224 -31.33 -76.29 17.61
CA GLY N 224 -32.03 -77.25 18.46
C GLY N 224 -33.54 -77.01 18.48
N ASN N 225 -34.25 -78.04 18.88
CA ASN N 225 -35.70 -78.01 19.12
C ASN N 225 -36.03 -77.68 20.53
N GLU N 226 -36.91 -76.71 20.77
CA GLU N 226 -37.34 -76.39 22.16
C GLU N 226 -38.85 -76.52 22.34
N ILE N 227 -39.25 -77.15 23.44
CA ILE N 227 -40.64 -77.34 23.78
C ILE N 227 -41.07 -76.61 25.07
N ILE N 228 -42.02 -75.70 24.96
CA ILE N 228 -42.45 -74.92 26.08
C ILE N 228 -43.91 -75.25 26.40
N GLU N 229 -44.21 -75.45 27.67
CA GLU N 229 -45.58 -75.46 28.13
C GLU N 229 -46.19 -74.01 28.15
N THR N 230 -47.27 -73.82 27.38
CA THR N 230 -47.92 -72.54 27.31
C THR N 230 -49.32 -72.65 27.84
N GLU N 231 -49.94 -71.48 27.94
CA GLU N 231 -51.36 -71.32 28.36
C GLU N 231 -52.27 -72.31 27.66
N HIS N 232 -51.86 -72.79 26.49
CA HIS N 232 -52.76 -73.61 25.62
C HIS N 232 -52.13 -74.93 25.24
N GLY N 233 -51.06 -75.31 25.92
CA GLY N 233 -50.41 -76.61 25.71
C GLY N 233 -48.97 -76.47 25.25
N LYS N 234 -48.45 -77.52 24.65
CA LYS N 234 -47.10 -77.53 24.14
C LYS N 234 -46.96 -76.69 22.91
N SER N 235 -45.85 -76.02 22.78
CA SER N 235 -45.51 -75.31 21.57
C SER N 235 -44.03 -75.63 21.27
N GLU N 236 -43.69 -75.67 20.00
CA GLU N 236 -42.38 -76.10 19.63
C GLU N 236 -41.77 -75.21 18.54
N ILE N 237 -40.51 -74.87 18.73
CA ILE N 237 -39.73 -74.26 17.69
C ILE N 237 -38.47 -75.08 17.38
N LYS N 238 -38.21 -75.28 16.08
CA LYS N 238 -36.92 -75.83 15.64
C LYS N 238 -36.10 -74.60 15.22
N PHE N 239 -35.17 -74.21 16.09
CA PHE N 239 -34.24 -73.13 15.79
C PHE N 239 -33.31 -73.56 14.64
N TYR N 240 -33.12 -72.65 13.67
CA TYR N 240 -32.44 -73.04 12.42
C TYR N 240 -30.98 -72.59 12.12
N GLY N 241 -30.25 -72.19 13.16
CA GLY N 241 -28.81 -71.85 13.02
C GLY N 241 -28.64 -70.87 11.91
N ASN N 242 -27.77 -71.19 10.96
CA ASN N 242 -27.44 -70.27 9.89
C ASN N 242 -26.77 -68.98 10.39
N SER N 243 -26.11 -69.09 11.53
CA SER N 243 -25.22 -68.03 12.01
C SER N 243 -24.22 -67.70 10.88
N PHE N 244 -23.94 -66.43 10.72
CA PHE N 244 -23.04 -66.08 9.70
C PHE N 244 -22.33 -64.78 10.02
N ILE N 245 -21.32 -64.52 9.19
CA ILE N 245 -20.54 -63.33 9.18
C ILE N 245 -20.54 -62.83 7.75
N ALA N 246 -20.91 -61.56 7.56
CA ALA N 246 -20.91 -60.97 6.24
C ALA N 246 -19.86 -59.86 6.15
N GLY N 247 -19.31 -59.65 4.97
CA GLY N 247 -18.40 -58.58 4.73
C GLY N 247 -19.15 -57.32 4.34
N PRO N 248 -18.41 -56.24 4.02
CA PRO N 248 -18.95 -54.91 3.82
C PRO N 248 -19.60 -54.67 2.46
N THR N 249 -19.61 -55.68 1.61
CA THR N 249 -20.43 -55.61 0.44
C THR N 249 -21.62 -56.57 0.62
N GLY N 250 -21.75 -57.17 1.79
CA GLY N 250 -22.81 -58.12 2.05
C GLY N 250 -22.50 -59.58 1.70
N GLU N 251 -21.30 -59.84 1.23
CA GLU N 251 -20.87 -61.20 0.88
C GLU N 251 -20.85 -62.04 2.16
N ILE N 252 -21.34 -63.24 2.11
CA ILE N 252 -21.25 -64.07 3.31
C ILE N 252 -19.82 -64.62 3.32
N VAL N 253 -19.05 -64.43 4.39
CA VAL N 253 -17.66 -65.00 4.40
C VAL N 253 -17.53 -66.27 5.21
N SER N 254 -18.47 -66.47 6.09
CA SER N 254 -18.50 -67.69 6.86
C SER N 254 -19.95 -67.93 7.31
N ILE N 255 -20.41 -69.17 7.17
CA ILE N 255 -21.77 -69.51 7.56
C ILE N 255 -21.87 -70.90 8.14
N ALA N 256 -22.75 -71.05 9.13
CA ALA N 256 -23.01 -72.40 9.71
C ALA N 256 -24.29 -73.01 9.13
N ASP N 257 -24.46 -74.33 9.31
CA ASP N 257 -25.69 -75.02 8.91
C ASP N 257 -26.81 -74.88 9.95
N ASP N 258 -27.89 -75.64 9.82
CA ASP N 258 -29.03 -75.46 10.71
C ASP N 258 -29.11 -76.33 11.93
N LYS N 259 -28.04 -77.07 12.18
CA LYS N 259 -28.03 -77.95 13.35
C LYS N 259 -26.70 -78.24 14.05
N GLU N 260 -25.56 -77.91 13.44
CA GLU N 260 -24.25 -78.14 14.08
C GLU N 260 -23.98 -77.04 15.09
N GLU N 261 -23.29 -77.41 16.15
CA GLU N 261 -22.66 -76.45 17.01
C GLU N 261 -21.55 -75.82 16.15
N ALA N 262 -21.33 -74.50 16.25
CA ALA N 262 -20.31 -73.85 15.42
C ALA N 262 -19.60 -72.68 16.04
N VAL N 263 -18.38 -72.48 15.58
CA VAL N 263 -17.55 -71.33 15.92
C VAL N 263 -17.07 -70.74 14.60
N LEU N 264 -17.63 -69.61 14.24
CA LEU N 264 -17.26 -68.98 12.97
C LEU N 264 -16.22 -67.89 13.23
N ILE N 265 -15.24 -67.75 12.34
CA ILE N 265 -14.09 -66.83 12.55
C ILE N 265 -13.86 -66.06 11.27
N ALA N 266 -13.70 -64.74 11.36
CA ALA N 266 -13.39 -63.94 10.20
C ALA N 266 -12.51 -62.75 10.60
N GLU N 267 -11.53 -62.44 9.78
CA GLU N 267 -10.69 -61.29 10.02
C GLU N 267 -11.02 -60.14 9.05
N PHE N 268 -11.13 -58.93 9.60
CA PHE N 268 -11.43 -57.73 8.79
C PHE N 268 -10.40 -56.66 8.98
N ASN N 269 -10.06 -55.95 7.90
CA ASN N 269 -9.07 -54.84 7.96
C ASN N 269 -9.86 -53.56 8.05
N LEU N 270 -9.97 -53.03 9.25
CA LEU N 270 -10.88 -51.93 9.49
C LEU N 270 -10.40 -50.62 8.86
N ASP N 271 -9.09 -50.49 8.63
CA ASP N 271 -8.60 -49.31 7.91
C ASP N 271 -8.94 -49.34 6.43
N LYS N 272 -8.82 -50.49 5.79
CA LYS N 272 -9.19 -50.58 4.39
C LYS N 272 -10.68 -50.49 4.20
N ILE N 273 -11.45 -51.09 5.05
CA ILE N 273 -12.89 -51.04 4.88
C ILE N 273 -13.39 -49.61 5.08
N LYS N 274 -12.84 -48.91 6.04
CA LYS N 274 -13.23 -47.55 6.30
C LYS N 274 -12.95 -46.73 5.00
N SER N 275 -11.81 -46.98 4.40
CA SER N 275 -11.44 -46.22 3.23
C SER N 275 -12.35 -46.57 2.07
N MET N 276 -12.79 -47.82 2.00
CA MET N 276 -13.72 -48.29 0.96
C MET N 276 -15.11 -47.69 1.19
N ARG N 277 -15.54 -47.66 2.43
CA ARG N 277 -16.82 -47.11 2.80
C ARG N 277 -16.94 -45.65 2.39
N HIS N 278 -15.97 -44.85 2.73
CA HIS N 278 -16.00 -43.44 2.34
C HIS N 278 -15.89 -43.22 0.83
N CYS N 279 -15.05 -44.02 0.21
CA CYS N 279 -14.86 -43.98 -1.18
C CYS N 279 -16.16 -44.28 -1.97
N TRP N 280 -16.93 -45.29 -1.55
CA TRP N 280 -18.19 -45.65 -2.20
C TRP N 280 -19.17 -44.50 -2.25
N GLY N 281 -19.12 -43.65 -1.23
CA GLY N 281 -19.84 -42.38 -1.33
C GLY N 281 -21.20 -42.26 -0.67
N VAL N 282 -21.75 -43.33 -0.17
CA VAL N 282 -23.11 -43.23 0.31
C VAL N 282 -23.32 -42.24 1.45
N PHE N 283 -22.36 -42.19 2.36
CA PHE N 283 -22.52 -41.31 3.48
C PHE N 283 -22.32 -39.82 3.10
N ARG N 284 -21.58 -39.57 2.04
CA ARG N 284 -21.40 -38.26 1.49
C ARG N 284 -22.69 -37.78 0.86
N ASP N 285 -23.47 -38.74 0.36
CA ASP N 285 -24.56 -38.42 -0.52
C ASP N 285 -25.94 -38.53 0.12
N ARG N 286 -26.02 -38.96 1.39
CA ARG N 286 -27.29 -39.08 2.10
C ARG N 286 -28.05 -37.77 2.08
N ARG N 287 -29.38 -37.85 2.15
CA ARG N 287 -30.20 -36.63 2.14
C ARG N 287 -31.14 -36.53 3.37
N PRO N 288 -30.58 -36.34 4.57
CA PRO N 288 -31.46 -36.26 5.75
C PRO N 288 -32.55 -35.15 5.68
N ASP N 289 -32.37 -34.14 4.85
CA ASP N 289 -33.45 -33.17 4.65
C ASP N 289 -34.73 -33.81 4.05
N LEU N 290 -34.60 -34.98 3.46
CA LEU N 290 -35.68 -35.64 2.76
C LEU N 290 -36.16 -36.87 3.54
N TYR N 291 -35.60 -37.11 4.73
CA TYR N 291 -35.91 -38.34 5.46
C TYR N 291 -36.91 -38.16 6.62
N LYS N 292 -37.57 -37.01 6.75
CA LYS N 292 -38.53 -36.81 7.86
C LYS N 292 -39.69 -37.83 7.95
N VAL N 293 -40.14 -38.34 6.80
CA VAL N 293 -41.17 -39.37 6.75
C VAL N 293 -40.78 -40.64 7.54
N LEU N 294 -39.50 -40.84 7.80
CA LEU N 294 -39.07 -41.98 8.56
C LEU N 294 -39.41 -41.80 10.02
N LEU N 295 -39.74 -40.58 10.40
CA LEU N 295 -40.13 -40.34 11.75
C LEU N 295 -41.64 -40.50 11.89
N THR N 296 -42.29 -41.10 10.88
CA THR N 296 -43.74 -41.47 10.95
C THR N 296 -43.86 -42.98 10.95
N LEU N 297 -45.01 -43.41 11.41
CA LEU N 297 -45.41 -44.78 11.30
C LEU N 297 -46.27 -44.97 10.07
N ASP N 298 -47.10 -43.96 9.77
CA ASP N 298 -48.11 -44.12 8.72
C ASP N 298 -47.83 -43.40 7.40
N GLY N 299 -46.60 -42.96 7.21
CA GLY N 299 -46.27 -42.21 6.00
C GLY N 299 -46.69 -40.78 5.97
N LYS N 300 -47.31 -40.27 7.05
CA LYS N 300 -47.80 -38.83 7.05
C LYS N 300 -47.61 -38.10 8.37
N ASN N 301 -47.97 -38.72 9.49
CA ASN N 301 -47.94 -38.06 10.79
C ASN N 301 -46.67 -38.29 11.59
N PRO N 302 -45.88 -37.20 11.83
CA PRO N 302 -44.62 -37.39 12.64
C PRO N 302 -45.01 -37.87 14.06
N VAL N 303 -44.28 -38.81 14.65
CA VAL N 303 -44.58 -39.19 16.06
C VAL N 303 -44.14 -38.06 17.05
N LEU N 304 -44.85 -37.98 18.18
CA LEU N 304 -44.48 -37.03 19.24
C LEU N 304 -43.15 -37.45 19.95
N LYS O 8 -78.90 -23.78 36.93
CA LYS O 8 -78.36 -22.83 35.91
C LYS O 8 -76.89 -23.12 35.53
N GLY O 9 -76.63 -23.11 34.21
CA GLY O 9 -75.34 -23.46 33.60
C GLY O 9 -75.60 -24.51 32.53
N ARG O 10 -74.58 -24.84 31.73
CA ARG O 10 -74.72 -25.87 30.67
C ARG O 10 -74.94 -27.26 31.28
N LYS O 11 -76.07 -27.91 30.96
CA LYS O 11 -76.32 -29.31 31.31
C LYS O 11 -76.14 -30.16 30.08
N VAL O 12 -75.53 -31.30 30.24
CA VAL O 12 -75.30 -32.20 29.14
C VAL O 12 -75.73 -33.58 29.61
N VAL O 13 -76.49 -34.28 28.77
CA VAL O 13 -76.93 -35.64 29.09
C VAL O 13 -75.99 -36.60 28.39
N VAL O 14 -75.32 -37.42 29.17
CA VAL O 14 -74.46 -38.43 28.56
C VAL O 14 -75.10 -39.81 28.67
N SER O 15 -74.64 -40.72 27.81
CA SER O 15 -75.15 -42.07 27.80
C SER O 15 -74.08 -43.07 27.54
N ALA O 16 -74.19 -44.16 28.27
CA ALA O 16 -73.38 -45.33 28.07
C ALA O 16 -74.30 -46.44 27.52
N LEU O 17 -73.85 -47.06 26.43
CA LEU O 17 -74.57 -48.19 25.87
C LEU O 17 -73.80 -49.48 26.13
N GLN O 18 -74.56 -50.56 26.30
CA GLN O 18 -74.03 -51.88 26.54
C GLN O 18 -74.83 -52.95 25.74
N PHE O 19 -74.08 -53.77 24.97
CA PHE O 19 -74.71 -54.74 24.09
C PHE O 19 -73.79 -55.83 23.58
N ALA O 20 -74.46 -56.82 22.97
CA ALA O 20 -73.83 -58.01 22.41
C ALA O 20 -73.66 -57.92 20.89
N CYS O 21 -72.53 -58.47 20.44
CA CYS O 21 -72.09 -58.38 19.08
C CYS O 21 -72.10 -59.75 18.43
N THR O 22 -72.54 -59.81 17.18
CA THR O 22 -72.29 -60.96 16.32
C THR O 22 -70.96 -60.60 15.59
N ASP O 23 -70.57 -61.38 14.60
CA ASP O 23 -69.39 -61.03 13.86
C ASP O 23 -69.79 -60.60 12.45
N ASP O 24 -70.96 -59.99 12.35
CA ASP O 24 -71.41 -59.41 11.13
C ASP O 24 -71.50 -57.86 11.32
N VAL O 25 -70.62 -57.09 10.65
CA VAL O 25 -70.70 -55.59 10.72
C VAL O 25 -72.13 -55.00 10.65
N SER O 26 -72.89 -55.39 9.64
CA SER O 26 -74.17 -54.76 9.44
C SER O 26 -75.19 -55.05 10.55
N THR O 27 -75.21 -56.25 11.12
CA THR O 27 -76.06 -56.46 12.29
C THR O 27 -75.64 -55.53 13.43
N ASN O 28 -74.34 -55.38 13.66
CA ASN O 28 -73.81 -54.68 14.85
C ASN O 28 -74.06 -53.18 14.83
N VAL O 29 -73.88 -52.62 13.65
CA VAL O 29 -74.16 -51.22 13.45
C VAL O 29 -75.68 -50.94 13.57
N THR O 30 -76.52 -51.92 13.20
CA THR O 30 -77.98 -51.80 13.31
C THR O 30 -78.37 -51.77 14.78
N THR O 31 -77.64 -52.56 15.57
CA THR O 31 -77.81 -52.62 17.03
C THR O 31 -77.38 -51.29 17.65
N ALA O 32 -76.21 -50.81 17.20
CA ALA O 32 -75.76 -49.51 17.67
C ALA O 32 -76.82 -48.39 17.33
N GLU O 33 -77.35 -48.35 16.11
CA GLU O 33 -78.30 -47.32 15.75
C GLU O 33 -79.53 -47.36 16.61
N ARG O 34 -79.99 -48.56 16.91
CA ARG O 34 -81.22 -48.75 17.70
C ARG O 34 -81.03 -48.21 19.10
N LEU O 35 -79.83 -48.47 19.65
CA LEU O 35 -79.53 -48.10 21.00
C LEU O 35 -79.24 -46.60 21.08
N VAL O 36 -78.53 -46.09 20.09
CA VAL O 36 -78.30 -44.63 20.02
C VAL O 36 -79.64 -43.88 19.93
N ARG O 37 -80.61 -44.41 19.19
CA ARG O 37 -81.89 -43.72 19.09
C ARG O 37 -82.66 -43.76 20.39
N ALA O 38 -82.42 -44.83 21.16
CA ALA O 38 -83.14 -45.00 22.42
C ALA O 38 -82.48 -44.04 23.40
N ALA O 39 -81.15 -43.92 23.33
CA ALA O 39 -80.44 -42.97 24.20
C ALA O 39 -81.03 -41.54 23.99
N HIS O 40 -81.15 -41.15 22.72
CA HIS O 40 -81.62 -39.84 22.35
C HIS O 40 -83.04 -39.56 22.84
N LYS O 41 -83.90 -40.59 22.80
CA LYS O 41 -85.28 -40.52 23.29
C LYS O 41 -85.33 -40.25 24.82
N GLN O 42 -84.31 -40.74 25.52
CA GLN O 42 -84.15 -40.53 26.93
C GLN O 42 -83.44 -39.17 27.28
N GLY O 43 -83.12 -38.38 26.23
CA GLY O 43 -82.58 -37.01 26.39
C GLY O 43 -81.09 -36.85 26.19
N ALA O 44 -80.42 -37.93 25.81
CA ALA O 44 -78.96 -37.91 25.61
C ALA O 44 -78.42 -36.94 24.49
N ASN O 45 -77.29 -36.29 24.79
CA ASN O 45 -76.61 -35.41 23.90
C ASN O 45 -75.36 -36.07 23.42
N ILE O 46 -74.79 -36.93 24.23
CA ILE O 46 -73.57 -37.59 23.84
C ILE O 46 -73.74 -39.06 24.17
N VAL O 47 -73.55 -39.90 23.17
CA VAL O 47 -73.77 -41.34 23.32
C VAL O 47 -72.53 -42.16 23.05
N LEU O 48 -72.16 -42.99 24.02
CA LEU O 48 -70.95 -43.80 23.88
C LEU O 48 -71.20 -45.26 23.55
N ILE O 49 -70.65 -45.69 22.41
CA ILE O 49 -70.67 -47.08 21.96
C ILE O 49 -69.32 -47.79 22.26
N GLN O 50 -69.44 -49.04 22.76
CA GLN O 50 -68.32 -49.91 23.17
C GLN O 50 -67.23 -50.13 22.09
N GLU O 51 -66.04 -50.51 22.53
CA GLU O 51 -64.86 -50.65 21.62
C GLU O 51 -65.05 -51.75 20.57
N LEU O 52 -64.68 -51.41 19.34
CA LEU O 52 -64.64 -52.39 18.24
C LEU O 52 -65.98 -53.16 18.04
N PHE O 53 -67.08 -52.42 18.27
CA PHE O 53 -68.44 -52.92 18.17
C PHE O 53 -68.84 -53.53 16.79
N GLU O 54 -68.11 -53.17 15.73
CA GLU O 54 -68.40 -53.68 14.40
C GLU O 54 -68.33 -55.23 14.25
N GLY O 55 -67.64 -55.89 15.17
CA GLY O 55 -67.51 -57.34 15.15
C GLY O 55 -67.24 -57.93 16.53
N TYR O 56 -67.01 -59.23 16.57
CA TYR O 56 -66.49 -59.90 17.75
C TYR O 56 -65.09 -59.25 18.10
N TYR O 57 -64.70 -59.40 19.36
CA TYR O 57 -63.40 -58.95 19.83
C TYR O 57 -62.43 -60.01 19.30
N PHE O 58 -61.90 -59.73 18.12
CA PHE O 58 -61.13 -60.71 17.38
C PHE O 58 -59.67 -60.90 17.93
N CYS O 59 -59.27 -60.04 18.85
CA CYS O 59 -57.95 -60.11 19.40
C CYS O 59 -57.68 -61.34 20.30
N GLN O 60 -58.64 -62.26 20.44
CA GLN O 60 -58.33 -63.52 21.14
C GLN O 60 -57.31 -64.28 20.30
N ALA O 61 -57.35 -64.03 19.02
CA ALA O 61 -56.47 -64.65 18.08
C ALA O 61 -55.40 -63.67 17.60
N GLN O 62 -54.33 -64.25 17.09
CA GLN O 62 -53.24 -63.59 16.44
C GLN O 62 -53.19 -64.25 15.04
N ARG O 63 -54.04 -63.72 14.15
CA ARG O 63 -54.23 -64.26 12.81
C ARG O 63 -53.97 -63.21 11.73
N GLU O 64 -53.21 -63.65 10.73
CA GLU O 64 -52.90 -62.84 9.55
C GLU O 64 -54.14 -62.25 8.87
N ASP O 65 -55.12 -63.10 8.57
CA ASP O 65 -56.31 -62.63 7.91
C ASP O 65 -57.11 -61.61 8.75
N PHE O 66 -57.09 -61.70 10.08
CA PHE O 66 -57.83 -60.71 10.91
C PHE O 66 -57.32 -59.25 10.80
N ILE O 67 -56.04 -59.10 10.54
CA ILE O 67 -55.44 -57.79 10.41
C ILE O 67 -56.12 -57.05 9.24
N GLN O 68 -56.47 -57.79 8.20
CA GLN O 68 -57.14 -57.21 7.02
C GLN O 68 -58.62 -56.83 7.31
N ARG O 69 -59.04 -56.86 8.57
CA ARG O 69 -60.37 -56.28 8.91
C ARG O 69 -60.27 -54.73 8.97
N ALA O 70 -59.03 -54.23 8.97
CA ALA O 70 -58.83 -52.83 9.16
C ALA O 70 -59.22 -52.08 7.89
N LYS O 71 -59.67 -50.85 8.08
CA LYS O 71 -60.05 -49.98 6.96
C LYS O 71 -59.56 -48.57 7.21
N PRO O 72 -59.33 -47.83 6.12
CA PRO O 72 -58.86 -46.47 6.31
C PRO O 72 -59.92 -45.64 6.98
N TYR O 73 -59.42 -44.65 7.69
CA TYR O 73 -60.21 -43.66 8.36
C TYR O 73 -61.01 -42.86 7.30
N LYS O 74 -60.44 -42.69 6.11
CA LYS O 74 -61.10 -41.92 5.06
C LYS O 74 -62.20 -42.74 4.33
N ASP O 75 -63.37 -42.10 4.17
CA ASP O 75 -64.59 -42.71 3.59
C ASP O 75 -64.94 -44.07 4.23
N HIS O 76 -64.84 -44.16 5.56
CA HIS O 76 -65.12 -45.38 6.27
C HIS O 76 -66.62 -45.59 6.34
N PRO O 77 -67.11 -46.75 5.88
CA PRO O 77 -68.57 -46.89 5.73
C PRO O 77 -69.37 -46.83 7.05
N THR O 78 -68.78 -47.30 8.14
CA THR O 78 -69.44 -47.24 9.43
C THR O 78 -69.44 -45.81 9.98
N ILE O 79 -68.31 -45.11 9.83
CA ILE O 79 -68.25 -43.71 10.24
C ILE O 79 -69.30 -42.90 9.47
N MET O 80 -69.31 -43.02 8.14
CA MET O 80 -70.28 -42.29 7.29
C MET O 80 -71.77 -42.51 7.72
N ARG O 81 -72.10 -43.76 7.98
CA ARG O 81 -73.45 -44.15 8.34
C ARG O 81 -73.84 -43.54 9.69
N LEU O 82 -72.91 -43.54 10.64
CA LEU O 82 -73.20 -42.95 11.95
C LEU O 82 -73.13 -41.41 11.87
N GLN O 83 -72.46 -40.87 10.84
CA GLN O 83 -72.46 -39.44 10.68
C GLN O 83 -73.87 -38.99 10.40
N LYS O 84 -74.60 -39.76 9.60
CA LYS O 84 -75.99 -39.35 9.24
C LYS O 84 -76.87 -39.41 10.47
N LEU O 85 -76.66 -40.46 11.28
CA LEU O 85 -77.42 -40.61 12.51
C LEU O 85 -77.16 -39.43 13.50
N ALA O 86 -75.88 -39.04 13.65
CA ALA O 86 -75.51 -37.94 14.55
C ALA O 86 -76.24 -36.63 14.16
N LYS O 87 -76.28 -36.38 12.86
CA LYS O 87 -76.82 -35.15 12.34
C LYS O 87 -78.33 -35.15 12.44
N GLU O 88 -78.96 -36.29 12.12
CA GLU O 88 -80.41 -36.45 12.24
C GLU O 88 -80.91 -36.16 13.70
N LEU O 89 -80.19 -36.72 14.69
CA LEU O 89 -80.56 -36.64 16.13
C LEU O 89 -80.00 -35.44 16.89
N GLY O 90 -78.88 -34.89 16.41
CA GLY O 90 -78.21 -33.81 17.12
C GLY O 90 -77.54 -34.38 18.33
N VAL O 91 -76.82 -35.48 18.11
CA VAL O 91 -76.06 -36.06 19.16
C VAL O 91 -74.62 -36.33 18.75
N VAL O 92 -73.75 -36.31 19.75
CA VAL O 92 -72.33 -36.59 19.55
C VAL O 92 -72.11 -38.11 19.66
N ILE O 93 -71.39 -38.67 18.69
CA ILE O 93 -71.13 -40.11 18.67
C ILE O 93 -69.62 -40.45 18.40
N PRO O 94 -68.88 -40.91 19.42
CA PRO O 94 -67.53 -41.45 19.09
C PRO O 94 -67.63 -42.80 18.39
N VAL O 95 -66.90 -42.97 17.32
CA VAL O 95 -66.97 -44.21 16.58
C VAL O 95 -65.61 -44.98 16.60
N SER O 96 -65.57 -46.03 17.43
CA SER O 96 -64.46 -46.98 17.48
C SER O 96 -64.36 -47.79 16.20
N PHE O 97 -63.16 -47.91 15.68
CA PHE O 97 -62.96 -48.71 14.51
C PHE O 97 -61.49 -49.15 14.39
N PHE O 98 -61.23 -50.13 13.52
CA PHE O 98 -59.86 -50.71 13.33
C PHE O 98 -59.32 -49.96 12.13
N GLU O 99 -58.38 -49.07 12.36
CA GLU O 99 -57.82 -48.25 11.28
C GLU O 99 -56.62 -48.84 10.53
N GLU O 100 -56.69 -48.77 9.20
CA GLU O 100 -55.51 -49.02 8.36
C GLU O 100 -54.97 -47.66 7.87
N ALA O 101 -53.66 -47.48 7.99
CA ALA O 101 -53.01 -46.25 7.51
C ALA O 101 -51.73 -46.59 6.80
N ASN O 102 -51.83 -46.79 5.51
CA ASN O 102 -50.74 -47.38 4.75
C ASN O 102 -50.32 -48.70 5.45
N ASN O 103 -49.08 -48.81 5.94
CA ASN O 103 -48.64 -50.05 6.65
C ASN O 103 -48.83 -50.06 8.18
N ALA O 104 -49.25 -48.93 8.76
CA ALA O 104 -49.60 -48.89 10.18
C ALA O 104 -51.05 -49.23 10.35
N HIS O 105 -51.37 -49.69 11.56
CA HIS O 105 -52.69 -50.08 11.97
C HIS O 105 -52.91 -49.58 13.37
N TYR O 106 -54.12 -49.12 13.65
CA TYR O 106 -54.38 -48.59 14.94
C TYR O 106 -55.75 -48.99 15.41
N ASN O 107 -55.94 -48.94 16.72
CA ASN O 107 -57.23 -49.09 17.33
C ASN O 107 -57.71 -47.63 17.55
N SER O 108 -58.70 -47.19 16.80
CA SER O 108 -58.94 -45.75 16.64
C SER O 108 -60.37 -45.33 16.89
N ILE O 109 -60.57 -44.03 17.07
CA ILE O 109 -61.92 -43.55 17.38
C ILE O 109 -62.09 -42.18 16.76
N ALA O 110 -63.12 -42.04 15.93
CA ALA O 110 -63.47 -40.74 15.27
C ALA O 110 -64.66 -40.09 16.01
N ILE O 111 -64.48 -38.85 16.43
CA ILE O 111 -65.51 -38.11 17.20
C ILE O 111 -66.42 -37.36 16.23
N ILE O 112 -67.68 -37.80 16.11
CA ILE O 112 -68.68 -37.13 15.26
C ILE O 112 -69.45 -36.12 16.10
N ASP O 113 -69.50 -34.87 15.64
CA ASP O 113 -70.18 -33.82 16.38
C ASP O 113 -71.72 -33.92 16.11
N ALA O 114 -72.53 -33.12 16.84
CA ALA O 114 -73.98 -33.13 16.75
C ALA O 114 -74.51 -32.63 15.46
N ASP O 115 -73.68 -31.98 14.69
CA ASP O 115 -74.10 -31.53 13.37
C ASP O 115 -73.61 -32.49 12.28
N GLY O 116 -72.90 -33.55 12.66
CA GLY O 116 -72.47 -34.55 11.67
C GLY O 116 -70.99 -34.43 11.31
N THR O 117 -70.37 -33.36 11.79
CA THR O 117 -69.00 -33.07 11.49
C THR O 117 -68.04 -34.11 12.14
N ASP O 118 -67.23 -34.75 11.31
CA ASP O 118 -66.10 -35.58 11.78
C ASP O 118 -65.05 -34.62 12.40
N LEU O 119 -64.90 -34.61 13.74
CA LEU O 119 -64.00 -33.61 14.36
C LEU O 119 -62.56 -34.10 14.35
N GLY O 120 -62.36 -35.37 14.08
CA GLY O 120 -61.02 -35.92 14.02
C GLY O 120 -60.91 -37.27 14.72
N ILE O 121 -59.69 -37.69 14.99
CA ILE O 121 -59.46 -39.06 15.42
C ILE O 121 -58.48 -39.17 16.62
N TYR O 122 -58.76 -40.11 17.53
CA TYR O 122 -57.78 -40.49 18.57
C TYR O 122 -57.35 -41.89 18.25
N ARG O 123 -56.05 -42.16 18.40
CA ARG O 123 -55.47 -43.52 18.23
C ARG O 123 -55.01 -44.09 19.59
N LYS O 124 -55.50 -45.28 19.95
CA LYS O 124 -55.23 -45.88 21.25
C LYS O 124 -53.71 -45.88 21.54
N SER O 125 -53.36 -45.33 22.69
CA SER O 125 -51.97 -45.15 23.07
C SER O 125 -51.40 -46.39 23.81
N HIS O 126 -52.12 -46.91 24.79
CA HIS O 126 -51.72 -48.11 25.58
C HIS O 126 -52.38 -49.39 25.01
N ILE O 127 -51.54 -50.31 24.60
CA ILE O 127 -52.00 -51.52 23.91
C ILE O 127 -51.75 -52.75 24.79
N PRO O 128 -52.83 -53.46 25.13
CA PRO O 128 -52.79 -54.59 26.02
C PRO O 128 -52.28 -55.86 25.36
N ASP O 129 -51.92 -56.85 26.14
CA ASP O 129 -51.43 -58.08 25.55
C ASP O 129 -51.71 -59.25 26.52
N GLY O 130 -51.55 -60.49 26.07
CA GLY O 130 -51.84 -61.66 26.90
C GLY O 130 -53.01 -62.50 26.39
N PRO O 131 -53.10 -63.72 26.85
CA PRO O 131 -54.14 -64.63 26.37
C PRO O 131 -55.53 -63.96 26.46
N GLY O 132 -56.24 -63.94 25.34
CA GLY O 132 -57.58 -63.35 25.22
C GLY O 132 -57.50 -61.94 24.62
N TYR O 133 -56.37 -61.25 24.84
CA TYR O 133 -56.33 -59.82 24.58
C TYR O 133 -55.01 -59.47 23.86
N GLU O 134 -54.81 -60.13 22.72
CA GLU O 134 -53.52 -60.07 21.98
C GLU O 134 -53.47 -58.83 21.07
N GLU O 135 -53.78 -57.65 21.61
CA GLU O 135 -53.93 -56.47 20.80
C GLU O 135 -52.60 -55.95 20.27
N LYS O 136 -51.49 -56.24 20.94
CA LYS O 136 -50.17 -55.75 20.51
C LYS O 136 -49.75 -56.30 19.16
N PHE O 137 -50.37 -57.41 18.80
CA PHE O 137 -50.15 -58.10 17.53
C PHE O 137 -50.76 -57.34 16.35
N TYR O 138 -51.85 -56.62 16.65
CA TYR O 138 -52.63 -55.88 15.63
C TYR O 138 -52.32 -54.40 15.50
N PHE O 139 -52.17 -53.73 16.65
CA PHE O 139 -52.12 -52.26 16.69
C PHE O 139 -50.76 -51.63 16.98
N ASN O 140 -50.33 -50.75 16.10
CA ASN O 140 -49.24 -49.85 16.42
C ASN O 140 -49.67 -49.04 17.66
N PRO O 141 -48.76 -48.86 18.59
CA PRO O 141 -49.09 -47.94 19.67
C PRO O 141 -49.46 -46.53 19.09
N GLY O 142 -50.52 -45.93 19.61
CA GLY O 142 -51.05 -44.69 19.07
C GLY O 142 -50.05 -43.52 19.02
N ASP O 143 -50.09 -42.76 17.96
CA ASP O 143 -49.20 -41.64 17.80
C ASP O 143 -49.90 -40.26 17.73
N THR O 144 -51.18 -40.23 18.05
CA THR O 144 -51.89 -38.96 18.09
C THR O 144 -51.61 -38.27 19.41
N GLY O 145 -51.36 -39.06 20.46
CA GLY O 145 -51.29 -38.47 21.80
C GLY O 145 -52.72 -38.22 22.27
N PHE O 146 -52.87 -37.92 23.54
CA PHE O 146 -54.19 -37.68 24.11
C PHE O 146 -54.75 -36.38 23.62
N LYS O 147 -56.03 -36.41 23.38
CA LYS O 147 -56.75 -35.31 22.78
C LYS O 147 -58.07 -34.98 23.47
N VAL O 148 -58.52 -33.75 23.25
CA VAL O 148 -59.85 -33.32 23.67
C VAL O 148 -60.54 -32.77 22.41
N PHE O 149 -61.86 -32.91 22.36
CA PHE O 149 -62.62 -32.46 21.21
C PHE O 149 -63.68 -31.46 21.66
N GLN O 150 -63.71 -30.29 21.01
CA GLN O 150 -64.75 -29.35 21.27
C GLN O 150 -65.97 -29.74 20.43
N THR O 151 -66.99 -30.25 21.11
CA THR O 151 -68.28 -30.57 20.46
C THR O 151 -69.26 -29.47 20.74
N LYS O 152 -70.44 -29.57 20.18
CA LYS O 152 -71.46 -28.57 20.44
C LYS O 152 -71.88 -28.53 21.92
N TYR O 153 -71.72 -29.62 22.67
CA TYR O 153 -72.16 -29.64 24.04
C TYR O 153 -71.10 -29.50 25.10
N ALA O 154 -69.83 -29.76 24.74
CA ALA O 154 -68.76 -29.89 25.72
C ALA O 154 -67.40 -30.15 25.11
N LYS O 155 -66.35 -29.78 25.82
CA LYS O 155 -65.00 -30.28 25.53
C LYS O 155 -64.94 -31.66 26.18
N ILE O 156 -64.70 -32.70 25.41
CA ILE O 156 -64.69 -34.06 25.91
C ILE O 156 -63.31 -34.73 25.65
N GLY O 157 -62.95 -35.66 26.54
CA GLY O 157 -61.74 -36.45 26.40
C GLY O 157 -62.22 -37.85 26.11
N VAL O 158 -61.83 -38.37 24.96
CA VAL O 158 -62.15 -39.76 24.59
C VAL O 158 -60.88 -40.59 24.50
N ALA O 159 -60.81 -41.70 25.20
CA ALA O 159 -59.67 -42.60 25.01
C ALA O 159 -60.24 -44.00 24.84
N ILE O 160 -59.41 -45.02 24.79
CA ILE O 160 -59.95 -46.31 24.42
C ILE O 160 -59.52 -47.45 25.34
N SER O 161 -60.53 -48.17 25.83
CA SER O 161 -60.42 -49.42 26.62
C SER O 161 -59.21 -49.41 27.56
N TRP O 162 -58.16 -50.19 27.26
CA TRP O 162 -56.97 -50.31 28.13
C TRP O 162 -56.41 -48.92 28.57
N ASP O 163 -56.54 -47.88 27.74
CA ASP O 163 -56.15 -46.53 28.18
C ASP O 163 -56.73 -46.16 29.57
N GLN O 164 -57.93 -46.66 29.85
CA GLN O 164 -58.63 -46.34 31.10
C GLN O 164 -57.88 -46.74 32.38
N TRP O 165 -56.81 -47.55 32.27
CA TRP O 165 -56.07 -48.03 33.46
C TRP O 165 -54.91 -47.09 33.87
N PHE O 166 -54.67 -46.07 33.03
CA PHE O 166 -53.54 -45.15 33.19
C PHE O 166 -53.98 -43.74 33.65
N PRO O 167 -53.63 -43.36 34.87
CA PRO O 167 -53.95 -42.03 35.38
C PRO O 167 -53.40 -40.89 34.51
N GLU O 168 -52.27 -41.16 33.83
CA GLU O 168 -51.58 -40.17 32.98
C GLU O 168 -52.51 -39.72 31.83
N ALA O 169 -53.24 -40.67 31.24
CA ALA O 169 -54.17 -40.35 30.14
C ALA O 169 -55.34 -39.45 30.60
N ALA O 170 -55.96 -39.80 31.73
CA ALA O 170 -57.04 -38.96 32.29
C ALA O 170 -56.54 -37.55 32.63
N ARG O 171 -55.34 -37.48 33.23
CA ARG O 171 -54.82 -36.21 33.66
C ARG O 171 -54.51 -35.34 32.43
N ALA O 172 -53.90 -35.96 31.44
CA ALA O 172 -53.56 -35.28 30.22
C ALA O 172 -54.78 -34.64 29.57
N MET O 173 -55.84 -35.43 29.40
CA MET O 173 -57.09 -34.93 28.86
C MET O 173 -57.64 -33.81 29.70
N ALA O 174 -57.66 -33.99 31.02
CA ALA O 174 -58.21 -32.96 31.94
C ALA O 174 -57.38 -31.71 31.92
N LEU O 175 -56.05 -31.85 31.79
CA LEU O 175 -55.14 -30.72 31.66
C LEU O 175 -55.42 -29.94 30.38
N GLN O 176 -55.95 -30.63 29.38
CA GLN O 176 -56.22 -30.00 28.07
C GLN O 176 -57.67 -29.52 27.97
N GLY O 177 -58.36 -29.41 29.10
CA GLY O 177 -59.74 -28.88 29.12
C GLY O 177 -60.92 -29.87 29.09
N ALA O 178 -60.69 -31.18 29.14
CA ALA O 178 -61.78 -32.13 29.08
C ALA O 178 -62.71 -31.90 30.25
N GLU O 179 -64.02 -31.90 29.96
CA GLU O 179 -65.05 -31.68 30.96
C GLU O 179 -65.70 -32.98 31.29
N ILE O 180 -65.56 -33.97 30.39
CA ILE O 180 -66.10 -35.33 30.55
C ILE O 180 -65.13 -36.30 29.88
N LEU O 181 -64.92 -37.42 30.52
CA LEU O 181 -64.08 -38.48 30.00
C LEU O 181 -64.91 -39.69 29.49
N PHE O 182 -64.57 -40.21 28.32
CA PHE O 182 -65.29 -41.34 27.72
C PHE O 182 -64.29 -42.43 27.44
N TYR O 183 -64.66 -43.65 27.78
CA TYR O 183 -63.82 -44.81 27.56
C TYR O 183 -64.63 -46.01 26.97
N PRO O 184 -64.62 -46.18 25.65
CA PRO O 184 -65.25 -47.40 25.13
C PRO O 184 -64.38 -48.59 25.45
N THR O 185 -65.01 -49.70 25.79
CA THR O 185 -64.27 -50.83 26.35
C THR O 185 -64.72 -52.23 25.84
N ALA O 186 -63.78 -53.17 25.91
CA ALA O 186 -64.11 -54.58 25.76
C ALA O 186 -63.28 -55.36 26.74
N ILE O 187 -63.84 -55.67 27.89
CA ILE O 187 -63.09 -56.45 28.90
C ILE O 187 -63.97 -57.55 29.47
N GLY O 188 -63.35 -58.68 29.85
CA GLY O 188 -64.15 -59.80 30.30
C GLY O 188 -63.33 -60.77 31.07
N SER O 189 -63.71 -62.04 30.98
CA SER O 189 -62.94 -63.09 31.62
C SER O 189 -61.66 -63.24 30.78
N GLU O 190 -60.75 -64.06 31.28
CA GLU O 190 -59.48 -64.29 30.63
C GLU O 190 -59.33 -65.81 30.39
N PRO O 191 -59.15 -66.20 29.11
CA PRO O 191 -59.27 -67.59 28.69
C PRO O 191 -58.33 -68.60 29.33
N HIS O 192 -57.17 -68.14 29.77
CA HIS O 192 -56.16 -69.00 30.39
C HIS O 192 -56.34 -69.18 31.89
N ASP O 193 -57.20 -68.39 32.52
CA ASP O 193 -57.35 -68.46 33.96
C ASP O 193 -58.75 -67.99 34.39
N GLN O 194 -59.62 -68.95 34.74
CA GLN O 194 -61.02 -68.65 35.08
C GLN O 194 -61.18 -67.92 36.44
N SER O 195 -60.10 -67.90 37.24
CA SER O 195 -60.08 -67.20 38.56
C SER O 195 -59.82 -65.67 38.48
N ILE O 196 -59.44 -65.16 37.32
CA ILE O 196 -59.29 -63.75 37.13
C ILE O 196 -60.66 -63.12 36.85
N ASP O 197 -61.06 -62.26 37.78
CA ASP O 197 -62.26 -61.45 37.67
C ASP O 197 -61.85 -59.98 37.88
N SER O 198 -61.66 -59.23 36.79
CA SER O 198 -61.14 -57.92 36.92
C SER O 198 -62.18 -56.81 37.14
N ARG O 199 -63.47 -57.15 37.20
CA ARG O 199 -64.50 -56.08 37.14
C ARG O 199 -64.43 -55.01 38.24
N ASP O 200 -64.21 -55.42 39.50
CA ASP O 200 -64.08 -54.46 40.62
C ASP O 200 -62.81 -53.61 40.56
N HIS O 201 -61.71 -54.23 40.13
CA HIS O 201 -60.45 -53.53 39.99
C HIS O 201 -60.59 -52.43 38.95
N TRP O 202 -61.25 -52.81 37.85
CA TRP O 202 -61.49 -51.99 36.66
C TRP O 202 -62.27 -50.74 37.02
N LYS O 203 -63.35 -50.91 37.78
CA LYS O 203 -64.15 -49.79 38.22
C LYS O 203 -63.43 -48.87 39.21
N ARG O 204 -62.79 -49.45 40.21
CA ARG O 204 -62.01 -48.64 41.16
C ARG O 204 -60.99 -47.73 40.51
N VAL O 205 -60.33 -48.18 39.46
CA VAL O 205 -59.28 -47.40 38.85
C VAL O 205 -59.86 -46.18 38.14
N MET O 206 -60.97 -46.42 37.43
CA MET O 206 -61.62 -45.35 36.72
C MET O 206 -62.28 -44.35 37.65
N GLN O 207 -62.96 -44.82 38.69
CA GLN O 207 -63.49 -43.92 39.69
C GLN O 207 -62.34 -43.12 40.31
N GLY O 208 -61.17 -43.73 40.41
CA GLY O 208 -60.01 -42.99 40.85
C GLY O 208 -59.66 -41.78 39.93
N HIS O 209 -59.75 -41.96 38.61
CA HIS O 209 -59.48 -40.87 37.63
C HIS O 209 -60.51 -39.73 37.75
N ALA O 210 -61.77 -40.10 37.84
CA ALA O 210 -62.85 -39.15 37.97
C ALA O 210 -62.62 -38.25 39.20
N GLY O 211 -62.33 -38.87 40.33
CA GLY O 211 -62.12 -38.13 41.58
C GLY O 211 -60.84 -37.30 41.68
N ALA O 212 -59.74 -37.75 41.08
CA ALA O 212 -58.49 -37.00 41.14
C ALA O 212 -58.53 -35.74 40.26
N ASN O 213 -59.35 -35.77 39.22
CA ASN O 213 -59.41 -34.68 38.23
C ASN O 213 -60.71 -33.89 38.33
N LEU O 214 -61.62 -34.34 39.19
CA LEU O 214 -62.94 -33.72 39.37
C LEU O 214 -63.72 -33.60 38.05
N VAL O 215 -63.77 -34.69 37.28
CA VAL O 215 -64.61 -34.74 36.08
C VAL O 215 -65.42 -36.05 35.97
N PRO O 216 -66.65 -35.97 35.42
CA PRO O 216 -67.44 -37.17 35.21
C PRO O 216 -66.79 -38.12 34.21
N LEU O 217 -67.25 -39.34 34.19
CA LEU O 217 -66.59 -40.36 33.42
C LEU O 217 -67.61 -41.40 32.94
N VAL O 218 -67.51 -41.78 31.67
CA VAL O 218 -68.45 -42.70 31.05
C VAL O 218 -67.69 -43.91 30.48
N ALA O 219 -68.05 -45.13 30.93
CA ALA O 219 -67.45 -46.39 30.40
C ALA O 219 -68.53 -47.28 29.82
N SER O 220 -68.36 -47.64 28.56
CA SER O 220 -69.28 -48.55 27.85
C SER O 220 -68.54 -49.83 27.55
N ASN O 221 -69.03 -50.94 28.10
CA ASN O 221 -68.41 -52.24 27.91
C ASN O 221 -69.40 -53.26 27.30
N ARG O 222 -68.79 -54.20 26.59
CA ARG O 222 -69.44 -55.30 25.91
C ARG O 222 -70.06 -56.29 26.88
N ILE O 223 -71.09 -56.97 26.40
CA ILE O 223 -71.63 -58.15 27.09
C ILE O 223 -71.61 -59.36 26.16
N GLY O 224 -71.87 -60.56 26.74
CA GLY O 224 -71.99 -61.80 26.01
C GLY O 224 -70.72 -62.65 25.90
N ASN O 225 -70.92 -63.91 25.54
CA ASN O 225 -69.88 -64.86 25.24
C ASN O 225 -69.47 -64.79 23.80
N GLU O 226 -68.18 -65.01 23.54
CA GLU O 226 -67.71 -65.00 22.21
C GLU O 226 -66.59 -66.06 22.11
N ILE O 227 -66.75 -66.94 21.13
CA ILE O 227 -65.79 -67.96 20.78
C ILE O 227 -65.12 -67.55 19.48
N ILE O 228 -63.81 -67.36 19.52
CA ILE O 228 -63.01 -67.10 18.33
C ILE O 228 -62.15 -68.33 17.99
N GLU O 229 -62.05 -68.65 16.71
CA GLU O 229 -61.13 -69.68 16.25
C GLU O 229 -59.71 -69.12 16.16
N THR O 230 -58.91 -69.40 17.17
CA THR O 230 -57.51 -68.95 17.16
C THR O 230 -56.63 -69.97 16.41
N GLU O 231 -55.39 -69.56 16.21
CA GLU O 231 -54.38 -70.37 15.57
C GLU O 231 -54.03 -71.60 16.41
N HIS O 232 -54.64 -71.74 17.59
CA HIS O 232 -54.45 -72.93 18.44
C HIS O 232 -55.79 -73.49 18.94
N GLY O 233 -56.87 -73.17 18.23
CA GLY O 233 -58.22 -73.67 18.57
C GLY O 233 -59.12 -72.59 19.18
N LYS O 234 -60.33 -72.99 19.57
CA LYS O 234 -61.33 -72.09 20.19
C LYS O 234 -60.81 -71.44 21.47
N SER O 235 -61.24 -70.21 21.68
CA SER O 235 -60.89 -69.44 22.86
C SER O 235 -62.18 -68.63 23.16
N GLU O 236 -62.57 -68.66 24.43
CA GLU O 236 -63.83 -68.08 24.87
C GLU O 236 -63.58 -66.95 25.87
N ILE O 237 -64.32 -65.85 25.71
CA ILE O 237 -64.39 -64.79 26.73
C ILE O 237 -65.88 -64.51 27.02
N LYS O 238 -66.21 -64.38 28.31
CA LYS O 238 -67.50 -63.80 28.71
C LYS O 238 -67.22 -62.37 29.11
N PHE O 239 -67.66 -61.44 28.26
CA PHE O 239 -67.58 -60.00 28.57
C PHE O 239 -68.57 -59.73 29.69
N TYR O 240 -68.15 -58.87 30.63
CA TYR O 240 -68.92 -58.69 31.88
C TYR O 240 -69.67 -57.35 32.07
N GLY O 241 -69.99 -56.64 30.97
CA GLY O 241 -70.80 -55.41 31.05
C GLY O 241 -70.30 -54.48 32.13
N ASN O 242 -71.11 -54.26 33.17
CA ASN O 242 -70.80 -53.29 34.24
C ASN O 242 -70.47 -51.90 33.66
N SER O 243 -71.08 -51.60 32.52
CA SER O 243 -70.97 -50.29 31.95
C SER O 243 -71.47 -49.31 33.05
N PHE O 244 -70.90 -48.12 33.09
CA PHE O 244 -71.28 -47.20 34.12
C PHE O 244 -70.96 -45.76 33.79
N ILE O 245 -71.53 -44.88 34.62
CA ILE O 245 -71.33 -43.45 34.53
C ILE O 245 -71.00 -43.00 35.93
N ALA O 246 -69.83 -42.40 36.10
CA ALA O 246 -69.41 -41.88 37.40
C ALA O 246 -69.41 -40.33 37.38
N GLY O 247 -69.87 -39.76 38.48
CA GLY O 247 -69.81 -38.30 38.70
C GLY O 247 -68.39 -37.86 39.04
N PRO O 248 -68.21 -36.54 39.27
CA PRO O 248 -66.90 -35.87 39.39
C PRO O 248 -66.07 -36.21 40.64
N THR O 249 -66.71 -36.74 41.67
CA THR O 249 -65.94 -37.23 42.84
C THR O 249 -65.78 -38.74 42.75
N GLY O 250 -66.10 -39.31 41.60
CA GLY O 250 -66.02 -40.76 41.40
C GLY O 250 -67.24 -41.63 41.77
N GLU O 251 -68.34 -41.03 42.23
CA GLU O 251 -69.54 -41.79 42.62
C GLU O 251 -70.17 -42.36 41.37
N ILE O 252 -70.41 -43.67 41.38
CA ILE O 252 -71.16 -44.35 40.31
C ILE O 252 -72.64 -43.85 40.37
N VAL O 253 -73.12 -43.15 39.35
CA VAL O 253 -74.51 -42.66 39.38
C VAL O 253 -75.43 -43.53 38.52
N SER O 254 -74.83 -44.31 37.63
CA SER O 254 -75.60 -45.22 36.81
C SER O 254 -74.69 -46.40 36.50
N ILE O 255 -75.26 -47.60 36.57
CA ILE O 255 -74.51 -48.85 36.29
C ILE O 255 -75.41 -49.94 35.74
N ALA O 256 -74.87 -50.70 34.81
CA ALA O 256 -75.56 -51.86 34.28
C ALA O 256 -75.03 -53.19 34.91
N ASP O 257 -75.83 -54.27 34.82
CA ASP O 257 -75.36 -55.58 35.30
C ASP O 257 -74.39 -56.26 34.32
N ASP O 258 -74.12 -57.55 34.51
CA ASP O 258 -73.03 -58.14 33.71
C ASP O 258 -73.50 -58.88 32.47
N LYS O 259 -74.79 -58.75 32.18
CA LYS O 259 -75.40 -59.44 31.04
C LYS O 259 -76.58 -58.72 30.30
N GLU O 260 -77.19 -57.72 30.92
CA GLU O 260 -78.28 -57.01 30.27
C GLU O 260 -77.79 -56.06 29.23
N GLU O 261 -78.56 -55.99 28.15
CA GLU O 261 -78.43 -54.93 27.21
C GLU O 261 -78.95 -53.70 27.98
N ALA O 262 -78.28 -52.54 27.79
CA ALA O 262 -78.61 -51.32 28.57
C ALA O 262 -78.33 -50.00 27.91
N VAL O 263 -79.16 -49.05 28.29
CA VAL O 263 -78.96 -47.67 27.95
C VAL O 263 -78.89 -46.86 29.25
N LEU O 264 -77.69 -46.38 29.63
CA LEU O 264 -77.55 -45.56 30.85
C LEU O 264 -77.59 -44.08 30.50
N ILE O 265 -78.11 -43.32 31.46
CA ILE O 265 -78.34 -41.90 31.38
C ILE O 265 -77.94 -41.18 32.69
N ALA O 266 -77.32 -40.02 32.51
CA ALA O 266 -76.95 -39.11 33.61
C ALA O 266 -76.74 -37.66 33.06
N GLU O 267 -77.41 -36.72 33.70
CA GLU O 267 -77.23 -35.31 33.42
C GLU O 267 -76.14 -34.75 34.32
N PHE O 268 -75.32 -33.88 33.78
CA PHE O 268 -74.31 -33.18 34.57
C PHE O 268 -74.36 -31.66 34.32
N ASN O 269 -74.26 -30.87 35.38
CA ASN O 269 -74.15 -29.42 35.20
C ASN O 269 -72.68 -29.01 34.99
N LEU O 270 -72.23 -28.91 33.74
CA LEU O 270 -70.83 -28.60 33.46
C LEU O 270 -70.25 -27.26 34.02
N ASP O 271 -71.04 -26.19 34.08
CA ASP O 271 -70.54 -24.94 34.63
C ASP O 271 -70.29 -25.04 36.12
N LYS O 272 -71.16 -25.77 36.80
CA LYS O 272 -71.09 -25.93 38.24
C LYS O 272 -69.88 -26.80 38.62
N ILE O 273 -69.67 -27.89 37.88
CA ILE O 273 -68.57 -28.78 38.12
C ILE O 273 -67.23 -28.09 37.85
N LYS O 274 -67.22 -27.18 36.87
CA LYS O 274 -66.01 -26.44 36.54
C LYS O 274 -65.65 -25.53 37.68
N SER O 275 -66.65 -24.95 38.34
CA SER O 275 -66.31 -24.08 39.45
C SER O 275 -65.99 -24.89 40.72
N MET O 276 -66.52 -26.10 40.84
CA MET O 276 -66.06 -27.01 41.90
C MET O 276 -64.57 -27.33 41.69
N ARG O 277 -64.25 -27.74 40.47
CA ARG O 277 -62.87 -28.13 40.10
C ARG O 277 -61.86 -27.02 40.38
N HIS O 278 -62.24 -25.81 40.03
CA HIS O 278 -61.40 -24.64 40.20
C HIS O 278 -61.18 -24.33 41.67
N CYS O 279 -62.27 -24.22 42.42
CA CYS O 279 -62.23 -23.88 43.87
CA CYS O 279 -62.19 -23.83 43.83
C CYS O 279 -61.39 -24.89 44.67
N TRP O 280 -61.61 -26.17 44.40
CA TRP O 280 -60.86 -27.23 45.04
C TRP O 280 -59.36 -27.02 44.76
N GLY O 281 -59.08 -26.55 43.56
CA GLY O 281 -57.76 -26.04 43.24
C GLY O 281 -56.58 -26.99 43.03
N VAL O 282 -56.84 -28.30 42.89
CA VAL O 282 -55.71 -29.26 42.74
C VAL O 282 -54.87 -28.99 41.49
N PHE O 283 -55.49 -28.47 40.45
CA PHE O 283 -54.73 -28.10 39.24
C PHE O 283 -53.67 -27.03 39.43
N ARG O 284 -53.97 -26.06 40.27
CA ARG O 284 -52.99 -25.02 40.68
C ARG O 284 -51.94 -25.52 41.70
N ASP O 285 -52.22 -26.64 42.37
CA ASP O 285 -51.32 -27.17 43.37
C ASP O 285 -50.32 -28.14 42.79
N ARG O 286 -50.52 -28.54 41.54
CA ARG O 286 -49.62 -29.53 40.93
C ARG O 286 -48.18 -29.03 40.91
N ARG O 287 -47.27 -30.01 40.92
CA ARG O 287 -45.81 -29.79 40.97
C ARG O 287 -45.20 -30.50 39.76
N PRO O 288 -45.43 -29.95 38.57
CA PRO O 288 -44.89 -30.55 37.36
C PRO O 288 -43.36 -30.57 37.40
N ASP O 289 -42.79 -29.69 38.21
CA ASP O 289 -41.31 -29.60 38.41
C ASP O 289 -40.75 -30.84 39.11
N LEU O 290 -41.60 -31.57 39.82
CA LEU O 290 -41.23 -32.82 40.50
C LEU O 290 -41.72 -34.06 39.79
N TYR O 291 -42.28 -33.93 38.58
CA TYR O 291 -42.86 -35.06 37.90
C TYR O 291 -42.01 -35.61 36.77
N LYS O 292 -40.75 -35.22 36.67
CA LYS O 292 -39.89 -35.78 35.63
C LYS O 292 -39.82 -37.32 35.58
N VAL O 293 -39.88 -37.99 36.72
CA VAL O 293 -39.79 -39.44 36.69
C VAL O 293 -40.91 -40.07 35.84
N LEU O 294 -42.01 -39.34 35.60
CA LEU O 294 -43.12 -39.89 34.83
C LEU O 294 -42.79 -40.11 33.36
N LEU O 295 -41.74 -39.46 32.88
CA LEU O 295 -41.27 -39.66 31.49
C LEU O 295 -40.20 -40.75 31.40
N THR O 296 -40.04 -41.51 32.48
CA THR O 296 -39.25 -42.72 32.49
C THR O 296 -40.24 -43.90 32.48
N LEU O 297 -39.74 -45.06 32.03
CA LEU O 297 -40.37 -46.35 32.26
C LEU O 297 -39.80 -47.04 33.52
N ASP O 298 -38.48 -46.84 33.78
CA ASP O 298 -37.75 -47.61 34.79
C ASP O 298 -37.43 -46.88 36.10
N GLY O 299 -38.09 -45.74 36.30
CA GLY O 299 -37.86 -44.93 37.48
C GLY O 299 -36.54 -44.14 37.48
N LYS O 300 -35.81 -44.18 36.37
CA LYS O 300 -34.48 -43.55 36.34
C LYS O 300 -34.10 -42.89 34.98
N ASN O 301 -34.29 -43.59 33.87
CA ASN O 301 -33.88 -43.08 32.57
C ASN O 301 -35.03 -42.46 31.79
N PRO O 302 -34.92 -41.16 31.50
CA PRO O 302 -35.92 -40.50 30.69
C PRO O 302 -35.94 -41.09 29.30
N VAL O 303 -37.12 -41.35 28.74
CA VAL O 303 -37.19 -41.93 27.38
C VAL O 303 -36.76 -40.86 26.38
N LEU O 304 -36.10 -41.30 25.31
CA LEU O 304 -35.71 -40.38 24.24
C LEU O 304 -37.00 -39.80 23.53
N LYS P 8 -46.11 -68.76 50.05
CA LYS P 8 -44.66 -68.74 49.65
C LYS P 8 -44.20 -67.39 49.02
N GLY P 9 -43.18 -66.74 49.63
CA GLY P 9 -42.69 -65.39 49.23
C GLY P 9 -42.67 -64.41 50.41
N ARG P 10 -41.93 -63.30 50.29
CA ARG P 10 -41.86 -62.29 51.37
C ARG P 10 -43.25 -61.82 51.78
N LYS P 11 -43.55 -61.97 53.05
CA LYS P 11 -44.80 -61.50 53.65
C LYS P 11 -44.54 -60.33 54.56
N VAL P 12 -45.32 -59.29 54.43
CA VAL P 12 -45.11 -58.15 55.27
C VAL P 12 -46.43 -57.79 55.90
N VAL P 13 -46.42 -57.53 57.22
CA VAL P 13 -47.63 -57.09 57.91
C VAL P 13 -47.56 -55.58 58.13
N VAL P 14 -48.54 -54.86 57.59
CA VAL P 14 -48.57 -53.42 57.73
C VAL P 14 -49.71 -52.99 58.66
N SER P 15 -49.63 -51.75 59.15
CA SER P 15 -50.59 -51.26 60.08
C SER P 15 -50.83 -49.79 59.91
N ALA P 16 -52.11 -49.41 60.02
CA ALA P 16 -52.53 -48.02 60.09
C ALA P 16 -53.04 -47.88 61.47
N LEU P 17 -52.57 -46.84 62.14
CA LEU P 17 -53.08 -46.50 63.47
C LEU P 17 -54.07 -45.32 63.39
N GLN P 18 -55.00 -45.23 64.31
CA GLN P 18 -55.94 -44.13 64.32
C GLN P 18 -56.19 -43.71 65.76
N PHE P 19 -55.91 -42.45 66.06
CA PHE P 19 -56.16 -42.00 67.41
C PHE P 19 -56.42 -40.49 67.53
N ALA P 20 -56.86 -40.10 68.73
CA ALA P 20 -57.15 -38.72 69.05
C ALA P 20 -55.91 -38.07 69.71
N CYS P 21 -55.66 -36.82 69.34
CA CYS P 21 -54.52 -36.03 69.84
C CYS P 21 -54.94 -34.94 70.82
N THR P 22 -54.09 -34.75 71.84
CA THR P 22 -54.14 -33.58 72.70
C THR P 22 -53.12 -32.63 72.06
N ASP P 23 -52.92 -31.46 72.67
CA ASP P 23 -51.98 -30.50 72.10
C ASP P 23 -50.71 -30.45 72.95
N ASP P 24 -50.42 -31.56 73.62
CA ASP P 24 -49.13 -31.69 74.29
C ASP P 24 -48.36 -32.86 73.64
N VAL P 25 -47.08 -32.61 73.37
CA VAL P 25 -46.23 -33.58 72.68
C VAL P 25 -46.12 -34.86 73.49
N SER P 26 -45.73 -34.68 74.77
CA SER P 26 -45.43 -35.78 75.65
C SER P 26 -46.56 -36.79 75.63
N THR P 27 -47.78 -36.32 75.87
CA THR P 27 -48.99 -37.16 75.85
C THR P 27 -49.23 -37.87 74.50
N ASN P 28 -49.12 -37.16 73.38
CA ASN P 28 -49.35 -37.81 72.10
C ASN P 28 -48.27 -38.84 71.73
N VAL P 29 -47.01 -38.59 72.10
CA VAL P 29 -45.98 -39.57 71.74
C VAL P 29 -46.26 -40.82 72.58
N THR P 30 -46.68 -40.62 73.82
CA THR P 30 -47.08 -41.76 74.65
C THR P 30 -48.23 -42.54 73.98
N THR P 31 -49.24 -41.86 73.43
CA THR P 31 -50.36 -42.55 72.72
C THR P 31 -49.85 -43.33 71.49
N ALA P 32 -49.04 -42.70 70.65
CA ALA P 32 -48.48 -43.37 69.47
C ALA P 32 -47.62 -44.59 69.89
N GLU P 33 -46.71 -44.40 70.81
CA GLU P 33 -45.94 -45.51 71.38
C GLU P 33 -46.80 -46.72 71.83
N ARG P 34 -47.88 -46.47 72.57
CA ARG P 34 -48.77 -47.53 73.05
C ARG P 34 -49.42 -48.26 71.89
N LEU P 35 -49.75 -47.55 70.84
CA LEU P 35 -50.46 -48.18 69.74
C LEU P 35 -49.49 -48.87 68.76
N VAL P 36 -48.26 -48.39 68.67
CA VAL P 36 -47.23 -49.07 67.88
C VAL P 36 -46.94 -50.42 68.55
N ARG P 37 -46.86 -50.38 69.88
CA ARG P 37 -46.66 -51.59 70.67
C ARG P 37 -47.84 -52.54 70.48
N ALA P 38 -49.06 -52.01 70.40
CA ALA P 38 -50.23 -52.86 70.16
C ALA P 38 -50.18 -53.45 68.75
N ALA P 39 -49.86 -52.65 67.76
CA ALA P 39 -49.75 -53.17 66.39
C ALA P 39 -48.69 -54.29 66.27
N HIS P 40 -47.57 -54.11 66.96
CA HIS P 40 -46.49 -55.08 66.94
C HIS P 40 -46.91 -56.41 67.61
N LYS P 41 -47.60 -56.31 68.73
CA LYS P 41 -48.15 -57.48 69.34
C LYS P 41 -49.03 -58.21 68.32
N GLN P 42 -49.62 -57.50 67.37
CA GLN P 42 -50.50 -58.15 66.39
C GLN P 42 -49.80 -58.60 65.13
N GLY P 43 -48.48 -58.54 65.13
CA GLY P 43 -47.71 -59.10 64.06
C GLY P 43 -47.15 -58.06 63.17
N ALA P 44 -47.45 -56.79 63.41
CA ALA P 44 -47.03 -55.73 62.42
C ALA P 44 -45.51 -55.50 62.24
N ASN P 45 -45.11 -55.34 60.97
CA ASN P 45 -43.70 -55.09 60.60
C ASN P 45 -43.49 -53.62 60.30
N ILE P 46 -44.49 -53.01 59.68
CA ILE P 46 -44.44 -51.58 59.36
C ILE P 46 -45.69 -50.89 59.92
N VAL P 47 -45.51 -49.87 60.76
CA VAL P 47 -46.63 -49.18 61.40
C VAL P 47 -46.76 -47.69 61.03
N LEU P 48 -47.95 -47.26 60.60
CA LEU P 48 -48.12 -45.87 60.16
C LEU P 48 -48.82 -45.02 61.20
N ILE P 49 -48.15 -43.98 61.65
CA ILE P 49 -48.77 -43.00 62.55
C ILE P 49 -49.30 -41.84 61.71
N GLN P 50 -50.44 -41.31 62.13
CA GLN P 50 -51.13 -40.21 61.43
C GLN P 50 -50.30 -38.95 61.41
N GLU P 51 -50.62 -38.08 60.45
CA GLU P 51 -49.94 -36.82 60.21
C GLU P 51 -49.95 -35.86 61.40
N LEU P 52 -48.77 -35.37 61.74
CA LEU P 52 -48.56 -34.34 62.76
C LEU P 52 -49.17 -34.64 64.15
N PHE P 53 -49.02 -35.90 64.52
CA PHE P 53 -49.59 -36.47 65.76
C PHE P 53 -49.11 -35.78 67.05
N GLU P 54 -47.97 -35.08 66.99
CA GLU P 54 -47.42 -34.35 68.15
C GLU P 54 -48.35 -33.25 68.77
N GLY P 55 -49.31 -32.77 67.99
CA GLY P 55 -50.21 -31.74 68.51
C GLY P 55 -51.49 -31.66 67.72
N TYR P 56 -52.31 -30.65 68.02
CA TYR P 56 -53.55 -30.46 67.30
C TYR P 56 -53.12 -30.14 65.88
N TYR P 57 -54.01 -30.38 64.92
CA TYR P 57 -53.78 -29.92 63.53
C TYR P 57 -53.99 -28.39 63.46
N PHE P 58 -52.87 -27.66 63.36
CA PHE P 58 -52.81 -26.18 63.49
C PHE P 58 -52.66 -25.42 62.15
N CYS P 59 -52.35 -26.15 61.10
CA CYS P 59 -51.92 -25.57 59.81
C CYS P 59 -52.88 -24.52 59.18
N GLN P 60 -54.18 -24.69 59.41
CA GLN P 60 -55.20 -23.83 58.78
C GLN P 60 -55.51 -22.59 59.64
N ALA P 61 -54.74 -22.41 60.72
CA ALA P 61 -54.89 -21.28 61.67
C ALA P 61 -53.61 -20.48 61.64
N GLN P 62 -53.71 -19.17 61.37
CA GLN P 62 -52.53 -18.35 61.17
C GLN P 62 -52.10 -17.73 62.48
N ARG P 63 -51.42 -18.53 63.28
CA ARG P 63 -50.88 -18.10 64.53
C ARG P 63 -49.35 -18.16 64.53
N GLU P 64 -48.74 -17.04 64.89
CA GLU P 64 -47.29 -16.92 64.98
C GLU P 64 -46.66 -17.91 65.94
N ASP P 65 -47.21 -18.00 67.15
CA ASP P 65 -46.67 -18.86 68.22
C ASP P 65 -46.66 -20.36 67.93
N PHE P 66 -47.21 -20.76 66.78
CA PHE P 66 -47.18 -22.16 66.37
C PHE P 66 -46.03 -22.45 65.42
N ILE P 67 -45.18 -21.47 65.15
CA ILE P 67 -43.98 -21.68 64.33
C ILE P 67 -42.85 -22.32 65.18
N GLN P 68 -42.89 -22.06 66.50
CA GLN P 68 -41.90 -22.57 67.49
C GLN P 68 -41.88 -24.07 67.56
N ARG P 69 -42.99 -24.68 67.15
CA ARG P 69 -43.11 -26.13 67.16
C ARG P 69 -42.19 -26.76 66.14
N ALA P 70 -41.84 -26.03 65.09
CA ALA P 70 -40.89 -26.54 64.10
C ALA P 70 -39.53 -26.74 64.76
N LYS P 71 -39.06 -27.99 64.67
CA LYS P 71 -37.73 -28.41 65.21
C LYS P 71 -36.89 -29.05 64.09
N PRO P 72 -35.55 -28.92 64.18
CA PRO P 72 -34.72 -29.51 63.12
C PRO P 72 -34.87 -31.04 62.96
N TYR P 73 -34.57 -31.52 61.77
CA TYR P 73 -34.51 -32.95 61.50
C TYR P 73 -33.36 -33.60 62.32
N LYS P 74 -32.21 -32.91 62.39
CA LYS P 74 -31.09 -33.37 63.20
C LYS P 74 -31.44 -33.45 64.69
N ASP P 75 -31.30 -34.64 65.26
CA ASP P 75 -31.51 -34.87 66.72
C ASP P 75 -32.88 -34.42 67.22
N HIS P 76 -33.92 -34.55 66.39
CA HIS P 76 -35.27 -34.20 66.81
C HIS P 76 -35.68 -35.14 67.96
N PRO P 77 -36.23 -34.58 69.05
CA PRO P 77 -36.61 -35.39 70.22
C PRO P 77 -37.53 -36.58 69.95
N THR P 78 -38.62 -36.35 69.20
CA THR P 78 -39.61 -37.41 68.87
C THR P 78 -39.00 -38.47 67.93
N ILE P 79 -38.29 -38.04 66.88
CA ILE P 79 -37.64 -38.97 66.01
C ILE P 79 -36.69 -39.87 66.83
N MET P 80 -35.84 -39.28 67.67
CA MET P 80 -34.92 -40.08 68.49
C MET P 80 -35.65 -41.05 69.42
N ARG P 81 -36.75 -40.64 70.03
CA ARG P 81 -37.49 -41.56 70.89
C ARG P 81 -38.07 -42.76 70.12
N LEU P 82 -38.59 -42.53 68.92
CA LEU P 82 -39.17 -43.60 68.13
C LEU P 82 -38.10 -44.46 67.42
N GLN P 83 -36.86 -43.95 67.37
CA GLN P 83 -35.75 -44.75 66.79
C GLN P 83 -35.44 -45.90 67.75
N LYS P 84 -35.41 -45.57 69.04
CA LYS P 84 -35.14 -46.55 70.06
C LYS P 84 -36.32 -47.53 70.07
N LEU P 85 -37.56 -47.04 69.88
CA LEU P 85 -38.74 -47.95 69.83
C LEU P 85 -38.72 -48.90 68.62
N ALA P 86 -38.41 -48.37 67.44
CA ALA P 86 -38.26 -49.18 66.23
C ALA P 86 -37.23 -50.34 66.38
N LYS P 87 -36.06 -50.02 66.94
CA LYS P 87 -34.98 -50.98 67.07
C LYS P 87 -35.37 -52.05 68.09
N GLU P 88 -36.01 -51.62 69.16
CA GLU P 88 -36.51 -52.56 70.18
C GLU P 88 -37.54 -53.56 69.63
N LEU P 89 -38.44 -53.13 68.75
CA LEU P 89 -39.50 -54.01 68.28
C LEU P 89 -39.25 -54.68 66.92
N GLY P 90 -38.29 -54.18 66.17
CA GLY P 90 -38.09 -54.69 64.83
C GLY P 90 -39.20 -54.22 63.91
N VAL P 91 -39.62 -52.97 64.10
CA VAL P 91 -40.57 -52.33 63.18
C VAL P 91 -40.10 -51.00 62.51
N VAL P 92 -40.54 -50.82 61.29
CA VAL P 92 -40.35 -49.58 60.54
C VAL P 92 -41.42 -48.55 60.94
N ILE P 93 -40.99 -47.33 61.31
CA ILE P 93 -41.95 -46.29 61.70
C ILE P 93 -41.65 -45.00 60.96
N PRO P 94 -42.49 -44.64 59.96
CA PRO P 94 -42.36 -43.27 59.38
C PRO P 94 -42.83 -42.22 60.41
N VAL P 95 -42.03 -41.19 60.66
CA VAL P 95 -42.39 -40.20 61.68
C VAL P 95 -42.71 -38.78 61.13
N SER P 96 -44.00 -38.44 61.14
CA SER P 96 -44.46 -37.14 60.65
C SER P 96 -44.07 -36.04 61.63
N PHE P 97 -43.47 -34.97 61.12
CA PHE P 97 -43.04 -33.91 61.98
C PHE P 97 -42.97 -32.59 61.24
N PHE P 98 -42.96 -31.53 62.02
CA PHE P 98 -42.86 -30.16 61.54
C PHE P 98 -41.37 -29.76 61.65
N GLU P 99 -40.75 -29.61 60.46
CA GLU P 99 -39.30 -29.40 60.29
C GLU P 99 -38.85 -27.94 60.14
N GLU P 100 -37.84 -27.56 60.93
CA GLU P 100 -37.14 -26.30 60.78
C GLU P 100 -35.87 -26.62 60.02
N ALA P 101 -35.67 -25.93 58.90
CA ALA P 101 -34.51 -26.11 58.06
C ALA P 101 -33.90 -24.80 57.59
N ASN P 102 -33.19 -24.09 58.47
CA ASN P 102 -32.59 -22.84 58.04
C ASN P 102 -33.69 -21.85 57.62
N ASN P 103 -33.63 -21.42 56.37
CA ASN P 103 -34.59 -20.47 55.81
C ASN P 103 -36.05 -20.92 55.79
N ALA P 104 -36.28 -22.20 55.51
CA ALA P 104 -37.64 -22.71 55.37
C ALA P 104 -38.11 -23.74 56.40
N HIS P 105 -39.42 -23.90 56.47
CA HIS P 105 -40.05 -24.85 57.37
C HIS P 105 -40.78 -25.79 56.44
N TYR P 106 -40.81 -27.10 56.76
CA TYR P 106 -41.50 -28.05 55.92
C TYR P 106 -42.37 -28.97 56.77
N ASN P 107 -43.30 -29.65 56.11
CA ASN P 107 -44.10 -30.70 56.72
C ASN P 107 -43.46 -31.97 56.23
N SER P 108 -42.65 -32.56 57.09
CA SER P 108 -41.78 -33.67 56.73
C SER P 108 -42.10 -35.06 57.37
N ILE P 109 -41.41 -36.08 56.84
CA ILE P 109 -41.49 -37.40 57.40
C ILE P 109 -40.15 -38.11 57.36
N ALA P 110 -39.77 -38.62 58.54
CA ALA P 110 -38.54 -39.41 58.71
C ALA P 110 -38.85 -40.91 58.74
N ILE P 111 -38.18 -41.66 57.88
CA ILE P 111 -38.43 -43.09 57.78
C ILE P 111 -37.43 -43.87 58.63
N ILE P 112 -37.89 -44.39 59.77
CA ILE P 112 -37.04 -45.16 60.66
C ILE P 112 -37.15 -46.65 60.32
N ASP P 113 -36.03 -47.27 59.96
CA ASP P 113 -35.96 -48.70 59.63
C ASP P 113 -36.09 -49.52 60.89
N ALA P 114 -36.28 -50.82 60.73
CA ALA P 114 -36.46 -51.72 61.88
C ALA P 114 -35.22 -51.98 62.77
N ASP P 115 -34.03 -51.56 62.32
CA ASP P 115 -32.84 -51.59 63.20
C ASP P 115 -32.64 -50.22 63.85
N GLY P 116 -33.60 -49.32 63.64
CA GLY P 116 -33.53 -47.98 64.20
C GLY P 116 -32.80 -46.94 63.34
N THR P 117 -32.15 -47.37 62.27
CA THR P 117 -31.48 -46.42 61.37
C THR P 117 -32.48 -45.41 60.82
N ASP P 118 -32.10 -44.14 60.80
CA ASP P 118 -32.84 -43.07 60.13
C ASP P 118 -32.51 -43.15 58.60
N LEU P 119 -33.47 -43.54 57.76
CA LEU P 119 -33.15 -43.68 56.33
C LEU P 119 -33.19 -42.40 55.49
N GLY P 120 -33.83 -41.35 56.02
CA GLY P 120 -34.00 -40.07 55.30
C GLY P 120 -35.39 -39.43 55.47
N ILE P 121 -35.57 -38.27 54.84
CA ILE P 121 -36.84 -37.52 54.91
C ILE P 121 -37.52 -37.33 53.57
N TYR P 122 -38.85 -37.27 53.63
CA TYR P 122 -39.67 -36.75 52.54
C TYR P 122 -40.36 -35.46 53.03
N ARG P 123 -40.28 -34.43 52.20
CA ARG P 123 -40.92 -33.12 52.48
C ARG P 123 -42.19 -33.04 51.62
N LYS P 124 -43.32 -32.70 52.28
CA LYS P 124 -44.64 -32.51 51.59
C LYS P 124 -44.54 -31.56 50.39
N SER P 125 -45.04 -32.02 49.26
CA SER P 125 -44.84 -31.35 47.96
C SER P 125 -45.96 -30.43 47.54
N HIS P 126 -47.20 -30.89 47.77
CA HIS P 126 -48.38 -30.20 47.32
C HIS P 126 -48.99 -29.40 48.45
N ILE P 127 -48.91 -28.06 48.35
CA ILE P 127 -49.34 -27.14 49.39
C ILE P 127 -50.52 -26.33 48.86
N PRO P 128 -51.71 -26.55 49.42
CA PRO P 128 -52.90 -25.83 48.97
C PRO P 128 -53.08 -24.37 49.47
N ASP P 129 -53.70 -23.54 48.60
CA ASP P 129 -54.17 -22.12 48.88
C ASP P 129 -55.76 -21.89 48.78
N GLY P 130 -56.22 -20.62 48.63
CA GLY P 130 -57.68 -20.29 48.41
C GLY P 130 -58.50 -19.95 49.65
N TYR P 133 -57.99 -22.52 53.49
CA TYR P 133 -56.64 -23.11 53.30
C TYR P 133 -55.50 -22.06 53.31
N GLU P 134 -54.67 -22.10 54.36
CA GLU P 134 -53.56 -21.14 54.54
C GLU P 134 -52.29 -21.82 55.12
N GLU P 135 -51.98 -23.04 54.64
CA GLU P 135 -50.79 -23.83 55.06
C GLU P 135 -49.50 -23.13 54.75
N LYS P 136 -49.49 -22.31 53.72
CA LYS P 136 -48.23 -21.70 53.27
C LYS P 136 -47.60 -20.72 54.29
N PHE P 137 -48.41 -20.25 55.24
CA PHE P 137 -47.95 -19.49 56.41
C PHE P 137 -46.95 -20.29 57.26
N TYR P 138 -47.06 -21.63 57.23
CA TYR P 138 -46.17 -22.55 58.00
C TYR P 138 -45.18 -23.30 57.14
N PHE P 139 -45.68 -23.89 56.06
CA PHE P 139 -44.89 -24.80 55.22
C PHE P 139 -44.45 -24.23 53.89
N ASN P 140 -43.18 -24.41 53.57
CA ASN P 140 -42.72 -24.21 52.20
C ASN P 140 -43.04 -25.44 51.34
N PRO P 141 -43.06 -25.25 50.02
CA PRO P 141 -43.21 -26.42 49.18
C PRO P 141 -41.95 -27.28 49.20
N GLY P 142 -42.18 -28.58 49.31
CA GLY P 142 -41.13 -29.57 49.43
C GLY P 142 -40.19 -29.57 48.25
N ASP P 143 -38.90 -29.69 48.54
CA ASP P 143 -37.86 -29.78 47.51
C ASP P 143 -37.12 -31.18 47.44
N THR P 144 -37.54 -32.19 48.21
CA THR P 144 -36.90 -33.52 48.16
C THR P 144 -37.31 -34.26 46.90
N GLY P 145 -38.54 -34.04 46.45
CA GLY P 145 -39.11 -34.84 45.39
C GLY P 145 -39.72 -36.12 45.95
N PHE P 146 -40.38 -36.90 45.11
CA PHE P 146 -41.03 -38.16 45.58
C PHE P 146 -39.97 -39.20 45.75
N LYS P 147 -40.01 -39.89 46.88
CA LYS P 147 -38.95 -40.80 47.28
C LYS P 147 -39.42 -42.16 47.65
N VAL P 148 -38.48 -43.11 47.56
CA VAL P 148 -38.65 -44.48 48.06
C VAL P 148 -37.47 -44.83 48.97
N PHE P 149 -37.72 -45.74 49.89
CA PHE P 149 -36.83 -46.05 50.95
C PHE P 149 -36.77 -47.59 51.07
N GLN P 150 -35.56 -48.15 51.07
CA GLN P 150 -35.36 -49.56 51.27
C GLN P 150 -35.33 -49.85 52.79
N THR P 151 -36.39 -50.51 53.29
CA THR P 151 -36.48 -50.97 54.69
C THR P 151 -36.09 -52.48 54.79
N LYS P 152 -36.02 -53.02 56.02
CA LYS P 152 -35.70 -54.43 56.18
C LYS P 152 -36.71 -55.34 55.46
N TYR P 153 -37.95 -54.87 55.36
CA TYR P 153 -39.05 -55.67 54.86
C TYR P 153 -39.43 -55.34 53.46
N ALA P 154 -39.17 -54.11 53.02
CA ALA P 154 -39.62 -53.74 51.69
C ALA P 154 -39.21 -52.35 51.35
N LYS P 155 -39.22 -52.08 50.06
CA LYS P 155 -39.06 -50.75 49.53
C LYS P 155 -40.43 -50.05 49.65
N ILE P 156 -40.49 -48.96 50.40
CA ILE P 156 -41.76 -48.27 50.59
C ILE P 156 -41.77 -46.80 50.06
N GLY P 157 -42.94 -46.32 49.73
CA GLY P 157 -43.14 -44.94 49.40
C GLY P 157 -44.03 -44.24 50.42
N VAL P 158 -43.59 -43.06 50.85
CA VAL P 158 -44.39 -42.28 51.80
C VAL P 158 -44.62 -40.87 51.28
N ALA P 159 -45.88 -40.44 51.24
CA ALA P 159 -46.22 -39.02 50.96
C ALA P 159 -47.21 -38.53 51.99
N ILE P 160 -47.44 -37.22 52.01
CA ILE P 160 -48.12 -36.62 53.13
C ILE P 160 -49.43 -35.87 52.79
N SER P 161 -50.53 -36.20 53.48
CA SER P 161 -51.63 -35.26 53.54
C SER P 161 -52.19 -34.99 52.14
N TRP P 162 -52.20 -33.71 51.75
CA TRP P 162 -52.71 -33.25 50.46
C TRP P 162 -52.07 -33.96 49.26
N ASP P 163 -50.81 -34.43 49.41
CA ASP P 163 -50.15 -35.29 48.37
C ASP P 163 -51.10 -36.41 47.93
N GLN P 164 -51.94 -36.85 48.86
CA GLN P 164 -52.91 -37.93 48.64
C GLN P 164 -53.78 -37.82 47.39
N TRP P 165 -54.06 -36.58 46.97
CA TRP P 165 -54.96 -36.36 45.87
C TRP P 165 -54.34 -36.55 44.52
N PHE P 166 -53.02 -36.56 44.46
CA PHE P 166 -52.32 -36.50 43.17
C PHE P 166 -51.78 -37.84 42.70
N PRO P 167 -52.39 -38.42 41.63
CA PRO P 167 -51.91 -39.70 41.06
C PRO P 167 -50.42 -39.65 40.64
N GLU P 168 -49.91 -38.46 40.27
CA GLU P 168 -48.51 -38.32 39.85
C GLU P 168 -47.55 -38.78 40.96
N ALA P 169 -47.94 -38.52 42.21
CA ALA P 169 -47.08 -38.82 43.38
C ALA P 169 -46.99 -40.33 43.58
N ALA P 170 -48.13 -40.98 43.53
CA ALA P 170 -48.21 -42.45 43.63
C ALA P 170 -47.43 -43.13 42.50
N ARG P 171 -47.56 -42.61 41.30
CA ARG P 171 -46.90 -43.20 40.15
C ARG P 171 -45.37 -43.06 40.23
N ALA P 172 -44.92 -41.85 40.59
CA ALA P 172 -43.51 -41.55 40.75
C ALA P 172 -42.92 -42.49 41.77
N MET P 173 -43.68 -42.80 42.81
CA MET P 173 -43.15 -43.67 43.83
C MET P 173 -43.03 -45.13 43.30
N ALA P 174 -44.10 -45.61 42.68
CA ALA P 174 -44.17 -46.95 42.11
C ALA P 174 -43.10 -47.15 41.00
N LEU P 175 -42.87 -46.13 40.18
CA LEU P 175 -41.90 -46.25 39.11
C LEU P 175 -40.47 -46.46 39.63
N GLN P 176 -40.26 -46.06 40.86
CA GLN P 176 -38.94 -46.19 41.50
C GLN P 176 -38.91 -47.45 42.35
N GLY P 177 -39.94 -48.27 42.26
CA GLY P 177 -39.90 -49.56 42.95
C GLY P 177 -40.65 -49.65 44.25
N ALA P 178 -41.41 -48.61 44.60
CA ALA P 178 -42.25 -48.67 45.85
C ALA P 178 -43.14 -49.93 45.82
N GLU P 179 -43.08 -50.75 46.85
CA GLU P 179 -43.87 -52.02 46.93
C GLU P 179 -45.15 -51.79 47.75
N ILE P 180 -45.11 -50.73 48.57
CA ILE P 180 -46.21 -50.33 49.43
C ILE P 180 -46.20 -48.80 49.56
N LEU P 181 -47.36 -48.16 49.50
CA LEU P 181 -47.49 -46.70 49.68
C LEU P 181 -48.20 -46.36 51.00
N PHE P 182 -47.71 -45.29 51.61
CA PHE P 182 -48.13 -44.84 52.90
C PHE P 182 -48.49 -43.34 52.86
N TYR P 183 -49.70 -43.04 53.29
CA TYR P 183 -50.18 -41.67 53.26
C TYR P 183 -50.76 -41.27 54.62
N PRO P 184 -49.90 -40.81 55.55
CA PRO P 184 -50.44 -40.26 56.79
C PRO P 184 -51.12 -38.92 56.46
N THR P 185 -52.26 -38.64 57.08
CA THR P 185 -53.04 -37.46 56.76
C THR P 185 -53.93 -37.00 57.95
N ALA P 186 -54.55 -35.85 57.78
CA ALA P 186 -55.40 -35.28 58.81
C ALA P 186 -56.48 -34.63 58.05
N ILE P 187 -57.67 -35.19 58.14
CA ILE P 187 -58.76 -34.69 57.33
C ILE P 187 -60.10 -34.78 58.08
N GLY P 188 -60.88 -33.70 58.02
CA GLY P 188 -62.19 -33.62 58.71
C GLY P 188 -63.16 -32.63 58.11
N SER P 189 -63.80 -31.84 58.97
CA SER P 189 -64.81 -30.84 58.56
C SER P 189 -65.31 -29.96 59.73
N GLU P 190 -66.14 -28.97 59.40
CA GLU P 190 -66.70 -28.02 60.37
C GLU P 190 -68.14 -28.41 60.82
N PRO P 191 -68.42 -28.40 62.16
CA PRO P 191 -69.84 -28.53 62.62
C PRO P 191 -70.71 -27.31 62.29
N ILE P 196 -72.00 -33.18 53.60
CA ILE P 196 -71.29 -34.46 53.56
C ILE P 196 -69.79 -34.23 53.31
N ASP P 197 -68.95 -34.79 54.19
CA ASP P 197 -67.52 -34.58 54.10
C ASP P 197 -66.88 -35.35 52.92
N SER P 198 -65.57 -35.17 52.74
CA SER P 198 -64.88 -35.70 51.59
C SER P 198 -64.52 -37.19 51.70
N ARG P 199 -65.02 -37.91 52.71
CA ARG P 199 -64.50 -39.26 53.00
C ARG P 199 -64.64 -40.20 51.83
N ASP P 200 -65.82 -40.26 51.23
CA ASP P 200 -66.02 -41.16 50.11
C ASP P 200 -65.13 -40.78 48.96
N HIS P 201 -65.08 -39.50 48.61
CA HIS P 201 -64.17 -39.03 47.53
C HIS P 201 -62.66 -39.36 47.80
N TRP P 202 -62.22 -39.09 49.03
CA TRP P 202 -60.85 -39.35 49.45
C TRP P 202 -60.50 -40.86 49.27
N LYS P 203 -61.36 -41.71 49.83
CA LYS P 203 -61.15 -43.12 49.70
C LYS P 203 -61.15 -43.57 48.26
N ARG P 204 -62.10 -43.13 47.44
CA ARG P 204 -62.06 -43.52 46.04
C ARG P 204 -60.77 -43.12 45.31
N VAL P 205 -60.20 -41.99 45.71
CA VAL P 205 -59.01 -41.47 44.98
C VAL P 205 -57.79 -42.31 45.41
N MET P 206 -57.76 -42.70 46.69
CA MET P 206 -56.66 -43.55 47.23
C MET P 206 -56.76 -44.98 46.66
N GLN P 207 -57.96 -45.55 46.65
CA GLN P 207 -58.13 -46.88 46.11
C GLN P 207 -57.69 -46.89 44.67
N GLY P 208 -57.89 -45.78 43.97
CA GLY P 208 -57.47 -45.67 42.57
C GLY P 208 -55.95 -45.71 42.43
N HIS P 209 -55.24 -45.07 43.35
CA HIS P 209 -53.74 -45.14 43.34
C HIS P 209 -53.26 -46.61 43.44
N ALA P 210 -53.81 -47.31 44.45
CA ALA P 210 -53.50 -48.71 44.71
C ALA P 210 -53.78 -49.56 43.50
N GLY P 211 -54.96 -49.36 42.94
CA GLY P 211 -55.39 -50.13 41.79
C GLY P 211 -54.60 -49.89 40.54
N ALA P 212 -54.18 -48.64 40.34
CA ALA P 212 -53.50 -48.26 39.13
C ALA P 212 -52.02 -48.62 39.12
N ASN P 213 -51.43 -48.66 40.30
CA ASN P 213 -50.03 -49.06 40.46
C ASN P 213 -49.87 -50.52 40.93
N LEU P 214 -51.00 -51.14 41.34
CA LEU P 214 -50.98 -52.51 41.82
C LEU P 214 -50.01 -52.70 43.01
N VAL P 215 -50.18 -51.87 44.00
CA VAL P 215 -49.38 -51.94 45.21
C VAL P 215 -50.37 -51.71 46.38
N PRO P 216 -50.11 -52.31 47.54
CA PRO P 216 -51.00 -52.02 48.65
C PRO P 216 -50.81 -50.59 49.20
N LEU P 217 -51.83 -50.10 49.89
CA LEU P 217 -51.85 -48.71 50.33
C LEU P 217 -52.44 -48.56 51.72
N VAL P 218 -51.73 -47.81 52.56
CA VAL P 218 -52.07 -47.61 53.97
C VAL P 218 -52.25 -46.15 54.24
N ALA P 219 -53.33 -45.79 54.91
CA ALA P 219 -53.66 -44.39 55.18
C ALA P 219 -54.13 -44.25 56.62
N SER P 220 -53.40 -43.46 57.39
CA SER P 220 -53.72 -43.23 58.76
C SER P 220 -54.27 -41.84 58.90
N ASN P 221 -55.48 -41.77 59.43
CA ASN P 221 -56.15 -40.51 59.64
C ASN P 221 -56.61 -40.39 61.07
N ARG P 222 -56.64 -39.15 61.52
CA ARG P 222 -56.92 -38.76 62.88
C ARG P 222 -58.41 -38.77 63.17
N ILE P 223 -58.74 -38.88 64.45
CA ILE P 223 -60.09 -38.70 64.92
C ILE P 223 -60.09 -37.63 65.99
N GLY P 224 -61.28 -37.29 66.45
CA GLY P 224 -61.43 -36.38 67.56
C GLY P 224 -61.96 -35.09 67.06
N ASN P 225 -62.28 -34.24 68.03
CA ASN P 225 -62.79 -32.90 67.82
C ASN P 225 -61.72 -31.93 68.36
N GLU P 226 -61.28 -30.97 67.57
CA GLU P 226 -60.24 -30.03 68.02
C GLU P 226 -60.64 -28.53 67.90
N ILE P 227 -60.29 -27.71 68.92
CA ILE P 227 -60.54 -26.23 68.95
C ILE P 227 -59.27 -25.35 69.14
N ILE P 228 -59.10 -24.37 68.24
CA ILE P 228 -57.95 -23.43 68.23
C ILE P 228 -58.49 -22.02 67.90
N GLU P 229 -57.93 -20.96 68.50
CA GLU P 229 -58.58 -19.61 68.46
C GLU P 229 -58.23 -18.58 67.30
N THR P 230 -59.12 -17.57 67.12
CA THR P 230 -58.94 -16.39 66.21
C THR P 230 -59.76 -15.24 66.76
N LYS P 234 -62.90 -18.75 65.97
CA LYS P 234 -62.12 -19.96 66.27
C LYS P 234 -62.46 -21.12 65.35
N SER P 235 -61.42 -21.79 64.86
CA SER P 235 -61.54 -23.00 64.06
C SER P 235 -62.01 -24.15 64.99
N GLU P 236 -62.98 -24.95 64.54
CA GLU P 236 -63.33 -26.21 65.22
C GLU P 236 -63.34 -27.27 64.14
N ILE P 237 -62.68 -28.40 64.39
CA ILE P 237 -62.59 -29.45 63.38
C ILE P 237 -62.95 -30.84 63.95
N LYS P 238 -63.86 -31.54 63.28
CA LYS P 238 -64.15 -32.94 63.63
C LYS P 238 -63.51 -33.82 62.57
N PHE P 239 -62.38 -34.38 62.96
CA PHE P 239 -61.66 -35.27 62.10
C PHE P 239 -62.46 -36.54 61.90
N TYR P 240 -62.56 -37.00 60.66
CA TYR P 240 -63.47 -38.09 60.36
C TYR P 240 -62.89 -39.54 60.25
N GLY P 241 -61.70 -39.75 60.78
CA GLY P 241 -61.13 -41.10 60.86
C GLY P 241 -61.12 -41.80 59.51
N ASN P 242 -61.72 -42.97 59.44
CA ASN P 242 -61.71 -43.78 58.24
C ASN P 242 -60.31 -44.15 57.72
N SER P 243 -59.38 -44.37 58.65
CA SER P 243 -58.10 -44.97 58.27
C SER P 243 -58.37 -46.35 57.61
N PHE P 244 -57.60 -46.66 56.58
CA PHE P 244 -57.74 -47.96 55.96
C PHE P 244 -56.45 -48.52 55.43
N ILE P 245 -56.55 -49.76 54.99
CA ILE P 245 -55.51 -50.41 54.22
C ILE P 245 -56.23 -50.99 52.99
N ALA P 246 -55.67 -50.68 51.82
CA ALA P 246 -56.16 -51.20 50.55
C ALA P 246 -55.12 -52.15 49.92
N GLY P 247 -55.64 -53.14 49.19
CA GLY P 247 -54.81 -54.07 48.45
C GLY P 247 -54.47 -53.52 47.07
N PRO P 248 -53.73 -54.31 46.28
CA PRO P 248 -53.23 -53.89 45.01
C PRO P 248 -54.28 -53.79 43.89
N THR P 249 -55.48 -54.28 44.12
CA THR P 249 -56.57 -54.05 43.14
C THR P 249 -57.47 -52.91 43.65
N GLY P 250 -57.02 -52.25 44.72
CA GLY P 250 -57.72 -51.13 45.30
C GLY P 250 -58.79 -51.51 46.32
N GLU P 251 -58.89 -52.80 46.64
CA GLU P 251 -59.87 -53.25 47.59
C GLU P 251 -59.53 -52.90 49.03
N ILE P 252 -60.51 -52.44 49.79
CA ILE P 252 -60.28 -52.16 51.18
C ILE P 252 -60.26 -53.47 51.97
N VAL P 253 -59.09 -53.91 52.37
CA VAL P 253 -59.04 -55.10 53.20
C VAL P 253 -59.25 -54.77 54.68
N SER P 254 -59.13 -53.53 55.08
CA SER P 254 -59.31 -53.21 56.49
C SER P 254 -59.61 -51.70 56.68
N ILE P 255 -60.61 -51.40 57.49
CA ILE P 255 -61.15 -50.05 57.58
C ILE P 255 -61.65 -49.69 58.97
N ALA P 256 -61.47 -48.43 59.34
CA ALA P 256 -61.92 -47.94 60.65
C ALA P 256 -63.11 -46.98 60.51
N ASP P 257 -63.87 -46.77 61.58
CA ASP P 257 -64.98 -45.82 61.51
C ASP P 257 -64.48 -44.41 61.88
N ASP P 258 -65.38 -43.48 62.07
CA ASP P 258 -65.01 -42.09 62.30
C ASP P 258 -64.85 -41.63 63.76
N LYS P 259 -64.92 -42.54 64.72
CA LYS P 259 -64.84 -42.18 66.15
C LYS P 259 -63.94 -43.10 67.00
N GLU P 260 -63.76 -44.34 66.56
CA GLU P 260 -63.02 -45.35 67.33
C GLU P 260 -61.51 -45.13 67.22
N GLU P 261 -60.80 -45.33 68.31
CA GLU P 261 -59.36 -45.47 68.22
C GLU P 261 -59.11 -46.89 67.62
N ALA P 262 -58.15 -47.00 66.71
CA ALA P 262 -57.96 -48.24 65.95
C ALA P 262 -56.51 -48.60 65.62
N VAL P 263 -56.29 -49.91 65.54
CA VAL P 263 -55.04 -50.53 65.11
C VAL P 263 -55.44 -51.49 63.99
N LEU P 264 -55.20 -51.11 62.76
CA LEU P 264 -55.58 -51.93 61.62
C LEU P 264 -54.39 -52.78 61.17
N ILE P 265 -54.67 -54.04 60.86
CA ILE P 265 -53.66 -55.03 60.51
C ILE P 265 -53.91 -55.61 59.12
N ALA P 266 -52.86 -55.77 58.34
CA ALA P 266 -53.03 -56.39 57.06
C ALA P 266 -51.72 -57.09 56.63
N GLU P 267 -51.81 -58.34 56.23
CA GLU P 267 -50.67 -59.05 55.66
C GLU P 267 -50.70 -59.11 54.13
N PHE P 268 -49.56 -58.85 53.49
CA PHE P 268 -49.43 -58.93 52.01
C PHE P 268 -48.21 -59.72 51.58
N ASN P 269 -48.37 -60.54 50.57
CA ASN P 269 -47.24 -61.31 50.04
C ASN P 269 -46.59 -60.45 48.94
N LEU P 270 -45.47 -59.80 49.24
CA LEU P 270 -44.89 -58.88 48.23
C LEU P 270 -44.33 -59.58 46.98
N ASP P 271 -44.03 -60.87 47.03
CA ASP P 271 -43.50 -61.51 45.82
C ASP P 271 -44.58 -61.83 44.80
N LYS P 272 -45.74 -62.22 45.31
CA LYS P 272 -46.91 -62.62 44.54
C LYS P 272 -47.48 -61.34 43.95
N ILE P 273 -47.57 -60.32 44.80
CA ILE P 273 -48.11 -59.02 44.38
C ILE P 273 -47.25 -58.43 43.27
N LYS P 274 -45.93 -58.49 43.44
CA LYS P 274 -44.98 -58.08 42.38
C LYS P 274 -45.21 -58.86 41.07
N SER P 275 -45.35 -60.18 41.16
CA SER P 275 -45.61 -61.03 40.00
C SER P 275 -46.94 -60.63 39.26
N MET P 276 -47.97 -60.40 40.05
CA MET P 276 -49.27 -59.96 39.55
C MET P 276 -49.19 -58.55 38.90
N ARG P 277 -48.45 -57.63 39.54
CA ARG P 277 -48.31 -56.28 39.04
C ARG P 277 -47.65 -56.29 37.65
N HIS P 278 -46.58 -57.09 37.49
CA HIS P 278 -45.91 -57.16 36.22
C HIS P 278 -46.76 -57.87 35.14
N CYS P 279 -47.51 -58.93 35.48
CA CYS P 279 -48.32 -59.67 34.48
CA CYS P 279 -48.26 -59.62 34.43
C CYS P 279 -49.52 -58.84 34.01
N TRP P 280 -50.10 -58.08 34.92
CA TRP P 280 -51.18 -57.19 34.54
C TRP P 280 -50.71 -56.24 33.41
N GLY P 281 -49.48 -55.74 33.51
CA GLY P 281 -48.82 -55.15 32.32
C GLY P 281 -48.84 -53.63 32.16
N VAL P 282 -49.47 -52.90 33.07
CA VAL P 282 -49.54 -51.42 32.93
C VAL P 282 -48.17 -50.74 32.79
N PHE P 283 -47.19 -51.19 33.58
CA PHE P 283 -45.78 -50.69 33.54
C PHE P 283 -45.04 -51.04 32.26
N ARG P 284 -45.43 -52.15 31.65
CA ARG P 284 -44.86 -52.58 30.36
C ARG P 284 -45.45 -51.68 29.21
N ASP P 285 -46.70 -51.23 29.43
CA ASP P 285 -47.53 -50.55 28.43
C ASP P 285 -47.57 -48.97 28.43
N ARG P 286 -47.08 -48.39 29.53
CA ARG P 286 -46.96 -46.93 29.74
C ARG P 286 -46.31 -46.18 28.57
N ARG P 287 -46.78 -44.95 28.35
CA ARG P 287 -46.36 -44.19 27.21
C ARG P 287 -45.71 -42.84 27.57
N PRO P 288 -44.54 -42.86 28.24
CA PRO P 288 -43.96 -41.57 28.65
C PRO P 288 -43.63 -40.64 27.51
N ASP P 289 -43.51 -41.13 26.29
CA ASP P 289 -43.28 -40.24 25.13
C ASP P 289 -44.48 -39.35 24.79
N LEU P 290 -45.61 -39.70 25.39
CA LEU P 290 -46.88 -39.03 25.24
C LEU P 290 -47.27 -38.29 26.54
N TYR P 291 -46.46 -38.36 27.60
CA TYR P 291 -46.80 -37.75 28.87
C TYR P 291 -46.18 -36.37 29.15
N LYS P 292 -45.61 -35.69 28.14
CA LYS P 292 -44.95 -34.40 28.37
C LYS P 292 -45.88 -33.29 28.96
N VAL P 293 -47.14 -33.28 28.53
CA VAL P 293 -48.14 -32.35 29.05
C VAL P 293 -48.29 -32.42 30.57
N LEU P 294 -47.97 -33.54 31.19
CA LEU P 294 -48.01 -33.60 32.65
C LEU P 294 -46.95 -32.72 33.31
N LEU P 295 -45.95 -32.27 32.56
CA LEU P 295 -44.98 -31.34 33.08
C LEU P 295 -45.33 -29.85 32.79
N THR P 296 -46.59 -29.59 32.46
CA THR P 296 -47.14 -28.25 32.39
C THR P 296 -48.15 -28.09 33.51
N LEU P 297 -48.45 -26.83 33.82
CA LEU P 297 -49.52 -26.49 34.75
C LEU P 297 -50.84 -26.28 33.96
N ASP P 298 -50.69 -25.69 32.77
CA ASP P 298 -51.81 -25.21 31.99
C ASP P 298 -52.12 -26.03 30.73
N GLY P 299 -51.43 -27.15 30.58
CA GLY P 299 -51.64 -28.04 29.46
C GLY P 299 -50.91 -27.68 28.16
N LYS P 300 -49.99 -26.70 28.20
CA LYS P 300 -49.14 -26.41 27.02
C LYS P 300 -47.71 -25.81 27.26
N ASN P 301 -47.50 -25.02 28.31
CA ASN P 301 -46.17 -24.38 28.57
C ASN P 301 -45.40 -25.09 29.68
N PRO P 302 -44.24 -25.72 29.34
CA PRO P 302 -43.51 -26.54 30.35
C PRO P 302 -42.98 -25.67 31.49
N VAL P 303 -42.73 -26.25 32.67
CA VAL P 303 -42.20 -25.44 33.78
C VAL P 303 -40.70 -25.67 34.03
C1 GOL Q . -9.92 53.09 -31.99
O1 GOL Q . -9.89 52.48 -33.30
C2 GOL Q . -9.74 52.08 -30.84
O2 GOL Q . -10.40 52.59 -29.65
C3 GOL Q . -8.24 51.85 -30.61
O3 GOL Q . -7.94 50.73 -29.74
C1 GOL R . 2.99 48.51 -9.27
O1 GOL R . 2.84 49.02 -7.93
C2 GOL R . 2.92 46.97 -9.30
O2 GOL R . 4.04 46.44 -10.02
C3 GOL R . 2.87 46.37 -7.89
O3 GOL R . 2.14 45.13 -7.94
C1 EDO S . 39.40 46.20 -22.34
O1 EDO S . 38.48 45.41 -23.10
C2 EDO S . 40.03 47.28 -23.22
O2 EDO S . 40.14 48.50 -22.46
N2 PUT T . 37.15 64.18 -15.60
C4 PUT T . 37.48 64.21 -14.22
C3 PUT T . 38.24 62.92 -13.94
C2 PUT T . 38.10 62.64 -12.47
C1 PUT T . 38.86 61.38 -12.05
N1 PUT T . 38.81 61.04 -10.61
C1 GOL U . 30.62 66.54 -15.98
O1 GOL U . 29.57 66.35 -15.01
C2 GOL U . 30.05 67.14 -17.28
O2 GOL U . 29.97 66.09 -18.26
C3 GOL U . 30.87 68.34 -17.81
O3 GOL U . 31.95 68.02 -18.73
C1 GOL V . 53.18 56.81 -3.09
O1 GOL V . 54.51 56.28 -3.05
C2 GOL V . 53.26 58.23 -3.57
O2 GOL V . 54.11 58.97 -2.67
C3 GOL V . 51.87 58.86 -3.64
O3 GOL V . 52.00 60.27 -3.89
C1 EDO W . 21.58 64.31 2.59
O1 EDO W . 21.80 65.35 1.62
C2 EDO W . 20.80 64.82 3.81
O2 EDO W . 21.35 64.25 5.02
C1 EDO X . 18.75 61.91 -1.70
O1 EDO X . 18.96 61.54 -0.33
C2 EDO X . 19.54 63.17 -2.09
O2 EDO X . 19.56 63.38 -3.52
N2 PUT Y . 57.06 59.13 -26.72
C4 PUT Y . 56.89 58.86 -28.12
C3 PUT Y . 55.51 58.25 -28.40
C2 PUT Y . 55.52 58.20 -29.92
C1 PUT Y . 54.24 57.69 -30.52
N1 PUT Y . 54.42 57.48 -31.96
C1 GOL Z . 71.02 33.85 -41.34
O1 GOL Z . 71.74 35.05 -41.10
C2 GOL Z . 70.45 33.93 -42.75
O2 GOL Z . 69.09 33.47 -42.78
C3 GOL Z . 71.30 33.06 -43.66
O3 GOL Z . 71.09 31.64 -43.38
C1 GOL AA . 38.51 62.48 -49.28
O1 GOL AA . 38.26 62.36 -47.88
C2 GOL AA . 37.66 63.58 -49.91
O2 GOL AA . 38.36 64.85 -49.87
C3 GOL AA . 37.32 63.20 -51.35
O3 GOL AA . 36.15 62.34 -51.43
C1 EDO BA . 56.67 23.83 -26.81
O1 EDO BA . 55.25 23.63 -27.02
C2 EDO BA . 57.59 22.77 -27.44
O2 EDO BA . 57.27 22.44 -28.81
C1 GOL CA . 64.88 58.73 -24.16
O1 GOL CA . 63.60 59.17 -23.66
C2 GOL CA . 64.82 57.29 -24.68
O2 GOL CA . 64.51 56.39 -23.62
C3 GOL CA . 63.78 57.19 -25.80
O3 GOL CA . 64.36 56.72 -27.02
N2 PUT DA . 72.46 28.44 -37.42
C4 PUT DA . 73.40 28.70 -36.39
C3 PUT DA . 72.93 28.17 -35.06
C2 PUT DA . 73.77 28.92 -34.05
C1 PUT DA . 73.44 28.48 -32.63
N1 PUT DA . 74.44 29.04 -31.74
C1 GOL EA . 73.09 51.62 -34.70
O1 GOL EA . 71.88 51.40 -35.45
C2 GOL EA . 73.53 50.32 -33.99
O2 GOL EA . 73.51 49.25 -34.98
C3 GOL EA . 74.92 50.42 -33.32
O3 GOL EA . 74.92 51.01 -31.98
C1 EDO FA . 45.49 45.20 -20.96
O1 EDO FA . 45.66 46.39 -20.17
C2 EDO FA . 46.03 43.97 -20.20
O2 EDO FA . 45.04 42.95 -19.98
C1 EDO GA . 75.80 25.53 -50.94
O1 EDO GA . 74.61 24.75 -51.12
C2 EDO GA . 77.01 24.60 -50.98
O2 EDO GA . 78.17 25.27 -50.47
C1 PEG HA . 82.79 29.51 -1.93
O1 PEG HA . 83.74 28.46 -2.17
C2 PEG HA . 81.50 29.02 -1.25
O2 PEG HA . 80.76 30.13 -0.70
C3 PEG HA . 79.62 29.72 0.10
C4 PEG HA . 78.79 30.93 0.55
O4 PEG HA . 79.61 31.90 1.24
N2 PUT IA . 67.61 5.46 -33.98
C4 PUT IA . 66.59 5.09 -34.95
C3 PUT IA . 65.46 6.09 -34.86
C2 PUT IA . 64.36 5.43 -35.63
C1 PUT IA . 63.19 6.36 -35.87
N1 PUT IA . 62.13 5.71 -36.65
C1 GOL JA . 69.15 -0.22 -30.23
O1 GOL JA . 68.42 -1.45 -30.42
C2 GOL JA . 70.15 -0.45 -29.09
O2 GOL JA . 70.46 0.77 -28.43
C3 GOL JA . 71.43 -1.15 -29.58
O3 GOL JA . 72.06 -0.30 -30.53
C1 GOL KA . 43.94 -14.54 -19.86
O1 GOL KA . 43.15 -14.53 -18.65
C2 GOL KA . 44.77 -13.26 -20.08
O2 GOL KA . 43.96 -12.08 -19.92
C3 GOL KA . 45.95 -13.20 -19.09
O3 GOL KA . 47.21 -13.32 -19.77
C1 GOL LA . 49.72 12.05 -56.83
O1 GOL LA . 50.10 12.45 -58.16
C2 GOL LA . 48.57 12.92 -56.31
O2 GOL LA . 47.34 12.56 -56.95
C3 GOL LA . 48.38 12.68 -54.81
O3 GOL LA . 49.11 13.66 -54.05
C1 GOL MA . 34.06 13.56 -47.81
O1 GOL MA . 32.92 12.81 -47.33
C2 GOL MA . 34.26 13.33 -49.32
O2 GOL MA . 34.85 14.52 -49.86
C3 GOL MA . 35.15 12.10 -49.60
O3 GOL MA . 35.30 11.81 -51.02
N2 PUT NA . 45.48 -12.75 -12.01
C4 PUT NA . 46.84 -13.08 -11.65
C3 PUT NA . 47.37 -12.08 -10.62
C2 PUT NA . 48.84 -12.38 -10.36
C1 PUT NA . 49.51 -11.54 -9.26
N1 PUT NA . 50.87 -12.04 -8.93
C1 GOL OA . 63.54 -15.64 10.68
O1 GOL OA . 62.18 -15.18 10.78
C2 GOL OA . 63.80 -16.84 11.62
O2 GOL OA . 65.18 -16.83 12.03
C3 GOL OA . 63.52 -18.17 10.90
O3 GOL OA . 62.48 -18.92 11.54
C1 EDO PA . 58.52 18.32 -22.46
O1 EDO PA . 58.27 19.18 -21.34
C2 EDO PA . 59.29 19.09 -23.54
O2 EDO PA . 60.62 18.57 -23.76
C1 EDO QA . 64.91 -25.79 8.23
O1 EDO QA . 66.04 -25.20 8.89
C2 EDO QA . 65.30 -26.14 6.79
O2 EDO QA . 64.45 -27.15 6.22
N2 PUT RA . 31.54 -6.98 5.81
C4 PUT RA . 30.45 -6.24 5.25
C3 PUT RA . 30.92 -5.46 4.05
C2 PUT RA . 29.73 -4.53 3.89
C1 PUT RA . 29.62 -3.79 2.55
N1 PUT RA . 28.45 -2.93 2.62
C1 GOL SA . 30.73 -7.29 12.95
O1 GOL SA . 30.21 -5.98 12.67
C2 GOL SA . 31.76 -7.18 14.07
O2 GOL SA . 32.08 -8.48 14.60
C3 GOL SA . 33.00 -6.41 13.57
O3 GOL SA . 33.91 -7.23 12.81
C1 GOL TA . 7.20 -11.29 4.18
O1 GOL TA . 6.33 -11.30 5.32
C2 GOL TA . 6.38 -11.29 2.88
O2 GOL TA . 6.94 -12.31 2.05
C3 GOL TA . 6.43 -9.93 2.15
O3 GOL TA . 5.30 -9.11 2.50
C1 GOL UA . -97.06 1.96 -2.84
O1 GOL UA . -98.49 1.84 -2.72
C2 GOL UA . -96.58 1.41 -4.20
O2 GOL UA . -96.55 2.48 -5.17
C3 GOL UA . -95.19 0.78 -4.11
O3 GOL UA . -95.12 -0.20 -3.06
C1 EDO VA . -46.75 -4.35 3.61
O1 EDO VA . -46.92 -3.08 2.95
C2 EDO VA . -48.09 -5.05 3.85
O2 EDO VA . -48.41 -5.96 2.78
C1 EDO WA . -84.43 -3.16 17.62
O1 EDO WA . -83.66 -2.00 18.02
C2 EDO WA . -83.49 -4.33 17.39
O2 EDO WA . -82.46 -3.91 16.46
N2 PUT XA . -49.66 13.08 10.99
C4 PUT XA . -49.43 12.79 12.38
C3 PUT XA . -48.56 11.53 12.47
C2 PUT XA . -48.83 11.07 13.92
C1 PUT XA . -47.89 10.06 14.54
N1 PUT XA . -48.16 9.77 15.96
C1 GOL YA . -56.29 17.10 8.91
O1 GOL YA . -55.06 16.97 8.18
C2 GOL YA . -56.91 15.73 9.15
O2 GOL YA . -56.85 14.89 7.98
C3 GOL YA . -56.28 15.02 10.35
O3 GOL YA . -57.15 15.19 11.48
C1 GOL ZA . -64.40 -11.62 23.41
O1 GOL ZA . -65.02 -12.25 24.54
C2 GOL ZA . -64.48 -12.51 22.18
O2 GOL ZA . -63.85 -11.76 21.14
C3 GOL ZA . -63.84 -13.91 22.39
O3 GOL ZA . -62.41 -13.96 22.10
C1 GOL AB . -34.12 6.13 22.85
O1 GOL AB . -33.41 4.91 23.09
C2 GOL AB . -33.55 7.19 23.80
O2 GOL AB . -32.13 7.03 23.88
C3 GOL AB . -33.89 8.60 23.34
O3 GOL AB . -35.01 8.55 22.43
N2 PUT BB . -29.52 7.83 -0.40
C4 PUT BB . -29.77 7.65 -1.82
C3 PUT BB . -31.19 7.10 -2.03
C2 PUT BB . -31.31 6.86 -3.54
C1 PUT BB . -32.67 6.29 -3.96
N1 PUT BB . -32.78 6.15 -5.42
C1 GOL CB . -23.24 5.58 0.29
O1 GOL CB . -22.35 5.44 -0.81
C2 GOL CB . -22.39 5.96 1.53
O2 GOL CB . -22.64 5.02 2.61
C3 GOL CB . -22.76 7.38 1.96
O3 GOL CB . -21.59 8.09 2.42
C1 GOL DB . -15.63 -18.06 -17.39
O1 GOL DB . -15.90 -19.48 -17.40
C2 GOL DB . -16.58 -17.36 -16.42
O2 GOL DB . -17.87 -18.03 -16.50
C3 GOL DB . -15.98 -17.40 -15.00
O3 GOL DB . -15.29 -16.16 -14.74
C1 GOL EB . -48.27 13.79 -23.25
O1 GOL EB . -49.04 14.88 -22.69
C2 GOL EB . -49.11 12.51 -23.37
O2 GOL EB . -49.19 12.12 -24.75
C3 GOL EB . -48.50 11.34 -22.57
O3 GOL EB . -49.03 11.24 -21.24
C1 EDO FB . -30.90 -27.36 -1.22
O1 EDO FB . -32.10 -28.09 -0.91
C2 EDO FB . -29.69 -28.29 -1.34
O2 EDO FB . -29.38 -28.55 -2.72
C1 PEG GB . -51.01 -0.36 -29.18
O1 PEG GB . -51.35 0.48 -30.30
C2 PEG GB . -52.15 -1.34 -28.85
O2 PEG GB . -51.60 -2.63 -28.54
C3 PEG GB . -52.60 -3.64 -28.36
C4 PEG GB . -52.13 -4.99 -28.91
O4 PEG GB . -51.21 -4.82 -30.00
N2 PUT HB . -14.50 -23.03 -11.49
C4 PUT HB . -13.81 -22.55 -10.33
C3 PUT HB . -14.32 -23.12 -9.02
C2 PUT HB . -13.24 -22.68 -8.00
C1 PUT HB . -13.70 -22.66 -6.54
N1 PUT HB . -12.57 -22.48 -5.60
C1 GOL IB . 0.77 -29.11 13.07
O1 GOL IB . -0.27 -29.91 12.43
C2 GOL IB . 1.99 -29.97 13.44
O2 GOL IB . 2.90 -30.02 12.31
C3 GOL IB . 2.67 -29.41 14.70
O3 GOL IB . 2.13 -29.96 15.95
C1 EDO JB . -41.31 -7.11 5.36
O1 EDO JB . -41.71 -8.25 6.13
C2 EDO JB . -41.50 -5.83 6.19
O2 EDO JB . -40.92 -4.71 5.52
C1 EDO KB . -10.06 -24.98 -25.27
O1 EDO KB . -10.99 -25.98 -24.82
C2 EDO KB . -8.70 -25.17 -24.59
O2 EDO KB . -8.35 -26.55 -24.44
C1 PEG LB . -4.87 -22.18 24.10
O1 PEG LB . -3.81 -23.10 23.80
C2 PEG LB . -6.02 -22.88 24.83
O2 PEG LB . -6.86 -21.91 25.48
C3 PEG LB . -8.20 -22.39 25.61
C4 PEG LB . -9.00 -21.63 26.67
O4 PEG LB . -8.21 -20.55 27.22
N2 PUT MB . -19.48 -45.93 -8.21
C4 PUT MB . -20.61 -46.31 -9.06
C3 PUT MB . -21.66 -45.20 -9.12
C2 PUT MB . -22.77 -45.74 -10.00
C1 PUT MB . -24.06 -44.87 -10.03
N1 PUT MB . -25.18 -45.36 -10.88
C1 GOL NB . -38.68 -38.27 -28.96
O1 GOL NB . -37.95 -37.30 -28.20
C2 GOL NB . -38.49 -38.06 -30.48
O2 GOL NB . -39.65 -38.53 -31.18
C3 GOL NB . -37.27 -38.84 -30.96
O3 GOL NB . -36.56 -38.09 -31.95
C1 EDO OB . -43.36 -46.34 19.04
O1 EDO OB . -44.04 -47.40 18.32
C2 EDO OB . -42.79 -45.27 18.09
O2 EDO OB . -43.37 -43.95 18.31
C1 GOL PB . -18.11 -51.60 -4.61
O1 GOL PB . -18.95 -52.73 -4.77
C2 GOL PB . -17.01 -51.94 -3.61
O2 GOL PB . -16.79 -50.81 -2.76
C3 GOL PB . -15.73 -52.31 -4.33
O3 GOL PB . -15.15 -51.18 -4.99
N2 PUT QB . -41.62 -64.10 13.27
C4 PUT QB . -40.41 -64.62 13.85
C3 PUT QB . -39.90 -63.54 14.78
C2 PUT QB . -38.43 -63.84 15.12
C1 PUT QB . -37.90 -63.07 16.32
N1 PUT QB . -36.47 -63.30 16.53
C1 GOL RB . -41.40 -65.05 6.17
O1 GOL RB . -40.11 -64.76 5.60
C2 GOL RB . -42.58 -64.79 5.20
O2 GOL RB . -42.98 -63.39 5.20
C3 GOL RB . -43.76 -65.74 5.55
O3 GOL RB . -44.39 -65.42 6.81
C1 GOL SB . -24.02 -67.47 36.10
O1 GOL SB . -25.33 -66.88 36.15
C2 GOL SB . -23.90 -68.61 37.13
O2 GOL SB . -22.53 -69.05 37.19
C3 GOL SB . -24.81 -69.79 36.76
O3 GOL SB . -24.31 -71.03 37.26
C1 GOL TB . -12.26 -55.68 36.44
O1 GOL TB . -11.50 -54.96 35.45
C2 GOL TB . -13.39 -56.54 35.81
O2 GOL TB . -14.55 -56.45 36.65
C3 GOL TB . -12.97 -58.01 35.63
O3 GOL TB . -13.85 -58.98 36.24
C1 EDO UB . -28.78 -32.86 3.74
O1 EDO UB . -28.56 -31.56 4.32
C2 EDO UB . -28.21 -32.95 2.31
O2 EDO UB . -26.83 -32.59 2.26
N2 PUT VB . -56.12 -58.33 30.92
C4 PUT VB . -57.29 -57.65 30.37
C3 PUT VB . -56.97 -56.83 29.13
C2 PUT VB . -58.27 -56.05 28.88
C1 PUT VB . -58.31 -55.14 27.63
N1 PUT VB . -59.57 -54.38 27.55
C1 GOL WB . -55.08 -58.59 39.58
O1 GOL WB . -54.35 -57.82 38.63
C2 GOL WB . -56.24 -59.18 38.83
O2 GOL WB . -55.77 -60.34 38.13
C3 GOL WB . -56.77 -58.12 37.85
O3 GOL WB . -57.88 -57.45 38.46
C1 GOL XB . -41.75 -35.97 74.78
O1 GOL XB . -41.91 -34.53 74.79
C2 GOL XB . -40.48 -36.39 74.02
O2 GOL XB . -40.06 -37.69 74.44
C3 GOL XB . -40.71 -36.42 72.51
O3 GOL XB . -40.61 -35.10 71.96
C1 EDO YB . -41.93 -20.26 56.06
O1 EDO YB . -40.51 -20.12 56.13
C2 EDO YB . -42.50 -19.32 54.98
O2 EDO YB . -43.75 -19.83 54.49
C1 EDO ZB . -42.80 -46.43 24.42
O1 EDO ZB . -42.67 -47.74 24.99
C2 EDO ZB . -42.77 -45.39 25.53
O2 EDO ZB . -41.57 -44.58 25.40
#